data_8RVD
#
_entry.id   8RVD
#
_cell.length_a   129.986
_cell.length_b   151.131
_cell.length_c   135.550
_cell.angle_alpha   90.00
_cell.angle_beta   92.80
_cell.angle_gamma   90.00
#
_symmetry.space_group_name_H-M   'P 1 21 1'
#
loop_
_entity.id
_entity.type
_entity.pdbx_description
1 polymer '4.1 TCR beta chain'
2 polymer '4.1 TCR alpha chain'
3 non-polymer 'PHOSPHATE ION'
4 non-polymer 1,2-ETHANEDIOL
#
loop_
_entity_poly.entity_id
_entity_poly.type
_entity_poly.pdbx_seq_one_letter_code
_entity_poly.pdbx_strand_id
1 'polypeptide(L)'
;MGVIQTPRHKVTGKGQEATLWCEPISGHSAVFWYRQTIVQGLEFLTYFRNQAPIDDSGMPKERFSAQMPNQSHSTLKIQS
TQPQDSAVYLCASSRQGQNTLYFGAGTRLSVLEDLKNVFPPEVAVFEPSEAEISHTQKATLVCLATGFYPDHVELSWWVN
GKEVHSGVCTDPQPLKEQPALNDSRYALSSRLRVSATFWQNPRNHFRCQVQFYGLSENDEWTQDRAKPVTQIVSAEAWGR
AD
;
E,A,C,F,I,K,M,O
2 'polypeptide(L)'
;MGEQVEQLPSILRVQEGSSASINCSYEDSASNYFPWYKQEPGENPKLIIDIRSNMERKQTQGLIVLLDKKAKRFSLHITD
TQPGDSAMYFCAASVRNYKYVFGAGTRLKVIADIQNPDPAVYQLRDSKSSDKSVCLFTDFDSQTNVSQSKDSDVYITDKC
VLDMRSMDFKSNSAVAWSNKSDFACANAFNNSIIPEDTFFPSPESSA
;
H,B,D,G,J,L,N,P
#
loop_
_chem_comp.id
_chem_comp.type
_chem_comp.name
_chem_comp.formula
EDO non-polymer 1,2-ETHANEDIOL 'C2 H6 O2'
PO4 non-polymer 'PHOSPHATE ION' 'O4 P -3'
#
# COMPACT_ATOMS: atom_id res chain seq x y z
N GLY A 2 -20.55 -4.51 -26.84
CA GLY A 2 -20.13 -5.59 -27.76
C GLY A 2 -20.26 -5.16 -29.23
N VAL A 3 -20.76 -6.05 -30.08
CA VAL A 3 -20.81 -5.95 -31.53
C VAL A 3 -21.85 -4.91 -31.91
N ILE A 4 -21.46 -3.96 -32.77
CA ILE A 4 -22.31 -2.83 -33.11
C ILE A 4 -22.68 -2.96 -34.58
N GLN A 5 -24.00 -2.93 -34.85
CA GLN A 5 -24.48 -3.04 -36.22
C GLN A 5 -25.36 -1.84 -36.54
N THR A 6 -25.22 -1.35 -37.78
CA THR A 6 -26.00 -0.22 -38.24
C THR A 6 -26.36 -0.44 -39.69
N PRO A 7 -27.53 0.04 -40.13
CA PRO A 7 -28.51 0.64 -39.21
C PRO A 7 -29.31 -0.45 -38.50
N ARG A 8 -30.05 -0.07 -37.45
CA ARG A 8 -30.90 -1.02 -36.75
C ARG A 8 -32.09 -1.39 -37.61
N HIS A 9 -32.63 -0.42 -38.33
CA HIS A 9 -33.71 -0.68 -39.28
C HIS A 9 -33.37 -0.07 -40.63
N LYS A 10 -33.76 -0.77 -41.70
CA LYS A 10 -33.56 -0.29 -43.06
C LYS A 10 -34.80 -0.63 -43.87
N VAL A 11 -35.45 0.42 -44.38
CA VAL A 11 -36.51 0.23 -45.36
C VAL A 11 -35.98 0.64 -46.74
N THR A 12 -36.14 -0.26 -47.74
CA THR A 12 -35.77 0.02 -49.12
C THR A 12 -36.92 -0.36 -50.04
N GLY A 13 -36.91 0.18 -51.27
CA GLY A 13 -37.84 -0.29 -52.30
C GLY A 13 -37.23 -1.38 -53.18
N LYS A 14 -38.05 -2.06 -53.97
CA LYS A 14 -37.56 -3.14 -54.83
C LYS A 14 -36.53 -2.55 -55.79
N GLY A 15 -35.32 -3.12 -55.78
CA GLY A 15 -34.30 -2.76 -56.75
C GLY A 15 -33.31 -1.74 -56.21
N GLN A 16 -33.56 -1.20 -55.00
CA GLN A 16 -32.60 -0.31 -54.36
C GLN A 16 -31.41 -1.12 -53.85
N GLU A 17 -30.26 -0.46 -53.64
CA GLU A 17 -29.09 -1.14 -53.09
C GLU A 17 -29.09 -0.88 -51.59
N ALA A 18 -28.65 -1.86 -50.81
CA ALA A 18 -28.55 -1.64 -49.36
C ALA A 18 -27.28 -2.28 -48.85
N THR A 19 -26.54 -1.52 -48.03
CA THR A 19 -25.34 -2.04 -47.42
C THR A 19 -25.51 -2.01 -45.90
N LEU A 20 -25.04 -3.09 -45.28
CA LEU A 20 -25.18 -3.30 -43.85
C LEU A 20 -23.81 -3.30 -43.21
N TRP A 21 -23.70 -2.60 -42.08
CA TRP A 21 -22.44 -2.35 -41.41
C TRP A 21 -22.35 -3.13 -40.11
N CYS A 22 -21.18 -3.74 -39.88
CA CYS A 22 -20.94 -4.42 -38.62
C CYS A 22 -19.55 -4.14 -38.10
N GLU A 23 -19.45 -3.65 -36.86
CA GLU A 23 -18.17 -3.50 -36.19
C GLU A 23 -18.07 -4.62 -35.14
N PRO A 24 -17.20 -5.64 -35.38
CA PRO A 24 -17.00 -6.72 -34.42
C PRO A 24 -16.41 -6.26 -33.10
N ILE A 25 -16.11 -7.22 -32.22
CA ILE A 25 -15.22 -6.92 -31.09
C ILE A 25 -13.79 -7.14 -31.55
N SER A 26 -12.82 -6.52 -30.87
CA SER A 26 -11.38 -6.69 -31.11
C SER A 26 -10.89 -8.16 -31.23
N GLY A 27 -11.34 -8.86 -32.30
CA GLY A 27 -11.16 -10.31 -32.39
C GLY A 27 -11.13 -10.89 -33.82
N HIS A 28 -10.74 -12.18 -33.95
CA HIS A 28 -10.22 -12.66 -35.22
C HIS A 28 -11.30 -13.27 -36.10
N SER A 29 -12.08 -14.22 -35.56
CA SER A 29 -13.10 -14.94 -36.30
C SER A 29 -14.39 -14.16 -36.11
N ALA A 30 -14.67 -13.25 -37.05
CA ALA A 30 -15.60 -12.15 -36.78
C ALA A 30 -16.30 -11.65 -38.04
N VAL A 31 -16.96 -12.57 -38.74
CA VAL A 31 -17.86 -12.22 -39.83
C VAL A 31 -19.20 -12.87 -39.49
N PHE A 32 -19.19 -14.19 -39.38
CA PHE A 32 -20.38 -14.91 -39.00
C PHE A 32 -21.55 -13.97 -39.23
N TRP A 33 -21.74 -13.63 -40.51
CA TRP A 33 -23.02 -13.07 -40.90
C TRP A 33 -24.07 -14.18 -40.85
N TYR A 34 -25.22 -13.88 -40.24
CA TYR A 34 -26.35 -14.80 -40.26
C TYR A 34 -27.60 -14.05 -40.71
N ARG A 35 -28.51 -14.80 -41.33
CA ARG A 35 -29.83 -14.29 -41.68
C ARG A 35 -30.82 -14.91 -40.71
N GLN A 36 -31.76 -14.09 -40.21
CA GLN A 36 -32.77 -14.59 -39.28
C GLN A 36 -34.16 -14.29 -39.80
N THR A 37 -34.92 -15.36 -40.10
CA THR A 37 -36.30 -15.21 -40.57
C THR A 37 -37.22 -16.18 -39.84
N ILE A 38 -38.53 -15.96 -40.01
CA ILE A 38 -39.54 -16.72 -39.30
C ILE A 38 -39.51 -18.16 -39.81
N VAL A 39 -39.30 -18.32 -41.12
CA VAL A 39 -39.38 -19.64 -41.72
C VAL A 39 -38.06 -20.40 -41.52
N GLN A 40 -36.90 -19.76 -41.74
CA GLN A 40 -35.65 -20.52 -41.82
C GLN A 40 -34.78 -20.38 -40.56
N GLY A 41 -35.22 -19.56 -39.59
CA GLY A 41 -34.49 -19.45 -38.34
C GLY A 41 -33.12 -18.79 -38.58
N LEU A 42 -32.13 -19.18 -37.76
CA LEU A 42 -30.76 -18.69 -37.88
C LEU A 42 -30.06 -19.47 -38.99
N GLU A 43 -29.59 -18.71 -39.99
CA GLU A 43 -28.95 -19.27 -41.17
C GLU A 43 -27.56 -18.65 -41.33
N PHE A 44 -26.53 -19.49 -41.27
CA PHE A 44 -25.17 -19.08 -41.61
C PHE A 44 -25.17 -18.51 -43.02
N LEU A 45 -24.43 -17.41 -43.24
CA LEU A 45 -24.26 -16.80 -44.54
C LEU A 45 -22.78 -16.86 -44.94
N THR A 46 -21.90 -16.23 -44.15
CA THR A 46 -20.49 -16.10 -44.53
C THR A 46 -19.61 -15.93 -43.29
N TYR A 47 -18.32 -16.24 -43.44
CA TYR A 47 -17.36 -16.26 -42.34
C TYR A 47 -16.01 -15.75 -42.81
N PHE A 48 -15.36 -14.92 -41.99
CA PHE A 48 -14.06 -14.32 -42.24
C PHE A 48 -13.15 -14.61 -41.05
N ARG A 49 -11.88 -14.97 -41.33
CA ARG A 49 -10.85 -15.00 -40.30
C ARG A 49 -9.75 -14.03 -40.72
N ASN A 50 -9.58 -12.94 -39.95
CA ASN A 50 -8.61 -11.89 -40.23
C ASN A 50 -8.77 -11.35 -41.64
N GLN A 51 -10.00 -10.92 -41.95
CA GLN A 51 -10.35 -10.21 -43.17
C GLN A 51 -10.42 -11.18 -44.35
N ALA A 52 -10.16 -12.47 -44.11
CA ALA A 52 -10.04 -13.42 -45.21
C ALA A 52 -11.31 -14.27 -45.37
N PRO A 53 -12.00 -14.22 -46.54
CA PRO A 53 -13.18 -15.05 -46.81
C PRO A 53 -12.82 -16.52 -46.66
N ILE A 54 -13.50 -17.24 -45.77
CA ILE A 54 -13.23 -18.65 -45.56
C ILE A 54 -14.43 -19.51 -45.97
N ASP A 55 -15.63 -19.18 -45.50
CA ASP A 55 -16.83 -19.90 -45.93
C ASP A 55 -17.91 -18.89 -46.32
N ASP A 56 -18.43 -18.99 -47.56
CA ASP A 56 -19.52 -18.15 -48.03
C ASP A 56 -20.68 -19.05 -48.51
N SER A 57 -20.76 -20.24 -47.91
CA SER A 57 -21.58 -21.34 -48.32
C SER A 57 -23.07 -20.94 -48.26
N GLY A 58 -23.41 -20.09 -47.30
CA GLY A 58 -24.80 -19.78 -47.02
C GLY A 58 -25.29 -18.58 -47.83
N MET A 59 -24.35 -17.83 -48.42
CA MET A 59 -24.69 -16.61 -49.13
C MET A 59 -25.50 -16.98 -50.37
N PRO A 60 -26.54 -16.18 -50.69
CA PRO A 60 -27.28 -16.36 -51.95
C PRO A 60 -26.29 -16.22 -53.11
N LYS A 61 -26.55 -17.00 -54.18
CA LYS A 61 -25.55 -17.10 -55.25
C LYS A 61 -25.55 -15.85 -56.13
N GLU A 62 -26.48 -14.92 -55.88
CA GLU A 62 -26.59 -13.70 -56.65
C GLU A 62 -27.01 -12.55 -55.73
N ARG A 63 -26.48 -11.35 -56.02
CA ARG A 63 -26.88 -10.07 -55.46
C ARG A 63 -26.28 -9.82 -54.09
N PHE A 64 -25.80 -10.88 -53.41
CA PHE A 64 -25.31 -10.75 -52.06
C PHE A 64 -23.79 -10.85 -52.02
N SER A 65 -23.15 -9.95 -51.27
CA SER A 65 -21.70 -9.94 -51.19
C SER A 65 -21.27 -9.44 -49.82
N ALA A 66 -20.12 -9.92 -49.36
CA ALA A 66 -19.61 -9.52 -48.05
C ALA A 66 -18.13 -9.19 -48.16
N GLN A 67 -17.72 -8.16 -47.42
CA GLN A 67 -16.36 -7.68 -47.48
C GLN A 67 -15.91 -7.34 -46.05
N MET A 68 -14.59 -7.33 -45.88
CA MET A 68 -14.00 -6.72 -44.69
C MET A 68 -12.94 -5.71 -45.12
N PRO A 69 -13.32 -4.42 -45.32
CA PRO A 69 -12.38 -3.34 -45.64
C PRO A 69 -11.15 -3.33 -44.76
N ASN A 70 -11.38 -3.17 -43.45
CA ASN A 70 -10.33 -3.22 -42.46
C ASN A 70 -10.59 -4.41 -41.54
N GLN A 71 -9.84 -4.49 -40.44
CA GLN A 71 -10.01 -5.59 -39.52
C GLN A 71 -10.91 -5.20 -38.34
N SER A 72 -11.56 -4.02 -38.45
CA SER A 72 -12.43 -3.55 -37.38
C SER A 72 -13.84 -3.24 -37.89
N HIS A 73 -14.15 -3.73 -39.08
CA HIS A 73 -15.45 -3.47 -39.68
C HIS A 73 -15.70 -4.49 -40.79
N SER A 74 -16.97 -4.81 -41.05
CA SER A 74 -17.38 -5.71 -42.12
C SER A 74 -18.71 -5.22 -42.70
N THR A 75 -18.94 -5.54 -43.98
CA THR A 75 -20.12 -5.03 -44.66
C THR A 75 -20.81 -6.18 -45.38
N LEU A 76 -22.15 -6.10 -45.41
CA LEU A 76 -22.94 -6.94 -46.28
C LEU A 76 -23.67 -6.03 -47.27
N LYS A 77 -23.44 -6.27 -48.56
CA LYS A 77 -24.07 -5.45 -49.58
C LYS A 77 -25.08 -6.31 -50.32
N ILE A 78 -26.31 -5.80 -50.44
CA ILE A 78 -27.30 -6.44 -51.27
C ILE A 78 -27.59 -5.49 -52.42
N GLN A 79 -27.49 -6.03 -53.63
CA GLN A 79 -27.77 -5.28 -54.84
C GLN A 79 -29.20 -5.61 -55.27
N SER A 80 -29.94 -4.57 -55.69
CA SER A 80 -31.25 -4.77 -56.28
C SER A 80 -32.14 -5.52 -55.30
N THR A 81 -32.38 -4.90 -54.12
CA THR A 81 -33.11 -5.53 -53.03
C THR A 81 -34.46 -6.03 -53.52
N GLN A 82 -34.83 -7.22 -53.07
CA GLN A 82 -36.08 -7.86 -53.43
C GLN A 82 -36.82 -8.19 -52.14
N PRO A 83 -38.18 -8.25 -52.15
CA PRO A 83 -38.93 -8.61 -50.94
C PRO A 83 -38.46 -9.82 -50.14
N GLN A 84 -37.96 -10.83 -50.83
CA GLN A 84 -37.47 -12.06 -50.21
C GLN A 84 -36.21 -11.77 -49.38
N ASP A 85 -35.60 -10.60 -49.59
CA ASP A 85 -34.37 -10.26 -48.88
C ASP A 85 -34.70 -9.79 -47.46
N SER A 86 -35.99 -9.51 -47.21
CA SER A 86 -36.43 -8.96 -45.94
C SER A 86 -36.17 -9.99 -44.86
N ALA A 87 -35.41 -9.56 -43.83
CA ALA A 87 -35.07 -10.40 -42.70
C ALA A 87 -34.30 -9.58 -41.67
N VAL A 88 -33.87 -10.25 -40.61
CA VAL A 88 -32.93 -9.62 -39.69
C VAL A 88 -31.55 -10.21 -40.01
N TYR A 89 -30.57 -9.31 -40.15
CA TYR A 89 -29.23 -9.72 -40.53
C TYR A 89 -28.33 -9.54 -39.31
N LEU A 90 -28.01 -10.67 -38.67
CA LEU A 90 -27.14 -10.66 -37.49
C LEU A 90 -25.69 -10.76 -37.94
N CYS A 91 -24.82 -10.18 -37.13
CA CYS A 91 -23.39 -10.28 -37.34
C CYS A 91 -22.76 -10.74 -36.03
N ALA A 92 -21.71 -11.60 -36.12
CA ALA A 92 -21.18 -12.13 -34.85
C ALA A 92 -19.67 -12.28 -34.95
N SER A 93 -19.02 -12.37 -33.77
CA SER A 93 -17.57 -12.49 -33.71
C SER A 93 -17.18 -13.39 -32.54
N SER A 94 -16.05 -14.06 -32.68
CA SER A 94 -15.46 -14.88 -31.63
C SER A 94 -13.95 -14.74 -31.67
N ARG A 95 -13.31 -14.93 -30.50
CA ARG A 95 -11.89 -14.67 -30.32
C ARG A 95 -11.07 -15.87 -30.81
N GLN A 96 -9.82 -15.94 -30.35
CA GLN A 96 -8.92 -16.99 -30.82
C GLN A 96 -9.18 -18.25 -30.00
N GLY A 97 -8.64 -18.26 -28.78
CA GLY A 97 -8.73 -19.42 -27.91
C GLY A 97 -10.08 -19.51 -27.22
N GLN A 98 -11.14 -18.94 -27.84
CA GLN A 98 -12.43 -18.85 -27.21
C GLN A 98 -13.50 -19.56 -28.07
N ASN A 99 -14.39 -20.25 -27.37
CA ASN A 99 -15.53 -20.87 -28.02
C ASN A 99 -16.68 -19.88 -28.10
N THR A 100 -16.69 -18.84 -27.25
CA THR A 100 -17.89 -18.01 -27.12
C THR A 100 -18.08 -17.18 -28.38
N LEU A 101 -19.32 -17.17 -28.90
CA LEU A 101 -19.67 -16.35 -30.05
C LEU A 101 -20.53 -15.17 -29.59
N TYR A 102 -20.14 -13.94 -29.95
CA TYR A 102 -20.89 -12.76 -29.51
C TYR A 102 -21.70 -12.23 -30.69
N PHE A 103 -22.98 -11.93 -30.45
CA PHE A 103 -23.86 -11.50 -31.53
C PHE A 103 -24.11 -10.01 -31.46
N GLY A 104 -24.31 -9.42 -32.64
CA GLY A 104 -24.87 -8.08 -32.73
C GLY A 104 -26.38 -8.12 -32.61
N ALA A 105 -27.02 -6.95 -32.55
CA ALA A 105 -28.47 -6.89 -32.43
C ALA A 105 -29.11 -6.92 -33.82
N GLY A 106 -28.26 -6.80 -34.86
CA GLY A 106 -28.64 -7.00 -36.24
C GLY A 106 -29.28 -5.76 -36.89
N THR A 107 -29.49 -5.87 -38.20
CA THR A 107 -30.20 -4.89 -39.00
C THR A 107 -31.47 -5.55 -39.53
N ARG A 108 -32.62 -4.93 -39.28
CA ARG A 108 -33.88 -5.45 -39.79
C ARG A 108 -34.12 -4.80 -41.14
N LEU A 109 -34.16 -5.64 -42.18
CA LEU A 109 -34.33 -5.09 -43.51
C LEU A 109 -35.73 -5.41 -43.97
N SER A 110 -36.48 -4.38 -44.40
CA SER A 110 -37.76 -4.61 -45.04
C SER A 110 -37.76 -4.02 -46.46
N VAL A 111 -37.90 -4.91 -47.43
CA VAL A 111 -37.92 -4.52 -48.83
C VAL A 111 -39.38 -4.54 -49.29
N LEU A 112 -39.86 -3.36 -49.69
CA LEU A 112 -41.26 -3.17 -50.03
C LEU A 112 -41.41 -3.13 -51.55
N GLU A 113 -42.60 -3.49 -52.03
CA GLU A 113 -42.86 -3.40 -53.46
C GLU A 113 -42.80 -1.94 -53.89
N ASP A 114 -43.54 -1.09 -53.18
CA ASP A 114 -43.70 0.31 -53.54
C ASP A 114 -43.57 1.14 -52.27
N LEU A 115 -42.74 2.19 -52.32
CA LEU A 115 -42.57 3.08 -51.16
C LEU A 115 -43.68 4.15 -51.10
N LYS A 116 -44.76 3.97 -51.86
CA LYS A 116 -45.86 4.93 -51.80
C LYS A 116 -46.84 4.50 -50.70
N ASN A 117 -46.62 3.31 -50.13
CA ASN A 117 -47.56 2.77 -49.16
C ASN A 117 -47.01 2.88 -47.74
N VAL A 118 -45.84 3.49 -47.59
CA VAL A 118 -45.22 3.69 -46.29
C VAL A 118 -45.91 4.89 -45.63
N PHE A 119 -46.48 4.65 -44.44
CA PHE A 119 -47.11 5.69 -43.65
C PHE A 119 -46.63 5.61 -42.22
N PRO A 120 -46.50 6.77 -41.52
CA PRO A 120 -46.04 6.78 -40.14
C PRO A 120 -47.26 6.61 -39.23
N PRO A 121 -47.06 6.25 -37.94
CA PRO A 121 -48.18 5.96 -37.05
C PRO A 121 -48.79 7.27 -36.57
N GLU A 122 -50.11 7.24 -36.32
CA GLU A 122 -50.75 8.27 -35.54
C GLU A 122 -50.86 7.71 -34.13
N VAL A 123 -50.43 8.51 -33.13
CA VAL A 123 -50.36 8.02 -31.76
C VAL A 123 -51.36 8.78 -30.91
N ALA A 124 -52.02 8.06 -29.99
CA ALA A 124 -52.96 8.68 -29.08
C ALA A 124 -52.94 7.89 -27.78
N VAL A 125 -53.11 8.59 -26.64
CA VAL A 125 -53.09 7.96 -25.33
C VAL A 125 -54.44 8.21 -24.67
N PHE A 126 -54.95 7.20 -23.95
CA PHE A 126 -56.27 7.23 -23.38
C PHE A 126 -56.19 7.11 -21.88
N GLU A 127 -56.94 7.98 -21.19
CA GLU A 127 -56.81 8.15 -19.74
C GLU A 127 -57.57 7.04 -19.04
N PRO A 128 -57.11 6.58 -17.85
CA PRO A 128 -57.72 5.43 -17.17
C PRO A 128 -59.22 5.59 -16.96
N SER A 129 -59.93 4.46 -16.81
CA SER A 129 -61.37 4.45 -16.61
C SER A 129 -61.70 4.86 -15.17
N GLU A 130 -62.76 5.68 -14.99
CA GLU A 130 -63.18 6.03 -13.63
C GLU A 130 -63.61 4.77 -12.88
N ALA A 131 -64.29 3.88 -13.62
CA ALA A 131 -64.72 2.60 -13.08
C ALA A 131 -63.55 1.78 -12.58
N GLU A 132 -62.50 1.69 -13.40
CA GLU A 132 -61.35 0.84 -13.11
C GLU A 132 -60.72 1.27 -11.79
N ILE A 133 -60.61 2.59 -11.62
CA ILE A 133 -59.94 3.18 -10.47
C ILE A 133 -60.72 2.81 -9.22
N SER A 134 -62.04 2.99 -9.32
CA SER A 134 -62.98 2.73 -8.25
C SER A 134 -62.94 1.27 -7.83
N HIS A 135 -62.87 0.35 -8.80
CA HIS A 135 -63.00 -1.08 -8.58
C HIS A 135 -61.69 -1.70 -8.07
N THR A 136 -60.54 -1.27 -8.62
CA THR A 136 -59.30 -2.01 -8.42
C THR A 136 -58.26 -1.16 -7.69
N GLN A 137 -58.52 0.15 -7.59
CA GLN A 137 -57.54 1.08 -7.04
C GLN A 137 -56.26 1.12 -7.90
N LYS A 138 -56.45 0.87 -9.21
CA LYS A 138 -55.38 0.91 -10.18
C LYS A 138 -55.88 1.69 -11.41
N ALA A 139 -54.94 2.31 -12.13
CA ALA A 139 -55.24 3.07 -13.32
C ALA A 139 -54.40 2.55 -14.48
N THR A 140 -55.09 2.18 -15.57
CA THR A 140 -54.42 1.68 -16.75
C THR A 140 -54.54 2.73 -17.87
N LEU A 141 -53.40 3.27 -18.30
CA LEU A 141 -53.36 4.08 -19.50
C LEU A 141 -53.16 3.15 -20.69
N VAL A 142 -53.71 3.56 -21.84
CA VAL A 142 -53.58 2.81 -23.07
C VAL A 142 -53.09 3.73 -24.16
N CYS A 143 -52.15 3.23 -24.96
CA CYS A 143 -51.63 3.92 -26.12
C CYS A 143 -51.97 3.16 -27.40
N LEU A 144 -52.34 3.90 -28.45
CA LEU A 144 -52.70 3.34 -29.76
C LEU A 144 -51.83 3.97 -30.85
N ALA A 145 -51.01 3.16 -31.50
CA ALA A 145 -50.34 3.55 -32.71
C ALA A 145 -51.12 2.94 -33.86
N THR A 146 -51.69 3.78 -34.74
CA THR A 146 -52.51 3.23 -35.81
C THR A 146 -52.02 3.72 -37.18
N GLY A 147 -52.19 2.84 -38.17
CA GLY A 147 -52.14 3.20 -39.58
C GLY A 147 -50.73 3.36 -40.10
N PHE A 148 -49.82 2.47 -39.67
CA PHE A 148 -48.42 2.61 -40.04
C PHE A 148 -48.00 1.41 -40.88
N TYR A 149 -47.06 1.67 -41.81
CA TYR A 149 -46.51 0.66 -42.68
C TYR A 149 -45.11 1.10 -43.10
N PRO A 150 -44.09 0.20 -43.06
CA PRO A 150 -44.25 -1.18 -42.56
C PRO A 150 -44.19 -1.25 -41.05
N ASP A 151 -43.97 -2.46 -40.48
CA ASP A 151 -44.09 -2.65 -39.04
C ASP A 151 -42.73 -2.57 -38.34
N HIS A 152 -41.93 -1.55 -38.68
CA HIS A 152 -40.81 -1.20 -37.85
C HIS A 152 -41.22 -0.10 -36.88
N VAL A 153 -41.86 -0.47 -35.74
CA VAL A 153 -42.10 0.54 -34.71
C VAL A 153 -41.55 0.07 -33.37
N GLU A 154 -41.07 1.02 -32.57
CA GLU A 154 -40.68 0.79 -31.19
C GLU A 154 -41.47 1.73 -30.27
N LEU A 155 -42.23 1.15 -29.33
CA LEU A 155 -43.10 1.93 -28.47
C LEU A 155 -42.54 1.94 -27.05
N SER A 156 -42.47 3.13 -26.44
CA SER A 156 -41.90 3.34 -25.10
C SER A 156 -42.81 4.21 -24.25
N TRP A 157 -42.80 3.98 -22.93
CA TRP A 157 -43.56 4.84 -22.01
C TRP A 157 -42.64 5.73 -21.19
N TRP A 158 -42.93 7.04 -21.19
CA TRP A 158 -42.14 7.99 -20.45
C TRP A 158 -42.98 8.64 -19.36
N VAL A 159 -42.53 8.50 -18.12
CA VAL A 159 -43.19 9.10 -16.99
C VAL A 159 -42.27 10.15 -16.35
N ASN A 160 -42.69 11.42 -16.47
CA ASN A 160 -41.92 12.56 -15.98
C ASN A 160 -40.51 12.49 -16.56
N GLY A 161 -40.38 12.27 -17.87
CA GLY A 161 -39.11 12.48 -18.54
C GLY A 161 -38.17 11.27 -18.42
N LYS A 162 -38.49 10.31 -17.55
CA LYS A 162 -37.74 9.05 -17.55
C LYS A 162 -38.58 7.92 -18.17
N GLU A 163 -37.94 7.10 -19.00
CA GLU A 163 -38.60 5.96 -19.61
C GLU A 163 -38.81 4.94 -18.52
N VAL A 164 -39.95 4.21 -18.59
CA VAL A 164 -40.28 3.24 -17.56
C VAL A 164 -40.62 1.92 -18.23
N HIS A 165 -40.47 0.83 -17.46
CA HIS A 165 -40.75 -0.50 -17.97
C HIS A 165 -41.72 -1.25 -17.08
N SER A 166 -41.46 -1.32 -15.78
CA SER A 166 -42.31 -2.12 -14.89
C SER A 166 -43.73 -1.56 -14.89
N GLY A 167 -44.72 -2.41 -15.23
CA GLY A 167 -46.10 -1.96 -15.42
C GLY A 167 -46.42 -1.57 -16.85
N VAL A 168 -45.52 -1.82 -17.81
CA VAL A 168 -45.81 -1.70 -19.25
C VAL A 168 -46.13 -3.07 -19.82
N CYS A 169 -47.10 -3.11 -20.74
CA CYS A 169 -47.42 -4.29 -21.53
C CYS A 169 -47.70 -3.81 -22.96
N THR A 170 -46.82 -4.17 -23.91
CA THR A 170 -47.04 -3.86 -25.32
C THR A 170 -47.35 -5.15 -26.09
N ASP A 171 -48.33 -5.06 -26.98
CA ASP A 171 -48.66 -6.14 -27.89
C ASP A 171 -47.37 -6.65 -28.56
N PRO A 172 -47.09 -7.98 -28.54
CA PRO A 172 -45.88 -8.50 -29.13
C PRO A 172 -45.82 -8.39 -30.64
N GLN A 173 -46.99 -8.32 -31.28
CA GLN A 173 -47.10 -8.24 -32.72
C GLN A 173 -48.27 -7.30 -33.04
N PRO A 174 -48.18 -6.50 -34.12
CA PRO A 174 -49.23 -5.52 -34.42
C PRO A 174 -50.38 -6.21 -35.13
N LEU A 175 -51.55 -5.55 -35.22
CA LEU A 175 -52.64 -6.10 -36.00
C LEU A 175 -52.83 -5.32 -37.31
N LYS A 176 -53.20 -6.05 -38.35
CA LYS A 176 -53.52 -5.53 -39.68
C LYS A 176 -54.87 -4.84 -39.60
N GLU A 177 -54.90 -3.59 -40.06
CA GLU A 177 -56.13 -2.82 -40.00
C GLU A 177 -57.12 -3.37 -41.01
N GLN A 178 -56.62 -3.86 -42.14
CA GLN A 178 -57.43 -4.50 -43.17
C GLN A 178 -56.86 -5.92 -43.41
N PRO A 179 -57.22 -6.92 -42.57
CA PRO A 179 -56.53 -8.21 -42.51
C PRO A 179 -56.72 -9.16 -43.69
N ALA A 180 -57.66 -8.78 -44.57
CA ALA A 180 -57.89 -9.51 -45.80
C ALA A 180 -56.73 -9.29 -46.76
N LEU A 181 -56.23 -8.06 -46.83
CA LEU A 181 -55.18 -7.68 -47.75
C LEU A 181 -53.82 -8.11 -47.17
N ASN A 182 -52.85 -8.43 -48.03
CA ASN A 182 -51.56 -8.92 -47.55
C ASN A 182 -50.70 -7.72 -47.17
N ASP A 183 -50.78 -6.69 -48.03
CA ASP A 183 -50.12 -5.41 -47.81
C ASP A 183 -51.16 -4.49 -47.19
N SER A 184 -51.18 -4.46 -45.85
CA SER A 184 -52.12 -3.68 -45.05
C SER A 184 -51.38 -2.82 -44.03
N ARG A 185 -51.95 -1.68 -43.61
CA ARG A 185 -51.41 -0.86 -42.52
C ARG A 185 -51.62 -1.59 -41.19
N TYR A 186 -50.85 -1.18 -40.16
CA TYR A 186 -50.85 -1.87 -38.89
C TYR A 186 -51.31 -0.94 -37.76
N ALA A 187 -51.77 -1.55 -36.66
CA ALA A 187 -51.99 -0.86 -35.40
C ALA A 187 -51.26 -1.62 -34.30
N LEU A 188 -50.85 -0.90 -33.26
CA LEU A 188 -50.25 -1.52 -32.09
C LEU A 188 -50.85 -0.84 -30.86
N SER A 189 -51.08 -1.61 -29.80
CA SER A 189 -51.53 -1.04 -28.55
C SER A 189 -50.54 -1.40 -27.44
N SER A 190 -50.48 -0.54 -26.42
CA SER A 190 -49.67 -0.76 -25.24
C SER A 190 -50.41 -0.26 -24.00
N ARG A 191 -50.09 -0.82 -22.83
CA ARG A 191 -50.76 -0.42 -21.61
C ARG A 191 -49.72 -0.09 -20.54
N LEU A 192 -49.99 0.99 -19.80
CA LEU A 192 -49.21 1.37 -18.63
C LEU A 192 -50.12 1.39 -17.42
N ARG A 193 -49.84 0.53 -16.43
CA ARG A 193 -50.67 0.40 -15.24
C ARG A 193 -49.94 0.96 -14.02
N VAL A 194 -50.54 2.00 -13.42
CA VAL A 194 -50.00 2.66 -12.24
C VAL A 194 -51.07 2.65 -11.14
N SER A 195 -50.63 2.95 -9.89
CA SER A 195 -51.54 3.07 -8.76
C SER A 195 -52.54 4.21 -9.02
N ALA A 196 -53.74 4.09 -8.44
CA ALA A 196 -54.73 5.15 -8.66
C ALA A 196 -54.22 6.47 -8.07
N THR A 197 -53.49 6.36 -6.96
CA THR A 197 -52.88 7.49 -6.30
C THR A 197 -51.91 8.19 -7.25
N PHE A 198 -51.10 7.40 -7.97
CA PHE A 198 -50.08 7.98 -8.84
C PHE A 198 -50.75 8.75 -9.98
N TRP A 199 -51.84 8.19 -10.52
CA TRP A 199 -52.52 8.83 -11.63
C TRP A 199 -53.21 10.11 -11.16
N GLN A 200 -53.64 10.11 -9.89
CA GLN A 200 -54.44 11.20 -9.37
C GLN A 200 -53.61 12.45 -9.07
N ASN A 201 -52.28 12.33 -9.20
CA ASN A 201 -51.37 13.43 -8.93
C ASN A 201 -51.17 14.24 -10.22
N PRO A 202 -51.68 15.49 -10.32
CA PRO A 202 -51.67 16.25 -11.57
C PRO A 202 -50.33 16.85 -11.98
N ARG A 203 -49.30 16.47 -11.23
CA ARG A 203 -47.93 16.90 -11.52
C ARG A 203 -47.20 15.80 -12.28
N ASN A 204 -47.83 14.61 -12.37
CA ASN A 204 -47.26 13.47 -13.06
C ASN A 204 -47.60 13.57 -14.55
N HIS A 205 -46.53 13.42 -15.37
CA HIS A 205 -46.63 13.56 -16.82
C HIS A 205 -46.37 12.23 -17.49
N PHE A 206 -47.33 11.80 -18.31
CA PHE A 206 -47.25 10.51 -19.00
C PHE A 206 -47.12 10.76 -20.49
N ARG A 207 -46.17 10.07 -21.13
CA ARG A 207 -45.98 10.20 -22.56
C ARG A 207 -45.69 8.85 -23.18
N CYS A 208 -46.49 8.54 -24.20
CA CYS A 208 -46.34 7.36 -25.02
C CYS A 208 -45.58 7.76 -26.28
N GLN A 209 -44.49 7.04 -26.59
CA GLN A 209 -43.65 7.46 -27.69
C GLN A 209 -43.41 6.30 -28.64
N VAL A 210 -43.58 6.55 -29.94
CA VAL A 210 -43.43 5.50 -30.96
C VAL A 210 -42.36 5.91 -31.97
N GLN A 211 -41.24 5.16 -32.02
CA GLN A 211 -40.20 5.40 -33.01
C GLN A 211 -40.59 4.64 -34.28
N PHE A 212 -40.80 5.39 -35.37
CA PHE A 212 -41.17 4.76 -36.63
C PHE A 212 -39.99 4.84 -37.59
N TYR A 213 -39.79 3.76 -38.37
CA TYR A 213 -38.73 3.72 -39.36
C TYR A 213 -39.37 3.64 -40.75
N GLY A 214 -38.97 4.59 -41.61
CA GLY A 214 -39.47 4.70 -42.97
C GLY A 214 -38.37 5.21 -43.89
N LEU A 215 -38.72 6.17 -44.76
CA LEU A 215 -37.82 6.72 -45.77
C LEU A 215 -36.71 7.50 -45.09
N SER A 216 -35.52 7.48 -45.76
CA SER A 216 -34.44 8.37 -45.39
C SER A 216 -34.60 9.65 -46.22
N GLU A 217 -33.81 10.68 -45.87
CA GLU A 217 -33.93 11.96 -46.53
C GLU A 217 -33.42 11.86 -47.97
N ASN A 218 -32.69 10.78 -48.26
CA ASN A 218 -32.14 10.53 -49.58
C ASN A 218 -33.25 10.21 -50.58
N ASP A 219 -34.32 9.55 -50.11
CA ASP A 219 -35.38 9.01 -50.96
C ASP A 219 -36.25 10.14 -51.52
N GLU A 220 -36.84 9.86 -52.68
CA GLU A 220 -37.58 10.84 -53.48
C GLU A 220 -39.02 10.76 -53.03
N TRP A 221 -39.76 11.89 -53.12
CA TRP A 221 -41.15 11.87 -52.75
C TRP A 221 -42.03 12.68 -53.72
N THR A 222 -42.82 11.97 -54.53
CA THR A 222 -43.71 12.55 -55.51
C THR A 222 -45.00 13.05 -54.86
N GLN A 223 -45.61 12.19 -54.01
CA GLN A 223 -47.00 12.35 -53.54
C GLN A 223 -47.16 13.64 -52.72
N ASP A 224 -48.41 14.13 -52.64
CA ASP A 224 -48.68 15.51 -52.18
C ASP A 224 -48.94 15.55 -50.67
N ARG A 225 -48.71 14.42 -49.97
CA ARG A 225 -48.73 14.38 -48.51
C ARG A 225 -47.30 14.54 -48.02
N ALA A 226 -47.11 14.52 -46.69
CA ALA A 226 -45.77 14.69 -46.14
C ALA A 226 -45.01 13.36 -46.25
N LYS A 227 -43.71 13.46 -46.57
CA LYS A 227 -42.94 12.27 -46.84
C LYS A 227 -42.73 11.52 -45.54
N PRO A 228 -43.03 10.20 -45.51
CA PRO A 228 -42.98 9.43 -44.26
C PRO A 228 -41.58 8.99 -43.87
N VAL A 229 -40.76 9.97 -43.45
CA VAL A 229 -39.42 9.71 -43.00
C VAL A 229 -39.51 8.96 -41.66
N THR A 230 -38.40 8.31 -41.31
CA THR A 230 -38.15 7.86 -39.94
C THR A 230 -38.36 9.06 -39.00
N GLN A 231 -39.20 8.86 -37.97
CA GLN A 231 -39.52 9.92 -37.04
C GLN A 231 -40.06 9.33 -35.74
N ILE A 232 -40.11 10.16 -34.68
CA ILE A 232 -40.76 9.79 -33.42
C ILE A 232 -42.16 10.41 -33.41
N VAL A 233 -43.19 9.65 -32.99
CA VAL A 233 -44.55 10.19 -32.84
C VAL A 233 -45.01 9.88 -31.42
N SER A 234 -45.43 10.93 -30.69
CA SER A 234 -45.69 10.85 -29.26
C SER A 234 -47.07 11.37 -28.92
N ALA A 235 -47.59 10.95 -27.76
CA ALA A 235 -48.84 11.47 -27.21
C ALA A 235 -48.75 11.48 -25.69
N GLU A 236 -49.32 12.51 -25.05
CA GLU A 236 -49.08 12.74 -23.64
C GLU A 236 -50.41 12.80 -22.88
N ALA A 237 -50.33 12.58 -21.57
CA ALA A 237 -51.45 12.82 -20.67
C ALA A 237 -50.89 13.24 -19.32
N TRP A 238 -51.65 14.10 -18.61
CA TRP A 238 -51.28 14.52 -17.26
C TRP A 238 -52.22 13.87 -16.26
N GLY A 239 -51.66 13.56 -15.08
CA GLY A 239 -52.46 13.07 -13.96
C GLY A 239 -53.63 14.00 -13.65
N ARG A 240 -54.67 13.43 -13.03
CA ARG A 240 -55.91 14.13 -12.84
C ARG A 240 -56.51 13.73 -11.51
N ALA A 241 -56.92 14.72 -10.71
CA ALA A 241 -57.27 14.56 -9.32
C ALA A 241 -58.68 13.98 -9.18
N ASP A 242 -59.57 14.40 -10.08
CA ASP A 242 -60.99 14.12 -9.99
C ASP A 242 -61.64 14.07 -11.38
N GLN B 4 -25.44 -30.03 -39.55
CA GLN B 4 -26.76 -29.34 -39.59
C GLN B 4 -27.57 -29.78 -38.37
N VAL B 5 -28.32 -28.84 -37.71
CA VAL B 5 -28.80 -29.09 -36.37
C VAL B 5 -30.32 -28.94 -36.31
N GLU B 6 -31.01 -29.92 -35.70
CA GLU B 6 -32.46 -29.94 -35.67
C GLU B 6 -32.91 -29.62 -34.25
N GLN B 7 -33.78 -28.62 -34.12
CA GLN B 7 -34.23 -28.16 -32.81
C GLN B 7 -35.75 -28.26 -32.70
N LEU B 8 -36.23 -28.92 -31.64
CA LEU B 8 -37.66 -29.19 -31.46
C LEU B 8 -38.05 -28.91 -30.02
N PRO B 9 -39.22 -28.27 -29.78
CA PRO B 9 -40.10 -27.80 -30.86
C PRO B 9 -39.85 -26.37 -31.31
N SER B 10 -40.55 -25.96 -32.38
CA SER B 10 -40.46 -24.59 -32.88
C SER B 10 -41.17 -23.58 -31.97
N ILE B 11 -42.31 -23.98 -31.40
CA ILE B 11 -43.11 -23.19 -30.47
C ILE B 11 -43.42 -24.10 -29.30
N LEU B 12 -43.24 -23.59 -28.08
CA LEU B 12 -43.37 -24.34 -26.82
C LEU B 12 -44.19 -23.49 -25.88
N ARG B 13 -45.47 -23.86 -25.74
CA ARG B 13 -46.39 -23.24 -24.79
C ARG B 13 -46.32 -24.06 -23.51
N VAL B 14 -45.84 -23.45 -22.43
CA VAL B 14 -45.73 -24.10 -21.13
C VAL B 14 -46.52 -23.29 -20.12
N GLN B 15 -47.11 -23.95 -19.13
CA GLN B 15 -47.85 -23.24 -18.09
C GLN B 15 -46.86 -22.81 -17.01
N GLU B 16 -47.07 -21.61 -16.44
CA GLU B 16 -46.24 -21.09 -15.37
C GLU B 16 -46.04 -22.18 -14.35
N GLY B 17 -44.80 -22.32 -13.88
CA GLY B 17 -44.53 -23.24 -12.78
C GLY B 17 -44.10 -24.61 -13.28
N SER B 18 -44.55 -24.99 -14.49
CA SER B 18 -44.16 -26.24 -15.12
C SER B 18 -42.77 -26.10 -15.75
N SER B 19 -42.10 -27.22 -16.00
CA SER B 19 -40.81 -27.18 -16.66
C SER B 19 -40.96 -27.27 -18.19
N ALA B 20 -39.92 -26.78 -18.91
CA ALA B 20 -39.90 -26.79 -20.35
C ALA B 20 -38.55 -27.31 -20.81
N SER B 21 -38.56 -28.09 -21.91
CA SER B 21 -37.34 -28.69 -22.44
C SER B 21 -37.29 -28.42 -23.93
N ILE B 22 -36.10 -28.12 -24.43
CA ILE B 22 -35.86 -28.03 -25.85
C ILE B 22 -34.85 -29.13 -26.21
N ASN B 23 -35.14 -29.87 -27.29
CA ASN B 23 -34.20 -30.87 -27.76
C ASN B 23 -33.61 -30.51 -29.10
N CYS B 24 -32.31 -30.80 -29.22
CA CYS B 24 -31.57 -30.61 -30.45
C CYS B 24 -30.77 -31.88 -30.77
N SER B 25 -30.53 -32.10 -32.07
CA SER B 25 -29.65 -33.16 -32.54
C SER B 25 -28.78 -32.64 -33.68
N TYR B 26 -27.56 -33.18 -33.77
CA TYR B 26 -26.56 -32.67 -34.69
C TYR B 26 -25.96 -33.81 -35.51
N GLU B 27 -25.46 -33.46 -36.70
CA GLU B 27 -24.94 -34.43 -37.64
C GLU B 27 -23.43 -34.30 -37.86
N ASP B 28 -22.61 -34.26 -36.83
CA ASP B 28 -21.16 -34.42 -36.98
C ASP B 28 -20.55 -34.89 -35.66
N SER B 29 -20.03 -36.12 -35.68
CA SER B 29 -19.31 -36.75 -34.59
C SER B 29 -18.26 -35.84 -33.97
N ALA B 30 -17.78 -34.85 -34.74
CA ALA B 30 -16.66 -34.02 -34.35
C ALA B 30 -17.02 -32.84 -33.45
N SER B 31 -18.32 -32.52 -33.30
CA SER B 31 -18.70 -31.29 -32.65
C SER B 31 -18.30 -31.30 -31.17
N ASN B 32 -17.86 -30.16 -30.67
CA ASN B 32 -17.07 -30.10 -29.45
C ASN B 32 -17.69 -29.11 -28.47
N TYR B 33 -18.52 -28.21 -28.98
CA TYR B 33 -19.08 -27.15 -28.16
C TYR B 33 -20.55 -26.94 -28.55
N PHE B 34 -21.40 -26.79 -27.53
CA PHE B 34 -22.84 -26.69 -27.71
C PHE B 34 -23.37 -25.55 -26.87
N PRO B 35 -23.48 -24.33 -27.46
CA PRO B 35 -23.98 -23.17 -26.73
C PRO B 35 -25.48 -22.97 -26.92
N TRP B 36 -26.10 -22.26 -25.98
CA TRP B 36 -27.52 -21.96 -26.04
C TRP B 36 -27.72 -20.45 -25.91
N TYR B 37 -28.60 -19.90 -26.74
CA TYR B 37 -28.76 -18.46 -26.82
C TYR B 37 -30.22 -18.11 -26.54
N LYS B 38 -30.41 -17.06 -25.72
CA LYS B 38 -31.73 -16.52 -25.46
C LYS B 38 -31.84 -15.19 -26.18
N GLN B 39 -33.01 -14.92 -26.76
CA GLN B 39 -33.14 -13.71 -27.56
C GLN B 39 -34.47 -13.03 -27.27
N GLU B 40 -34.35 -11.85 -26.63
CA GLU B 40 -35.53 -11.08 -26.28
C GLU B 40 -35.85 -10.17 -27.46
N PRO B 41 -37.15 -9.88 -27.70
CA PRO B 41 -37.59 -9.16 -28.91
C PRO B 41 -36.83 -7.87 -29.06
N GLY B 42 -36.26 -7.66 -30.26
CA GLY B 42 -35.57 -6.41 -30.55
C GLY B 42 -34.08 -6.49 -30.22
N GLU B 43 -33.73 -7.40 -29.30
CA GLU B 43 -32.35 -7.45 -28.85
C GLU B 43 -31.54 -8.47 -29.65
N ASN B 44 -30.29 -8.67 -29.20
CA ASN B 44 -29.35 -9.60 -29.78
C ASN B 44 -29.43 -10.91 -29.02
N PRO B 45 -29.18 -12.07 -29.67
CA PRO B 45 -29.07 -13.34 -28.94
C PRO B 45 -27.96 -13.18 -27.90
N LYS B 46 -28.18 -13.77 -26.72
CA LYS B 46 -27.21 -13.68 -25.65
C LYS B 46 -26.96 -15.09 -25.15
N LEU B 47 -25.68 -15.45 -25.02
CA LEU B 47 -25.29 -16.77 -24.54
C LEU B 47 -25.85 -16.93 -23.13
N ILE B 48 -26.49 -18.07 -22.83
CA ILE B 48 -27.11 -18.28 -21.52
C ILE B 48 -26.42 -19.42 -20.77
N ILE B 49 -25.94 -20.43 -21.51
CA ILE B 49 -25.28 -21.61 -20.95
C ILE B 49 -24.70 -22.39 -22.14
N ASP B 50 -23.65 -23.16 -21.87
CA ASP B 50 -23.00 -23.95 -22.90
C ASP B 50 -22.47 -25.22 -22.25
N ILE B 51 -22.16 -26.22 -23.09
CA ILE B 51 -21.57 -27.45 -22.61
C ILE B 51 -20.58 -27.96 -23.67
N ARG B 52 -19.48 -28.58 -23.20
CA ARG B 52 -18.41 -29.05 -24.08
C ARG B 52 -18.43 -30.58 -24.10
N SER B 53 -17.73 -31.15 -25.09
CA SER B 53 -17.72 -32.57 -25.37
C SER B 53 -17.12 -33.32 -24.18
N ASN B 54 -16.64 -32.58 -23.18
CA ASN B 54 -15.96 -33.11 -22.02
C ASN B 54 -16.94 -33.66 -20.99
N MET B 55 -18.23 -33.28 -21.10
CA MET B 55 -19.19 -33.40 -20.01
C MET B 55 -20.58 -33.74 -20.53
N GLU B 56 -21.45 -34.27 -19.66
CA GLU B 56 -22.71 -34.85 -20.13
C GLU B 56 -23.90 -34.10 -19.54
N ARG B 57 -23.68 -33.37 -18.43
CA ARG B 57 -24.72 -32.49 -17.87
C ARG B 57 -24.09 -31.31 -17.15
N LYS B 58 -24.70 -30.11 -17.24
CA LYS B 58 -24.27 -28.93 -16.50
C LYS B 58 -25.48 -28.20 -15.93
N GLN B 59 -25.43 -27.81 -14.64
CA GLN B 59 -26.49 -26.96 -14.09
C GLN B 59 -25.92 -25.68 -13.51
N THR B 60 -26.23 -24.55 -14.12
CA THR B 60 -25.83 -23.22 -13.64
C THR B 60 -26.91 -22.22 -14.04
N GLN B 61 -27.07 -21.19 -13.22
CA GLN B 61 -27.84 -20.03 -13.63
C GLN B 61 -29.26 -20.40 -13.99
N GLY B 62 -29.86 -21.27 -13.17
CA GLY B 62 -31.27 -21.64 -13.34
C GLY B 62 -31.50 -22.50 -14.57
N LEU B 63 -30.43 -23.08 -15.12
CA LEU B 63 -30.48 -23.80 -16.40
C LEU B 63 -29.81 -25.17 -16.30
N ILE B 64 -30.40 -26.17 -16.98
CA ILE B 64 -29.75 -27.48 -17.12
C ILE B 64 -29.56 -27.81 -18.60
N VAL B 65 -28.38 -28.35 -18.95
CA VAL B 65 -28.14 -28.88 -20.29
C VAL B 65 -27.64 -30.32 -20.20
N LEU B 66 -28.11 -31.15 -21.12
CA LEU B 66 -27.60 -32.51 -21.28
C LEU B 66 -26.89 -32.62 -22.62
N LEU B 67 -25.91 -33.53 -22.67
CA LEU B 67 -25.26 -33.88 -23.94
C LEU B 67 -25.04 -35.38 -23.98
N ASP B 68 -25.57 -36.02 -25.05
CA ASP B 68 -25.28 -37.42 -25.34
C ASP B 68 -24.54 -37.51 -26.66
N LYS B 69 -23.21 -37.62 -26.56
CA LYS B 69 -22.35 -37.60 -27.75
C LYS B 69 -22.70 -38.81 -28.62
N LYS B 70 -22.94 -39.96 -27.99
CA LYS B 70 -23.22 -41.20 -28.71
C LYS B 70 -24.51 -41.03 -29.53
N ALA B 71 -25.56 -40.48 -28.90
CA ALA B 71 -26.85 -40.29 -29.55
C ALA B 71 -26.85 -39.06 -30.47
N LYS B 72 -25.81 -38.22 -30.35
CA LYS B 72 -25.72 -36.95 -31.07
C LYS B 72 -26.96 -36.10 -30.79
N ARG B 73 -27.40 -36.09 -29.51
CA ARG B 73 -28.50 -35.25 -29.08
C ARG B 73 -28.07 -34.46 -27.84
N PHE B 74 -28.51 -33.20 -27.77
CA PHE B 74 -28.34 -32.42 -26.55
C PHE B 74 -29.59 -31.57 -26.33
N SER B 75 -29.80 -31.16 -25.07
CA SER B 75 -31.06 -30.53 -24.69
C SER B 75 -30.84 -29.47 -23.62
N LEU B 76 -31.81 -28.54 -23.53
CA LEU B 76 -31.86 -27.52 -22.49
C LEU B 76 -33.14 -27.72 -21.69
N HIS B 77 -33.07 -27.52 -20.37
CA HIS B 77 -34.20 -27.75 -19.47
C HIS B 77 -34.32 -26.60 -18.48
N ILE B 78 -35.50 -25.97 -18.48
CA ILE B 78 -35.80 -24.86 -17.59
C ILE B 78 -36.89 -25.34 -16.62
N THR B 79 -36.58 -25.54 -15.34
CA THR B 79 -37.64 -25.84 -14.37
C THR B 79 -38.33 -24.58 -13.82
N ASP B 80 -39.58 -24.72 -13.39
CA ASP B 80 -40.36 -23.66 -12.74
C ASP B 80 -40.41 -22.41 -13.60
N THR B 81 -40.92 -22.56 -14.84
CA THR B 81 -40.91 -21.44 -15.77
C THR B 81 -41.71 -20.29 -15.16
N GLN B 82 -41.28 -19.05 -15.44
CA GLN B 82 -42.06 -17.86 -15.13
C GLN B 82 -42.11 -16.98 -16.36
N PRO B 83 -43.15 -16.11 -16.50
CA PRO B 83 -43.32 -15.33 -17.74
C PRO B 83 -41.96 -14.61 -17.76
N GLY B 84 -41.45 -14.27 -18.90
CA GLY B 84 -40.16 -13.64 -18.63
C GLY B 84 -39.07 -14.63 -18.90
N ASP B 85 -39.32 -15.95 -18.69
CA ASP B 85 -38.55 -16.93 -19.48
C ASP B 85 -39.06 -16.90 -20.92
N SER B 86 -40.24 -16.30 -21.10
CA SER B 86 -40.80 -16.12 -22.44
C SER B 86 -39.79 -15.41 -23.31
N ALA B 87 -39.20 -16.17 -24.25
CA ALA B 87 -38.30 -15.62 -25.25
C ALA B 87 -38.04 -16.65 -26.35
N MET B 88 -37.16 -16.28 -27.29
CA MET B 88 -36.74 -17.16 -28.36
C MET B 88 -35.40 -17.78 -27.93
N TYR B 89 -35.32 -19.12 -27.92
CA TYR B 89 -34.08 -19.80 -27.62
C TYR B 89 -33.50 -20.51 -28.85
N PHE B 90 -32.18 -20.66 -28.89
CA PHE B 90 -31.46 -21.24 -30.03
C PHE B 90 -30.34 -22.12 -29.49
N CYS B 91 -30.17 -23.30 -30.10
CA CYS B 91 -29.06 -24.17 -29.77
C CYS B 91 -28.11 -24.18 -30.96
N ALA B 92 -26.86 -24.61 -30.72
CA ALA B 92 -25.92 -24.70 -31.82
C ALA B 92 -24.93 -25.83 -31.56
N ALA B 93 -24.25 -26.29 -32.62
CA ALA B 93 -23.15 -27.23 -32.49
C ALA B 93 -21.94 -26.73 -33.28
N SER B 94 -20.75 -26.79 -32.67
CA SER B 94 -19.55 -26.21 -33.25
C SER B 94 -18.45 -27.27 -33.30
N VAL B 95 -17.56 -27.12 -34.30
CA VAL B 95 -16.42 -28.00 -34.51
C VAL B 95 -15.15 -27.15 -34.69
N ARG B 96 -14.12 -27.51 -33.93
CA ARG B 96 -12.81 -26.87 -33.98
C ARG B 96 -12.96 -25.36 -33.71
N ASN B 97 -12.29 -24.56 -34.56
CA ASN B 97 -12.16 -23.12 -34.34
C ASN B 97 -13.18 -22.35 -35.18
N TYR B 98 -13.97 -23.07 -36.00
CA TYR B 98 -14.91 -22.50 -36.95
C TYR B 98 -16.30 -23.11 -36.74
N LYS B 99 -17.24 -22.86 -37.65
CA LYS B 99 -18.43 -23.72 -37.83
C LYS B 99 -19.37 -23.72 -36.62
N TYR B 100 -20.18 -22.67 -36.50
CA TYR B 100 -21.33 -22.71 -35.60
C TYR B 100 -22.59 -22.95 -36.42
N VAL B 101 -23.18 -24.15 -36.27
CA VAL B 101 -24.45 -24.51 -36.89
C VAL B 101 -25.56 -24.37 -35.85
N PHE B 102 -26.58 -23.56 -36.16
CA PHE B 102 -27.62 -23.23 -35.20
C PHE B 102 -28.93 -23.95 -35.54
N GLY B 103 -29.72 -24.29 -34.50
CA GLY B 103 -31.10 -24.67 -34.69
C GLY B 103 -31.95 -23.52 -35.26
N ALA B 104 -33.19 -23.80 -35.68
CA ALA B 104 -33.98 -22.67 -36.17
C ALA B 104 -34.64 -21.96 -35.00
N GLY B 105 -34.43 -22.45 -33.76
CA GLY B 105 -34.93 -21.73 -32.61
C GLY B 105 -36.29 -22.22 -32.10
N THR B 106 -36.56 -21.97 -30.81
CA THR B 106 -37.80 -22.29 -30.16
C THR B 106 -38.33 -21.01 -29.55
N ARG B 107 -39.56 -20.63 -29.92
CA ARG B 107 -40.25 -19.54 -29.26
C ARG B 107 -40.97 -20.12 -28.03
N LEU B 108 -40.48 -19.80 -26.82
CA LEU B 108 -41.03 -20.30 -25.57
C LEU B 108 -42.06 -19.29 -25.05
N LYS B 109 -43.32 -19.72 -24.90
CA LYS B 109 -44.33 -18.83 -24.31
C LYS B 109 -44.76 -19.43 -22.96
N VAL B 110 -44.51 -18.70 -21.84
CA VAL B 110 -44.92 -19.15 -20.53
C VAL B 110 -46.26 -18.51 -20.16
N ILE B 111 -47.31 -19.33 -20.02
CA ILE B 111 -48.67 -18.87 -19.78
C ILE B 111 -48.80 -18.70 -18.28
N ALA B 112 -49.39 -17.57 -17.83
CA ALA B 112 -49.26 -17.15 -16.43
C ALA B 112 -50.50 -17.54 -15.63
N ASP B 113 -50.31 -17.84 -14.34
CA ASP B 113 -51.37 -18.25 -13.44
C ASP B 113 -51.95 -17.03 -12.77
N ILE B 114 -53.03 -16.47 -13.34
CA ILE B 114 -53.77 -15.41 -12.69
C ILE B 114 -54.35 -15.98 -11.39
N GLN B 115 -53.95 -15.41 -10.24
CA GLN B 115 -54.24 -15.98 -8.93
C GLN B 115 -55.65 -15.58 -8.51
N ASN B 116 -55.89 -14.26 -8.52
CA ASN B 116 -57.20 -13.71 -8.20
C ASN B 116 -57.68 -12.91 -9.41
N PRO B 117 -58.36 -13.58 -10.36
CA PRO B 117 -58.93 -12.91 -11.52
C PRO B 117 -59.94 -11.88 -11.07
N ASP B 118 -60.11 -10.82 -11.85
CA ASP B 118 -61.12 -9.81 -11.60
C ASP B 118 -61.66 -9.30 -12.94
N PRO B 119 -62.32 -10.16 -13.74
CA PRO B 119 -62.71 -9.79 -15.10
C PRO B 119 -63.55 -8.52 -15.09
N ALA B 120 -63.17 -7.56 -15.93
CA ALA B 120 -63.92 -6.32 -16.09
C ALA B 120 -63.67 -5.74 -17.48
N VAL B 121 -64.62 -4.96 -17.99
CA VAL B 121 -64.43 -4.26 -19.25
C VAL B 121 -64.72 -2.77 -19.00
N TYR B 122 -63.70 -1.92 -19.18
CA TYR B 122 -63.78 -0.51 -18.84
C TYR B 122 -63.63 0.34 -20.11
N GLN B 123 -64.14 1.58 -20.02
CA GLN B 123 -64.12 2.49 -21.15
C GLN B 123 -63.17 3.65 -20.85
N LEU B 124 -62.16 3.82 -21.69
CA LEU B 124 -61.16 4.87 -21.56
C LEU B 124 -61.54 5.99 -22.53
N ARG B 125 -61.11 7.25 -22.28
CA ARG B 125 -61.16 8.32 -23.28
C ARG B 125 -59.87 9.17 -23.34
N ASP B 126 -59.64 10.01 -24.40
CA ASP B 126 -58.76 11.17 -24.26
C ASP B 126 -58.54 11.93 -25.56
N SER B 127 -58.03 13.15 -25.35
CA SER B 127 -57.64 14.23 -26.26
C SER B 127 -58.76 14.77 -27.14
N LYS B 128 -59.49 13.96 -27.91
CA LYS B 128 -60.80 14.39 -28.36
C LYS B 128 -61.77 13.26 -27.98
N ASP B 131 -61.86 8.61 -34.08
CA ASP B 131 -62.48 7.99 -32.87
C ASP B 131 -62.16 8.84 -31.63
N LYS B 132 -62.74 8.43 -30.49
CA LYS B 132 -62.39 9.00 -29.19
C LYS B 132 -62.14 7.89 -28.18
N SER B 133 -62.92 6.79 -28.26
CA SER B 133 -63.11 5.89 -27.14
C SER B 133 -62.52 4.51 -27.45
N VAL B 134 -61.91 3.93 -26.43
CA VAL B 134 -61.26 2.63 -26.47
C VAL B 134 -61.81 1.80 -25.31
N CYS B 135 -61.92 0.48 -25.47
CA CYS B 135 -62.41 -0.41 -24.41
C CYS B 135 -61.30 -1.33 -23.95
N LEU B 136 -61.28 -1.59 -22.64
CA LEU B 136 -60.22 -2.39 -22.07
C LEU B 136 -60.83 -3.58 -21.35
N PHE B 137 -60.48 -4.77 -21.80
CA PHE B 137 -60.88 -6.00 -21.12
C PHE B 137 -59.66 -6.47 -20.34
N THR B 138 -59.80 -6.56 -19.01
CA THR B 138 -58.63 -6.72 -18.18
C THR B 138 -58.92 -7.61 -16.97
N ASP B 139 -57.84 -8.11 -16.37
CA ASP B 139 -57.81 -8.88 -15.13
C ASP B 139 -58.57 -10.20 -15.32
N PHE B 140 -58.68 -10.70 -16.56
CA PHE B 140 -59.32 -11.99 -16.82
C PHE B 140 -58.29 -13.11 -16.69
N ASP B 141 -58.76 -14.37 -16.54
CA ASP B 141 -57.88 -15.49 -16.25
C ASP B 141 -57.20 -15.97 -17.54
N SER B 142 -56.22 -16.87 -17.35
CA SER B 142 -55.34 -17.35 -18.39
C SER B 142 -56.12 -18.08 -19.48
N GLN B 143 -57.14 -18.85 -19.07
CA GLN B 143 -57.96 -19.67 -19.94
C GLN B 143 -59.12 -18.90 -20.58
N THR B 144 -58.85 -17.76 -21.20
CA THR B 144 -59.86 -16.96 -21.90
C THR B 144 -59.28 -16.55 -23.26
N ASN B 145 -60.09 -16.60 -24.33
CA ASN B 145 -59.65 -16.14 -25.64
C ASN B 145 -60.39 -14.90 -26.14
N VAL B 146 -59.74 -13.72 -26.06
CA VAL B 146 -60.18 -12.57 -26.85
C VAL B 146 -60.13 -13.05 -28.30
N SER B 147 -61.30 -13.12 -28.96
CA SER B 147 -61.31 -13.42 -30.38
C SER B 147 -61.26 -12.11 -31.19
N GLN B 148 -60.98 -12.21 -32.49
CA GLN B 148 -60.84 -11.07 -33.39
C GLN B 148 -62.20 -10.42 -33.63
N SER B 149 -62.20 -9.20 -34.20
CA SER B 149 -63.42 -8.47 -34.45
C SER B 149 -64.14 -9.08 -35.64
N LYS B 150 -65.38 -9.54 -35.43
CA LYS B 150 -66.21 -10.01 -36.53
C LYS B 150 -66.93 -8.78 -37.14
N ASP B 151 -66.70 -7.60 -36.54
CA ASP B 151 -67.14 -6.35 -37.13
C ASP B 151 -65.96 -5.66 -37.79
N SER B 152 -66.13 -5.30 -39.06
CA SER B 152 -65.07 -4.61 -39.76
C SER B 152 -65.15 -3.15 -39.34
N ASP B 153 -63.98 -2.52 -39.13
CA ASP B 153 -63.92 -1.17 -38.57
C ASP B 153 -64.11 -1.21 -37.03
N VAL B 154 -64.15 -2.43 -36.46
CA VAL B 154 -63.89 -2.67 -35.04
C VAL B 154 -62.62 -3.52 -34.91
N TYR B 155 -61.66 -3.06 -34.10
CA TYR B 155 -60.36 -3.69 -33.96
C TYR B 155 -60.22 -4.19 -32.53
N ILE B 156 -59.70 -5.42 -32.40
CA ILE B 156 -59.49 -6.01 -31.08
C ILE B 156 -58.09 -6.62 -31.05
N THR B 157 -57.32 -6.28 -30.01
CA THR B 157 -55.95 -6.77 -29.92
C THR B 157 -56.04 -8.13 -29.27
N ASP B 158 -54.94 -8.88 -29.31
CA ASP B 158 -54.85 -10.12 -28.57
C ASP B 158 -54.56 -9.77 -27.11
N LYS B 159 -54.66 -10.79 -26.23
CA LYS B 159 -54.33 -10.63 -24.82
C LYS B 159 -52.84 -10.35 -24.65
N CYS B 160 -52.49 -9.66 -23.55
CA CYS B 160 -51.16 -9.21 -23.21
C CYS B 160 -50.96 -9.55 -21.74
N VAL B 161 -49.89 -10.31 -21.44
CA VAL B 161 -49.62 -10.71 -20.05
C VAL B 161 -48.59 -9.76 -19.42
N LEU B 162 -48.93 -9.11 -18.30
CA LEU B 162 -47.93 -8.32 -17.56
C LEU B 162 -47.54 -9.06 -16.28
N ASP B 163 -46.24 -9.04 -15.96
CA ASP B 163 -45.71 -9.59 -14.73
C ASP B 163 -44.90 -8.47 -14.05
N MET B 164 -45.22 -8.19 -12.79
CA MET B 164 -44.43 -7.23 -12.03
C MET B 164 -43.27 -7.94 -11.36
N ARG B 165 -42.12 -7.24 -11.29
CA ARG B 165 -40.99 -7.64 -10.47
C ARG B 165 -41.28 -7.35 -8.99
N SER B 166 -42.02 -6.26 -8.73
CA SER B 166 -42.28 -5.76 -7.39
C SER B 166 -43.22 -6.69 -6.60
N MET B 167 -44.38 -7.01 -7.17
CA MET B 167 -45.41 -7.79 -6.50
C MET B 167 -45.65 -9.09 -7.27
N ASP B 168 -46.35 -10.04 -6.62
CA ASP B 168 -46.60 -11.34 -7.24
C ASP B 168 -47.96 -11.30 -7.91
N PHE B 169 -48.26 -10.17 -8.60
CA PHE B 169 -49.50 -10.01 -9.35
C PHE B 169 -49.22 -9.95 -10.85
N LYS B 170 -49.88 -10.86 -11.60
CA LYS B 170 -49.89 -10.86 -13.05
C LYS B 170 -51.27 -10.37 -13.54
N SER B 171 -51.35 -9.73 -14.72
CA SER B 171 -52.67 -9.44 -15.30
C SER B 171 -52.71 -9.55 -16.83
N ASN B 172 -53.86 -10.02 -17.35
CA ASN B 172 -54.14 -10.06 -18.78
C ASN B 172 -54.96 -8.85 -19.20
N SER B 173 -54.77 -8.39 -20.44
CA SER B 173 -55.55 -7.25 -20.93
C SER B 173 -55.68 -7.35 -22.44
N ALA B 174 -56.80 -6.83 -22.94
CA ALA B 174 -56.95 -6.72 -24.39
C ALA B 174 -57.72 -5.45 -24.70
N VAL B 175 -57.42 -4.85 -25.84
CA VAL B 175 -57.90 -3.51 -26.13
C VAL B 175 -58.75 -3.59 -27.38
N ALA B 176 -59.83 -2.80 -27.40
CA ALA B 176 -60.73 -2.83 -28.55
C ALA B 176 -61.20 -1.41 -28.83
N TRP B 177 -61.32 -1.05 -30.11
CA TRP B 177 -61.70 0.30 -30.45
C TRP B 177 -62.37 0.35 -31.81
N SER B 178 -63.06 1.47 -32.07
CA SER B 178 -63.85 1.61 -33.29
C SER B 178 -64.25 3.08 -33.45
N ASN B 179 -64.48 3.48 -34.71
CA ASN B 179 -64.84 4.85 -35.03
C ASN B 179 -66.37 4.97 -35.10
N LYS B 180 -67.05 3.84 -35.29
CA LYS B 180 -68.48 3.76 -35.53
C LYS B 180 -69.28 4.42 -34.39
N SER B 181 -70.49 4.90 -34.73
CA SER B 181 -71.43 5.49 -33.79
C SER B 181 -72.13 4.38 -32.99
N ASP B 182 -72.29 3.21 -33.61
CA ASP B 182 -73.06 2.11 -33.05
C ASP B 182 -72.17 1.20 -32.18
N PHE B 183 -71.08 1.75 -31.65
CA PHE B 183 -70.08 0.97 -30.92
C PHE B 183 -70.12 1.34 -29.44
N ALA B 184 -70.16 0.30 -28.58
CA ALA B 184 -69.92 0.50 -27.15
C ALA B 184 -69.29 -0.74 -26.54
N CYS B 185 -68.79 -0.57 -25.31
CA CYS B 185 -68.02 -1.59 -24.62
C CYS B 185 -68.93 -2.71 -24.14
N ALA B 186 -70.23 -2.41 -24.03
CA ALA B 186 -71.18 -3.36 -23.51
C ALA B 186 -71.09 -4.66 -24.29
N ASN B 187 -71.20 -4.54 -25.62
CA ASN B 187 -71.20 -5.65 -26.54
C ASN B 187 -70.07 -5.42 -27.53
N ALA B 188 -68.82 -5.52 -27.06
CA ALA B 188 -67.66 -5.36 -27.92
C ALA B 188 -66.87 -6.66 -27.98
N PHE B 189 -66.71 -7.30 -26.83
CA PHE B 189 -65.90 -8.50 -26.77
C PHE B 189 -66.71 -9.80 -26.76
N ASN B 190 -67.64 -10.04 -27.68
CA ASN B 190 -68.36 -11.32 -27.72
C ASN B 190 -67.42 -12.46 -28.17
N ASN B 191 -66.36 -12.66 -27.40
CA ASN B 191 -65.61 -13.90 -27.28
C ASN B 191 -66.15 -14.61 -26.03
N SER B 192 -65.48 -15.69 -25.59
CA SER B 192 -66.00 -16.49 -24.49
C SER B 192 -65.62 -15.88 -23.14
N ILE B 193 -66.26 -14.75 -22.81
CA ILE B 193 -65.92 -13.92 -21.67
C ILE B 193 -66.09 -14.71 -20.36
N ILE B 194 -65.17 -14.54 -19.40
CA ILE B 194 -65.42 -14.94 -18.01
C ILE B 194 -66.63 -14.14 -17.51
N PRO B 195 -67.63 -14.75 -16.84
CA PRO B 195 -68.97 -14.13 -16.68
C PRO B 195 -69.12 -13.01 -15.63
N GLU B 196 -68.42 -11.89 -15.84
CA GLU B 196 -68.40 -10.79 -14.88
C GLU B 196 -68.13 -9.44 -15.55
N ASP B 197 -68.57 -8.44 -14.77
CA ASP B 197 -68.31 -7.02 -14.91
C ASP B 197 -68.94 -6.47 -16.18
N THR B 198 -68.22 -5.61 -16.90
CA THR B 198 -68.78 -4.74 -17.94
C THR B 198 -69.74 -3.78 -17.23
N PHE B 199 -69.33 -3.27 -16.07
CA PHE B 199 -70.12 -2.37 -15.21
C PHE B 199 -69.71 -0.90 -15.48
N PHE B 200 -70.73 -0.12 -15.90
CA PHE B 200 -70.64 1.32 -16.10
C PHE B 200 -71.79 1.97 -15.33
N VAL C 3 63.62 -3.74 7.40
CA VAL C 3 63.51 -3.80 5.90
C VAL C 3 62.46 -2.78 5.49
N ILE C 4 62.85 -1.82 4.64
CA ILE C 4 61.98 -0.71 4.27
C ILE C 4 61.66 -0.88 2.79
N GLN C 5 60.36 -0.84 2.47
CA GLN C 5 59.94 -0.93 1.08
C GLN C 5 59.08 0.26 0.70
N THR C 6 59.23 0.73 -0.55
CA THR C 6 58.42 1.82 -1.07
C THR C 6 58.16 1.56 -2.54
N PRO C 7 57.00 2.03 -3.05
CA PRO C 7 55.96 2.63 -2.22
C PRO C 7 55.14 1.56 -1.52
N ARG C 8 54.31 1.96 -0.56
CA ARG C 8 53.42 1.03 0.12
C ARG C 8 52.30 0.61 -0.84
N HIS C 9 51.81 1.54 -1.65
CA HIS C 9 50.80 1.24 -2.65
C HIS C 9 51.21 1.82 -3.99
N LYS C 10 50.87 1.07 -5.06
CA LYS C 10 51.10 1.53 -6.41
C LYS C 10 49.87 1.17 -7.22
N VAL C 11 49.21 2.20 -7.75
CA VAL C 11 48.20 1.97 -8.79
C VAL C 11 48.80 2.38 -10.15
N THR C 12 48.73 1.45 -11.13
CA THR C 12 49.14 1.71 -12.50
C THR C 12 48.02 1.28 -13.44
N GLY C 13 48.08 1.79 -14.67
CA GLY C 13 47.24 1.30 -15.75
C GLY C 13 47.95 0.22 -16.56
N LYS C 14 47.19 -0.47 -17.43
CA LYS C 14 47.76 -1.51 -18.27
C LYS C 14 48.86 -0.90 -19.13
N GLY C 15 50.05 -1.49 -19.07
CA GLY C 15 51.10 -1.17 -20.02
C GLY C 15 52.09 -0.14 -19.51
N GLN C 16 51.82 0.45 -18.34
CA GLN C 16 52.78 1.37 -17.74
C GLN C 16 53.90 0.57 -17.08
N GLU C 17 55.04 1.25 -16.83
CA GLU C 17 56.16 0.60 -16.18
C GLU C 17 56.07 0.90 -14.69
N ALA C 18 56.49 -0.04 -13.85
CA ALA C 18 56.44 0.18 -12.41
C ALA C 18 57.68 -0.43 -11.77
N THR C 19 58.29 0.35 -10.86
CA THR C 19 59.50 -0.14 -10.22
C THR C 19 59.27 -0.10 -8.70
N LEU C 20 59.75 -1.15 -8.03
CA LEU C 20 59.56 -1.32 -6.60
C LEU C 20 60.91 -1.30 -5.90
N TRP C 21 60.96 -0.57 -4.78
CA TRP C 21 62.18 -0.29 -4.06
C TRP C 21 62.24 -1.05 -2.74
N CYS C 22 63.40 -1.63 -2.44
CA CYS C 22 63.58 -2.29 -1.16
C CYS C 22 64.96 -2.00 -0.58
N GLU C 23 65.00 -1.50 0.66
CA GLU C 23 66.24 -1.32 1.38
C GLU C 23 66.34 -2.41 2.45
N PRO C 24 67.22 -3.42 2.26
CA PRO C 24 67.42 -4.49 3.25
C PRO C 24 67.93 -3.99 4.59
N ILE C 25 68.14 -4.92 5.53
CA ILE C 25 68.82 -4.55 6.75
C ILE C 25 70.31 -4.50 6.41
N SER C 26 70.99 -3.49 6.94
CA SER C 26 72.42 -3.31 6.73
C SER C 26 73.20 -4.48 7.33
N GLY C 27 74.23 -4.92 6.60
CA GLY C 27 74.96 -6.11 6.98
C GLY C 27 74.27 -7.39 6.48
N HIS C 28 73.29 -7.23 5.60
CA HIS C 28 72.67 -8.39 4.97
C HIS C 28 73.46 -8.83 3.75
N SER C 29 73.79 -10.13 3.71
CA SER C 29 74.33 -10.74 2.49
C SER C 29 73.20 -11.13 1.53
N ALA C 30 72.07 -11.59 2.08
CA ALA C 30 71.04 -12.24 1.29
C ALA C 30 69.82 -11.31 1.16
N VAL C 31 69.41 -11.04 -0.08
CA VAL C 31 68.20 -10.27 -0.35
C VAL C 31 67.29 -11.09 -1.25
N PHE C 32 65.99 -11.12 -0.90
CA PHE C 32 65.03 -11.95 -1.61
C PHE C 32 63.82 -11.11 -1.98
N TRP C 33 63.07 -11.62 -2.96
CA TRP C 33 61.79 -11.05 -3.36
C TRP C 33 60.74 -12.15 -3.36
N TYR C 34 59.55 -11.83 -2.83
CA TYR C 34 58.44 -12.77 -2.85
C TYR C 34 57.19 -12.07 -3.38
N ARG C 35 56.33 -12.86 -4.04
CA ARG C 35 55.04 -12.37 -4.47
C ARG C 35 54.00 -12.97 -3.52
N GLN C 36 53.04 -12.16 -3.10
CA GLN C 36 52.01 -12.63 -2.15
C GLN C 36 50.63 -12.36 -2.75
N THR C 37 49.92 -13.46 -3.05
CA THR C 37 48.61 -13.41 -3.68
C THR C 37 47.62 -14.28 -2.93
N ILE C 38 46.34 -14.03 -3.24
CA ILE C 38 45.25 -14.66 -2.51
C ILE C 38 45.27 -16.17 -2.81
N VAL C 39 45.58 -16.52 -4.06
CA VAL C 39 45.53 -17.90 -4.49
C VAL C 39 46.79 -18.65 -4.06
N GLN C 40 47.98 -18.07 -4.31
CA GLN C 40 49.21 -18.85 -4.25
C GLN C 40 50.03 -18.54 -2.99
N GLY C 41 49.60 -17.59 -2.17
CA GLY C 41 50.30 -17.30 -0.93
C GLY C 41 51.70 -16.74 -1.23
N LEU C 42 52.65 -17.04 -0.34
CA LEU C 42 54.00 -16.46 -0.41
C LEU C 42 54.83 -17.27 -1.37
N GLU C 43 55.32 -16.63 -2.44
CA GLU C 43 55.97 -17.31 -3.56
C GLU C 43 57.33 -16.68 -3.81
N PHE C 44 58.39 -17.49 -3.69
CA PHE C 44 59.73 -17.10 -4.05
C PHE C 44 59.76 -16.55 -5.48
N LEU C 45 60.50 -15.47 -5.69
CA LEU C 45 60.72 -14.87 -7.00
C LEU C 45 62.21 -14.93 -7.35
N THR C 46 63.05 -14.29 -6.51
CA THR C 46 64.46 -14.14 -6.83
C THR C 46 65.30 -13.98 -5.57
N TYR C 47 66.61 -14.27 -5.71
CA TYR C 47 67.54 -14.26 -4.59
C TYR C 47 68.88 -13.70 -5.03
N PHE C 48 69.48 -12.87 -4.17
CA PHE C 48 70.79 -12.26 -4.37
C PHE C 48 71.69 -12.58 -3.16
N ARG C 49 72.92 -13.01 -3.41
CA ARG C 49 73.91 -13.23 -2.36
C ARG C 49 75.13 -12.36 -2.69
N ASN C 50 75.38 -11.36 -1.84
CA ASN C 50 76.44 -10.37 -1.99
C ASN C 50 76.35 -9.70 -3.36
N GLN C 51 75.17 -9.14 -3.65
CA GLN C 51 74.89 -8.33 -4.82
C GLN C 51 74.78 -9.18 -6.08
N ALA C 52 74.95 -10.50 -5.95
CA ALA C 52 75.02 -11.38 -7.11
C ALA C 52 73.70 -12.12 -7.33
N PRO C 53 73.04 -11.99 -8.52
CA PRO C 53 71.89 -12.83 -8.89
C PRO C 53 72.25 -14.29 -8.79
N ILE C 54 71.52 -15.06 -7.98
CA ILE C 54 71.79 -16.48 -7.85
C ILE C 54 70.61 -17.31 -8.39
N ASP C 55 69.40 -17.01 -7.94
CA ASP C 55 68.23 -17.80 -8.28
C ASP C 55 67.09 -16.85 -8.63
N ASP C 56 66.59 -16.94 -9.88
CA ASP C 56 65.46 -16.14 -10.32
C ASP C 56 64.38 -17.08 -10.88
N SER C 57 64.33 -18.28 -10.32
CA SER C 57 63.50 -19.35 -10.86
C SER C 57 62.02 -19.02 -10.73
N GLY C 58 61.67 -18.17 -9.74
CA GLY C 58 60.27 -17.88 -9.47
C GLY C 58 59.77 -16.69 -10.29
N MET C 59 60.71 -15.92 -10.86
CA MET C 59 60.35 -14.72 -11.60
C MET C 59 59.60 -15.12 -12.84
N PRO C 60 58.53 -14.35 -13.21
CA PRO C 60 57.81 -14.56 -14.47
C PRO C 60 58.79 -14.50 -15.63
N LYS C 61 58.51 -15.31 -16.66
CA LYS C 61 59.46 -15.52 -17.74
C LYS C 61 59.48 -14.31 -18.69
N GLU C 62 58.63 -13.30 -18.45
CA GLU C 62 58.63 -12.09 -19.24
C GLU C 62 58.33 -10.89 -18.33
N ARG C 63 58.92 -9.72 -18.65
CA ARG C 63 58.53 -8.39 -18.18
C ARG C 63 59.05 -8.09 -16.79
N PHE C 64 59.51 -9.12 -16.06
CA PHE C 64 59.94 -8.96 -14.68
C PHE C 64 61.46 -9.01 -14.58
N SER C 65 62.05 -8.09 -13.82
CA SER C 65 63.48 -8.07 -13.66
C SER C 65 63.84 -7.53 -12.28
N ALA C 66 64.96 -8.02 -11.72
CA ALA C 66 65.40 -7.56 -10.42
C ALA C 66 66.87 -7.18 -10.47
N GLN C 67 67.22 -6.10 -9.77
CA GLN C 67 68.57 -5.58 -9.78
C GLN C 67 68.97 -5.19 -8.36
N MET C 68 70.28 -5.18 -8.13
CA MET C 68 70.83 -4.59 -6.93
C MET C 68 71.91 -3.58 -7.33
N PRO C 69 71.54 -2.28 -7.54
CA PRO C 69 72.50 -1.22 -7.84
C PRO C 69 73.72 -1.22 -6.92
N ASN C 70 73.48 -1.06 -5.62
CA ASN C 70 74.55 -1.20 -4.63
C ASN C 70 74.20 -2.37 -3.72
N GLN C 71 74.88 -2.49 -2.58
CA GLN C 71 74.52 -3.52 -1.61
C GLN C 71 73.69 -2.90 -0.47
N SER C 72 72.98 -1.83 -0.77
CA SER C 72 72.17 -1.11 0.21
C SER C 72 70.71 -1.04 -0.22
N HIS C 73 70.44 -1.34 -1.49
CA HIS C 73 69.07 -1.34 -1.96
C HIS C 73 68.92 -2.36 -3.10
N SER C 74 67.67 -2.71 -3.39
CA SER C 74 67.30 -3.59 -4.50
C SER C 74 66.00 -3.11 -5.15
N THR C 75 65.84 -3.41 -6.44
CA THR C 75 64.68 -2.94 -7.17
C THR C 75 64.04 -4.12 -7.92
N LEU C 76 62.72 -4.06 -8.02
CA LEU C 76 61.97 -4.98 -8.86
C LEU C 76 61.23 -4.15 -9.90
N LYS C 77 61.51 -4.40 -11.17
CA LYS C 77 60.97 -3.57 -12.25
C LYS C 77 60.03 -4.45 -13.05
N ILE C 78 58.80 -3.95 -13.25
CA ILE C 78 57.85 -4.64 -14.12
C ILE C 78 57.62 -3.71 -15.32
N GLN C 79 57.81 -4.28 -16.51
CA GLN C 79 57.56 -3.58 -17.75
C GLN C 79 56.15 -3.93 -18.22
N SER C 80 55.43 -2.93 -18.73
CA SER C 80 54.15 -3.16 -19.36
C SER C 80 53.20 -3.89 -18.40
N THR C 81 52.90 -3.24 -17.27
CA THR C 81 52.09 -3.83 -16.20
C THR C 81 50.78 -4.37 -16.75
N GLN C 82 50.42 -5.58 -16.29
CA GLN C 82 49.20 -6.24 -16.71
C GLN C 82 48.40 -6.58 -15.44
N PRO C 83 47.05 -6.67 -15.50
CA PRO C 83 46.24 -7.02 -14.33
C PRO C 83 46.70 -8.21 -13.49
N GLN C 84 47.27 -9.24 -14.15
CA GLN C 84 47.73 -10.42 -13.44
C GLN C 84 48.96 -10.11 -12.58
N ASP C 85 49.55 -8.92 -12.79
CA ASP C 85 50.73 -8.54 -12.01
C ASP C 85 50.33 -8.10 -10.61
N SER C 86 49.01 -7.83 -10.43
CA SER C 86 48.50 -7.26 -9.19
C SER C 86 48.75 -8.25 -8.06
N ALA C 87 49.46 -7.79 -7.03
CA ALA C 87 49.78 -8.58 -5.85
C ALA C 87 50.48 -7.72 -4.81
N VAL C 88 50.88 -8.35 -3.71
CA VAL C 88 51.75 -7.69 -2.77
C VAL C 88 53.16 -8.26 -3.02
N TYR C 89 54.13 -7.37 -3.13
CA TYR C 89 55.49 -7.76 -3.42
C TYR C 89 56.32 -7.53 -2.18
N LEU C 90 56.63 -8.62 -1.48
CA LEU C 90 57.41 -8.58 -0.27
C LEU C 90 58.89 -8.67 -0.63
N CYS C 91 59.72 -8.06 0.22
CA CYS C 91 61.16 -8.14 0.08
C CYS C 91 61.74 -8.61 1.40
N ALA C 92 62.81 -9.41 1.36
CA ALA C 92 63.33 -9.93 2.62
C ALA C 92 64.85 -9.98 2.59
N SER C 93 65.46 -10.05 3.79
CA SER C 93 66.91 -10.11 3.92
C SER C 93 67.28 -11.02 5.10
N SER C 94 68.47 -11.64 5.02
CA SER C 94 68.93 -12.63 5.96
C SER C 94 70.46 -12.63 5.99
N ARG C 95 71.04 -13.15 7.08
CA ARG C 95 72.48 -13.31 7.23
C ARG C 95 72.81 -14.78 6.98
N GLN C 96 73.57 -15.39 7.89
CA GLN C 96 74.16 -16.70 7.64
C GLN C 96 74.73 -17.30 8.94
N ASN C 99 70.27 -17.28 9.00
CA ASN C 99 69.20 -18.31 9.09
C ASN C 99 67.84 -17.59 9.16
N THR C 100 67.79 -16.63 10.07
CA THR C 100 66.58 -15.83 10.27
C THR C 100 66.34 -14.95 9.04
N LEU C 101 65.09 -14.92 8.58
CA LEU C 101 64.70 -14.10 7.43
C LEU C 101 63.85 -12.92 7.89
N TYR C 102 64.23 -11.68 7.56
CA TYR C 102 63.44 -10.53 7.97
C TYR C 102 62.65 -10.01 6.78
N PHE C 103 61.36 -9.74 6.97
CA PHE C 103 60.51 -9.32 5.85
C PHE C 103 60.22 -7.83 5.88
N GLY C 104 60.06 -7.24 4.70
CA GLY C 104 59.49 -5.91 4.54
C GLY C 104 57.96 -5.99 4.61
N ALA C 105 57.28 -4.83 4.63
CA ALA C 105 55.83 -4.83 4.68
C ALA C 105 55.26 -4.83 3.27
N GLY C 106 56.14 -4.69 2.28
CA GLY C 106 55.82 -4.94 0.87
C GLY C 106 55.16 -3.75 0.17
N THR C 107 55.02 -3.90 -1.16
CA THR C 107 54.33 -2.92 -2.00
C THR C 107 53.11 -3.61 -2.61
N ARG C 108 51.93 -3.01 -2.43
CA ARG C 108 50.72 -3.56 -3.01
C ARG C 108 50.54 -2.93 -4.38
N LEU C 109 50.58 -3.78 -5.41
CA LEU C 109 50.45 -3.28 -6.77
C LEU C 109 49.06 -3.65 -7.27
N SER C 110 48.31 -2.65 -7.75
CA SER C 110 47.07 -2.90 -8.44
C SER C 110 47.14 -2.33 -9.86
N VAL C 111 47.07 -3.24 -10.84
CA VAL C 111 47.09 -2.88 -12.24
C VAL C 111 45.65 -2.94 -12.74
N LEU C 112 45.15 -1.78 -13.18
CA LEU C 112 43.77 -1.63 -13.59
C LEU C 112 43.72 -1.61 -15.11
N GLU C 113 42.60 -2.09 -15.66
CA GLU C 113 42.43 -2.05 -17.10
C GLU C 113 42.40 -0.60 -17.55
N ASP C 114 41.55 0.18 -16.89
CA ASP C 114 41.34 1.56 -17.27
C ASP C 114 41.42 2.44 -16.02
N LEU C 115 42.22 3.52 -16.10
CA LEU C 115 42.31 4.48 -15.01
C LEU C 115 41.16 5.51 -15.06
N LYS C 116 40.10 5.23 -15.82
CA LYS C 116 38.97 6.15 -15.91
C LYS C 116 37.97 5.79 -14.80
N ASN C 117 38.21 4.68 -14.11
CA ASN C 117 37.23 4.20 -13.13
C ASN C 117 37.71 4.49 -11.71
N VAL C 118 38.89 5.13 -11.57
CA VAL C 118 39.45 5.35 -10.25
C VAL C 118 38.79 6.60 -9.66
N PHE C 119 38.18 6.44 -8.48
CA PHE C 119 37.55 7.52 -7.76
C PHE C 119 38.00 7.53 -6.31
N PRO C 120 38.10 8.72 -5.67
CA PRO C 120 38.55 8.81 -4.28
C PRO C 120 37.31 8.68 -3.37
N PRO C 121 37.49 8.37 -2.07
CA PRO C 121 36.36 8.15 -1.19
C PRO C 121 35.74 9.47 -0.78
N GLU C 122 34.42 9.46 -0.55
CA GLU C 122 33.75 10.49 0.19
C GLU C 122 33.64 10.00 1.62
N VAL C 123 34.05 10.85 2.59
CA VAL C 123 34.11 10.42 3.98
C VAL C 123 33.10 11.22 4.78
N ALA C 124 32.42 10.54 5.72
CA ALA C 124 31.49 11.21 6.61
C ALA C 124 31.48 10.48 7.94
N VAL C 125 31.26 11.22 9.03
CA VAL C 125 31.25 10.64 10.37
C VAL C 125 29.88 10.91 10.99
N PHE C 126 29.37 9.94 11.75
CA PHE C 126 28.02 10.00 12.29
C PHE C 126 28.10 9.94 13.81
N GLU C 127 27.31 10.82 14.45
CA GLU C 127 27.42 11.05 15.88
C GLU C 127 26.67 9.95 16.62
N PRO C 128 27.12 9.54 17.84
CA PRO C 128 26.48 8.43 18.56
C PRO C 128 24.98 8.62 18.75
N SER C 129 24.27 7.51 18.96
CA SER C 129 22.83 7.53 19.15
C SER C 129 22.49 7.99 20.57
N GLU C 130 21.44 8.81 20.73
CA GLU C 130 21.01 9.22 22.06
C GLU C 130 20.56 7.98 22.84
N ALA C 131 19.86 7.07 22.12
CA ALA C 131 19.40 5.82 22.71
C ALA C 131 20.57 4.99 23.23
N GLU C 132 21.64 4.88 22.42
CA GLU C 132 22.77 4.03 22.74
C GLU C 132 23.38 4.48 24.07
N ILE C 133 23.50 5.81 24.21
CA ILE C 133 24.16 6.42 25.36
C ILE C 133 23.33 6.09 26.60
N SER C 134 22.02 6.27 26.46
CA SER C 134 21.05 6.05 27.51
C SER C 134 21.09 4.59 27.99
N HIS C 135 21.20 3.64 27.05
CA HIS C 135 21.07 2.21 27.32
C HIS C 135 22.37 1.63 27.86
N THR C 136 23.52 2.05 27.32
CA THR C 136 24.76 1.33 27.56
C THR C 136 25.78 2.20 28.27
N GLN C 137 25.53 3.52 28.31
CA GLN C 137 26.51 4.47 28.85
C GLN C 137 27.78 4.47 28.01
N LYS C 138 27.61 4.17 26.71
CA LYS C 138 28.71 4.16 25.75
C LYS C 138 28.24 4.89 24.49
N ALA C 139 29.20 5.49 23.77
CA ALA C 139 28.92 6.22 22.55
C ALA C 139 29.77 5.66 21.42
N THR C 140 29.10 5.25 20.33
CA THR C 140 29.78 4.71 19.17
C THR C 140 29.67 5.70 18.01
N LEU C 141 30.82 6.22 17.58
CA LEU C 141 30.88 6.99 16.35
C LEU C 141 31.09 6.03 15.19
N VAL C 142 30.56 6.40 14.03
CA VAL C 142 30.70 5.58 12.84
C VAL C 142 31.20 6.45 11.71
N CYS C 143 32.16 5.91 10.95
CA CYS C 143 32.70 6.56 9.78
C CYS C 143 32.39 5.76 8.53
N LEU C 144 32.07 6.45 7.42
CA LEU C 144 31.69 5.83 6.16
C LEU C 144 32.56 6.42 5.04
N ALA C 145 33.40 5.57 4.44
CA ALA C 145 34.11 5.93 3.23
C ALA C 145 33.39 5.27 2.08
N THR C 146 32.82 6.06 1.16
CA THR C 146 32.02 5.48 0.09
C THR C 146 32.53 5.89 -1.28
N GLY C 147 32.37 4.97 -2.25
CA GLY C 147 32.44 5.28 -3.67
C GLY C 147 33.87 5.39 -4.17
N PHE C 148 34.76 4.52 -3.67
CA PHE C 148 36.17 4.65 -4.02
C PHE C 148 36.61 3.40 -4.79
N TYR C 149 37.57 3.60 -5.70
CA TYR C 149 38.14 2.55 -6.52
C TYR C 149 39.54 2.97 -6.92
N PRO C 150 40.56 2.08 -6.83
CA PRO C 150 40.39 0.72 -6.29
C PRO C 150 40.42 0.71 -4.77
N ASP C 151 40.62 -0.48 -4.15
CA ASP C 151 40.45 -0.60 -2.71
C ASP C 151 41.78 -0.52 -1.96
N HIS C 152 42.60 0.46 -2.36
CA HIS C 152 43.71 0.87 -1.52
C HIS C 152 43.27 2.02 -0.63
N VAL C 153 42.63 1.72 0.51
CA VAL C 153 42.37 2.76 1.50
C VAL C 153 42.91 2.34 2.86
N GLU C 154 43.37 3.34 3.63
CA GLU C 154 43.73 3.17 5.04
C GLU C 154 42.91 4.14 5.89
N LEU C 155 42.12 3.59 6.81
CA LEU C 155 41.21 4.39 7.62
C LEU C 155 41.73 4.46 9.05
N SER C 156 41.80 5.69 9.60
CA SER C 156 42.36 5.94 10.92
C SER C 156 41.43 6.85 11.73
N TRP C 157 41.43 6.66 13.07
CA TRP C 157 40.70 7.55 13.94
C TRP C 157 41.63 8.46 14.72
N TRP C 158 41.35 9.76 14.69
CA TRP C 158 42.14 10.74 15.42
C TRP C 158 41.29 11.42 16.48
N VAL C 159 41.74 11.30 17.73
CA VAL C 159 41.04 11.97 18.83
C VAL C 159 41.96 13.02 19.45
N ASN C 160 41.55 14.29 19.30
CA ASN C 160 42.32 15.42 19.79
C ASN C 160 43.74 15.36 19.24
N GLY C 161 43.86 15.13 17.93
CA GLY C 161 45.14 15.36 17.26
C GLY C 161 46.05 14.15 17.34
N LYS C 162 45.75 13.19 18.25
CA LYS C 162 46.53 11.97 18.31
C LYS C 162 45.70 10.81 17.75
N GLU C 163 46.34 9.92 16.98
CA GLU C 163 45.67 8.76 16.41
C GLU C 163 45.39 7.80 17.55
N VAL C 164 44.25 7.10 17.47
CA VAL C 164 43.90 6.14 18.52
C VAL C 164 43.58 4.80 17.88
N HIS C 165 43.71 3.75 18.69
CA HIS C 165 43.41 2.38 18.27
C HIS C 165 42.40 1.72 19.19
N SER C 166 42.64 1.76 20.51
CA SER C 166 41.81 1.04 21.47
C SER C 166 40.37 1.52 21.38
N GLY C 167 39.41 0.61 21.08
CA GLY C 167 38.01 0.99 20.82
C GLY C 167 37.72 1.33 19.35
N VAL C 168 38.64 1.02 18.44
CA VAL C 168 38.38 1.11 17.00
C VAL C 168 38.05 -0.28 16.45
N CYS C 169 37.07 -0.34 15.54
CA CYS C 169 36.76 -1.52 14.77
C CYS C 169 36.53 -1.09 13.32
N THR C 170 37.46 -1.47 12.42
CA THR C 170 37.25 -1.23 10.99
C THR C 170 36.95 -2.54 10.27
N ASP C 171 35.96 -2.47 9.36
CA ASP C 171 35.62 -3.60 8.51
C ASP C 171 36.89 -4.18 7.91
N PRO C 172 37.13 -5.52 8.02
CA PRO C 172 38.33 -6.12 7.44
C PRO C 172 38.33 -6.12 5.92
N GLN C 173 37.14 -6.07 5.30
CA GLN C 173 37.07 -6.00 3.85
C GLN C 173 35.99 -4.99 3.46
N PRO C 174 36.18 -4.24 2.36
CA PRO C 174 35.18 -3.25 1.95
C PRO C 174 34.05 -3.95 1.20
N LEU C 175 32.90 -3.28 1.04
CA LEU C 175 31.79 -3.86 0.28
C LEU C 175 31.62 -3.13 -1.04
N LYS C 176 31.21 -3.89 -2.07
CA LYS C 176 30.96 -3.39 -3.41
C LYS C 176 29.64 -2.64 -3.40
N GLU C 177 29.64 -1.41 -3.90
CA GLU C 177 28.44 -0.58 -3.90
C GLU C 177 27.45 -1.15 -4.92
N GLN C 178 27.99 -1.67 -6.05
CA GLN C 178 27.16 -2.28 -7.07
C GLN C 178 27.69 -3.69 -7.35
N PRO C 179 27.38 -4.69 -6.49
CA PRO C 179 28.10 -5.99 -6.50
C PRO C 179 27.82 -6.93 -7.67
N ALA C 180 26.86 -6.54 -8.51
CA ALA C 180 26.56 -7.20 -9.76
C ALA C 180 27.70 -6.99 -10.74
N LEU C 181 28.24 -5.75 -10.79
CA LEU C 181 29.28 -5.40 -11.74
C LEU C 181 30.63 -5.85 -11.19
N ASN C 182 31.59 -6.20 -12.08
CA ASN C 182 32.88 -6.71 -11.63
C ASN C 182 33.77 -5.56 -11.24
N ASP C 183 33.71 -4.49 -12.05
CA ASP C 183 34.37 -3.22 -11.79
C ASP C 183 33.36 -2.33 -11.05
N SER C 184 33.39 -2.39 -9.72
CA SER C 184 32.46 -1.69 -8.85
C SER C 184 33.25 -0.91 -7.81
N ARG C 185 32.73 0.28 -7.45
CA ARG C 185 33.25 1.12 -6.38
C ARG C 185 32.99 0.45 -5.03
N TYR C 186 33.74 0.87 -4.01
CA TYR C 186 33.70 0.25 -2.71
C TYR C 186 33.23 1.22 -1.63
N ALA C 187 32.74 0.66 -0.52
CA ALA C 187 32.52 1.42 0.70
C ALA C 187 33.24 0.68 1.84
N LEU C 188 33.67 1.44 2.84
CA LEU C 188 34.22 0.87 4.04
C LEU C 188 33.61 1.61 5.23
N SER C 189 33.35 0.88 6.32
CA SER C 189 32.87 1.51 7.54
C SER C 189 33.82 1.19 8.68
N SER C 190 33.83 2.08 9.68
CA SER C 190 34.61 1.89 10.89
C SER C 190 33.85 2.44 12.09
N ARG C 191 34.16 1.91 13.29
CA ARG C 191 33.47 2.38 14.49
C ARG C 191 34.51 2.75 15.54
N LEU C 192 34.23 3.86 16.24
CA LEU C 192 35.00 4.28 17.40
C LEU C 192 34.07 4.37 18.59
N ARG C 193 34.34 3.55 19.61
CA ARG C 193 33.49 3.45 20.80
C ARG C 193 34.21 4.05 22.00
N VAL C 194 33.61 5.11 22.57
CA VAL C 194 34.13 5.85 23.70
C VAL C 194 33.06 5.88 24.79
N SER C 195 33.49 6.26 26.01
CA SER C 195 32.55 6.38 27.12
C SER C 195 31.55 7.49 26.83
N ALA C 196 30.33 7.41 27.39
CA ALA C 196 29.34 8.45 27.12
C ALA C 196 29.86 9.79 27.65
N THR C 197 30.56 9.72 28.79
CA THR C 197 31.17 10.87 29.42
C THR C 197 32.17 11.52 28.45
N PHE C 198 32.99 10.69 27.79
CA PHE C 198 34.02 11.23 26.91
C PHE C 198 33.38 11.95 25.73
N TRP C 199 32.28 11.39 25.19
CA TRP C 199 31.65 12.00 24.05
C TRP C 199 30.95 13.30 24.46
N GLN C 200 30.50 13.36 25.72
CA GLN C 200 29.71 14.48 26.21
C GLN C 200 30.56 15.72 26.46
N ASN C 201 31.88 15.58 26.36
CA ASN C 201 32.80 16.67 26.61
C ASN C 201 33.02 17.43 25.30
N PRO C 202 32.54 18.69 25.16
CA PRO C 202 32.56 19.40 23.88
C PRO C 202 33.91 19.97 23.46
N ARG C 203 34.94 19.60 24.23
CA ARG C 203 36.30 20.01 23.93
C ARG C 203 37.03 18.88 23.22
N ASN C 204 36.40 17.69 23.18
CA ASN C 204 36.95 16.52 22.53
C ASN C 204 36.65 16.57 21.03
N HIS C 205 37.71 16.37 20.23
CA HIS C 205 37.65 16.48 18.78
C HIS C 205 37.90 15.11 18.16
N PHE C 206 36.95 14.66 17.34
CA PHE C 206 37.04 13.35 16.70
C PHE C 206 37.19 13.56 15.20
N ARG C 207 38.15 12.84 14.60
CA ARG C 207 38.34 12.92 13.18
C ARG C 207 38.62 11.54 12.59
N CYS C 208 37.84 11.22 11.57
CA CYS C 208 37.98 10.01 10.80
C CYS C 208 38.75 10.37 9.53
N GLN C 209 39.84 9.62 9.26
CA GLN C 209 40.70 10.00 8.17
C GLN C 209 40.95 8.79 7.27
N VAL C 210 40.79 8.99 5.95
CA VAL C 210 40.95 7.90 4.98
C VAL C 210 42.02 8.23 3.97
N GLN C 211 43.13 7.47 3.98
CA GLN C 211 44.21 7.67 3.02
C GLN C 211 43.86 6.86 1.78
N PHE C 212 43.67 7.57 0.65
CA PHE C 212 43.32 6.89 -0.59
C PHE C 212 44.53 6.92 -1.52
N TYR C 213 44.73 5.83 -2.26
CA TYR C 213 45.82 5.72 -3.23
C TYR C 213 45.21 5.61 -4.62
N GLY C 214 45.62 6.53 -5.51
CA GLY C 214 45.17 6.60 -6.87
C GLY C 214 46.28 7.05 -7.80
N LEU C 215 45.96 8.01 -8.70
CA LEU C 215 46.90 8.50 -9.70
C LEU C 215 47.99 9.31 -9.00
N SER C 216 49.20 9.29 -9.60
CA SER C 216 50.26 10.21 -9.22
C SER C 216 50.15 11.43 -10.13
N GLU C 217 50.89 12.50 -9.80
CA GLU C 217 50.81 13.74 -10.54
C GLU C 217 51.44 13.55 -11.92
N ASN C 218 52.19 12.45 -12.10
CA ASN C 218 52.85 12.13 -13.36
C ASN C 218 51.80 11.75 -14.41
N ASP C 219 50.71 11.11 -13.97
CA ASP C 219 49.70 10.54 -14.88
C ASP C 219 48.87 11.63 -15.53
N GLU C 220 48.29 11.30 -16.69
CA GLU C 220 47.44 12.21 -17.46
C GLU C 220 46.02 12.07 -16.97
N TRP C 221 45.21 13.12 -17.05
CA TRP C 221 43.76 13.02 -16.87
C TRP C 221 43.04 13.93 -17.87
N THR C 222 42.38 13.31 -18.85
CA THR C 222 41.65 14.04 -19.89
C THR C 222 40.27 14.47 -19.40
N GLN C 223 39.54 13.53 -18.76
CA GLN C 223 38.13 13.67 -18.42
C GLN C 223 37.88 14.85 -17.46
N ASP C 224 36.63 15.33 -17.44
CA ASP C 224 36.30 16.71 -17.06
C ASP C 224 35.96 16.81 -15.57
N ARG C 225 36.15 15.72 -14.80
CA ARG C 225 36.06 15.77 -13.35
C ARG C 225 37.46 15.99 -12.77
N ALA C 226 37.55 16.06 -11.45
CA ALA C 226 38.84 16.31 -10.82
C ALA C 226 39.65 15.01 -10.80
N LYS C 227 40.97 15.14 -11.01
CA LYS C 227 41.80 13.95 -11.15
C LYS C 227 41.91 13.26 -9.79
N PRO C 228 41.65 11.95 -9.71
CA PRO C 228 41.68 11.23 -8.44
C PRO C 228 43.08 10.86 -7.99
N VAL C 229 43.87 11.87 -7.58
CA VAL C 229 45.21 11.62 -7.09
C VAL C 229 45.13 10.92 -5.73
N THR C 230 46.21 10.26 -5.34
CA THR C 230 46.44 9.87 -3.96
C THR C 230 46.23 11.07 -3.06
N GLN C 231 45.36 10.93 -2.05
CA GLN C 231 45.04 12.03 -1.16
C GLN C 231 44.46 11.48 0.14
N ILE C 232 44.40 12.35 1.17
CA ILE C 232 43.74 12.04 2.43
C ILE C 232 42.35 12.69 2.40
N VAL C 233 41.30 11.98 2.84
CA VAL C 233 39.95 12.54 2.91
C VAL C 233 39.43 12.29 4.33
N SER C 234 38.97 13.37 4.99
CA SER C 234 38.69 13.35 6.43
C SER C 234 37.30 13.88 6.72
N ALA C 235 36.79 13.54 7.92
CA ALA C 235 35.54 14.08 8.42
C ALA C 235 35.60 14.13 9.95
N GLU C 236 35.03 15.19 10.56
CA GLU C 236 35.26 15.44 11.97
C GLU C 236 33.92 15.52 12.70
N ALA C 237 33.98 15.31 14.02
CA ALA C 237 32.87 15.64 14.89
C ALA C 237 33.44 16.14 16.22
N TRP C 238 32.67 17.03 16.89
CA TRP C 238 33.03 17.47 18.23
C TRP C 238 32.07 16.86 19.25
N GLY C 239 32.61 16.59 20.45
CA GLY C 239 31.80 16.14 21.58
C GLY C 239 30.63 17.10 21.84
N ARG C 240 29.59 16.56 22.46
CA ARG C 240 28.31 17.26 22.56
C ARG C 240 27.71 16.94 23.92
N ALA C 241 27.35 18.03 24.63
CA ALA C 241 27.00 18.01 26.03
C ALA C 241 25.61 17.42 26.25
N ASP C 242 24.67 17.74 25.34
CA ASP C 242 23.41 17.02 25.20
C ASP C 242 22.66 17.52 23.96
N GLY D 2 58.00 -31.95 -6.98
CA GLY D 2 58.85 -30.78 -6.66
C GLY D 2 59.06 -30.70 -5.16
N GLU D 3 60.16 -30.07 -4.76
CA GLU D 3 60.48 -29.86 -3.35
C GLU D 3 59.69 -28.68 -2.82
N GLN D 4 58.59 -28.95 -2.11
CA GLN D 4 57.62 -27.95 -1.69
C GLN D 4 57.09 -28.25 -0.30
N VAL D 5 56.33 -27.31 0.27
CA VAL D 5 55.82 -27.44 1.64
C VAL D 5 54.30 -27.30 1.62
N GLU D 6 53.61 -28.25 2.26
CA GLU D 6 52.15 -28.30 2.23
C GLU D 6 51.65 -27.92 3.62
N GLN D 7 50.76 -26.91 3.66
CA GLN D 7 50.26 -26.40 4.91
C GLN D 7 48.72 -26.52 4.95
N LEU D 8 48.22 -27.12 6.03
CA LEU D 8 46.80 -27.40 6.16
C LEU D 8 46.33 -27.07 7.57
N PRO D 9 45.14 -26.46 7.73
CA PRO D 9 44.30 -26.02 6.61
C PRO D 9 44.55 -24.60 6.13
N SER D 10 43.86 -24.22 5.04
CA SER D 10 43.97 -22.87 4.51
C SER D 10 43.25 -21.83 5.37
N ILE D 11 42.09 -22.23 5.91
CA ILE D 11 41.25 -21.39 6.76
C ILE D 11 40.90 -22.24 7.99
N LEU D 12 41.03 -21.62 9.17
CA LEU D 12 40.91 -22.32 10.44
C LEU D 12 40.09 -21.45 11.38
N ARG D 13 38.79 -21.77 11.51
CA ARG D 13 37.90 -21.14 12.46
C ARG D 13 37.95 -21.92 13.77
N VAL D 14 38.42 -21.26 14.83
CA VAL D 14 38.44 -21.83 16.17
C VAL D 14 37.63 -20.92 17.09
N GLN D 15 37.00 -21.51 18.11
CA GLN D 15 36.27 -20.74 19.10
C GLN D 15 37.25 -20.26 20.17
N GLU D 16 37.03 -19.03 20.67
CA GLU D 16 37.87 -18.46 21.70
C GLU D 16 38.05 -19.49 22.79
N GLY D 17 39.28 -19.62 23.29
CA GLY D 17 39.53 -20.48 24.44
C GLY D 17 39.95 -21.89 24.02
N SER D 18 39.51 -22.32 22.82
CA SER D 18 39.90 -23.61 22.26
C SER D 18 41.28 -23.50 21.63
N SER D 19 41.95 -24.64 21.44
CA SER D 19 43.28 -24.62 20.83
C SER D 19 43.17 -24.77 19.31
N ALA D 20 44.23 -24.35 18.60
CA ALA D 20 44.29 -24.42 17.15
C ALA D 20 45.65 -25.02 16.77
N SER D 21 45.64 -25.88 15.74
CA SER D 21 46.85 -26.52 15.26
C SER D 21 46.91 -26.34 13.74
N ILE D 22 48.12 -26.07 13.25
CA ILE D 22 48.37 -26.02 11.83
C ILE D 22 49.41 -27.10 11.54
N ASN D 23 49.15 -27.90 10.48
CA ASN D 23 50.09 -28.93 10.09
C ASN D 23 50.74 -28.59 8.75
N CYS D 24 52.05 -28.87 8.69
CA CYS D 24 52.84 -28.74 7.48
C CYS D 24 53.64 -30.02 7.26
N SER D 25 53.95 -30.29 5.99
CA SER D 25 54.83 -31.37 5.61
C SER D 25 55.76 -30.90 4.48
N TYR D 26 56.97 -31.44 4.46
CA TYR D 26 57.99 -30.99 3.52
C TYR D 26 58.58 -32.20 2.78
N GLU D 27 59.06 -31.94 1.56
CA GLU D 27 59.54 -32.93 0.63
C GLU D 27 60.90 -32.35 0.36
N ASP D 28 61.92 -32.71 1.17
CA ASP D 28 63.30 -32.45 0.82
C ASP D 28 64.16 -33.46 1.59
N SER D 29 63.86 -33.66 2.90
CA SER D 29 64.78 -34.33 3.83
C SER D 29 66.15 -33.66 3.74
N ALA D 30 66.83 -33.44 4.87
CA ALA D 30 68.00 -32.58 4.93
C ALA D 30 67.64 -31.09 5.03
N SER D 31 66.35 -30.73 4.98
CA SER D 31 65.89 -29.47 5.56
C SER D 31 66.20 -29.46 7.08
N ASN D 32 66.65 -28.31 7.59
CA ASN D 32 67.22 -28.27 8.93
C ASN D 32 66.67 -27.08 9.71
N TYR D 33 65.89 -26.23 9.06
CA TYR D 33 65.29 -25.11 9.79
C TYR D 33 63.83 -24.94 9.38
N PHE D 34 62.96 -24.74 10.37
CA PHE D 34 61.53 -24.67 10.14
C PHE D 34 60.97 -23.50 10.93
N PRO D 35 60.86 -22.30 10.29
CA PRO D 35 60.32 -21.13 10.96
C PRO D 35 58.82 -20.96 10.72
N TRP D 36 58.17 -20.20 11.60
CA TRP D 36 56.76 -19.91 11.50
C TRP D 36 56.55 -18.42 11.57
N TYR D 37 55.70 -17.88 10.70
CA TYR D 37 55.52 -16.45 10.58
C TYR D 37 54.05 -16.10 10.80
N LYS D 38 53.82 -15.02 11.57
CA LYS D 38 52.49 -14.48 11.76
C LYS D 38 52.41 -13.19 10.97
N GLN D 39 51.26 -12.95 10.33
CA GLN D 39 51.13 -11.76 9.51
C GLN D 39 49.78 -11.10 9.74
N GLU D 40 49.82 -9.90 10.34
CA GLU D 40 48.60 -9.15 10.58
C GLU D 40 48.31 -8.31 9.33
N PRO D 41 47.02 -8.09 9.00
CA PRO D 41 46.64 -7.43 7.75
C PRO D 41 47.35 -6.09 7.62
N GLY D 42 47.97 -5.86 6.47
CA GLY D 42 48.64 -4.60 6.20
C GLY D 42 50.12 -4.67 6.56
N GLU D 43 50.46 -5.56 7.51
CA GLU D 43 51.81 -5.54 8.06
C GLU D 43 52.70 -6.55 7.33
N ASN D 44 53.92 -6.71 7.85
CA ASN D 44 54.90 -7.63 7.33
C ASN D 44 54.82 -8.93 8.13
N PRO D 45 55.12 -10.11 7.52
CA PRO D 45 55.23 -11.34 8.29
C PRO D 45 56.30 -11.16 9.35
N LYS D 46 56.06 -11.74 10.54
CA LYS D 46 57.00 -11.62 11.64
C LYS D 46 57.24 -13.01 12.20
N LEU D 47 58.51 -13.37 12.39
CA LEU D 47 58.89 -14.67 12.92
C LEU D 47 58.28 -14.79 14.31
N ILE D 48 57.65 -15.94 14.64
CA ILE D 48 57.00 -16.14 15.92
C ILE D 48 57.66 -17.28 16.70
N ILE D 49 58.16 -18.30 15.98
CA ILE D 49 58.76 -19.49 16.59
C ILE D 49 59.43 -20.28 15.49
N ASP D 50 60.47 -21.04 15.84
CA ASP D 50 61.17 -21.83 14.86
C ASP D 50 61.70 -23.09 15.55
N ILE D 51 62.05 -24.10 14.75
CA ILE D 51 62.63 -25.33 15.28
C ILE D 51 63.66 -25.86 14.28
N ARG D 52 64.74 -26.46 14.81
CA ARG D 52 65.85 -26.95 14.03
C ARG D 52 65.85 -28.48 14.05
N SER D 53 66.56 -29.08 13.09
CA SER D 53 66.55 -30.52 12.84
C SER D 53 67.13 -31.24 14.05
N ASN D 54 67.60 -30.48 15.04
CA ASN D 54 68.27 -31.04 16.20
C ASN D 54 67.27 -31.53 17.25
N MET D 55 65.99 -31.12 17.12
CA MET D 55 65.00 -31.25 18.18
C MET D 55 63.63 -31.55 17.61
N GLU D 56 62.66 -31.92 18.46
CA GLU D 56 61.27 -32.13 18.06
C GLU D 56 60.35 -31.03 18.63
N LYS D 58 59.58 -27.36 20.65
CA LYS D 58 59.93 -26.18 21.49
C LYS D 58 58.64 -25.54 22.01
N GLN D 59 58.66 -25.09 23.26
CA GLN D 59 57.58 -24.26 23.79
C GLN D 59 58.16 -22.95 24.32
N THR D 60 57.80 -21.83 23.65
CA THR D 60 58.00 -20.50 24.21
C THR D 60 56.91 -19.56 23.70
N GLN D 61 56.61 -18.51 24.47
CA GLN D 61 55.94 -17.36 23.91
C GLN D 61 54.54 -17.76 23.45
N GLY D 62 53.87 -18.56 24.28
CA GLY D 62 52.50 -18.96 24.03
C GLY D 62 52.37 -19.94 22.87
N LEU D 63 53.49 -20.54 22.45
CA LEU D 63 53.54 -21.35 21.23
C LEU D 63 54.19 -22.71 21.50
N ILE D 64 53.65 -23.77 20.86
CA ILE D 64 54.34 -25.03 20.72
C ILE D 64 54.58 -25.34 19.23
N VAL D 65 55.79 -25.83 18.91
CA VAL D 65 56.06 -26.39 17.58
C VAL D 65 56.63 -27.80 17.72
N LEU D 66 56.16 -28.71 16.86
CA LEU D 66 56.70 -30.07 16.81
C LEU D 66 57.41 -30.28 15.48
N LEU D 67 58.37 -31.21 15.45
CA LEU D 67 59.02 -31.64 14.23
C LEU D 67 59.24 -33.16 14.27
N ASP D 68 58.76 -33.87 13.24
CA ASP D 68 59.04 -35.27 13.05
C ASP D 68 59.82 -35.44 11.74
N LYS D 69 61.16 -35.56 11.88
CA LYS D 69 62.05 -35.61 10.74
C LYS D 69 61.72 -36.84 9.91
N LYS D 70 61.46 -37.98 10.60
CA LYS D 70 61.18 -39.24 9.93
C LYS D 70 59.93 -39.11 9.06
N ALA D 71 58.86 -38.54 9.63
CA ALA D 71 57.58 -38.36 8.94
C ALA D 71 57.63 -37.20 7.96
N LYS D 72 58.65 -36.34 8.08
CA LYS D 72 58.76 -35.11 7.29
C LYS D 72 57.51 -34.25 7.51
N ARG D 73 57.02 -34.19 8.76
CA ARG D 73 55.91 -33.32 9.13
C ARG D 73 56.28 -32.48 10.35
N PHE D 74 55.81 -31.23 10.37
CA PHE D 74 55.98 -30.36 11.52
C PHE D 74 54.73 -29.50 11.67
N SER D 75 54.48 -29.03 12.91
CA SER D 75 53.22 -28.41 13.23
C SER D 75 53.41 -27.27 14.24
N LEU D 76 52.42 -26.37 14.25
CA LEU D 76 52.33 -25.28 15.23
C LEU D 76 51.04 -25.47 16.03
N HIS D 77 51.10 -25.17 17.34
CA HIS D 77 49.96 -25.38 18.23
C HIS D 77 49.80 -24.21 19.18
N ILE D 78 48.63 -23.57 19.13
CA ILE D 78 48.34 -22.41 19.94
C ILE D 78 47.21 -22.81 20.88
N THR D 79 47.49 -22.95 22.18
CA THR D 79 46.42 -23.24 23.14
C THR D 79 45.72 -21.96 23.63
N ASP D 80 44.45 -22.08 24.03
CA ASP D 80 43.66 -20.99 24.60
C ASP D 80 43.66 -19.77 23.68
N THR D 81 43.17 -19.96 22.45
CA THR D 81 43.20 -18.90 21.46
C THR D 81 42.42 -17.70 21.99
N GLN D 82 42.90 -16.50 21.62
CA GLN D 82 42.15 -15.28 21.85
C GLN D 82 42.11 -14.48 20.56
N PRO D 83 41.12 -13.57 20.37
CA PRO D 83 40.95 -12.88 19.10
C PRO D 83 42.22 -12.20 18.59
N GLY D 84 43.19 -12.00 19.47
CA GLY D 84 44.43 -11.37 19.03
C GLY D 84 45.18 -12.30 18.10
N ASP D 85 44.94 -13.60 18.27
CA ASP D 85 45.67 -14.61 17.51
C ASP D 85 45.16 -14.62 16.07
N SER D 86 43.97 -14.03 15.85
CA SER D 86 43.42 -13.95 14.50
C SER D 86 44.43 -13.27 13.59
N ALA D 87 45.03 -14.08 12.72
CA ALA D 87 45.98 -13.58 11.72
C ALA D 87 46.24 -14.65 10.67
N MET D 88 47.12 -14.34 9.72
CA MET D 88 47.60 -15.26 8.72
C MET D 88 48.92 -15.84 9.23
N TYR D 89 49.00 -17.18 9.29
CA TYR D 89 50.23 -17.86 9.65
C TYR D 89 50.84 -18.59 8.45
N PHE D 90 52.18 -18.72 8.47
CA PHE D 90 52.93 -19.34 7.39
C PHE D 90 54.03 -20.20 7.99
N CYS D 91 54.21 -21.41 7.43
CA CYS D 91 55.33 -22.26 7.82
C CYS D 91 56.30 -22.31 6.64
N ALA D 92 57.54 -22.74 6.93
CA ALA D 92 58.52 -22.85 5.88
C ALA D 92 59.51 -23.97 6.24
N ALA D 93 60.25 -24.43 5.21
CA ALA D 93 61.32 -25.40 5.40
C ALA D 93 62.60 -24.90 4.73
N SER D 94 63.68 -24.93 5.52
CA SER D 94 64.84 -24.10 5.30
C SER D 94 66.05 -25.01 5.22
N VAL D 95 66.57 -25.01 3.99
CA VAL D 95 67.69 -25.86 3.56
C VAL D 95 68.74 -24.90 3.00
N ARG D 96 69.99 -25.35 2.82
CA ARG D 96 71.08 -24.49 2.37
C ARG D 96 71.27 -23.31 3.35
N ASN D 97 71.44 -22.12 2.80
CA ASN D 97 71.24 -20.86 3.54
C ASN D 97 70.29 -19.93 2.77
N TYR D 98 69.77 -20.41 1.63
CA TYR D 98 68.95 -19.65 0.71
C TYR D 98 67.62 -20.34 0.42
N LYS D 99 67.54 -21.66 0.66
CA LYS D 99 66.32 -22.41 0.50
C LYS D 99 65.30 -22.15 1.64
N TYR D 100 64.56 -21.06 1.47
CA TYR D 100 63.39 -20.83 2.32
C TYR D 100 62.15 -21.14 1.47
N VAL D 101 61.54 -22.32 1.66
CA VAL D 101 60.36 -22.73 0.93
C VAL D 101 59.18 -22.58 1.87
N PHE D 102 58.18 -21.78 1.46
CA PHE D 102 57.07 -21.45 2.35
C PHE D 102 55.79 -22.19 1.94
N GLY D 103 54.96 -22.53 2.95
CA GLY D 103 53.60 -22.95 2.65
C GLY D 103 52.79 -21.80 2.03
N ALA D 104 51.59 -22.06 1.51
CA ALA D 104 50.64 -20.96 1.39
C ALA D 104 50.18 -20.83 2.83
N GLY D 105 49.35 -19.81 3.19
CA GLY D 105 49.18 -19.58 4.64
C GLY D 105 48.11 -20.48 5.30
N THR D 106 47.82 -20.16 6.54
CA THR D 106 46.56 -20.46 7.21
C THR D 106 46.00 -19.14 7.71
N ARG D 107 44.80 -18.79 7.30
CA ARG D 107 44.08 -17.67 7.87
C ARG D 107 43.33 -18.19 9.10
N LEU D 108 43.78 -17.78 10.29
CA LEU D 108 43.21 -18.19 11.56
C LEU D 108 42.16 -17.17 11.99
N LYS D 109 40.90 -17.61 12.15
CA LYS D 109 39.86 -16.73 12.70
C LYS D 109 39.46 -17.25 14.08
N VAL D 110 39.65 -16.44 15.13
CA VAL D 110 39.21 -16.82 16.47
C VAL D 110 37.87 -16.16 16.77
N ILE D 111 36.81 -16.97 16.92
CA ILE D 111 35.46 -16.47 17.18
C ILE D 111 35.32 -16.21 18.67
N ALA D 112 34.75 -15.06 19.06
CA ALA D 112 34.86 -14.58 20.43
C ALA D 112 33.58 -14.89 21.20
N ASP D 113 33.69 -15.18 22.51
CA ASP D 113 32.51 -15.40 23.36
C ASP D 113 32.09 -14.08 23.99
N ILE D 114 31.11 -13.43 23.37
CA ILE D 114 30.36 -12.33 23.97
C ILE D 114 29.77 -12.79 25.30
N GLN D 115 30.22 -12.15 26.39
CA GLN D 115 29.95 -12.60 27.76
C GLN D 115 28.55 -12.18 28.20
N ASN D 116 28.29 -10.87 28.10
CA ASN D 116 26.99 -10.29 28.40
C ASN D 116 26.49 -9.59 27.13
N PRO D 117 25.82 -10.35 26.24
CA PRO D 117 25.25 -9.78 25.02
C PRO D 117 24.24 -8.71 25.38
N ASP D 118 24.05 -7.74 24.51
CA ASP D 118 23.02 -6.72 24.68
C ASP D 118 22.50 -6.31 23.30
N PRO D 119 21.89 -7.25 22.54
CA PRO D 119 21.53 -6.99 21.14
C PRO D 119 20.65 -5.75 21.04
N ALA D 120 21.03 -4.81 20.18
CA ALA D 120 20.26 -3.59 19.97
C ALA D 120 20.55 -3.01 18.60
N VAL D 121 19.60 -2.24 18.06
CA VAL D 121 19.81 -1.54 16.79
C VAL D 121 19.52 -0.06 17.00
N TYR D 122 20.53 0.79 16.83
CA TYR D 122 20.43 2.21 17.11
C TYR D 122 20.57 3.00 15.81
N GLN D 123 20.08 4.24 15.85
CA GLN D 123 20.18 5.17 14.72
C GLN D 123 21.16 6.29 15.06
N LEU D 124 22.18 6.44 14.22
CA LEU D 124 23.17 7.49 14.40
C LEU D 124 22.76 8.79 13.70
N ARG D 125 22.97 9.90 14.42
CA ARG D 125 22.33 11.16 14.04
C ARG D 125 22.81 11.55 12.67
N ASP D 126 21.90 12.12 11.85
CA ASP D 126 22.24 12.46 10.45
C ASP D 126 23.38 13.50 10.45
N SER D 127 24.37 13.40 9.52
CA SER D 127 25.47 14.34 9.57
C SER D 127 25.10 15.49 8.64
N LYS D 128 25.60 16.70 8.92
CA LYS D 128 25.20 17.90 8.22
C LYS D 128 25.62 17.79 6.75
N SER D 129 26.50 16.82 6.47
CA SER D 129 27.14 16.69 5.15
C SER D 129 27.02 15.28 4.57
N SER D 130 25.87 14.61 4.81
CA SER D 130 25.57 13.32 4.19
C SER D 130 24.07 13.06 4.08
N ASP D 131 23.68 12.44 2.96
CA ASP D 131 22.33 12.11 2.53
C ASP D 131 21.90 10.75 3.06
N LYS D 132 22.36 10.38 4.26
CA LYS D 132 22.18 9.03 4.78
C LYS D 132 21.85 9.12 6.29
N SER D 133 21.08 8.13 6.76
CA SER D 133 21.11 7.72 8.16
C SER D 133 21.89 6.41 8.28
N VAL D 134 22.73 6.32 9.31
CA VAL D 134 23.41 5.08 9.58
C VAL D 134 22.61 4.36 10.66
N CYS D 135 22.45 3.04 10.50
CA CYS D 135 21.92 2.21 11.57
C CYS D 135 23.01 1.29 12.08
N LEU D 136 23.01 1.07 13.38
CA LEU D 136 24.05 0.27 13.98
C LEU D 136 23.44 -0.91 14.74
N PHE D 137 23.82 -2.11 14.33
CA PHE D 137 23.42 -3.31 15.03
C PHE D 137 24.63 -3.74 15.86
N THR D 138 24.45 -3.80 17.18
CA THR D 138 25.61 -3.92 18.05
C THR D 138 25.30 -4.79 19.27
N ASP D 139 26.38 -5.24 19.91
CA ASP D 139 26.39 -5.99 21.16
C ASP D 139 25.65 -7.31 21.02
N PHE D 140 25.56 -7.86 19.79
CA PHE D 140 24.92 -9.14 19.59
C PHE D 140 25.94 -10.26 19.76
N ASP D 141 25.47 -11.50 19.93
CA ASP D 141 26.30 -12.65 20.22
C ASP D 141 26.97 -13.16 18.93
N SER D 142 27.96 -14.05 19.09
CA SER D 142 28.81 -14.52 18.01
C SER D 142 27.98 -15.27 16.96
N GLN D 143 27.07 -16.14 17.45
CA GLN D 143 26.37 -17.09 16.60
C GLN D 143 25.45 -16.37 15.60
N THR D 144 24.83 -15.26 16.04
CA THR D 144 24.05 -14.42 15.14
C THR D 144 24.92 -14.06 13.94
N ASN D 145 24.32 -14.15 12.76
CA ASN D 145 24.95 -13.78 11.51
C ASN D 145 24.11 -12.69 10.86
N VAL D 146 24.76 -11.86 10.04
CA VAL D 146 24.14 -10.74 9.37
C VAL D 146 24.07 -11.07 7.88
N SER D 147 22.86 -10.95 7.33
CA SER D 147 22.68 -11.09 5.88
C SER D 147 23.12 -9.84 5.13
N GLN D 148 22.47 -9.44 4.04
CA GLN D 148 22.95 -8.37 3.20
C GLN D 148 21.81 -7.81 2.34
N SER D 149 21.95 -6.61 1.77
CA SER D 149 21.57 -6.36 0.37
C SER D 149 20.23 -6.92 -0.13
N LYS D 150 19.21 -7.06 0.72
CA LYS D 150 17.95 -7.51 0.13
C LYS D 150 17.40 -6.38 -0.74
N ASP D 151 17.71 -5.13 -0.35
CA ASP D 151 17.39 -3.99 -1.18
C ASP D 151 18.67 -3.47 -1.81
N SER D 152 18.67 -3.34 -3.14
CA SER D 152 19.69 -2.53 -3.78
C SER D 152 19.49 -1.09 -3.31
N ASP D 153 20.59 -0.36 -3.16
CA ASP D 153 20.54 1.00 -2.64
C ASP D 153 20.44 1.01 -1.11
N VAL D 154 20.39 -0.18 -0.48
CA VAL D 154 20.63 -0.36 0.95
C VAL D 154 21.88 -1.22 1.15
N TYR D 155 22.83 -0.74 1.96
CA TYR D 155 24.12 -1.37 2.16
C TYR D 155 24.22 -1.84 3.60
N ILE D 156 24.74 -3.05 3.81
CA ILE D 156 24.96 -3.57 5.15
C ILE D 156 26.37 -4.17 5.21
N THR D 157 27.13 -3.80 6.24
CA THR D 157 28.49 -4.29 6.36
C THR D 157 28.39 -5.63 7.07
N ASP D 158 29.48 -6.38 7.08
CA ASP D 158 29.55 -7.60 7.86
C ASP D 158 29.84 -7.21 9.31
N LYS D 159 29.70 -8.19 10.22
CA LYS D 159 30.01 -8.00 11.63
C LYS D 159 31.51 -7.75 11.80
N CYS D 160 31.85 -7.02 12.88
CA CYS D 160 33.18 -6.54 13.20
C CYS D 160 33.35 -6.79 14.69
N VAL D 161 34.40 -7.56 15.06
CA VAL D 161 34.60 -7.94 16.46
C VAL D 161 35.64 -7.01 17.09
N LEU D 162 35.28 -6.31 18.19
CA LEU D 162 36.28 -5.53 18.93
C LEU D 162 36.63 -6.20 20.24
N ASP D 163 37.92 -6.22 20.59
CA ASP D 163 38.37 -6.79 21.85
C ASP D 163 39.30 -5.80 22.52
N MET D 164 38.85 -5.18 23.61
CA MET D 164 39.58 -4.17 24.34
C MET D 164 40.70 -4.78 25.18
N ARG D 165 41.83 -4.07 25.24
CA ARG D 165 42.97 -4.42 26.07
C ARG D 165 42.67 -4.09 27.53
N SER D 166 41.90 -3.01 27.75
CA SER D 166 41.63 -2.46 29.07
C SER D 166 40.71 -3.39 29.87
N MET D 167 39.57 -3.77 29.29
CA MET D 167 38.54 -4.55 29.99
C MET D 167 38.38 -5.90 29.29
N ASP D 168 37.68 -6.83 29.97
CA ASP D 168 37.48 -8.18 29.44
C ASP D 168 36.17 -8.21 28.65
N PHE D 169 35.91 -7.19 27.83
CA PHE D 169 34.68 -7.06 27.08
C PHE D 169 34.96 -7.11 25.58
N LYS D 170 34.27 -8.02 24.85
CA LYS D 170 34.24 -8.04 23.40
C LYS D 170 32.87 -7.52 22.91
N SER D 171 32.78 -6.90 21.72
CA SER D 171 31.48 -6.61 21.12
C SER D 171 31.48 -6.73 19.59
N ASN D 172 30.35 -7.20 19.04
CA ASN D 172 30.11 -7.27 17.60
C ASN D 172 29.29 -6.07 17.13
N SER D 173 29.50 -5.64 15.89
CA SER D 173 28.73 -4.52 15.36
C SER D 173 28.64 -4.66 13.85
N ALA D 174 27.53 -4.17 13.30
CA ALA D 174 27.43 -4.06 11.86
C ALA D 174 26.67 -2.79 11.52
N VAL D 175 26.97 -2.22 10.35
CA VAL D 175 26.49 -0.89 10.02
C VAL D 175 25.66 -1.02 8.75
N ALA D 176 24.58 -0.24 8.68
CA ALA D 176 23.69 -0.32 7.52
C ALA D 176 23.20 1.08 7.19
N TRP D 177 23.12 1.40 5.90
CA TRP D 177 22.79 2.74 5.49
C TRP D 177 22.13 2.76 4.11
N SER D 178 21.46 3.87 3.78
CA SER D 178 20.70 3.95 2.55
C SER D 178 20.31 5.41 2.27
N ASN D 179 20.14 5.72 0.98
CA ASN D 179 19.82 7.08 0.56
C ASN D 179 18.32 7.26 0.45
N LYS D 180 17.59 6.13 0.31
CA LYS D 180 16.15 6.12 0.11
C LYS D 180 15.42 6.79 1.28
N SER D 181 14.22 7.33 0.98
CA SER D 181 13.34 7.95 1.96
C SER D 181 12.64 6.91 2.82
N ASP D 182 12.42 5.73 2.23
CA ASP D 182 11.63 4.67 2.83
C ASP D 182 12.52 3.73 3.67
N PHE D 183 13.57 4.29 4.28
CA PHE D 183 14.53 3.51 5.04
C PHE D 183 14.49 3.89 6.52
N ALA D 184 14.46 2.88 7.39
CA ALA D 184 14.48 3.04 8.84
C ALA D 184 15.10 1.82 9.49
N CYS D 185 15.44 1.97 10.79
CA CYS D 185 16.17 0.97 11.56
C CYS D 185 15.28 -0.24 11.84
N ALA D 186 13.97 -0.01 11.82
CA ALA D 186 13.04 -1.05 12.24
C ALA D 186 13.28 -2.31 11.41
N ASN D 187 13.28 -2.13 10.09
CA ASN D 187 13.45 -3.22 9.16
C ASN D 187 14.60 -2.83 8.23
N ALA D 188 15.80 -2.86 8.79
CA ALA D 188 17.04 -2.69 8.03
C ALA D 188 17.82 -3.99 8.05
N PHE D 189 17.88 -4.63 9.23
CA PHE D 189 18.60 -5.87 9.41
C PHE D 189 17.58 -7.01 9.40
N ASN D 190 16.42 -6.80 8.76
CA ASN D 190 15.24 -7.63 8.98
C ASN D 190 15.46 -9.02 8.40
N ASN D 191 16.25 -9.08 7.33
CA ASN D 191 16.55 -10.26 6.56
C ASN D 191 17.70 -11.03 7.22
N SER D 192 17.82 -10.88 8.54
CA SER D 192 18.82 -11.60 9.32
C SER D 192 18.15 -12.17 10.56
N ILE D 193 18.86 -13.12 11.22
CA ILE D 193 18.40 -13.72 12.46
C ILE D 193 18.82 -12.88 13.68
N ILE D 194 18.15 -11.74 13.86
CA ILE D 194 18.38 -10.83 14.97
C ILE D 194 18.02 -11.59 16.25
N PRO D 195 18.85 -11.50 17.33
CA PRO D 195 18.64 -12.20 18.59
C PRO D 195 17.38 -11.99 19.44
N GLU D 196 17.59 -11.68 20.73
CA GLU D 196 16.53 -11.59 21.73
C GLU D 196 15.84 -10.21 21.70
N ASP D 197 16.48 -9.20 21.07
CA ASP D 197 16.02 -7.84 21.11
C ASP D 197 16.25 -7.13 19.78
N THR D 198 15.29 -6.27 19.40
CA THR D 198 15.37 -5.41 18.23
C THR D 198 15.07 -3.96 18.67
N PHE D 199 15.67 -3.54 19.80
CA PHE D 199 15.44 -2.27 20.47
C PHE D 199 15.21 -1.09 19.54
N PHE D 200 14.42 -0.13 20.04
CA PHE D 200 14.25 1.18 19.40
C PHE D 200 15.10 2.24 20.13
N VAL E 3 -61.50 42.61 27.16
CA VAL E 3 -62.13 41.26 27.34
C VAL E 3 -61.42 40.55 28.49
N ILE E 4 -62.18 40.15 29.52
CA ILE E 4 -61.57 39.66 30.74
C ILE E 4 -61.98 38.20 30.90
N GLN E 5 -61.00 37.31 31.10
CA GLN E 5 -61.34 35.91 31.37
C GLN E 5 -60.71 35.45 32.69
N THR E 6 -61.43 34.57 33.39
CA THR E 6 -60.93 33.97 34.61
C THR E 6 -61.43 32.54 34.69
N PRO E 7 -60.67 31.62 35.33
CA PRO E 7 -59.34 31.96 35.82
C PRO E 7 -58.32 31.89 34.66
N ARG E 8 -57.10 32.38 34.92
CA ARG E 8 -56.07 32.29 33.90
C ARG E 8 -55.61 30.85 33.75
N HIS E 9 -55.51 30.13 34.88
CA HIS E 9 -55.21 28.72 34.81
C HIS E 9 -56.19 27.90 35.66
N LYS E 10 -56.48 26.68 35.19
CA LYS E 10 -57.31 25.75 35.92
C LYS E 10 -56.68 24.36 35.82
N VAL E 11 -56.32 23.79 36.98
CA VAL E 11 -55.95 22.38 37.04
C VAL E 11 -57.11 21.58 37.66
N THR E 12 -57.55 20.51 36.97
CA THR E 12 -58.60 19.62 37.45
C THR E 12 -58.14 18.18 37.29
N GLY E 13 -58.80 17.25 38.00
CA GLY E 13 -58.58 15.83 37.83
C GLY E 13 -59.64 15.22 36.92
N LYS E 14 -59.43 13.99 36.45
CA LYS E 14 -60.34 13.34 35.52
C LYS E 14 -61.71 13.25 36.20
N GLY E 15 -62.74 13.77 35.53
CA GLY E 15 -64.10 13.61 35.99
C GLY E 15 -64.58 14.79 36.84
N GLN E 16 -63.69 15.74 37.17
CA GLN E 16 -64.09 16.95 37.87
C GLN E 16 -64.83 17.87 36.89
N GLU E 17 -65.54 18.87 37.41
CA GLU E 17 -66.19 19.88 36.60
C GLU E 17 -65.24 21.06 36.48
N ALA E 18 -65.32 21.76 35.36
CA ALA E 18 -64.65 23.04 35.28
C ALA E 18 -65.56 24.05 34.59
N THR E 19 -65.61 25.26 35.15
CA THR E 19 -66.35 26.33 34.52
C THR E 19 -65.38 27.48 34.22
N LEU E 20 -65.57 28.07 33.03
CA LEU E 20 -64.72 29.14 32.55
C LEU E 20 -65.56 30.39 32.38
N TRP E 21 -65.02 31.53 32.84
CA TRP E 21 -65.78 32.78 32.94
C TRP E 21 -65.23 33.82 31.98
N CYS E 22 -66.12 34.51 31.27
CA CYS E 22 -65.67 35.51 30.31
C CYS E 22 -66.57 36.75 30.37
N GLU E 23 -65.95 37.92 30.54
CA GLU E 23 -66.68 39.18 30.44
C GLU E 23 -66.31 39.85 29.12
N PRO E 24 -67.22 39.86 28.11
CA PRO E 24 -66.95 40.54 26.83
C PRO E 24 -66.79 42.04 26.97
N ILE E 25 -66.52 42.72 25.86
CA ILE E 25 -66.51 44.17 25.86
C ILE E 25 -67.97 44.58 25.86
N SER E 26 -68.24 45.62 26.67
CA SER E 26 -69.60 46.13 26.85
C SER E 26 -70.06 46.78 25.55
N GLY E 27 -71.33 46.55 25.23
CA GLY E 27 -71.87 47.04 23.97
C GLY E 27 -71.72 46.04 22.84
N HIS E 28 -71.01 44.93 23.11
CA HIS E 28 -70.75 43.96 22.07
C HIS E 28 -71.87 42.93 21.98
N SER E 29 -72.41 42.81 20.77
CA SER E 29 -73.55 41.97 20.46
C SER E 29 -73.08 40.53 20.19
N ALA E 30 -71.86 40.37 19.64
CA ALA E 30 -71.34 39.06 19.28
C ALA E 30 -70.32 38.58 20.31
N VAL E 31 -70.55 37.37 20.84
CA VAL E 31 -69.61 36.75 21.77
C VAL E 31 -69.24 35.37 21.25
N PHE E 32 -67.95 35.04 21.32
CA PHE E 32 -67.43 33.81 20.72
C PHE E 32 -66.59 33.06 21.75
N TRP E 33 -66.40 31.77 21.48
CA TRP E 33 -65.46 30.92 22.20
C TRP E 33 -64.57 30.22 21.19
N TYR E 34 -63.27 30.16 21.47
CA TYR E 34 -62.33 29.41 20.66
C TYR E 34 -61.48 28.48 21.53
N ARG E 35 -61.08 27.37 20.94
CA ARG E 35 -60.17 26.44 21.60
C ARG E 35 -58.82 26.61 20.92
N GLN E 36 -57.76 26.64 21.73
CA GLN E 36 -56.42 26.83 21.20
C GLN E 36 -55.52 25.69 21.64
N THR E 37 -55.08 24.90 20.65
CA THR E 37 -54.30 23.70 20.86
C THR E 37 -53.14 23.65 19.87
N ILE E 38 -52.26 22.67 20.11
CA ILE E 38 -51.03 22.56 19.35
C ILE E 38 -51.35 22.16 17.91
N VAL E 39 -52.36 21.30 17.76
CA VAL E 39 -52.70 20.77 16.44
C VAL E 39 -53.54 21.77 15.65
N GLN E 40 -54.59 22.33 16.29
CA GLN E 40 -55.59 23.03 15.51
C GLN E 40 -55.47 24.54 15.61
N GLY E 41 -54.57 25.04 16.46
CA GLY E 41 -54.40 26.49 16.60
C GLY E 41 -55.68 27.11 17.14
N LEU E 42 -56.18 28.25 16.58
CA LEU E 42 -57.50 28.77 16.88
C LEU E 42 -58.58 27.98 16.18
N GLU E 43 -59.49 27.44 17.00
CA GLU E 43 -60.63 26.68 16.51
C GLU E 43 -61.91 27.30 17.07
N PHE E 44 -62.78 27.74 16.16
CA PHE E 44 -64.11 28.19 16.52
C PHE E 44 -64.82 27.09 17.31
N LEU E 45 -65.53 27.51 18.36
CA LEU E 45 -66.34 26.60 19.16
C LEU E 45 -67.81 27.00 19.05
N THR E 46 -68.12 28.27 19.45
CA THR E 46 -69.49 28.71 19.52
C THR E 46 -69.62 30.21 19.35
N TYR E 47 -70.84 30.65 18.98
CA TYR E 47 -71.12 32.04 18.70
C TYR E 47 -72.50 32.38 19.26
N PHE E 48 -72.61 33.56 19.87
CA PHE E 48 -73.84 34.11 20.42
C PHE E 48 -74.08 35.48 19.81
N ARG E 49 -75.32 35.74 19.39
CA ARG E 49 -75.76 37.08 19.03
C ARG E 49 -76.87 37.50 20.00
N ASN E 50 -76.57 38.49 20.84
CA ASN E 50 -77.46 38.95 21.90
C ASN E 50 -77.92 37.79 22.79
N GLN E 51 -76.96 37.04 23.32
CA GLN E 51 -77.19 35.99 24.31
C GLN E 51 -77.79 34.74 23.65
N ALA E 52 -78.03 34.78 22.33
CA ALA E 52 -78.72 33.71 21.65
C ALA E 52 -77.76 32.78 20.91
N PRO E 53 -77.72 31.46 21.25
CA PRO E 53 -76.85 30.49 20.57
C PRO E 53 -77.19 30.49 19.09
N ILE E 54 -76.20 30.76 18.24
CA ILE E 54 -76.43 30.77 16.80
C ILE E 54 -75.63 29.64 16.12
N ASP E 55 -74.33 29.57 16.40
CA ASP E 55 -73.52 28.49 15.84
C ASP E 55 -72.69 27.84 16.96
N ASP E 56 -72.87 26.53 17.17
CA ASP E 56 -72.10 25.79 18.16
C ASP E 56 -71.44 24.59 17.49
N SER E 57 -71.13 24.76 16.19
CA SER E 57 -70.68 23.67 15.36
C SER E 57 -69.33 23.13 15.82
N GLY E 58 -68.53 23.98 16.47
CA GLY E 58 -67.17 23.59 16.84
C GLY E 58 -67.13 22.92 18.22
N MET E 59 -68.22 23.07 18.98
CA MET E 59 -68.25 22.54 20.33
C MET E 59 -68.29 21.01 20.26
N PRO E 60 -67.58 20.32 21.17
CA PRO E 60 -67.69 18.86 21.31
C PRO E 60 -69.15 18.48 21.54
N LYS E 61 -69.59 17.33 20.99
CA LYS E 61 -71.01 17.02 21.02
C LYS E 61 -71.47 16.55 22.42
N GLU E 62 -70.52 16.38 23.33
CA GLU E 62 -70.80 15.91 24.68
C GLU E 62 -69.90 16.64 25.69
N ARG E 63 -70.47 16.88 26.86
CA ARG E 63 -69.81 17.37 28.08
C ARG E 63 -69.55 18.88 28.05
N PHE E 64 -69.64 19.49 26.86
CA PHE E 64 -69.29 20.90 26.73
C PHE E 64 -70.57 21.72 26.52
N SER E 65 -70.63 22.86 27.20
CA SER E 65 -71.77 23.74 27.03
C SER E 65 -71.31 25.18 27.22
N ALA E 66 -71.95 26.09 26.49
CA ALA E 66 -71.73 27.52 26.69
C ALA E 66 -73.08 28.21 26.92
N GLN E 67 -73.06 29.19 27.82
CA GLN E 67 -74.24 29.95 28.15
C GLN E 67 -73.89 31.42 28.25
N MET E 68 -74.91 32.27 28.10
CA MET E 68 -74.77 33.68 28.42
C MET E 68 -75.87 34.09 29.39
N PRO E 69 -75.64 33.98 30.73
CA PRO E 69 -76.60 34.40 31.75
C PRO E 69 -77.22 35.77 31.49
N ASN E 70 -76.38 36.79 31.44
CA ASN E 70 -76.80 38.14 31.06
C ASN E 70 -76.04 38.52 29.79
N GLN E 71 -76.10 39.79 29.42
CA GLN E 71 -75.40 40.24 28.22
C GLN E 71 -74.09 40.93 28.60
N SER E 72 -73.58 40.64 29.80
CA SER E 72 -72.30 41.18 30.25
C SER E 72 -71.34 40.07 30.67
N HIS E 73 -71.77 38.82 30.52
CA HIS E 73 -70.89 37.72 30.91
C HIS E 73 -71.25 36.47 30.10
N SER E 74 -70.31 35.51 29.99
CA SER E 74 -70.54 34.23 29.35
C SER E 74 -69.73 33.15 30.06
N THR E 75 -70.21 31.91 29.99
CA THR E 75 -69.54 30.82 30.70
C THR E 75 -69.38 29.63 29.77
N LEU E 76 -68.27 28.92 29.96
CA LEU E 76 -68.09 27.62 29.36
C LEU E 76 -68.00 26.59 30.47
N LYS E 77 -68.90 25.60 30.45
CA LYS E 77 -68.88 24.55 31.45
C LYS E 77 -68.44 23.26 30.80
N ILE E 78 -67.44 22.61 31.39
CA ILE E 78 -67.08 21.27 30.97
C ILE E 78 -67.40 20.32 32.12
N GLN E 79 -68.18 19.30 31.80
CA GLN E 79 -68.56 18.28 32.75
C GLN E 79 -67.60 17.10 32.58
N SER E 80 -67.19 16.51 33.71
CA SER E 80 -66.43 15.28 33.69
C SER E 80 -65.17 15.47 32.85
N THR E 81 -64.30 16.39 33.29
CA THR E 81 -63.11 16.78 32.54
C THR E 81 -62.27 15.55 32.23
N GLN E 82 -61.78 15.51 30.99
CA GLN E 82 -60.93 14.44 30.51
C GLN E 82 -59.62 15.03 30.00
N PRO E 83 -58.49 14.28 30.06
CA PRO E 83 -57.22 14.80 29.56
C PRO E 83 -57.22 15.48 28.20
N GLN E 84 -58.05 14.97 27.28
CA GLN E 84 -58.10 15.55 25.94
C GLN E 84 -58.74 16.94 25.96
N ASP E 85 -59.33 17.33 27.09
CA ASP E 85 -59.98 18.63 27.20
C ASP E 85 -58.92 19.72 27.37
N SER E 86 -57.68 19.29 27.71
CA SER E 86 -56.61 20.21 28.08
C SER E 86 -56.29 21.08 26.86
N ALA E 87 -56.36 22.41 27.06
CA ALA E 87 -56.14 23.39 26.01
C ALA E 87 -56.29 24.78 26.60
N VAL E 88 -56.10 25.79 25.73
CA VAL E 88 -56.40 27.15 26.12
C VAL E 88 -57.74 27.52 25.51
N TYR E 89 -58.63 28.09 26.35
CA TYR E 89 -59.96 28.44 25.90
C TYR E 89 -60.05 29.96 25.83
N LEU E 90 -59.98 30.48 24.61
CA LEU E 90 -60.08 31.92 24.36
C LEU E 90 -61.55 32.31 24.24
N CYS E 91 -61.86 33.54 24.61
CA CYS E 91 -63.20 34.10 24.48
C CYS E 91 -63.08 35.44 23.74
N ALA E 92 -64.06 35.76 22.90
CA ALA E 92 -63.90 36.94 22.06
C ALA E 92 -65.24 37.65 21.90
N SER E 93 -65.16 38.92 21.49
CA SER E 93 -66.35 39.72 21.21
C SER E 93 -66.09 40.65 20.02
N SER E 94 -67.17 41.03 19.32
CA SER E 94 -67.08 42.05 18.28
C SER E 94 -68.37 42.83 18.27
N ARG E 95 -68.23 44.15 18.04
CA ARG E 95 -69.36 45.07 17.95
C ARG E 95 -70.02 44.95 16.57
N GLN E 96 -71.28 45.38 16.50
CA GLN E 96 -71.95 45.46 15.20
C GLN E 96 -71.29 46.59 14.41
N GLY E 97 -71.17 46.43 13.08
CA GLY E 97 -70.64 47.48 12.22
C GLY E 97 -69.12 47.53 12.27
N GLN E 98 -68.55 47.42 13.47
CA GLN E 98 -67.13 47.15 13.60
C GLN E 98 -66.84 45.73 13.09
N ASN E 99 -65.76 45.60 12.33
CA ASN E 99 -65.34 44.30 11.85
C ASN E 99 -64.44 43.62 12.87
N THR E 100 -63.80 44.38 13.74
CA THR E 100 -62.69 43.88 14.54
C THR E 100 -63.23 42.90 15.59
N LEU E 101 -62.49 41.79 15.77
CA LEU E 101 -62.75 40.84 16.83
C LEU E 101 -61.75 41.00 17.98
N TYR E 102 -62.23 41.14 19.22
CA TYR E 102 -61.30 41.32 20.33
C TYR E 102 -61.22 40.01 21.13
N PHE E 103 -59.99 39.59 21.45
CA PHE E 103 -59.83 38.34 22.17
C PHE E 103 -59.47 38.59 23.63
N GLY E 104 -59.93 37.67 24.49
CA GLY E 104 -59.47 37.57 25.87
C GLY E 104 -58.12 36.83 25.90
N ALA E 105 -57.48 36.78 27.08
CA ALA E 105 -56.19 36.14 27.20
C ALA E 105 -56.36 34.66 27.50
N GLY E 106 -57.62 34.25 27.76
CA GLY E 106 -58.03 32.85 27.82
C GLY E 106 -57.75 32.16 29.14
N THR E 107 -58.29 30.94 29.29
CA THR E 107 -58.09 30.09 30.46
C THR E 107 -57.36 28.83 29.99
N ARG E 108 -56.23 28.52 30.61
CA ARG E 108 -55.49 27.32 30.27
C ARG E 108 -55.99 26.20 31.17
N LEU E 109 -56.56 25.16 30.56
CA LEU E 109 -57.08 24.06 31.35
C LEU E 109 -56.13 22.88 31.20
N SER E 110 -55.69 22.33 32.33
CA SER E 110 -54.94 21.08 32.32
C SER E 110 -55.67 20.04 33.15
N VAL E 111 -56.11 18.98 32.46
CA VAL E 111 -56.81 17.87 33.09
C VAL E 111 -55.81 16.73 33.24
N LEU E 112 -55.56 16.34 34.49
CA LEU E 112 -54.59 15.31 34.83
C LEU E 112 -55.35 14.02 35.13
N GLU E 113 -54.71 12.86 34.98
CA GLU E 113 -55.36 11.61 35.36
C GLU E 113 -55.57 11.60 36.86
N ASP E 114 -54.51 11.91 37.60
CA ASP E 114 -54.51 11.81 39.05
C ASP E 114 -53.92 13.10 39.63
N LEU E 115 -54.59 13.67 40.63
CA LEU E 115 -54.12 14.85 41.33
C LEU E 115 -53.08 14.50 42.41
N LYS E 116 -52.54 13.28 42.39
CA LYS E 116 -51.54 12.90 43.36
C LYS E 116 -50.14 13.31 42.86
N ASN E 117 -50.07 13.77 41.60
CA ASN E 117 -48.76 14.03 41.00
C ASN E 117 -48.49 15.53 40.94
N VAL E 118 -49.46 16.35 41.41
CA VAL E 118 -49.28 17.79 41.32
C VAL E 118 -48.42 18.26 42.48
N PHE E 119 -47.29 18.93 42.14
CA PHE E 119 -46.38 19.48 43.13
C PHE E 119 -46.05 20.93 42.79
N PRO E 120 -45.80 21.78 43.80
CA PRO E 120 -45.47 23.19 43.57
C PRO E 120 -43.97 23.31 43.40
N PRO E 121 -43.46 24.43 42.84
CA PRO E 121 -42.03 24.54 42.57
C PRO E 121 -41.29 24.87 43.86
N GLU E 122 -40.04 24.42 43.94
CA GLU E 122 -39.08 24.99 44.87
C GLU E 122 -38.27 26.02 44.11
N VAL E 123 -38.13 27.22 44.69
CA VAL E 123 -37.47 28.30 43.99
C VAL E 123 -36.18 28.66 44.71
N ALA E 124 -35.12 28.96 43.95
CA ALA E 124 -33.85 29.38 44.54
C ALA E 124 -33.16 30.31 43.56
N VAL E 125 -32.43 31.31 44.09
CA VAL E 125 -31.75 32.29 43.25
C VAL E 125 -30.25 32.20 43.53
N PHE E 126 -29.45 32.34 42.47
CA PHE E 126 -28.01 32.15 42.57
C PHE E 126 -27.29 33.44 42.17
N GLU E 127 -26.31 33.83 42.97
CA GLU E 127 -25.66 35.13 42.86
C GLU E 127 -24.63 35.09 41.74
N PRO E 128 -24.40 36.21 41.03
CA PRO E 128 -23.54 36.23 39.84
C PRO E 128 -22.15 35.66 40.09
N SER E 129 -21.48 35.22 39.03
CA SER E 129 -20.13 34.69 39.10
C SER E 129 -19.10 35.81 39.26
N GLU E 130 -18.10 35.60 40.12
CA GLU E 130 -17.03 36.59 40.26
C GLU E 130 -16.27 36.73 38.94
N ALA E 131 -16.09 35.60 38.25
CA ALA E 131 -15.43 35.56 36.96
C ALA E 131 -16.19 36.41 35.95
N GLU E 132 -17.52 36.24 35.91
CA GLU E 132 -18.35 36.91 34.92
C GLU E 132 -18.19 38.42 35.04
N ILE E 133 -18.18 38.89 36.30
CA ILE E 133 -18.14 40.31 36.61
C ILE E 133 -16.82 40.86 36.11
N SER E 134 -15.75 40.12 36.42
CA SER E 134 -14.39 40.49 36.05
C SER E 134 -14.23 40.60 34.53
N HIS E 135 -14.82 39.65 33.79
CA HIS E 135 -14.63 39.52 32.36
C HIS E 135 -15.49 40.50 31.57
N THR E 136 -16.75 40.70 32.00
CA THR E 136 -17.72 41.37 31.14
C THR E 136 -18.21 42.66 31.77
N GLN E 137 -17.92 42.84 33.06
CA GLN E 137 -18.46 43.99 33.81
C GLN E 137 -19.98 43.91 33.89
N LYS E 138 -20.51 42.68 33.86
CA LYS E 138 -21.93 42.41 33.95
C LYS E 138 -22.14 41.28 34.95
N ALA E 139 -23.30 41.29 35.62
CA ALA E 139 -23.64 40.30 36.62
C ALA E 139 -24.97 39.65 36.24
N THR E 140 -24.96 38.31 36.12
CA THR E 140 -26.15 37.57 35.78
C THR E 140 -26.60 36.75 36.99
N LEU E 141 -27.80 37.08 37.48
CA LEU E 141 -28.44 36.26 38.49
C LEU E 141 -29.23 35.18 37.75
N VAL E 142 -29.33 34.00 38.40
CA VAL E 142 -30.09 32.90 37.84
C VAL E 142 -31.08 32.41 38.89
N CYS E 143 -32.31 32.16 38.42
CA CYS E 143 -33.35 31.60 39.25
C CYS E 143 -33.74 30.20 38.74
N LEU E 144 -34.00 29.29 39.68
CA LEU E 144 -34.38 27.91 39.38
C LEU E 144 -35.69 27.55 40.06
N ALA E 145 -36.72 27.28 39.26
CA ALA E 145 -37.93 26.68 39.76
C ALA E 145 -37.86 25.19 39.43
N THR E 146 -37.82 24.32 40.45
CA THR E 146 -37.68 22.91 40.17
C THR E 146 -38.82 22.10 40.80
N GLY E 147 -39.18 21.02 40.11
CA GLY E 147 -39.95 19.93 40.68
C GLY E 147 -41.43 20.24 40.75
N PHE E 148 -41.96 20.89 39.71
CA PHE E 148 -43.34 21.31 39.73
C PHE E 148 -44.11 20.58 38.63
N TYR E 149 -45.40 20.33 38.90
CA TYR E 149 -46.31 19.68 37.97
C TYR E 149 -47.73 20.12 38.31
N PRO E 150 -48.57 20.48 37.31
CA PRO E 150 -48.16 20.57 35.91
C PRO E 150 -47.42 21.88 35.59
N ASP E 151 -47.28 22.23 34.30
CA ASP E 151 -46.38 23.31 33.93
C ASP E 151 -47.10 24.65 33.74
N HIS E 152 -48.01 24.95 34.67
CA HIS E 152 -48.59 26.27 34.77
C HIS E 152 -47.76 27.07 35.78
N VAL E 153 -46.64 27.65 35.33
CA VAL E 153 -45.92 28.60 36.19
C VAL E 153 -45.71 29.91 35.45
N GLU E 154 -45.74 31.02 36.20
CA GLU E 154 -45.36 32.33 35.71
C GLU E 154 -44.20 32.88 36.58
N LEU E 155 -43.06 33.15 35.93
CA LEU E 155 -41.87 33.56 36.65
C LEU E 155 -41.61 35.05 36.38
N SER E 156 -41.37 35.83 37.45
CA SER E 156 -41.16 37.26 37.38
C SER E 156 -39.96 37.68 38.20
N TRP E 157 -39.26 38.74 37.74
CA TRP E 157 -38.16 39.30 38.52
C TRP E 157 -38.56 40.63 39.14
N TRP E 158 -38.31 40.77 40.45
CA TRP E 158 -38.60 41.99 41.16
C TRP E 158 -37.30 42.59 41.69
N VAL E 159 -37.02 43.83 41.26
CA VAL E 159 -35.86 44.56 41.73
C VAL E 159 -36.30 45.79 42.53
N ASN E 160 -36.01 45.77 43.83
CA ASN E 160 -36.41 46.85 44.73
C ASN E 160 -37.91 47.10 44.61
N GLY E 161 -38.70 46.02 44.70
CA GLY E 161 -40.13 46.19 44.89
C GLY E 161 -40.88 46.37 43.58
N LYS E 162 -40.16 46.69 42.49
CA LYS E 162 -40.80 46.86 41.20
C LYS E 162 -40.42 45.69 40.30
N GLU E 163 -41.41 45.17 39.56
CA GLU E 163 -41.16 44.09 38.62
C GLU E 163 -40.36 44.68 37.47
N VAL E 164 -39.44 43.89 36.90
CA VAL E 164 -38.60 44.36 35.81
C VAL E 164 -38.68 43.35 34.67
N HIS E 165 -38.39 43.84 33.46
CA HIS E 165 -38.39 43.01 32.27
C HIS E 165 -37.07 43.12 31.52
N SER E 166 -36.62 44.34 31.21
CA SER E 166 -35.42 44.56 30.42
C SER E 166 -34.20 43.91 31.10
N GLY E 167 -33.52 42.99 30.40
CA GLY E 167 -32.45 42.19 30.99
C GLY E 167 -32.92 40.87 31.63
N VAL E 168 -34.17 40.48 31.42
CA VAL E 168 -34.68 39.18 31.85
C VAL E 168 -34.70 38.24 30.65
N CYS E 169 -34.33 36.98 30.89
CA CYS E 169 -34.48 35.90 29.93
C CYS E 169 -35.01 34.68 30.67
N THR E 170 -36.28 34.29 30.39
CA THR E 170 -36.82 33.06 30.94
C THR E 170 -36.97 32.00 29.85
N ASP E 171 -36.58 30.76 30.21
CA ASP E 171 -36.73 29.62 29.34
C ASP E 171 -38.12 29.60 28.74
N PRO E 172 -38.26 29.48 27.40
CA PRO E 172 -39.59 29.48 26.78
C PRO E 172 -40.40 28.23 27.08
N GLN E 173 -39.72 27.14 27.41
CA GLN E 173 -40.35 25.88 27.75
C GLN E 173 -39.52 25.27 28.90
N PRO E 174 -40.16 24.58 29.87
CA PRO E 174 -39.45 23.99 30.98
C PRO E 174 -38.82 22.67 30.55
N LEU E 175 -37.90 22.11 31.34
CA LEU E 175 -37.39 20.77 31.08
C LEU E 175 -37.96 19.76 32.06
N LYS E 176 -38.20 18.54 31.54
CA LYS E 176 -38.64 17.37 32.31
C LYS E 176 -37.47 16.90 33.17
N GLU E 177 -37.68 16.79 34.47
CA GLU E 177 -36.59 16.42 35.37
C GLU E 177 -36.27 14.94 35.16
N GLN E 178 -37.31 14.13 34.90
CA GLN E 178 -37.14 12.72 34.61
C GLN E 178 -37.82 12.42 33.27
N PRO E 179 -37.19 12.71 32.10
CA PRO E 179 -37.86 12.64 30.80
C PRO E 179 -38.22 11.25 30.27
N ALA E 180 -37.77 10.22 31.00
CA ALA E 180 -38.16 8.84 30.77
C ALA E 180 -39.65 8.65 31.11
N LEU E 181 -40.09 9.24 32.21
CA LEU E 181 -41.45 9.08 32.72
C LEU E 181 -42.39 10.01 31.96
N ASN E 182 -43.67 9.60 31.80
CA ASN E 182 -44.61 10.36 31.02
C ASN E 182 -45.17 11.49 31.87
N ASP E 183 -45.46 11.16 33.13
CA ASP E 183 -45.87 12.12 34.13
C ASP E 183 -44.62 12.48 34.92
N SER E 184 -43.92 13.54 34.46
CA SER E 184 -42.66 13.99 35.04
C SER E 184 -42.78 15.45 35.43
N ARG E 185 -42.13 15.76 36.57
CA ARG E 185 -42.04 17.10 37.11
C ARG E 185 -41.13 17.93 36.20
N TYR E 186 -41.27 19.26 36.32
CA TYR E 186 -40.59 20.20 35.45
C TYR E 186 -39.62 21.08 36.25
N ALA E 187 -38.63 21.62 35.53
CA ALA E 187 -37.81 22.71 36.04
C ALA E 187 -37.85 23.84 35.02
N LEU E 188 -37.72 25.08 35.52
CA LEU E 188 -37.58 26.22 34.65
C LEU E 188 -36.49 27.10 35.23
N SER E 189 -35.70 27.70 34.34
CA SER E 189 -34.67 28.65 34.75
C SER E 189 -34.95 30.00 34.11
N SER E 190 -34.45 31.05 34.77
CA SER E 190 -34.54 32.41 34.27
C SER E 190 -33.26 33.16 34.63
N ARG E 191 -32.92 34.18 33.82
CA ARG E 191 -31.73 34.94 34.11
C ARG E 191 -32.05 36.42 34.14
N LEU E 192 -31.45 37.12 35.11
CA LEU E 192 -31.52 38.56 35.18
C LEU E 192 -30.10 39.10 35.10
N ARG E 193 -29.82 39.90 34.06
CA ARG E 193 -28.52 40.50 33.86
C ARG E 193 -28.56 42.00 34.16
N VAL E 194 -27.72 42.40 35.12
CA VAL E 194 -27.55 43.78 35.50
C VAL E 194 -26.08 44.16 35.40
N SER E 195 -25.77 45.47 35.42
CA SER E 195 -24.39 45.95 35.44
C SER E 195 -23.71 45.45 36.71
N ALA E 196 -22.39 45.26 36.66
CA ALA E 196 -21.66 44.77 37.83
C ALA E 196 -21.78 45.81 38.94
N THR E 197 -21.80 47.09 38.55
CA THR E 197 -21.97 48.19 39.49
C THR E 197 -23.31 48.04 40.23
N PHE E 198 -24.37 47.72 39.49
CA PHE E 198 -25.70 47.63 40.09
C PHE E 198 -25.73 46.48 41.09
N TRP E 199 -25.08 45.36 40.76
CA TRP E 199 -25.09 44.21 41.66
C TRP E 199 -24.26 44.50 42.90
N GLN E 200 -23.23 45.34 42.74
CA GLN E 200 -22.27 45.58 43.82
C GLN E 200 -22.85 46.49 44.90
N ASN E 201 -24.03 47.05 44.64
CA ASN E 201 -24.68 47.96 45.55
C ASN E 201 -25.55 47.17 46.52
N PRO E 202 -25.17 47.10 47.83
CA PRO E 202 -25.85 46.21 48.78
C PRO E 202 -27.21 46.69 49.27
N ARG E 203 -27.71 47.75 48.64
CA ARG E 203 -29.02 48.30 48.95
C ARG E 203 -30.04 47.81 47.94
N ASN E 204 -29.54 47.18 46.86
CA ASN E 204 -30.37 46.66 45.79
C ASN E 204 -30.87 45.27 46.19
N HIS E 205 -32.19 45.09 46.06
CA HIS E 205 -32.89 43.89 46.47
C HIS E 205 -33.46 43.18 45.24
N PHE E 206 -33.08 41.92 45.07
CA PHE E 206 -33.50 41.11 43.93
C PHE E 206 -34.40 39.99 44.42
N ARG E 207 -35.53 39.78 43.75
CA ARG E 207 -36.45 38.72 44.10
C ARG E 207 -37.01 38.05 42.86
N CYS E 208 -36.86 36.73 42.83
CA CYS E 208 -37.40 35.87 41.79
C CYS E 208 -38.70 35.28 42.33
N GLN E 209 -39.78 35.42 41.55
CA GLN E 209 -41.09 35.03 42.03
C GLN E 209 -41.76 34.12 41.02
N VAL E 210 -42.29 32.98 41.49
CA VAL E 210 -42.92 32.01 40.61
C VAL E 210 -44.36 31.75 41.03
N GLN E 211 -45.33 32.13 40.19
CA GLN E 211 -46.74 31.87 40.45
C GLN E 211 -47.05 30.48 39.95
N PHE E 212 -47.44 29.59 40.86
CA PHE E 212 -47.76 28.22 40.50
C PHE E 212 -49.27 28.02 40.61
N TYR E 213 -49.83 27.27 39.64
CA TYR E 213 -51.25 26.97 39.63
C TYR E 213 -51.45 25.48 39.84
N GLY E 214 -52.24 25.14 40.87
CA GLY E 214 -52.54 23.77 41.24
C GLY E 214 -53.96 23.65 41.78
N LEU E 215 -54.11 22.95 42.91
CA LEU E 215 -55.39 22.68 43.54
C LEU E 215 -55.97 23.99 44.07
N SER E 216 -57.31 24.08 44.15
CA SER E 216 -57.96 25.09 44.99
C SER E 216 -58.17 24.52 46.39
N GLU E 217 -58.52 25.36 47.35
CA GLU E 217 -58.65 24.91 48.73
C GLU E 217 -59.90 24.05 48.87
N ASN E 218 -60.76 24.06 47.84
CA ASN E 218 -61.97 23.25 47.82
C ASN E 218 -61.61 21.77 47.67
N ASP E 219 -60.51 21.47 46.96
CA ASP E 219 -60.14 20.11 46.58
C ASP E 219 -59.70 19.27 47.76
N GLU E 220 -59.87 17.95 47.57
CA GLU E 220 -59.72 16.94 48.59
C GLU E 220 -58.25 16.54 48.60
N TRP E 221 -57.72 16.30 49.82
CA TRP E 221 -56.31 15.97 49.91
C TRP E 221 -56.08 14.89 50.97
N THR E 222 -55.85 13.66 50.49
CA THR E 222 -55.62 12.50 51.35
C THR E 222 -54.16 12.50 51.82
N GLN E 223 -53.23 12.70 50.86
CA GLN E 223 -51.81 12.40 51.01
C GLN E 223 -51.16 13.22 52.13
N ASP E 224 -50.02 12.72 52.61
CA ASP E 224 -49.41 13.14 53.87
C ASP E 224 -48.42 14.29 53.67
N ARG E 225 -48.37 14.85 52.45
CA ARG E 225 -47.62 16.06 52.13
C ARG E 225 -48.56 17.25 52.30
N ALA E 226 -48.04 18.46 52.12
CA ALA E 226 -48.90 19.65 52.11
C ALA E 226 -49.63 19.73 50.77
N LYS E 227 -50.90 20.14 50.82
CA LYS E 227 -51.73 20.12 49.61
C LYS E 227 -51.23 21.19 48.66
N PRO E 228 -50.95 20.85 47.38
CA PRO E 228 -50.27 21.77 46.47
C PRO E 228 -51.22 22.77 45.84
N VAL E 229 -51.69 23.73 46.64
CA VAL E 229 -52.60 24.76 46.17
C VAL E 229 -51.85 25.69 45.22
N THR E 230 -52.62 26.41 44.40
CA THR E 230 -52.13 27.61 43.72
C THR E 230 -51.49 28.54 44.76
N GLN E 231 -50.24 28.93 44.52
CA GLN E 231 -49.49 29.74 45.45
C GLN E 231 -48.33 30.41 44.71
N ILE E 232 -47.73 31.43 45.35
CA ILE E 232 -46.53 32.09 44.86
C ILE E 232 -45.34 31.50 45.64
N VAL E 233 -44.22 31.21 44.96
CA VAL E 233 -43.00 30.76 45.64
C VAL E 233 -41.87 31.66 45.17
N SER E 234 -41.13 32.23 46.14
CA SER E 234 -40.16 33.29 45.86
C SER E 234 -38.80 32.97 46.45
N ALA E 235 -37.78 33.65 45.93
CA ALA E 235 -36.42 33.58 46.47
C ALA E 235 -35.73 34.93 46.21
N GLU E 236 -34.96 35.42 47.19
CA GLU E 236 -34.42 36.77 47.13
C GLU E 236 -32.91 36.75 47.25
N ALA E 237 -32.28 37.82 46.78
CA ALA E 237 -30.86 38.04 47.00
C ALA E 237 -30.62 39.54 47.09
N TRP E 238 -29.61 39.93 47.88
CA TRP E 238 -29.21 41.32 48.02
C TRP E 238 -27.88 41.53 47.32
N GLY E 239 -27.71 42.73 46.77
CA GLY E 239 -26.44 43.15 46.18
C GLY E 239 -25.30 43.00 47.18
N ARG E 240 -24.09 42.86 46.64
CA ARG E 240 -22.94 42.48 47.43
C ARG E 240 -21.72 43.23 46.89
N ALA E 241 -20.99 43.89 47.79
CA ALA E 241 -19.86 44.72 47.44
C ALA E 241 -18.64 43.84 47.15
N ASP E 242 -18.50 42.76 47.93
CA ASP E 242 -17.47 41.73 47.80
C ASP E 242 -17.60 40.73 48.96
N MET F 1 -66.71 25.37 2.37
CA MET F 1 -67.03 26.79 2.71
C MET F 1 -66.92 27.02 4.22
N GLY F 2 -65.98 26.31 4.83
CA GLY F 2 -65.84 26.25 6.27
C GLY F 2 -64.80 25.17 6.57
N GLU F 3 -64.10 25.29 7.70
CA GLU F 3 -62.72 24.82 7.82
C GLU F 3 -61.96 25.37 6.62
N GLN F 4 -62.37 26.57 6.23
CA GLN F 4 -61.99 27.14 4.95
C GLN F 4 -60.46 27.33 4.95
N VAL F 5 -59.83 27.47 6.14
CA VAL F 5 -58.61 28.28 6.12
C VAL F 5 -57.31 27.52 6.38
N GLU F 6 -56.43 27.52 5.38
CA GLU F 6 -55.23 26.69 5.44
C GLU F 6 -54.05 27.64 5.55
N GLN F 7 -53.22 27.45 6.58
CA GLN F 7 -52.13 28.36 6.86
C GLN F 7 -50.82 27.58 6.92
N LEU F 8 -49.81 28.08 6.20
CA LEU F 8 -48.53 27.41 6.05
C LEU F 8 -47.41 28.44 6.16
N PRO F 9 -46.30 28.13 6.87
CA PRO F 9 -46.14 26.85 7.58
C PRO F 9 -46.56 26.87 9.03
N SER F 10 -46.45 25.71 9.71
CA SER F 10 -46.81 25.63 11.13
C SER F 10 -45.72 26.25 12.00
N ILE F 11 -44.46 26.03 11.62
CA ILE F 11 -43.28 26.56 12.29
C ILE F 11 -42.38 27.16 11.20
N LEU F 12 -41.88 28.37 11.46
CA LEU F 12 -41.08 29.14 10.53
C LEU F 12 -39.85 29.67 11.27
N ARG F 13 -38.71 29.02 11.03
CA ARG F 13 -37.43 29.48 11.54
C ARG F 13 -36.80 30.41 10.50
N VAL F 14 -36.64 31.69 10.88
CA VAL F 14 -36.05 32.70 10.02
C VAL F 14 -34.85 33.28 10.75
N GLN F 15 -33.82 33.67 10.00
CA GLN F 15 -32.64 34.28 10.60
C GLN F 15 -32.91 35.78 10.74
N GLU F 16 -32.40 36.37 11.83
CA GLU F 16 -32.56 37.79 12.09
C GLU F 16 -32.16 38.54 10.83
N GLY F 17 -32.95 39.55 10.47
CA GLY F 17 -32.61 40.41 9.36
C GLY F 17 -33.25 39.94 8.05
N SER F 18 -33.52 38.63 7.94
CA SER F 18 -34.18 38.06 6.78
C SER F 18 -35.69 38.28 6.87
N SER F 19 -36.38 38.20 5.73
CA SER F 19 -37.83 38.33 5.75
C SER F 19 -38.53 36.99 5.96
N ALA F 20 -39.77 37.03 6.45
CA ALA F 20 -40.57 35.83 6.71
C ALA F 20 -41.96 36.04 6.14
N SER F 21 -42.52 34.98 5.54
CA SER F 21 -43.83 35.04 4.91
C SER F 21 -44.67 33.90 5.42
N ILE F 22 -45.95 34.18 5.64
CA ILE F 22 -46.93 33.18 5.96
C ILE F 22 -47.96 33.20 4.85
N ASN F 23 -48.35 32.00 4.37
CA ASN F 23 -49.37 31.92 3.33
C ASN F 23 -50.61 31.23 3.85
N CYS F 24 -51.76 31.78 3.44
CA CYS F 24 -53.07 31.24 3.76
C CYS F 24 -53.92 31.14 2.50
N SER F 25 -54.91 30.22 2.52
CA SER F 25 -55.92 30.15 1.49
C SER F 25 -57.26 29.80 2.13
N TYR F 26 -58.36 30.26 1.50
CA TYR F 26 -59.69 30.09 2.06
C TYR F 26 -60.64 29.51 1.02
N GLU F 27 -61.77 28.92 1.48
CA GLU F 27 -62.74 28.27 0.61
C GLU F 27 -63.88 29.17 0.11
N ASP F 28 -64.52 29.99 0.95
CA ASP F 28 -65.74 30.65 0.51
C ASP F 28 -65.43 31.90 -0.31
N SER F 29 -65.76 31.85 -1.60
CA SER F 29 -65.62 32.97 -2.53
C SER F 29 -66.14 34.29 -2.00
N ALA F 30 -67.04 34.23 -1.01
CA ALA F 30 -67.75 35.42 -0.54
C ALA F 30 -67.04 36.20 0.57
N SER F 31 -65.93 35.68 1.10
CA SER F 31 -65.25 36.30 2.22
C SER F 31 -64.77 37.71 1.87
N ASN F 32 -64.83 38.63 2.85
CA ASN F 32 -64.65 40.04 2.58
C ASN F 32 -63.64 40.68 3.52
N TYR F 33 -63.23 39.95 4.55
CA TYR F 33 -62.31 40.53 5.52
C TYR F 33 -61.31 39.46 5.94
N PHE F 34 -60.03 39.87 5.98
CA PHE F 34 -58.93 38.94 6.22
C PHE F 34 -57.99 39.56 7.23
N PRO F 35 -58.18 39.27 8.53
CA PRO F 35 -57.33 39.87 9.58
C PRO F 35 -56.18 38.94 9.95
N TRP F 36 -55.13 39.53 10.53
CA TRP F 36 -53.98 38.78 10.99
C TRP F 36 -53.72 39.10 12.45
N TYR F 37 -53.42 38.07 13.24
CA TYR F 37 -53.31 38.22 14.67
C TYR F 37 -51.93 37.75 15.10
N LYS F 38 -51.31 38.54 16.01
CA LYS F 38 -50.06 38.12 16.63
C LYS F 38 -50.37 37.75 18.07
N GLN F 39 -49.69 36.69 18.56
CA GLN F 39 -50.01 36.24 19.92
C GLN F 39 -48.73 35.91 20.67
N GLU F 40 -48.45 36.72 21.69
CA GLU F 40 -47.25 36.54 22.50
C GLU F 40 -47.59 35.56 23.60
N PRO F 41 -46.61 34.72 24.04
CA PRO F 41 -46.88 33.67 25.02
C PRO F 41 -47.54 34.23 26.26
N GLY F 42 -48.65 33.63 26.67
CA GLY F 42 -49.37 34.02 27.87
C GLY F 42 -50.46 35.03 27.55
N GLU F 43 -50.28 35.78 26.45
CA GLU F 43 -51.17 36.91 26.21
C GLU F 43 -52.31 36.50 25.27
N ASN F 44 -53.10 37.51 24.89
CA ASN F 44 -54.23 37.37 24.01
C ASN F 44 -53.80 37.65 22.57
N PRO F 45 -54.39 37.00 21.55
CA PRO F 45 -54.15 37.39 20.17
C PRO F 45 -54.50 38.87 20.00
N LYS F 46 -53.70 39.59 19.21
CA LYS F 46 -53.93 41.00 18.99
C LYS F 46 -53.87 41.25 17.50
N LEU F 47 -54.88 41.97 16.98
CA LEU F 47 -54.97 42.27 15.55
C LEU F 47 -53.72 43.11 15.20
N ILE F 48 -53.03 42.79 14.10
CA ILE F 48 -51.81 43.48 13.71
C ILE F 48 -51.99 44.20 12.37
N ILE F 49 -52.84 43.65 11.47
CA ILE F 49 -53.10 44.20 10.16
C ILE F 49 -54.25 43.40 9.55
N ASP F 50 -54.96 44.03 8.61
CA ASP F 50 -56.07 43.34 7.96
C ASP F 50 -56.17 43.87 6.53
N ILE F 51 -56.91 43.14 5.69
CA ILE F 51 -57.15 43.56 4.32
C ILE F 51 -58.56 43.15 3.92
N ARG F 52 -59.20 43.97 3.08
CA ARG F 52 -60.59 43.76 2.68
C ARG F 52 -60.61 43.36 1.21
N SER F 53 -61.71 42.75 0.78
CA SER F 53 -61.86 42.15 -0.55
C SER F 53 -61.77 43.23 -1.61
N ASN F 54 -61.66 44.48 -1.17
CA ASN F 54 -61.66 45.70 -1.96
C ASN F 54 -60.28 45.94 -2.57
N MET F 55 -59.23 45.21 -2.13
CA MET F 55 -57.84 45.61 -2.28
C MET F 55 -56.95 44.38 -2.40
N GLU F 56 -55.74 44.55 -2.94
CA GLU F 56 -54.90 43.40 -3.28
C GLU F 56 -53.58 43.43 -2.50
N ARG F 57 -53.21 44.60 -1.95
CA ARG F 57 -52.03 44.69 -1.11
C ARG F 57 -52.15 45.86 -0.14
N LYS F 58 -51.43 45.79 0.99
CA LYS F 58 -51.45 46.86 1.99
C LYS F 58 -50.18 46.80 2.82
N GLN F 59 -49.54 47.95 3.08
CA GLN F 59 -48.40 48.00 3.97
C GLN F 59 -48.67 49.05 5.07
N THR F 60 -48.80 48.57 6.31
CA THR F 60 -48.79 49.44 7.48
C THR F 60 -48.06 48.76 8.63
N GLN F 61 -47.42 49.54 9.48
CA GLN F 61 -47.01 49.05 10.78
C GLN F 61 -45.99 47.94 10.62
N GLY F 62 -45.06 48.13 9.69
CA GLY F 62 -43.97 47.17 9.55
C GLY F 62 -44.42 45.87 8.90
N LEU F 63 -45.64 45.87 8.30
CA LEU F 63 -46.27 44.65 7.83
C LEU F 63 -46.80 44.81 6.42
N ILE F 64 -46.74 43.73 5.61
CA ILE F 64 -47.32 43.70 4.28
C ILE F 64 -48.29 42.53 4.17
N VAL F 65 -49.45 42.75 3.53
CA VAL F 65 -50.37 41.66 3.24
C VAL F 65 -50.75 41.71 1.76
N LEU F 66 -50.88 40.51 1.16
CA LEU F 66 -51.41 40.39 -0.19
C LEU F 66 -52.74 39.67 -0.11
N LEU F 67 -53.62 39.94 -1.09
CA LEU F 67 -54.86 39.18 -1.24
C LEU F 67 -55.13 38.97 -2.72
N ASP F 68 -55.32 37.70 -3.13
CA ASP F 68 -55.80 37.37 -4.46
C ASP F 68 -57.16 36.71 -4.35
N LYS F 69 -58.22 37.52 -4.57
CA LYS F 69 -59.60 37.08 -4.39
C LYS F 69 -59.85 35.92 -5.36
N LYS F 70 -59.38 36.06 -6.60
CA LYS F 70 -59.65 35.06 -7.64
C LYS F 70 -59.02 33.73 -7.22
N ALA F 71 -57.75 33.77 -6.76
CA ALA F 71 -57.03 32.57 -6.35
C ALA F 71 -57.46 32.08 -4.96
N LYS F 72 -58.21 32.92 -4.23
CA LYS F 72 -58.61 32.63 -2.87
C LYS F 72 -57.37 32.37 -1.99
N ARG F 73 -56.29 33.15 -2.22
CA ARG F 73 -55.06 33.01 -1.42
C ARG F 73 -54.62 34.38 -0.92
N PHE F 74 -54.14 34.46 0.34
CA PHE F 74 -53.65 35.71 0.88
C PHE F 74 -52.49 35.42 1.82
N SER F 75 -51.61 36.39 2.06
CA SER F 75 -50.36 36.13 2.77
C SER F 75 -49.95 37.37 3.58
N LEU F 76 -49.08 37.11 4.57
CA LEU F 76 -48.47 38.15 5.39
C LEU F 76 -46.96 38.11 5.22
N HIS F 77 -46.30 39.28 5.18
CA HIS F 77 -44.86 39.37 4.92
C HIS F 77 -44.21 40.36 5.87
N ILE F 78 -43.23 39.87 6.63
CA ILE F 78 -42.52 40.65 7.64
C ILE F 78 -41.09 40.78 7.17
N THR F 79 -40.67 41.98 6.72
CA THR F 79 -39.26 42.16 6.33
C THR F 79 -38.39 42.54 7.54
N ASP F 80 -37.11 42.18 7.47
CA ASP F 80 -36.10 42.54 8.47
C ASP F 80 -36.54 42.04 9.84
N THR F 81 -36.76 40.72 9.97
CA THR F 81 -37.23 40.18 11.23
C THR F 81 -36.24 40.49 12.34
N GLN F 82 -36.75 40.72 13.55
CA GLN F 82 -35.93 40.84 14.74
C GLN F 82 -36.55 39.96 15.83
N PRO F 83 -35.78 39.51 16.84
CA PRO F 83 -36.29 38.57 17.84
C PRO F 83 -37.63 38.96 18.47
N GLY F 84 -37.99 40.23 18.37
CA GLY F 84 -39.26 40.66 18.94
C GLY F 84 -40.41 40.05 18.17
N ASP F 85 -40.16 39.75 16.90
CA ASP F 85 -41.21 39.27 16.01
C ASP F 85 -41.51 37.81 16.34
N SER F 86 -40.60 37.15 17.08
CA SER F 86 -40.85 35.79 17.51
C SER F 86 -42.17 35.73 18.28
N ALA F 87 -43.17 35.14 17.64
CA ALA F 87 -44.48 34.93 18.25
C ALA F 87 -45.31 33.96 17.39
N MET F 88 -46.54 33.74 17.82
CA MET F 88 -47.48 32.91 17.10
C MET F 88 -48.39 33.83 16.28
N TYR F 89 -48.46 33.59 14.96
CA TYR F 89 -49.32 34.38 14.10
C TYR F 89 -50.48 33.56 13.53
N PHE F 90 -51.60 34.22 13.25
CA PHE F 90 -52.83 33.56 12.81
C PHE F 90 -53.50 34.41 11.75
N CYS F 91 -53.97 33.75 10.69
CA CYS F 91 -54.75 34.45 9.67
C CYS F 91 -56.20 33.99 9.76
N ALA F 92 -57.11 34.75 9.18
CA ALA F 92 -58.51 34.36 9.25
C ALA F 92 -59.25 34.86 8.00
N ALA F 93 -60.46 34.31 7.79
CA ALA F 93 -61.33 34.75 6.72
C ALA F 93 -62.74 34.88 7.27
N SER F 94 -63.43 35.98 6.86
CA SER F 94 -64.87 36.12 7.09
C SER F 94 -65.61 34.91 6.51
N VAL F 95 -66.70 34.50 7.16
CA VAL F 95 -67.61 33.45 6.70
C VAL F 95 -68.97 33.89 7.19
N ARG F 96 -69.93 34.10 6.28
CA ARG F 96 -71.31 34.40 6.62
C ARG F 96 -71.45 35.65 7.50
N ASN F 97 -70.54 36.63 7.36
CA ASN F 97 -70.74 37.99 7.84
C ASN F 97 -70.74 38.06 9.37
N TYR F 98 -70.48 36.92 10.01
CA TYR F 98 -70.35 36.87 11.47
C TYR F 98 -69.14 36.02 11.84
N LYS F 99 -68.87 34.96 11.07
CA LYS F 99 -67.93 33.95 11.51
C LYS F 99 -66.53 34.31 11.06
N TYR F 100 -65.58 34.32 12.01
CA TYR F 100 -64.17 34.37 11.70
C TYR F 100 -63.59 32.96 11.78
N VAL F 101 -63.15 32.45 10.62
CA VAL F 101 -62.49 31.15 10.53
C VAL F 101 -60.98 31.37 10.44
N PHE F 102 -60.24 30.74 11.35
CA PHE F 102 -58.82 31.00 11.54
C PHE F 102 -57.97 29.87 10.99
N GLY F 103 -56.75 30.20 10.57
CA GLY F 103 -55.72 29.20 10.31
C GLY F 103 -55.31 28.49 11.58
N ALA F 104 -54.49 27.44 11.47
CA ALA F 104 -54.04 26.81 12.71
C ALA F 104 -52.90 27.60 13.34
N GLY F 105 -52.42 28.63 12.65
CA GLY F 105 -51.34 29.44 13.20
C GLY F 105 -49.93 29.02 12.80
N THR F 106 -49.01 29.99 12.86
CA THR F 106 -47.60 29.79 12.57
C THR F 106 -46.82 30.28 13.77
N ARG F 107 -45.97 29.40 14.33
CA ARG F 107 -45.00 29.81 15.33
C ARG F 107 -43.76 30.32 14.61
N LEU F 108 -43.51 31.63 14.67
CA LEU F 108 -42.36 32.26 14.04
C LEU F 108 -41.21 32.33 15.04
N LYS F 109 -40.07 31.68 14.73
CA LYS F 109 -38.90 31.77 15.58
C LYS F 109 -37.81 32.55 14.83
N VAL F 110 -37.36 33.69 15.39
CA VAL F 110 -36.33 34.51 14.76
C VAL F 110 -35.00 34.17 15.45
N ILE F 111 -34.06 33.59 14.70
CA ILE F 111 -32.74 33.23 15.22
C ILE F 111 -31.87 34.49 15.15
N ALA F 112 -31.09 34.76 16.20
CA ALA F 112 -30.37 36.02 16.32
C ALA F 112 -28.93 35.92 15.81
N ASP F 113 -28.41 37.02 15.23
CA ASP F 113 -27.03 37.05 14.75
C ASP F 113 -26.15 37.61 15.85
N ILE F 114 -25.57 36.73 16.67
CA ILE F 114 -24.56 37.13 17.63
C ILE F 114 -23.38 37.71 16.87
N GLN F 115 -23.07 39.00 17.10
CA GLN F 115 -22.13 39.77 16.31
C GLN F 115 -20.70 39.45 16.76
N ASN F 116 -20.45 39.62 18.07
CA ASN F 116 -19.17 39.31 18.68
C ASN F 116 -19.40 38.26 19.76
N PRO F 117 -19.40 36.97 19.38
CA PRO F 117 -19.56 35.87 20.34
C PRO F 117 -18.41 35.91 21.33
N ASP F 118 -18.65 35.46 22.55
CA ASP F 118 -17.67 35.46 23.64
C ASP F 118 -17.89 34.22 24.50
N PRO F 119 -17.76 32.99 23.94
CA PRO F 119 -18.15 31.77 24.64
C PRO F 119 -17.45 31.68 25.98
N ALA F 120 -18.23 31.44 27.04
CA ALA F 120 -17.68 31.32 28.39
C ALA F 120 -18.61 30.43 29.23
N VAL F 121 -18.04 29.80 30.26
CA VAL F 121 -18.82 29.05 31.22
C VAL F 121 -18.47 29.57 32.61
N TYR F 122 -19.47 30.14 33.31
CA TYR F 122 -19.25 30.71 34.63
C TYR F 122 -19.99 29.90 35.68
N GLN F 123 -19.51 29.98 36.92
CA GLN F 123 -20.12 29.29 38.04
C GLN F 123 -20.73 30.31 38.99
N LEU F 124 -22.02 30.16 39.26
CA LEU F 124 -22.73 31.05 40.16
C LEU F 124 -22.67 30.57 41.61
N ARG F 125 -22.55 31.53 42.51
CA ARG F 125 -22.29 31.27 43.92
C ARG F 125 -23.37 30.33 44.47
N ASP F 126 -22.95 29.45 45.38
CA ASP F 126 -23.87 28.53 46.05
C ASP F 126 -24.92 29.33 46.82
N SER F 127 -26.10 28.74 47.02
CA SER F 127 -27.05 29.29 47.97
C SER F 127 -26.80 28.65 49.33
N LYS F 128 -26.92 29.42 50.41
CA LYS F 128 -26.84 28.88 51.75
C LYS F 128 -28.05 27.98 52.00
N SER F 129 -29.05 28.11 51.11
CA SER F 129 -30.35 27.47 51.23
C SER F 129 -30.74 26.65 49.98
N SER F 130 -29.75 25.98 49.36
CA SER F 130 -29.97 24.93 48.37
C SER F 130 -28.73 24.01 48.22
N LYS F 132 -27.46 22.74 45.54
CA LYS F 132 -27.27 22.71 44.06
C LYS F 132 -26.23 23.73 43.61
N SER F 133 -25.48 23.36 42.57
CA SER F 133 -24.49 24.25 41.98
C SER F 133 -24.94 24.66 40.59
N VAL F 134 -24.80 25.96 40.26
CA VAL F 134 -25.34 26.43 39.00
C VAL F 134 -24.26 26.92 38.06
N CYS F 135 -24.29 26.43 36.80
CA CYS F 135 -23.33 26.83 35.80
C CYS F 135 -24.03 27.58 34.69
N LEU F 136 -23.34 28.57 34.13
CA LEU F 136 -23.90 29.35 33.06
C LEU F 136 -23.02 29.27 31.82
N PHE F 137 -23.59 28.76 30.73
CA PHE F 137 -22.91 28.78 29.44
C PHE F 137 -23.50 29.94 28.65
N THR F 138 -22.67 30.92 28.28
CA THR F 138 -23.20 32.18 27.79
C THR F 138 -22.34 32.76 26.67
N ASP F 139 -22.94 33.68 25.93
CA ASP F 139 -22.34 34.48 24.87
C ASP F 139 -21.79 33.58 23.76
N PHE F 140 -22.40 32.39 23.57
CA PHE F 140 -22.13 31.56 22.42
C PHE F 140 -22.92 32.08 21.21
N ASP F 141 -22.47 31.70 20.00
CA ASP F 141 -23.18 32.06 18.77
C ASP F 141 -24.40 31.17 18.58
N SER F 142 -25.25 31.53 17.61
CA SER F 142 -26.56 30.93 17.39
C SER F 142 -26.45 29.42 17.11
N GLN F 143 -25.45 29.02 16.34
CA GLN F 143 -25.28 27.64 15.90
C GLN F 143 -24.30 26.98 16.86
N THR F 144 -24.74 26.76 18.11
CA THR F 144 -23.90 26.03 19.07
C THR F 144 -24.61 24.77 19.59
N ASN F 145 -23.85 23.68 19.70
CA ASN F 145 -24.45 22.36 19.99
C ASN F 145 -24.16 21.83 21.40
N VAL F 146 -25.21 21.79 22.22
CA VAL F 146 -25.15 21.39 23.62
C VAL F 146 -26.00 20.14 23.77
N SER F 147 -25.53 19.14 24.55
CA SER F 147 -26.42 18.02 24.88
C SER F 147 -27.37 18.42 26.02
N ASP F 153 -28.29 12.76 36.16
CA ASP F 153 -28.37 13.49 37.45
C ASP F 153 -27.97 14.96 37.26
N VAL F 154 -27.60 15.32 36.02
CA VAL F 154 -27.17 16.64 35.62
C VAL F 154 -28.15 17.19 34.58
N TYR F 155 -28.61 18.43 34.81
CA TYR F 155 -29.64 19.04 33.98
C TYR F 155 -29.07 20.24 33.25
N ILE F 156 -29.43 20.33 31.96
CA ILE F 156 -28.99 21.46 31.16
C ILE F 156 -30.20 22.00 30.39
N THR F 157 -30.38 23.32 30.44
CA THR F 157 -31.55 23.92 29.82
C THR F 157 -31.20 24.16 28.37
N ASP F 158 -32.19 24.50 27.56
CA ASP F 158 -31.95 24.95 26.21
C ASP F 158 -31.46 26.39 26.25
N LYS F 159 -30.94 26.87 25.11
CA LYS F 159 -30.46 28.24 24.96
C LYS F 159 -31.63 29.20 25.08
N CYS F 160 -31.34 30.42 25.54
CA CYS F 160 -32.29 31.46 25.85
C CYS F 160 -31.69 32.72 25.21
N VAL F 161 -32.45 33.31 24.28
CA VAL F 161 -31.97 34.44 23.51
C VAL F 161 -32.52 35.73 24.15
N LEU F 162 -31.61 36.65 24.55
CA LEU F 162 -32.06 37.94 25.08
C LEU F 162 -31.79 39.02 24.03
N ASP F 163 -32.81 39.88 23.86
CA ASP F 163 -32.71 40.99 22.94
C ASP F 163 -33.13 42.27 23.66
N MET F 164 -32.15 43.10 24.03
CA MET F 164 -32.40 44.30 24.81
C MET F 164 -32.89 45.40 23.87
N ARG F 165 -33.82 46.23 24.35
CA ARG F 165 -34.24 47.46 23.71
C ARG F 165 -33.16 48.54 23.88
N SER F 166 -32.48 48.50 25.04
CA SER F 166 -31.61 49.56 25.51
C SER F 166 -30.32 49.66 24.68
N MET F 167 -29.61 48.54 24.52
CA MET F 167 -28.40 48.47 23.69
C MET F 167 -28.67 47.52 22.53
N ASP F 168 -27.78 47.53 21.52
CA ASP F 168 -27.93 46.67 20.35
C ASP F 168 -27.19 45.35 20.58
N PHE F 169 -27.26 44.82 21.80
CA PHE F 169 -26.55 43.60 22.16
C PHE F 169 -27.50 42.45 22.46
N LYS F 170 -27.39 41.36 21.68
CA LYS F 170 -28.14 40.14 21.86
C LYS F 170 -27.19 39.06 22.40
N SER F 171 -27.70 38.15 23.27
CA SER F 171 -26.83 37.11 23.83
C SER F 171 -27.61 35.84 24.14
N ASN F 172 -26.93 34.68 23.97
CA ASN F 172 -27.45 33.37 24.30
C ASN F 172 -26.95 32.94 25.68
N SER F 173 -27.73 32.14 26.39
CA SER F 173 -27.29 31.54 27.64
C SER F 173 -27.98 30.19 27.81
N ALA F 174 -27.31 29.28 28.53
CA ALA F 174 -27.98 28.09 29.01
C ALA F 174 -27.52 27.80 30.42
N VAL F 175 -28.39 27.16 31.19
CA VAL F 175 -28.11 26.95 32.59
C VAL F 175 -27.99 25.46 32.85
N ALA F 176 -27.07 25.10 33.74
CA ALA F 176 -26.83 23.71 34.04
C ALA F 176 -26.61 23.55 35.53
N TRP F 177 -27.09 22.45 36.10
CA TRP F 177 -26.99 22.26 37.53
C TRP F 177 -27.02 20.78 37.88
N SER F 178 -26.53 20.55 39.10
CA SER F 178 -26.51 19.27 39.82
C SER F 178 -25.86 19.45 41.20
N MET G 1 21.53 -45.19 6.87
CA MET G 1 22.11 -44.00 7.53
C MET G 1 22.12 -42.83 6.53
N GLY G 2 21.29 -41.78 6.74
CA GLY G 2 20.96 -40.83 5.68
C GLY G 2 21.41 -39.40 5.92
N VAL G 3 22.28 -38.87 5.05
CA VAL G 3 22.78 -37.50 5.09
C VAL G 3 21.72 -36.60 4.48
N ILE G 4 21.36 -35.52 5.17
CA ILE G 4 20.30 -34.63 4.71
C ILE G 4 20.92 -33.29 4.34
N GLN G 5 20.61 -32.80 3.13
CA GLN G 5 21.13 -31.51 2.70
C GLN G 5 19.98 -30.61 2.27
N THR G 6 20.13 -29.30 2.52
CA THR G 6 19.12 -28.32 2.15
C THR G 6 19.84 -27.01 1.82
N PRO G 7 19.31 -26.20 0.89
CA PRO G 7 18.14 -26.59 0.10
C PRO G 7 18.55 -27.53 -1.02
N ARG G 8 17.55 -28.15 -1.68
CA ARG G 8 17.87 -29.03 -2.80
C ARG G 8 18.31 -28.18 -3.99
N HIS G 9 17.66 -27.02 -4.19
CA HIS G 9 18.08 -26.09 -5.23
C HIS G 9 18.19 -24.68 -4.66
N LYS G 10 19.16 -23.94 -5.21
CA LYS G 10 19.35 -22.54 -4.88
C LYS G 10 19.64 -21.78 -6.17
N VAL G 11 18.76 -20.82 -6.48
CA VAL G 11 19.04 -19.89 -7.56
C VAL G 11 19.40 -18.53 -6.95
N THR G 12 20.55 -17.97 -7.37
CA THR G 12 21.04 -16.67 -6.91
C THR G 12 21.47 -15.87 -8.13
N GLY G 13 21.57 -14.54 -7.94
CA GLY G 13 22.14 -13.67 -8.95
C GLY G 13 23.62 -13.40 -8.65
N LYS G 14 24.33 -12.80 -9.61
CA LYS G 14 25.76 -12.56 -9.45
C LYS G 14 25.94 -11.65 -8.24
N GLY G 15 26.77 -12.09 -7.30
CA GLY G 15 27.15 -11.25 -6.17
C GLY G 15 26.29 -11.49 -4.93
N GLN G 16 25.24 -12.32 -5.05
CA GLN G 16 24.45 -12.70 -3.89
C GLN G 16 25.23 -13.70 -3.03
N GLU G 17 24.86 -13.85 -1.76
CA GLU G 17 25.47 -14.81 -0.88
C GLU G 17 24.63 -16.08 -0.93
N ALA G 18 25.26 -17.23 -0.77
CA ALA G 18 24.50 -18.46 -0.65
C ALA G 18 25.13 -19.34 0.41
N THR G 19 24.28 -19.92 1.27
CA THR G 19 24.79 -20.81 2.30
C THR G 19 24.09 -22.17 2.16
N LEU G 20 24.87 -23.24 2.30
CA LEU G 20 24.40 -24.59 2.07
C LEU G 20 24.52 -25.38 3.37
N TRP G 21 23.46 -26.12 3.69
CA TRP G 21 23.32 -26.81 4.96
C TRP G 21 23.43 -28.32 4.79
N CYS G 22 24.17 -28.96 5.69
CA CYS G 22 24.29 -30.41 5.65
C CYS G 22 24.21 -31.00 7.05
N GLU G 23 23.33 -31.97 7.26
CA GLU G 23 23.34 -32.74 8.50
C GLU G 23 23.87 -34.14 8.20
N PRO G 24 25.12 -34.47 8.61
CA PRO G 24 25.71 -35.80 8.43
C PRO G 24 24.93 -36.90 9.14
N ILE G 25 25.41 -38.14 8.96
CA ILE G 25 24.83 -39.26 9.67
C ILE G 25 25.36 -39.18 11.10
N SER G 26 24.47 -39.48 12.04
CA SER G 26 24.54 -39.12 13.45
C SER G 26 25.83 -39.51 14.15
N GLY G 27 26.33 -40.75 14.00
CA GLY G 27 27.48 -41.17 14.79
C GLY G 27 28.83 -40.80 14.14
N HIS G 28 28.82 -39.95 13.11
CA HIS G 28 29.90 -39.92 12.15
C HIS G 28 30.92 -38.86 12.57
N SER G 29 32.19 -39.29 12.65
CA SER G 29 33.31 -38.42 12.96
C SER G 29 33.78 -37.59 11.77
N ALA G 30 33.69 -38.15 10.56
CA ALA G 30 34.28 -37.54 9.37
C ALA G 30 33.20 -36.90 8.50
N VAL G 31 33.39 -35.61 8.17
CA VAL G 31 32.45 -34.90 7.32
C VAL G 31 33.21 -34.28 6.15
N PHE G 32 32.63 -34.41 4.96
CA PHE G 32 33.30 -33.98 3.74
C PHE G 32 32.37 -33.11 2.92
N TRP G 33 32.99 -32.32 2.02
CA TRP G 33 32.27 -31.58 1.00
C TRP G 33 32.88 -31.93 -0.36
N TYR G 34 32.03 -32.17 -1.36
CA TYR G 34 32.48 -32.36 -2.72
C TYR G 34 31.71 -31.45 -3.66
N ARG G 35 32.39 -31.05 -4.75
CA ARG G 35 31.74 -30.29 -5.81
C ARG G 35 31.52 -31.26 -6.97
N GLN G 36 30.33 -31.19 -7.59
CA GLN G 36 29.98 -32.09 -8.67
C GLN G 36 29.63 -31.28 -9.90
N THR G 37 30.46 -31.46 -10.95
CA THR G 37 30.26 -30.81 -12.23
C THR G 37 30.38 -31.82 -13.37
N ILE G 38 30.03 -31.32 -14.57
CA ILE G 38 29.98 -32.12 -15.77
C ILE G 38 31.39 -32.57 -16.12
N VAL G 39 32.37 -31.69 -15.94
CA VAL G 39 33.73 -31.94 -16.33
C VAL G 39 34.44 -32.83 -15.31
N GLN G 40 34.35 -32.46 -14.01
CA GLN G 40 35.25 -33.04 -13.04
C GLN G 40 34.60 -34.11 -12.18
N GLY G 41 33.28 -34.30 -12.33
CA GLY G 41 32.57 -35.31 -11.54
C GLY G 41 32.64 -34.95 -10.05
N LEU G 42 32.88 -35.91 -9.15
CA LEU G 42 33.11 -35.65 -7.74
C LEU G 42 34.52 -35.13 -7.52
N GLU G 43 34.60 -33.91 -6.95
CA GLU G 43 35.85 -33.25 -6.61
C GLU G 43 35.85 -32.93 -5.12
N PHE G 44 36.86 -33.47 -4.42
CA PHE G 44 37.08 -33.19 -3.02
C PHE G 44 37.22 -31.68 -2.84
N LEU G 45 36.61 -31.16 -1.77
CA LEU G 45 36.72 -29.77 -1.39
C LEU G 45 37.38 -29.66 -0.03
N THR G 46 36.77 -30.28 1.00
CA THR G 46 37.22 -30.12 2.38
C THR G 46 36.83 -31.32 3.24
N TYR G 47 37.55 -31.46 4.36
CA TYR G 47 37.38 -32.58 5.27
C TYR G 47 37.49 -32.08 6.71
N PHE G 48 36.60 -32.60 7.58
CA PHE G 48 36.59 -32.30 9.00
C PHE G 48 36.66 -33.62 9.78
N ARG G 49 37.55 -33.67 10.79
CA ARG G 49 37.82 -34.89 11.52
C ARG G 49 36.86 -35.06 12.69
N ASN G 50 36.71 -34.01 13.51
CA ASN G 50 35.73 -33.98 14.59
C ASN G 50 35.38 -32.51 14.80
N GLN G 51 34.72 -31.93 13.78
CA GLN G 51 34.46 -30.50 13.67
C GLN G 51 35.75 -29.73 13.33
N ALA G 52 36.88 -30.43 13.22
CA ALA G 52 38.16 -29.79 13.05
C ALA G 52 38.63 -29.78 11.59
N PRO G 53 38.85 -28.59 10.96
CA PRO G 53 39.33 -28.50 9.57
C PRO G 53 40.66 -29.22 9.45
N ILE G 54 40.74 -30.22 8.56
CA ILE G 54 41.99 -30.96 8.38
C ILE G 54 42.56 -30.73 6.98
N ASP G 55 41.71 -30.92 5.95
CA ASP G 55 42.13 -30.72 4.58
C ASP G 55 41.10 -29.85 3.87
N ASP G 56 41.51 -28.69 3.35
CA ASP G 56 40.62 -27.83 2.55
C ASP G 56 41.27 -27.51 1.22
N SER G 57 42.09 -28.47 0.75
CA SER G 57 42.96 -28.26 -0.40
C SER G 57 42.14 -28.05 -1.67
N GLY G 58 40.91 -28.59 -1.71
CA GLY G 58 40.10 -28.55 -2.92
C GLY G 58 39.25 -27.29 -2.99
N MET G 59 39.11 -26.60 -1.85
CA MET G 59 38.23 -25.44 -1.78
C MET G 59 38.85 -24.33 -2.64
N PRO G 60 38.01 -23.55 -3.36
CA PRO G 60 38.48 -22.35 -4.06
C PRO G 60 39.17 -21.41 -3.06
N LYS G 61 40.22 -20.72 -3.53
CA LYS G 61 41.07 -19.99 -2.60
C LYS G 61 40.42 -18.67 -2.17
N GLU G 62 39.23 -18.36 -2.72
CA GLU G 62 38.50 -17.14 -2.39
C GLU G 62 37.01 -17.42 -2.41
N ARG G 63 36.27 -16.75 -1.52
CA ARG G 63 34.82 -16.64 -1.48
C ARG G 63 34.16 -17.85 -0.84
N PHE G 64 34.90 -18.95 -0.73
CA PHE G 64 34.32 -20.22 -0.26
C PHE G 64 34.80 -20.51 1.16
N SER G 65 33.87 -20.93 2.02
CA SER G 65 34.24 -21.26 3.38
C SER G 65 33.34 -22.38 3.91
N ALA G 66 33.90 -23.22 4.77
CA ALA G 66 33.13 -24.31 5.36
C ALA G 66 33.34 -24.32 6.87
N GLN G 67 32.25 -24.59 7.59
CA GLN G 67 32.28 -24.57 9.04
C GLN G 67 31.48 -25.76 9.56
N MET G 68 31.79 -26.14 10.79
CA MET G 68 30.97 -27.09 11.52
C MET G 68 30.61 -26.49 12.88
N PRO G 69 29.47 -25.77 12.99
CA PRO G 69 28.95 -25.23 14.25
C PRO G 69 28.98 -26.24 15.39
N ASN G 70 28.25 -27.34 15.21
CA ASN G 70 28.33 -28.44 16.17
C ASN G 70 28.88 -29.67 15.47
N GLN G 71 28.79 -30.84 16.10
CA GLN G 71 29.28 -32.05 15.47
C GLN G 71 28.14 -32.82 14.80
N SER G 72 27.00 -32.16 14.58
CA SER G 72 25.86 -32.80 13.96
C SER G 72 25.38 -32.06 12.72
N HIS G 73 25.97 -30.90 12.41
CA HIS G 73 25.69 -30.27 11.13
C HIS G 73 26.88 -29.46 10.62
N SER G 74 26.85 -29.07 9.34
CA SER G 74 27.95 -28.40 8.66
C SER G 74 27.40 -27.46 7.58
N THR G 75 28.14 -26.39 7.27
CA THR G 75 27.66 -25.37 6.35
C THR G 75 28.75 -25.03 5.34
N LEU G 76 28.32 -24.73 4.11
CA LEU G 76 29.19 -24.18 3.10
C LEU G 76 28.64 -22.80 2.74
N LYS G 77 29.46 -21.75 2.92
CA LYS G 77 29.04 -20.41 2.55
C LYS G 77 29.84 -19.96 1.34
N ILE G 78 29.12 -19.47 0.32
CA ILE G 78 29.76 -18.83 -0.81
C ILE G 78 29.37 -17.37 -0.79
N GLN G 79 30.38 -16.51 -0.82
CA GLN G 79 30.19 -15.07 -0.84
C GLN G 79 30.27 -14.62 -2.28
N SER G 80 29.40 -13.69 -2.66
CA SER G 80 29.49 -13.02 -3.94
C SER G 80 29.46 -14.06 -5.06
N THR G 81 28.35 -14.80 -5.14
CA THR G 81 28.20 -15.92 -6.07
C THR G 81 28.49 -15.46 -7.49
N GLN G 82 29.23 -16.31 -8.22
CA GLN G 82 29.60 -16.04 -9.59
C GLN G 82 29.13 -17.21 -10.44
N PRO G 83 28.80 -17.02 -11.74
CA PRO G 83 28.34 -18.13 -12.59
C PRO G 83 29.15 -19.42 -12.54
N GLN G 84 30.47 -19.31 -12.40
CA GLN G 84 31.32 -20.49 -12.35
C GLN G 84 31.11 -21.28 -11.06
N ASP G 85 30.38 -20.70 -10.09
CA ASP G 85 30.11 -21.39 -8.84
C ASP G 85 29.02 -22.44 -9.03
N SER G 86 28.30 -22.33 -10.17
CA SER G 86 27.16 -23.18 -10.45
C SER G 86 27.63 -24.62 -10.52
N ALA G 87 27.02 -25.47 -9.69
CA ALA G 87 27.37 -26.87 -9.58
C ALA G 87 26.46 -27.53 -8.54
N VAL G 88 26.68 -28.83 -8.37
CA VAL G 88 26.02 -29.52 -7.27
C VAL G 88 27.05 -29.69 -6.16
N TYR G 89 26.63 -29.35 -4.93
CA TYR G 89 27.53 -29.40 -3.79
C TYR G 89 27.07 -30.56 -2.91
N LEU G 90 27.81 -31.66 -2.97
CA LEU G 90 27.52 -32.84 -2.19
C LEU G 90 28.20 -32.73 -0.84
N CYS G 91 27.58 -33.35 0.15
CA CYS G 91 28.15 -33.46 1.48
C CYS G 91 28.19 -34.93 1.89
N ALA G 92 29.22 -35.34 2.60
CA ALA G 92 29.37 -36.77 2.89
C ALA G 92 29.91 -36.98 4.30
N SER G 93 29.73 -38.20 4.81
CA SER G 93 30.16 -38.55 6.15
C SER G 93 30.53 -40.02 6.21
N SER G 94 31.44 -40.35 7.12
CA SER G 94 31.84 -41.74 7.36
C SER G 94 32.16 -41.90 8.84
N ARG G 95 32.01 -43.14 9.35
CA ARG G 95 32.34 -43.49 10.72
C ARG G 95 33.84 -43.79 10.84
N GLN G 96 34.22 -44.66 11.78
CA GLN G 96 35.62 -44.82 12.13
C GLN G 96 36.16 -46.08 11.48
N GLY G 97 35.77 -47.21 12.05
CA GLY G 97 36.20 -48.53 11.59
C GLY G 97 35.47 -48.93 10.32
N GLN G 98 34.21 -48.48 10.17
CA GLN G 98 33.46 -48.63 8.94
C GLN G 98 34.15 -47.78 7.86
N ASN G 99 34.36 -48.39 6.70
CA ASN G 99 35.01 -47.75 5.57
C ASN G 99 33.99 -46.98 4.73
N THR G 100 32.69 -47.25 4.91
CA THR G 100 31.67 -46.74 4.01
C THR G 100 31.58 -45.22 4.11
N LEU G 101 31.52 -44.56 2.95
CA LEU G 101 31.27 -43.13 2.85
C LEU G 101 29.84 -42.89 2.39
N TYR G 102 29.07 -42.09 3.14
CA TYR G 102 27.67 -41.87 2.78
C TYR G 102 27.54 -40.47 2.20
N PHE G 103 26.83 -40.37 1.04
CA PHE G 103 26.69 -39.08 0.41
C PHE G 103 25.28 -38.53 0.63
N GLY G 104 25.19 -37.20 0.71
CA GLY G 104 23.93 -36.48 0.59
C GLY G 104 23.57 -36.34 -0.89
N ALA G 105 22.36 -35.86 -1.19
CA ALA G 105 21.92 -35.70 -2.56
C ALA G 105 22.28 -34.32 -3.07
N GLY G 106 22.82 -33.49 -2.15
CA GLY G 106 23.46 -32.24 -2.52
C GLY G 106 22.49 -31.06 -2.71
N THR G 107 23.10 -29.89 -2.91
CA THR G 107 22.39 -28.67 -3.25
C THR G 107 22.88 -28.25 -4.64
N ARG G 108 21.93 -28.04 -5.55
CA ARG G 108 22.26 -27.56 -6.89
C ARG G 108 22.24 -26.04 -6.84
N LEU G 109 23.39 -25.43 -7.11
CA LEU G 109 23.45 -23.99 -7.14
C LEU G 109 23.51 -23.52 -8.59
N SER G 110 22.62 -22.60 -8.95
CA SER G 110 22.70 -21.94 -10.24
C SER G 110 22.80 -20.44 -10.06
N VAL G 111 23.95 -19.89 -10.48
CA VAL G 111 24.22 -18.48 -10.39
C VAL G 111 24.02 -17.89 -11.77
N LEU G 112 23.06 -16.96 -11.87
CA LEU G 112 22.67 -16.34 -13.12
C LEU G 112 23.29 -14.95 -13.19
N GLU G 113 23.55 -14.48 -14.41
CA GLU G 113 24.02 -13.11 -14.59
C GLU G 113 22.93 -12.16 -14.12
N ASP G 114 21.72 -12.37 -14.61
CA ASP G 114 20.63 -11.43 -14.35
C ASP G 114 19.39 -12.21 -13.89
N LEU G 115 18.79 -11.79 -12.77
CA LEU G 115 17.54 -12.36 -12.29
C LEU G 115 16.32 -11.76 -13.00
N LYS G 116 16.52 -11.07 -14.13
CA LYS G 116 15.39 -10.49 -14.85
C LYS G 116 14.88 -11.53 -15.85
N ASN G 117 15.60 -12.65 -15.99
CA ASN G 117 15.25 -13.63 -17.03
C ASN G 117 14.60 -14.85 -16.40
N VAL G 118 14.42 -14.84 -15.07
CA VAL G 118 13.90 -16.05 -14.43
C VAL G 118 12.38 -16.05 -14.55
N PHE G 119 11.82 -17.12 -15.14
CA PHE G 119 10.39 -17.28 -15.29
C PHE G 119 9.97 -18.68 -14.85
N PRO G 120 8.75 -18.86 -14.30
CA PRO G 120 8.28 -20.17 -13.85
C PRO G 120 7.60 -20.87 -15.02
N PRO G 121 7.39 -22.20 -14.96
CA PRO G 121 6.86 -22.95 -16.09
C PRO G 121 5.36 -22.76 -16.18
N GLU G 122 4.83 -22.83 -17.41
CA GLU G 122 3.42 -23.08 -17.62
C GLU G 122 3.29 -24.57 -17.88
N VAL G 123 2.33 -25.20 -17.19
CA VAL G 123 2.17 -26.64 -17.30
C VAL G 123 0.85 -26.97 -17.97
N ALA G 124 0.84 -27.99 -18.83
CA ALA G 124 -0.38 -28.45 -19.47
C ALA G 124 -0.26 -29.94 -19.71
N VAL G 125 -1.39 -30.66 -19.61
CA VAL G 125 -1.42 -32.10 -19.80
C VAL G 125 -2.35 -32.39 -20.97
N PHE G 126 -1.95 -33.37 -21.80
CA PHE G 126 -2.65 -33.68 -23.03
C PHE G 126 -3.17 -35.11 -22.98
N GLU G 127 -4.45 -35.28 -23.36
CA GLU G 127 -5.17 -36.52 -23.16
C GLU G 127 -4.79 -37.51 -24.25
N PRO G 128 -4.75 -38.83 -23.97
CA PRO G 128 -4.29 -39.82 -24.94
C PRO G 128 -5.02 -39.75 -26.27
N SER G 129 -4.38 -40.25 -27.33
CA SER G 129 -4.96 -40.26 -28.67
C SER G 129 -6.00 -41.36 -28.80
N GLU G 130 -7.13 -41.07 -29.47
CA GLU G 130 -8.12 -42.11 -29.72
C GLU G 130 -7.51 -43.21 -30.59
N ALA G 131 -6.69 -42.79 -31.55
CA ALA G 131 -5.97 -43.70 -32.44
C ALA G 131 -5.08 -44.63 -31.64
N GLU G 132 -4.31 -44.06 -30.69
CA GLU G 132 -3.33 -44.82 -29.92
C GLU G 132 -4.03 -45.95 -29.18
N ILE G 133 -5.19 -45.62 -28.60
CA ILE G 133 -5.94 -46.55 -27.75
C ILE G 133 -6.41 -47.70 -28.63
N SER G 134 -6.94 -47.34 -29.81
CA SER G 134 -7.47 -48.28 -30.77
C SER G 134 -6.38 -49.25 -31.23
N HIS G 135 -5.18 -48.73 -31.48
CA HIS G 135 -4.10 -49.49 -32.10
C HIS G 135 -3.36 -50.37 -31.09
N THR G 136 -3.15 -49.85 -29.87
CA THR G 136 -2.20 -50.50 -28.96
C THR G 136 -2.90 -50.96 -27.69
N GLN G 137 -4.14 -50.49 -27.47
CA GLN G 137 -4.83 -50.75 -26.22
C GLN G 137 -4.09 -50.13 -25.03
N LYS G 138 -3.37 -49.03 -25.31
CA LYS G 138 -2.62 -48.28 -24.32
C LYS G 138 -2.94 -46.80 -24.51
N ALA G 139 -2.86 -46.03 -23.42
CA ALA G 139 -3.11 -44.60 -23.42
C ALA G 139 -1.90 -43.88 -22.84
N THR G 140 -1.35 -42.96 -23.62
CA THR G 140 -0.19 -42.17 -23.19
C THR G 140 -0.63 -40.73 -22.96
N LEU G 141 -0.53 -40.28 -21.70
CA LEU G 141 -0.71 -38.88 -21.39
C LEU G 141 0.64 -38.21 -21.54
N VAL G 142 0.59 -36.93 -21.93
CA VAL G 142 1.81 -36.15 -22.10
C VAL G 142 1.66 -34.85 -21.34
N CYS G 143 2.73 -34.46 -20.64
CA CYS G 143 2.81 -33.21 -19.92
C CYS G 143 3.88 -32.30 -20.54
N LEU G 144 3.60 -30.99 -20.59
CA LEU G 144 4.51 -29.98 -21.10
C LEU G 144 4.72 -28.90 -20.05
N ALA G 145 5.96 -28.77 -19.58
CA ALA G 145 6.36 -27.57 -18.85
C ALA G 145 7.10 -26.68 -19.83
N THR G 146 6.56 -25.48 -20.09
CA THR G 146 7.21 -24.61 -21.07
C THR G 146 7.53 -23.24 -20.47
N GLY G 147 8.64 -22.67 -20.97
CA GLY G 147 8.93 -21.26 -20.81
C GLY G 147 9.49 -20.93 -19.43
N PHE G 148 10.37 -21.81 -18.93
CA PHE G 148 10.89 -21.62 -17.59
C PHE G 148 12.39 -21.42 -17.65
N TYR G 149 12.92 -20.66 -16.69
CA TYR G 149 14.35 -20.38 -16.55
C TYR G 149 14.62 -20.02 -15.09
N PRO G 150 15.68 -20.59 -14.45
CA PRO G 150 16.57 -21.57 -15.08
C PRO G 150 15.98 -22.98 -15.08
N ASP G 151 16.81 -23.99 -15.34
CA ASP G 151 16.33 -25.35 -15.53
C ASP G 151 16.44 -26.18 -14.25
N HIS G 152 16.03 -25.58 -13.14
CA HIS G 152 15.74 -26.34 -11.93
C HIS G 152 14.25 -26.64 -11.91
N VAL G 153 13.85 -27.72 -12.61
CA VAL G 153 12.49 -28.20 -12.44
C VAL G 153 12.52 -29.69 -12.05
N GLU G 154 11.53 -30.09 -11.24
CA GLU G 154 11.27 -31.49 -10.94
C GLU G 154 9.83 -31.82 -11.30
N LEU G 155 9.68 -32.81 -12.20
CA LEU G 155 8.37 -33.14 -12.73
C LEU G 155 7.93 -34.50 -12.16
N SER G 156 6.69 -34.57 -11.66
CA SER G 156 6.13 -35.78 -11.05
C SER G 156 4.73 -36.06 -11.59
N TRP G 157 4.36 -37.34 -11.66
CA TRP G 157 3.00 -37.72 -12.03
C TRP G 157 2.25 -38.24 -10.81
N TRP G 158 1.04 -37.69 -10.61
CA TRP G 158 0.19 -38.11 -9.53
C TRP G 158 -1.09 -38.71 -10.09
N VAL G 159 -1.32 -39.99 -9.73
CA VAL G 159 -2.54 -40.67 -10.14
C VAL G 159 -3.38 -41.00 -8.91
N ASN G 160 -4.55 -40.35 -8.84
CA ASN G 160 -5.44 -40.50 -7.71
C ASN G 160 -4.72 -40.20 -6.41
N GLY G 161 -3.98 -39.09 -6.36
CA GLY G 161 -3.50 -38.59 -5.09
C GLY G 161 -2.18 -39.23 -4.67
N LYS G 162 -1.81 -40.34 -5.32
CA LYS G 162 -0.53 -40.98 -5.04
C LYS G 162 0.42 -40.75 -6.21
N GLU G 163 1.68 -40.42 -5.89
CA GLU G 163 2.69 -40.21 -6.94
C GLU G 163 2.98 -41.58 -7.53
N VAL G 164 3.26 -41.63 -8.84
CA VAL G 164 3.54 -42.89 -9.50
C VAL G 164 4.85 -42.76 -10.26
N HIS G 165 5.49 -43.91 -10.50
CA HIS G 165 6.72 -43.95 -11.27
C HIS G 165 6.60 -44.90 -12.45
N SER G 166 6.14 -46.15 -12.20
CA SER G 166 6.03 -47.18 -13.23
C SER G 166 5.17 -46.69 -14.39
N GLY G 167 5.73 -46.65 -15.61
CA GLY G 167 5.05 -46.09 -16.78
C GLY G 167 5.27 -44.58 -16.97
N VAL G 168 6.20 -43.97 -16.23
CA VAL G 168 6.58 -42.57 -16.44
C VAL G 168 7.88 -42.51 -17.23
N CYS G 169 7.96 -41.56 -18.18
CA CYS G 169 9.16 -41.28 -18.91
C CYS G 169 9.29 -39.76 -19.03
N THR G 170 10.29 -39.17 -18.34
CA THR G 170 10.56 -37.74 -18.46
C THR G 170 11.86 -37.51 -19.23
N ASP G 171 11.83 -36.52 -20.13
CA ASP G 171 12.99 -36.10 -20.88
C ASP G 171 14.18 -35.92 -19.93
N PRO G 172 15.35 -36.52 -20.24
CA PRO G 172 16.51 -36.39 -19.37
C PRO G 172 17.11 -35.00 -19.37
N GLN G 173 16.86 -34.22 -20.44
CA GLN G 173 17.32 -32.85 -20.51
C GLN G 173 16.20 -32.01 -21.13
N PRO G 174 16.05 -30.75 -20.72
CA PRO G 174 15.03 -29.87 -21.32
C PRO G 174 15.54 -29.31 -22.63
N LEU G 175 14.65 -28.77 -23.47
CA LEU G 175 15.08 -28.14 -24.72
C LEU G 175 14.89 -26.63 -24.65
N LYS G 176 15.83 -25.91 -25.30
CA LYS G 176 15.85 -24.46 -25.36
C LYS G 176 14.77 -24.02 -26.35
N GLU G 177 13.89 -23.11 -25.91
CA GLU G 177 12.77 -22.72 -26.74
C GLU G 177 13.28 -21.82 -27.87
N GLN G 178 14.29 -21.00 -27.56
CA GLN G 178 14.92 -20.14 -28.55
C GLN G 178 16.43 -20.41 -28.53
N PRO G 179 16.94 -21.51 -29.15
CA PRO G 179 18.33 -21.96 -28.94
C PRO G 179 19.42 -21.10 -29.56
N ALA G 180 19.01 -20.09 -30.35
CA ALA G 180 19.88 -19.07 -30.89
C ALA G 180 20.40 -18.18 -29.76
N LEU G 181 19.51 -17.80 -28.84
CA LEU G 181 19.82 -16.88 -27.76
C LEU G 181 20.53 -17.64 -26.63
N ASN G 182 21.42 -16.95 -25.90
CA ASN G 182 22.22 -17.62 -24.88
C ASN G 182 21.41 -17.77 -23.60
N ASP G 183 20.65 -16.71 -23.28
CA ASP G 183 19.68 -16.73 -22.20
C ASP G 183 18.33 -17.09 -22.81
N SER G 184 18.03 -18.40 -22.82
CA SER G 184 16.83 -18.94 -23.42
C SER G 184 16.07 -19.76 -22.38
N ARG G 185 14.73 -19.62 -22.46
CA ARG G 185 13.81 -20.38 -21.62
C ARG G 185 13.80 -21.83 -22.10
N TYR G 186 13.30 -22.70 -21.22
CA TYR G 186 13.32 -24.13 -21.49
C TYR G 186 11.90 -24.71 -21.56
N ALA G 187 11.80 -25.87 -22.23
CA ALA G 187 10.62 -26.71 -22.13
C ALA G 187 11.06 -28.11 -21.71
N LEU G 188 10.19 -28.80 -20.97
CA LEU G 188 10.41 -30.20 -20.65
C LEU G 188 9.10 -30.94 -20.88
N SER G 189 9.22 -32.17 -21.40
CA SER G 189 8.05 -33.00 -21.60
C SER G 189 8.21 -34.29 -20.80
N SER G 190 7.06 -34.88 -20.44
CA SER G 190 7.02 -36.17 -19.76
C SER G 190 5.83 -36.99 -20.27
N ARG G 191 5.94 -38.32 -20.17
CA ARG G 191 4.84 -39.17 -20.62
C ARG G 191 4.46 -40.14 -19.52
N LEU G 192 3.14 -40.36 -19.38
CA LEU G 192 2.61 -41.40 -18.51
C LEU G 192 1.78 -42.32 -19.36
N ARG G 193 2.16 -43.60 -19.38
CA ARG G 193 1.47 -44.62 -20.15
C ARG G 193 0.71 -45.57 -19.23
N VAL G 194 -0.62 -45.61 -19.42
CA VAL G 194 -1.52 -46.48 -18.68
C VAL G 194 -2.32 -47.33 -19.68
N SER G 195 -2.99 -48.39 -19.19
CA SER G 195 -3.86 -49.20 -20.03
C SER G 195 -5.01 -48.34 -20.54
N ALA G 196 -5.56 -48.69 -21.71
CA ALA G 196 -6.66 -47.93 -22.26
C ALA G 196 -7.86 -48.03 -21.31
N THR G 197 -8.01 -49.20 -20.69
CA THR G 197 -9.08 -49.41 -19.72
C THR G 197 -8.90 -48.47 -18.53
N PHE G 198 -7.68 -48.26 -18.07
CA PHE G 198 -7.45 -47.41 -16.91
C PHE G 198 -7.83 -45.98 -17.25
N TRP G 199 -7.49 -45.53 -18.47
CA TRP G 199 -7.79 -44.16 -18.86
C TRP G 199 -9.30 -43.98 -19.04
N GLN G 200 -9.99 -45.06 -19.42
CA GLN G 200 -11.41 -45.00 -19.77
C GLN G 200 -12.30 -44.89 -18.52
N ASN G 201 -11.68 -45.03 -17.34
CA ASN G 201 -12.41 -44.97 -16.10
C ASN G 201 -12.46 -43.51 -15.62
N PRO G 202 -13.64 -42.85 -15.63
CA PRO G 202 -13.73 -41.42 -15.34
C PRO G 202 -13.61 -41.02 -13.87
N ARG G 203 -13.26 -42.00 -13.05
CA ARG G 203 -13.03 -41.78 -11.64
C ARG G 203 -11.53 -41.64 -11.36
N ASN G 204 -10.72 -41.94 -12.38
CA ASN G 204 -9.27 -41.85 -12.29
C ASN G 204 -8.82 -40.42 -12.56
N HIS G 205 -7.99 -39.89 -11.64
CA HIS G 205 -7.52 -38.52 -11.65
C HIS G 205 -6.02 -38.48 -11.91
N PHE G 206 -5.64 -37.76 -12.97
CA PHE G 206 -4.25 -37.65 -13.37
C PHE G 206 -3.78 -36.22 -13.17
N ARG G 207 -2.60 -36.07 -12.56
CA ARG G 207 -2.05 -34.75 -12.31
C ARG G 207 -0.55 -34.77 -12.56
N CYS G 208 -0.13 -33.84 -13.41
CA CYS G 208 1.25 -33.59 -13.73
C CYS G 208 1.70 -32.39 -12.90
N GLN G 209 2.80 -32.55 -12.15
CA GLN G 209 3.18 -31.53 -11.21
C GLN G 209 4.64 -31.18 -11.41
N VAL G 210 4.93 -29.87 -11.50
CA VAL G 210 6.29 -29.40 -11.78
C VAL G 210 6.75 -28.45 -10.66
N GLN G 211 7.76 -28.87 -9.90
CA GLN G 211 8.34 -28.04 -8.87
C GLN G 211 9.39 -27.17 -9.51
N PHE G 212 9.17 -25.84 -9.47
CA PHE G 212 10.10 -24.89 -10.06
C PHE G 212 10.84 -24.18 -8.94
N TYR G 213 12.14 -23.93 -9.16
CA TYR G 213 12.98 -23.23 -8.20
C TYR G 213 13.43 -21.91 -8.82
N GLY G 214 13.14 -20.80 -8.13
CA GLY G 214 13.48 -19.44 -8.55
C GLY G 214 13.83 -18.55 -7.35
N LEU G 215 13.27 -17.35 -7.31
CA LEU G 215 13.52 -16.35 -6.27
C LEU G 215 12.91 -16.84 -4.96
N SER G 216 13.51 -16.42 -3.84
CA SER G 216 12.85 -16.53 -2.54
C SER G 216 12.06 -15.24 -2.29
N GLU G 217 11.20 -15.26 -1.27
CA GLU G 217 10.34 -14.12 -1.00
C GLU G 217 11.19 -12.97 -0.44
N ASN G 218 12.44 -13.27 -0.05
CA ASN G 218 13.38 -12.28 0.46
C ASN G 218 13.81 -11.34 -0.65
N ASP G 219 13.88 -11.83 -1.90
CA ASP G 219 14.39 -11.07 -3.03
C ASP G 219 13.51 -9.90 -3.44
N GLU G 220 14.15 -8.92 -4.07
CA GLU G 220 13.53 -7.69 -4.54
C GLU G 220 12.99 -7.96 -5.95
N TRP G 221 11.88 -7.29 -6.30
CA TRP G 221 11.33 -7.45 -7.63
C TRP G 221 10.84 -6.12 -8.21
N THR G 222 11.58 -5.60 -9.20
CA THR G 222 11.28 -4.35 -9.86
C THR G 222 10.19 -4.54 -10.91
N GLN G 223 10.35 -5.57 -11.76
CA GLN G 223 9.60 -5.74 -13.00
C GLN G 223 8.09 -5.89 -12.73
N ASP G 224 7.29 -5.59 -13.77
CA ASP G 224 5.86 -5.32 -13.58
C ASP G 224 5.00 -6.58 -13.72
N ARG G 225 5.66 -7.74 -13.88
CA ARG G 225 5.00 -9.04 -13.88
C ARG G 225 5.07 -9.62 -12.47
N ALA G 226 4.55 -10.85 -12.31
CA ALA G 226 4.58 -11.48 -10.99
C ALA G 226 5.97 -12.04 -10.72
N LYS G 227 6.41 -11.91 -9.47
CA LYS G 227 7.79 -12.29 -9.15
C LYS G 227 7.89 -13.81 -9.19
N PRO G 228 8.89 -14.36 -9.91
CA PRO G 228 8.96 -15.81 -10.12
C PRO G 228 9.59 -16.56 -8.95
N VAL G 229 8.83 -16.66 -7.85
CA VAL G 229 9.28 -17.42 -6.69
C VAL G 229 9.32 -18.90 -7.02
N THR G 230 10.11 -19.65 -6.23
CA THR G 230 9.96 -21.09 -6.14
C THR G 230 8.50 -21.45 -5.88
N GLN G 231 7.93 -22.31 -6.73
CA GLN G 231 6.53 -22.68 -6.64
C GLN G 231 6.27 -24.01 -7.36
N ILE G 232 5.11 -24.62 -7.11
CA ILE G 232 4.66 -25.80 -7.82
C ILE G 232 3.66 -25.35 -8.88
N VAL G 233 3.75 -25.89 -10.11
CA VAL G 233 2.78 -25.62 -11.15
C VAL G 233 2.28 -26.98 -11.66
N SER G 234 0.95 -27.14 -11.69
CA SER G 234 0.31 -28.42 -11.96
C SER G 234 -0.70 -28.31 -13.09
N ALA G 235 -1.04 -29.47 -13.66
CA ALA G 235 -2.14 -29.61 -14.61
C ALA G 235 -2.75 -31.00 -14.48
N GLU G 236 -4.08 -31.08 -14.56
CA GLU G 236 -4.80 -32.30 -14.24
C GLU G 236 -5.63 -32.75 -15.43
N ALA G 237 -5.96 -34.03 -15.45
CA ALA G 237 -6.89 -34.60 -16.41
C ALA G 237 -7.62 -35.74 -15.74
N TRP G 238 -8.91 -35.91 -16.11
CA TRP G 238 -9.71 -37.01 -15.60
C TRP G 238 -9.92 -38.04 -16.72
N GLY G 239 -9.95 -39.31 -16.34
CA GLY G 239 -10.31 -40.38 -17.25
C GLY G 239 -11.62 -40.11 -17.99
N ARG G 240 -11.77 -40.73 -19.15
CA ARG G 240 -12.83 -40.41 -20.07
C ARG G 240 -13.31 -41.71 -20.73
N ALA G 241 -14.62 -41.93 -20.68
CA ALA G 241 -15.28 -43.17 -21.02
C ALA G 241 -15.36 -43.34 -22.52
N ASP G 242 -15.65 -42.23 -23.22
CA ASP G 242 -15.79 -42.17 -24.67
C ASP G 242 -15.96 -40.71 -25.14
N GLU H 3 48.61 -37.14 -6.62
CA GLU H 3 47.58 -38.19 -6.40
C GLU H 3 46.24 -37.73 -6.99
N GLN H 4 45.95 -38.22 -8.20
CA GLN H 4 44.62 -38.21 -8.75
C GLN H 4 44.27 -39.58 -9.34
N VAL H 5 43.01 -39.67 -9.80
CA VAL H 5 42.47 -40.92 -10.31
C VAL H 5 41.91 -40.69 -11.71
N GLU H 6 42.25 -41.58 -12.63
CA GLU H 6 41.86 -41.42 -14.03
C GLU H 6 40.81 -42.47 -14.35
N GLN H 7 39.64 -42.03 -14.84
CA GLN H 7 38.53 -42.93 -15.09
C GLN H 7 38.11 -42.82 -16.56
N LEU H 8 38.01 -43.96 -17.26
CA LEU H 8 37.73 -44.00 -18.68
C LEU H 8 36.75 -45.11 -18.99
N PRO H 9 35.76 -44.88 -19.90
CA PRO H 9 35.57 -43.58 -20.56
C PRO H 9 34.60 -42.64 -19.84
N SER H 10 34.43 -41.43 -20.41
CA SER H 10 33.53 -40.43 -19.84
C SER H 10 32.06 -40.80 -20.09
N ILE H 11 31.79 -41.32 -21.29
CA ILE H 11 30.48 -41.71 -21.78
C ILE H 11 30.66 -43.09 -22.40
N LEU H 12 29.75 -44.01 -22.06
CA LEU H 12 29.80 -45.41 -22.47
C LEU H 12 28.40 -45.78 -22.93
N ARG H 13 28.23 -45.86 -24.26
CA ARG H 13 27.00 -46.32 -24.89
C ARG H 13 27.13 -47.82 -25.12
N VAL H 14 26.28 -48.60 -24.44
CA VAL H 14 26.30 -50.05 -24.56
C VAL H 14 24.89 -50.48 -24.98
N GLN H 15 24.82 -51.58 -25.76
CA GLN H 15 23.54 -52.11 -26.18
C GLN H 15 23.03 -53.04 -25.08
N GLU H 16 21.70 -53.04 -24.88
CA GLU H 16 21.08 -53.90 -23.88
C GLU H 16 21.61 -55.31 -24.08
N GLY H 17 21.94 -55.98 -22.99
CA GLY H 17 22.34 -57.38 -23.05
C GLY H 17 23.85 -57.55 -23.14
N SER H 18 24.54 -56.53 -23.70
CA SER H 18 26.00 -56.53 -23.80
C SER H 18 26.61 -56.11 -22.47
N SER H 19 27.90 -56.44 -22.26
CA SER H 19 28.55 -56.04 -21.02
C SER H 19 29.23 -54.68 -21.16
N ALA H 20 29.49 -54.01 -20.03
CA ALA H 20 30.13 -52.71 -20.00
C ALA H 20 31.25 -52.73 -18.95
N SER H 21 32.38 -52.08 -19.26
CA SER H 21 33.53 -52.03 -18.37
C SER H 21 33.97 -50.58 -18.23
N ILE H 22 34.33 -50.21 -16.99
CA ILE H 22 34.90 -48.91 -16.72
C ILE H 22 36.28 -49.16 -16.12
N ASN H 23 37.29 -48.42 -16.62
CA ASN H 23 38.64 -48.59 -16.13
C ASN H 23 39.12 -47.33 -15.41
N CYS H 24 39.83 -47.55 -14.31
CA CYS H 24 40.44 -46.50 -13.51
C CYS H 24 41.89 -46.84 -13.21
N SER H 25 42.70 -45.79 -12.98
CA SER H 25 44.07 -45.95 -12.49
C SER H 25 44.36 -44.85 -11.47
N TYR H 26 45.24 -45.17 -10.50
CA TYR H 26 45.51 -44.26 -9.40
C TYR H 26 47.03 -44.07 -9.24
N GLU H 27 47.42 -42.95 -8.63
CA GLU H 27 48.83 -42.57 -8.56
C GLU H 27 49.48 -42.74 -7.18
N ASP H 28 49.24 -43.82 -6.42
CA ASP H 28 49.73 -43.88 -5.05
C ASP H 28 49.80 -45.31 -4.55
N SER H 29 51.05 -45.79 -4.39
CA SER H 29 51.33 -47.18 -4.03
C SER H 29 50.62 -47.56 -2.73
N ALA H 30 50.24 -46.56 -1.94
CA ALA H 30 49.73 -46.80 -0.59
C ALA H 30 48.23 -47.07 -0.52
N SER H 31 47.49 -46.84 -1.61
CA SER H 31 46.04 -46.83 -1.54
C SER H 31 45.52 -48.21 -1.16
N ASN H 32 44.43 -48.25 -0.38
CA ASN H 32 44.06 -49.47 0.33
C ASN H 32 42.62 -49.87 0.05
N TYR H 33 41.83 -48.93 -0.42
CA TYR H 33 40.40 -49.16 -0.55
C TYR H 33 39.93 -48.47 -1.84
N PHE H 34 39.10 -49.20 -2.61
CA PHE H 34 38.70 -48.76 -3.94
C PHE H 34 37.20 -48.98 -4.08
N PRO H 35 36.38 -47.96 -3.76
CA PRO H 35 34.93 -48.09 -3.85
C PRO H 35 34.39 -47.61 -5.19
N TRP H 36 33.19 -48.06 -5.54
CA TRP H 36 32.52 -47.65 -6.75
C TRP H 36 31.12 -47.16 -6.40
N TYR H 37 30.73 -46.04 -7.01
CA TYR H 37 29.47 -45.39 -6.67
C TYR H 37 28.61 -45.28 -7.92
N LYS H 38 27.32 -45.57 -7.75
CA LYS H 38 26.34 -45.38 -8.81
C LYS H 38 25.49 -44.19 -8.42
N GLN H 39 25.15 -43.36 -9.42
CA GLN H 39 24.43 -42.14 -9.09
C GLN H 39 23.32 -41.90 -10.09
N GLU H 40 22.07 -42.04 -9.60
CA GLU H 40 20.93 -41.84 -10.45
C GLU H 40 20.60 -40.36 -10.46
N PRO H 41 20.10 -39.81 -11.59
CA PRO H 41 19.90 -38.37 -11.74
C PRO H 41 19.03 -37.84 -10.60
N GLY H 42 19.48 -36.78 -9.95
CA GLY H 42 18.72 -36.15 -8.88
C GLY H 42 19.15 -36.69 -7.52
N GLU H 43 19.62 -37.94 -7.50
CA GLU H 43 19.81 -38.62 -6.23
C GLU H 43 21.27 -38.48 -5.75
N ASN H 44 21.57 -39.23 -4.68
CA ASN H 44 22.87 -39.25 -4.06
C ASN H 44 23.69 -40.41 -4.62
N PRO H 45 25.03 -40.29 -4.74
CA PRO H 45 25.87 -41.44 -5.10
C PRO H 45 25.63 -42.52 -4.04
N LYS H 46 25.61 -43.77 -4.48
CA LYS H 46 25.38 -44.88 -3.58
C LYS H 46 26.46 -45.91 -3.84
N LEU H 47 27.09 -46.38 -2.75
CA LEU H 47 28.13 -47.39 -2.87
C LEU H 47 27.50 -48.63 -3.48
N ILE H 48 28.17 -49.24 -4.49
CA ILE H 48 27.62 -50.42 -5.16
C ILE H 48 28.51 -51.62 -4.92
N ILE H 49 29.84 -51.40 -4.80
CA ILE H 49 30.82 -52.47 -4.61
C ILE H 49 32.14 -51.82 -4.29
N ASP H 50 33.00 -52.55 -3.57
CA ASP H 50 34.31 -52.02 -3.23
C ASP H 50 35.30 -53.18 -3.21
N ILE H 51 36.59 -52.87 -3.26
CA ILE H 51 37.63 -53.88 -3.17
C ILE H 51 38.82 -53.30 -2.38
N ARG H 52 39.48 -54.16 -1.61
CA ARG H 52 40.61 -53.75 -0.78
C ARG H 52 41.90 -54.32 -1.37
N SER H 53 43.05 -53.71 -1.10
CA SER H 53 44.28 -54.06 -1.79
C SER H 53 44.75 -55.44 -1.35
N ASN H 54 43.93 -56.10 -0.54
CA ASN H 54 44.15 -57.45 -0.03
C ASN H 54 43.83 -58.51 -1.10
N MET H 55 43.09 -58.11 -2.16
CA MET H 55 42.49 -59.04 -3.10
C MET H 55 42.48 -58.44 -4.51
N GLU H 56 42.22 -59.28 -5.52
CA GLU H 56 42.48 -58.89 -6.90
C GLU H 56 41.20 -58.93 -7.73
N ARG H 57 40.17 -59.62 -7.24
CA ARG H 57 38.89 -59.65 -7.93
C ARG H 57 37.77 -59.97 -6.95
N LYS H 58 36.56 -59.50 -7.26
CA LYS H 58 35.41 -59.74 -6.39
C LYS H 58 34.12 -59.67 -7.19
N GLN H 59 33.21 -60.62 -6.96
CA GLN H 59 31.92 -60.60 -7.65
C GLN H 59 30.80 -60.69 -6.61
N THR H 60 30.02 -59.60 -6.47
CA THR H 60 28.76 -59.64 -5.74
C THR H 60 27.77 -58.67 -6.37
N GLN H 61 26.49 -58.98 -6.25
CA GLN H 61 25.47 -57.98 -6.49
C GLN H 61 25.50 -57.54 -7.95
N GLY H 62 25.67 -58.53 -8.83
CA GLY H 62 25.59 -58.29 -10.26
C GLY H 62 26.82 -57.53 -10.76
N LEU H 63 27.89 -57.45 -9.95
CA LEU H 63 29.03 -56.61 -10.25
C LEU H 63 30.35 -57.37 -10.09
N ILE H 64 31.31 -57.06 -10.97
CA ILE H 64 32.66 -57.59 -10.86
C ILE H 64 33.65 -56.42 -10.81
N VAL H 65 34.64 -56.52 -9.90
CA VAL H 65 35.73 -55.55 -9.86
C VAL H 65 37.06 -56.30 -9.91
N LEU H 66 38.01 -55.70 -10.64
CA LEU H 66 39.39 -56.16 -10.61
C LEU H 66 40.25 -55.10 -9.94
N LEU H 67 41.35 -55.54 -9.32
CA LEU H 67 42.37 -54.63 -8.83
C LEU H 67 43.75 -55.21 -9.10
N ASP H 68 44.62 -54.43 -9.77
CA ASP H 68 46.02 -54.76 -9.89
C ASP H 68 46.86 -53.71 -9.15
N LYS H 69 47.25 -54.05 -7.90
CA LYS H 69 47.94 -53.11 -7.04
C LYS H 69 49.27 -52.74 -7.70
N LYS H 70 49.95 -53.74 -8.28
CA LYS H 70 51.27 -53.51 -8.89
C LYS H 70 51.12 -52.52 -10.05
N ALA H 71 50.12 -52.72 -10.92
CA ALA H 71 49.89 -51.86 -12.07
C ALA H 71 49.19 -50.55 -11.69
N LYS H 72 48.68 -50.48 -10.45
CA LYS H 72 47.91 -49.35 -9.99
C LYS H 72 46.70 -49.09 -10.90
N ARG H 73 46.03 -50.17 -11.35
CA ARG H 73 44.84 -50.04 -12.18
C ARG H 73 43.73 -50.93 -11.62
N PHE H 74 42.47 -50.46 -11.65
CA PHE H 74 41.34 -51.28 -11.20
C PHE H 74 40.13 -50.92 -12.08
N SER H 75 39.16 -51.84 -12.15
CA SER H 75 38.07 -51.73 -13.11
C SER H 75 36.78 -52.32 -12.55
N LEU H 76 35.65 -51.89 -13.12
CA LEU H 76 34.32 -52.42 -12.84
C LEU H 76 33.74 -53.02 -14.11
N HIS H 77 33.03 -54.15 -13.97
CA HIS H 77 32.48 -54.88 -15.11
C HIS H 77 31.05 -55.33 -14.83
N ILE H 78 30.13 -54.87 -15.69
CA ILE H 78 28.70 -55.10 -15.54
C ILE H 78 28.26 -55.96 -16.70
N THR H 79 27.95 -57.25 -16.49
CA THR H 79 27.47 -58.10 -17.59
C THR H 79 25.95 -57.97 -17.76
N ASP H 80 25.49 -58.21 -18.99
CA ASP H 80 24.07 -58.26 -19.34
C ASP H 80 23.36 -56.97 -18.93
N THR H 81 23.85 -55.84 -19.46
CA THR H 81 23.31 -54.54 -19.06
C THR H 81 21.83 -54.50 -19.38
N GLN H 82 21.06 -53.80 -18.54
CA GLN H 82 19.66 -53.49 -18.82
C GLN H 82 19.45 -52.00 -18.55
N PRO H 83 18.42 -51.36 -19.14
CA PRO H 83 18.22 -49.91 -19.01
C PRO H 83 18.28 -49.38 -17.58
N GLY H 84 18.10 -50.26 -16.61
CA GLY H 84 18.15 -49.82 -15.22
C GLY H 84 19.55 -49.41 -14.88
N ASP H 85 20.53 -50.00 -15.55
CA ASP H 85 21.93 -49.76 -15.24
C ASP H 85 22.34 -48.39 -15.74
N SER H 86 21.53 -47.80 -16.63
CA SER H 86 21.80 -46.46 -17.11
C SER H 86 21.90 -45.51 -15.92
N ALA H 87 23.12 -45.07 -15.62
CA ALA H 87 23.39 -44.10 -14.58
C ALA H 87 24.83 -43.59 -14.71
N MET H 88 25.20 -42.74 -13.76
CA MET H 88 26.54 -42.20 -13.68
C MET H 88 27.30 -43.04 -12.65
N TYR H 89 28.45 -43.57 -13.06
CA TYR H 89 29.29 -44.33 -12.14
C TYR H 89 30.61 -43.61 -11.85
N PHE H 90 31.15 -43.85 -10.64
CA PHE H 90 32.35 -43.16 -10.17
C PHE H 90 33.21 -44.16 -9.43
N CYS H 91 34.52 -44.10 -9.67
CA CYS H 91 35.47 -44.93 -8.94
C CYS H 91 36.29 -44.01 -8.05
N ALA H 92 36.94 -44.58 -7.02
CA ALA H 92 37.72 -43.75 -6.13
C ALA H 92 38.89 -44.57 -5.57
N ALA H 93 39.86 -43.86 -4.97
CA ALA H 93 40.97 -44.50 -4.29
C ALA H 93 41.19 -43.81 -2.95
N SER H 94 41.38 -44.60 -1.88
CA SER H 94 41.89 -44.13 -0.61
C SER H 94 43.17 -43.32 -0.84
N VAL H 95 43.37 -42.28 0.01
CA VAL H 95 44.54 -41.44 -0.05
C VAL H 95 45.41 -41.45 1.21
N ARG H 96 44.86 -41.04 2.35
CA ARG H 96 45.62 -40.93 3.58
C ARG H 96 44.87 -41.58 4.75
N ASN H 97 44.24 -42.73 4.48
CA ASN H 97 43.39 -43.44 5.43
C ASN H 97 42.14 -42.61 5.77
N TYR H 98 41.98 -41.45 5.12
CA TYR H 98 40.81 -40.61 5.33
C TYR H 98 40.22 -40.16 3.99
N LYS H 99 41.08 -39.87 3.01
CA LYS H 99 40.63 -39.16 1.82
C LYS H 99 40.17 -40.15 0.75
N TYR H 100 38.95 -39.91 0.21
CA TYR H 100 38.52 -40.56 -1.00
C TYR H 100 38.71 -39.63 -2.21
N VAL H 101 39.62 -40.00 -3.13
CA VAL H 101 39.83 -39.28 -4.38
C VAL H 101 39.09 -39.99 -5.52
N PHE H 102 38.24 -39.24 -6.23
CA PHE H 102 37.30 -39.83 -7.17
C PHE H 102 37.70 -39.61 -8.62
N GLY H 103 37.32 -40.54 -9.50
CA GLY H 103 37.37 -40.30 -10.95
C GLY H 103 36.35 -39.24 -11.35
N ALA H 104 36.37 -38.79 -12.60
CA ALA H 104 35.40 -37.78 -12.98
C ALA H 104 34.09 -38.45 -13.34
N GLY H 105 34.02 -39.79 -13.32
CA GLY H 105 32.77 -40.47 -13.57
C GLY H 105 32.55 -40.91 -15.03
N THR H 106 31.70 -41.92 -15.19
CA THR H 106 31.30 -42.45 -16.48
C THR H 106 29.79 -42.43 -16.54
N ARG H 107 29.23 -41.75 -17.55
CA ARG H 107 27.80 -41.81 -17.81
C ARG H 107 27.54 -43.02 -18.68
N LEU H 108 26.88 -44.04 -18.12
CA LEU H 108 26.55 -45.28 -18.82
C LEU H 108 25.16 -45.15 -19.43
N LYS H 109 25.05 -45.24 -20.77
CA LYS H 109 23.75 -45.23 -21.40
C LYS H 109 23.49 -46.62 -22.01
N VAL H 110 22.42 -47.30 -21.57
CA VAL H 110 22.10 -48.62 -22.09
C VAL H 110 20.99 -48.45 -23.12
N ILE H 111 21.28 -48.76 -24.40
CA ILE H 111 20.31 -48.66 -25.48
C ILE H 111 19.48 -49.94 -25.45
N ALA H 112 18.14 -49.81 -25.58
CA ALA H 112 17.25 -50.93 -25.32
C ALA H 112 16.82 -51.60 -26.61
N ASP H 113 16.62 -52.92 -26.59
CA ASP H 113 16.20 -53.64 -27.80
C ASP H 113 14.68 -53.71 -27.83
N ILE H 114 14.07 -52.76 -28.57
CA ILE H 114 12.66 -52.85 -28.89
C ILE H 114 12.41 -54.13 -29.68
N GLN H 115 11.59 -55.03 -29.11
CA GLN H 115 11.39 -56.38 -29.58
C GLN H 115 10.44 -56.37 -30.78
N ASN H 116 9.24 -55.79 -30.58
CA ASN H 116 8.24 -55.67 -31.62
C ASN H 116 7.92 -54.19 -31.77
N PRO H 117 8.69 -53.47 -32.61
CA PRO H 117 8.45 -52.04 -32.87
C PRO H 117 7.08 -51.88 -33.47
N ASP H 118 6.46 -50.72 -33.22
CA ASP H 118 5.16 -50.39 -33.77
C ASP H 118 5.11 -48.90 -34.06
N PRO H 119 5.98 -48.39 -34.98
CA PRO H 119 6.12 -46.94 -35.19
C PRO H 119 4.77 -46.32 -35.50
N ALA H 120 4.44 -45.26 -34.76
CA ALA H 120 3.21 -44.51 -34.99
C ALA H 120 3.39 -43.07 -34.54
N VAL H 121 2.61 -42.15 -35.13
CA VAL H 121 2.59 -40.77 -34.68
C VAL H 121 1.16 -40.37 -34.37
N TYR H 122 0.88 -40.05 -33.10
CA TYR H 122 -0.48 -39.76 -32.66
C TYR H 122 -0.58 -38.30 -32.24
N GLN H 123 -1.82 -37.79 -32.26
CA GLN H 123 -2.05 -36.37 -31.92
C GLN H 123 -2.87 -36.31 -30.63
N LEU H 124 -2.30 -35.65 -29.61
CA LEU H 124 -2.89 -35.52 -28.30
C LEU H 124 -3.54 -34.14 -28.22
N ARG H 125 -4.58 -33.97 -27.38
CA ARG H 125 -5.27 -32.71 -27.20
C ARG H 125 -5.12 -32.24 -25.75
N ASP H 126 -5.11 -30.91 -25.53
CA ASP H 126 -5.03 -30.33 -24.20
C ASP H 126 -6.23 -30.79 -23.36
N SER H 127 -6.05 -30.83 -22.04
CA SER H 127 -7.11 -31.27 -21.13
C SER H 127 -8.03 -30.10 -20.83
N LYS H 128 -7.49 -28.88 -21.02
CA LYS H 128 -8.30 -27.66 -20.92
C LYS H 128 -8.61 -27.14 -22.32
N SER H 129 -8.85 -25.81 -22.44
CA SER H 129 -9.06 -25.10 -23.68
C SER H 129 -10.02 -25.88 -24.60
N ASP H 131 -7.33 -25.03 -27.71
CA ASP H 131 -7.03 -25.24 -29.15
C ASP H 131 -5.59 -25.77 -29.32
N LYS H 132 -5.11 -26.60 -28.39
CA LYS H 132 -3.65 -26.75 -28.21
C LYS H 132 -3.19 -28.21 -28.31
N SER H 133 -2.26 -28.53 -29.21
CA SER H 133 -1.98 -29.87 -29.65
C SER H 133 -0.53 -30.18 -29.34
N VAL H 134 -0.24 -31.46 -29.08
CA VAL H 134 1.09 -32.04 -29.09
C VAL H 134 1.07 -33.26 -30.02
N CYS H 135 2.19 -33.61 -30.65
CA CYS H 135 2.30 -34.85 -31.42
C CYS H 135 3.25 -35.83 -30.77
N LEU H 136 2.89 -37.11 -30.79
CA LEU H 136 3.69 -38.12 -30.11
C LEU H 136 4.17 -39.16 -31.11
N PHE H 137 5.48 -39.28 -31.25
CA PHE H 137 6.08 -40.35 -32.05
C PHE H 137 6.55 -41.43 -31.08
N THR H 138 6.01 -42.64 -31.25
CA THR H 138 6.16 -43.65 -30.22
C THR H 138 6.30 -45.04 -30.83
N ASP H 139 6.81 -45.96 -30.00
CA ASP H 139 6.96 -47.38 -30.29
C ASP H 139 7.88 -47.60 -31.48
N PHE H 140 8.81 -46.67 -31.73
CA PHE H 140 9.79 -46.86 -32.79
C PHE H 140 11.01 -47.62 -32.22
N ASP H 141 11.82 -48.19 -33.09
CA ASP H 141 12.94 -49.03 -32.67
C ASP H 141 14.12 -48.17 -32.26
N SER H 142 15.13 -48.80 -31.65
CA SER H 142 16.25 -48.15 -31.00
C SER H 142 17.06 -47.33 -32.01
N GLN H 143 17.24 -47.86 -33.23
CA GLN H 143 18.09 -47.25 -34.24
C GLN H 143 17.19 -46.42 -35.15
N THR H 144 16.60 -45.37 -34.59
CA THR H 144 15.90 -44.34 -35.35
C THR H 144 16.46 -42.99 -34.92
N ASN H 145 16.57 -42.06 -35.89
CA ASN H 145 17.10 -40.75 -35.62
C ASN H 145 15.95 -39.73 -35.56
N VAL H 146 15.92 -38.96 -34.47
CA VAL H 146 14.89 -37.96 -34.25
C VAL H 146 15.58 -36.61 -34.38
N SER H 147 15.10 -35.80 -35.34
CA SER H 147 15.81 -34.58 -35.71
C SER H 147 15.02 -33.39 -35.19
N GLN H 148 15.71 -32.36 -34.66
CA GLN H 148 15.01 -31.12 -34.31
C GLN H 148 14.61 -30.36 -35.58
N SER H 149 13.69 -29.40 -35.45
CA SER H 149 12.89 -28.94 -36.56
C SER H 149 13.67 -27.91 -37.38
N LYS H 150 13.64 -28.08 -38.72
CA LYS H 150 14.18 -27.07 -39.62
C LYS H 150 13.25 -25.85 -39.63
N ASP H 151 11.98 -26.08 -39.26
CA ASP H 151 11.09 -25.00 -38.89
C ASP H 151 11.55 -24.35 -37.58
N SER H 152 11.27 -23.06 -37.46
CA SER H 152 11.70 -22.27 -36.33
C SER H 152 10.66 -22.30 -35.19
N ASP H 153 9.40 -22.46 -35.57
CA ASP H 153 8.28 -22.32 -34.65
C ASP H 153 8.04 -23.63 -33.88
N VAL H 154 8.85 -24.68 -34.17
CA VAL H 154 8.48 -26.07 -33.88
C VAL H 154 9.53 -26.69 -32.97
N TYR H 155 9.06 -27.36 -31.91
CA TYR H 155 9.93 -27.96 -30.91
C TYR H 155 9.76 -29.47 -30.98
N ILE H 156 10.89 -30.18 -30.94
CA ILE H 156 10.87 -31.63 -30.90
C ILE H 156 11.83 -32.09 -29.82
N THR H 157 11.36 -33.01 -28.96
CA THR H 157 12.19 -33.47 -27.85
C THR H 157 13.03 -34.60 -28.40
N ASP H 158 14.02 -35.02 -27.64
CA ASP H 158 14.76 -36.22 -27.96
C ASP H 158 13.93 -37.44 -27.52
N LYS H 159 14.35 -38.63 -27.96
CA LYS H 159 13.67 -39.87 -27.60
C LYS H 159 13.86 -40.12 -26.10
N CYS H 160 12.91 -40.88 -25.53
CA CYS H 160 12.82 -41.21 -24.12
C CYS H 160 12.55 -42.72 -24.10
N VAL H 161 13.41 -43.47 -23.41
CA VAL H 161 13.24 -44.92 -23.29
C VAL H 161 12.53 -45.26 -21.97
N LEU H 162 11.37 -45.95 -22.05
CA LEU H 162 10.72 -46.44 -20.83
C LEU H 162 10.91 -47.95 -20.73
N ASP H 163 11.25 -48.40 -19.52
CA ASP H 163 11.42 -49.82 -19.23
C ASP H 163 10.59 -50.19 -18.02
N MET H 164 9.50 -50.95 -18.23
CA MET H 164 8.64 -51.35 -17.13
C MET H 164 9.21 -52.55 -16.38
N ARG H 165 9.08 -52.53 -15.05
CA ARG H 165 9.40 -53.68 -14.20
C ARG H 165 8.30 -54.75 -14.31
N SER H 166 7.07 -54.34 -14.63
CA SER H 166 5.89 -55.15 -14.74
C SER H 166 5.99 -56.18 -15.87
N MET H 167 6.26 -55.75 -17.10
CA MET H 167 6.30 -56.61 -18.28
C MET H 167 7.72 -56.52 -18.87
N ASP H 168 8.03 -57.36 -19.88
CA ASP H 168 9.27 -57.25 -20.61
C ASP H 168 9.08 -56.34 -21.83
N PHE H 169 8.38 -55.23 -21.64
CA PHE H 169 8.09 -54.29 -22.72
C PHE H 169 8.79 -52.95 -22.50
N LYS H 170 9.65 -52.56 -23.46
CA LYS H 170 10.28 -51.25 -23.52
C LYS H 170 9.62 -50.43 -24.65
N SER H 171 9.57 -49.09 -24.53
CA SER H 171 9.14 -48.27 -25.66
C SER H 171 9.84 -46.92 -25.72
N ASN H 172 10.10 -46.46 -26.96
CA ASN H 172 10.68 -45.14 -27.23
C ASN H 172 9.58 -44.14 -27.57
N SER H 173 9.77 -42.87 -27.21
CA SER H 173 8.77 -41.85 -27.53
C SER H 173 9.47 -40.50 -27.69
N ALA H 174 8.91 -39.66 -28.55
CA ALA H 174 9.38 -38.29 -28.64
C ALA H 174 8.19 -37.38 -28.89
N VAL H 175 8.29 -36.14 -28.43
CA VAL H 175 7.15 -35.26 -28.42
C VAL H 175 7.49 -34.06 -29.29
N ALA H 176 6.49 -33.56 -30.01
CA ALA H 176 6.70 -32.38 -30.85
C ALA H 176 5.48 -31.48 -30.76
N TRP H 177 5.70 -30.17 -30.80
CA TRP H 177 4.60 -29.23 -30.66
C TRP H 177 4.96 -27.88 -31.31
N SER H 178 3.94 -27.04 -31.57
CA SER H 178 4.19 -25.77 -32.22
C SER H 178 3.02 -24.81 -32.04
N ASN H 179 3.28 -23.51 -32.15
CA ASN H 179 2.27 -22.48 -31.96
C ASN H 179 1.67 -22.10 -33.32
N LYS H 180 2.41 -22.38 -34.41
CA LYS H 180 2.04 -22.02 -35.77
C LYS H 180 0.69 -22.65 -36.17
N SER H 181 -0.01 -21.98 -37.09
CA SER H 181 -1.37 -22.34 -37.48
C SER H 181 -1.34 -23.52 -38.45
N ASP H 182 -0.26 -23.56 -39.25
CA ASP H 182 -0.15 -24.49 -40.38
C ASP H 182 0.43 -25.84 -39.91
N PHE H 183 0.84 -25.93 -38.65
CA PHE H 183 1.47 -27.11 -38.11
C PHE H 183 0.45 -28.25 -37.99
N ALA H 184 0.88 -29.43 -38.45
CA ALA H 184 0.22 -30.69 -38.12
C ALA H 184 1.24 -31.82 -38.11
N CYS H 185 0.84 -32.93 -37.49
CA CYS H 185 1.67 -34.09 -37.32
C CYS H 185 2.07 -34.51 -38.74
N ALA H 186 3.36 -34.76 -38.99
CA ALA H 186 3.92 -34.91 -40.34
C ALA H 186 4.14 -33.51 -40.92
N PHE H 189 7.69 -34.25 -37.44
CA PHE H 189 8.92 -35.08 -37.30
C PHE H 189 9.53 -35.47 -38.67
N ASN H 190 10.04 -34.49 -39.44
CA ASN H 190 10.87 -34.81 -40.61
C ASN H 190 12.24 -35.36 -40.16
N ASN H 191 12.20 -36.43 -39.36
CA ASN H 191 13.37 -37.13 -38.87
C ASN H 191 13.59 -38.36 -39.73
N SER H 192 14.55 -39.22 -39.35
CA SER H 192 14.87 -40.41 -40.12
C SER H 192 13.86 -41.54 -39.84
N ILE H 193 12.59 -41.30 -40.21
CA ILE H 193 11.45 -41.99 -39.62
C ILE H 193 11.45 -43.46 -40.03
N ILE H 194 11.10 -44.36 -39.09
CA ILE H 194 10.69 -45.72 -39.41
C ILE H 194 9.49 -45.64 -40.34
N PRO H 195 9.40 -46.48 -41.41
CA PRO H 195 8.46 -46.24 -42.52
C PRO H 195 6.98 -46.65 -42.37
N GLU H 196 6.30 -46.19 -41.30
CA GLU H 196 4.94 -46.61 -41.01
C GLU H 196 4.19 -45.64 -40.10
N ASP H 197 2.87 -45.80 -40.13
CA ASP H 197 1.86 -45.04 -39.41
C ASP H 197 1.85 -43.59 -39.87
N THR H 198 1.64 -42.66 -38.94
CA THR H 198 1.18 -41.30 -39.20
C THR H 198 -0.23 -41.37 -39.80
N PHE H 199 -1.08 -42.21 -39.19
CA PHE H 199 -2.45 -42.45 -39.64
C PHE H 199 -3.47 -41.57 -38.87
N PHE H 200 -4.15 -40.69 -39.63
CA PHE H 200 -5.09 -39.68 -39.12
C PHE H 200 -6.38 -39.74 -39.96
N GLY I 2 -31.13 18.80 -25.72
CA GLY I 2 -30.58 18.96 -24.36
C GLY I 2 -29.19 19.59 -24.37
N VAL I 3 -28.89 20.37 -23.32
CA VAL I 3 -27.56 20.87 -23.02
C VAL I 3 -26.73 19.75 -22.44
N ILE I 4 -25.53 19.51 -23.00
CA ILE I 4 -24.69 18.40 -22.56
C ILE I 4 -23.46 18.97 -21.90
N GLN I 5 -23.16 18.48 -20.68
CA GLN I 5 -21.94 18.93 -20.01
C GLN I 5 -21.06 17.74 -19.66
N THR I 6 -19.75 17.95 -19.74
CA THR I 6 -18.77 16.93 -19.38
C THR I 6 -17.59 17.61 -18.72
N PRO I 7 -16.90 16.93 -17.78
CA PRO I 7 -17.37 15.64 -17.27
C PRO I 7 -18.50 15.85 -16.25
N ARG I 8 -19.16 14.77 -15.86
CA ARG I 8 -20.18 14.86 -14.82
C ARG I 8 -19.51 15.12 -13.48
N HIS I 9 -18.36 14.48 -13.22
CA HIS I 9 -17.62 14.74 -12.02
C HIS I 9 -16.14 14.95 -12.33
N LYS I 10 -15.51 15.84 -11.55
CA LYS I 10 -14.09 16.09 -11.64
C LYS I 10 -13.53 16.20 -10.22
N VAL I 11 -12.59 15.30 -9.92
CA VAL I 11 -11.81 15.41 -8.70
C VAL I 11 -10.40 15.90 -9.05
N THR I 12 -9.96 16.97 -8.38
CA THR I 12 -8.62 17.55 -8.57
C THR I 12 -8.00 17.78 -7.19
N GLY I 13 -6.69 17.94 -7.16
CA GLY I 13 -5.97 18.33 -5.95
C GLY I 13 -5.71 19.84 -5.95
N LYS I 14 -5.28 20.39 -4.81
CA LYS I 14 -5.08 21.83 -4.68
C LYS I 14 -4.01 22.23 -5.69
N GLY I 15 -4.34 23.21 -6.54
CA GLY I 15 -3.37 23.79 -7.44
C GLY I 15 -3.39 23.15 -8.84
N GLN I 16 -4.17 22.08 -9.02
CA GLN I 16 -4.35 21.47 -10.34
C GLN I 16 -5.27 22.36 -11.19
N GLU I 17 -5.24 22.15 -12.50
CA GLU I 17 -6.09 22.89 -13.41
C GLU I 17 -7.32 22.03 -13.65
N ALA I 18 -8.47 22.68 -13.88
CA ALA I 18 -9.64 21.94 -14.32
C ALA I 18 -10.35 22.74 -15.41
N THR I 19 -10.78 22.03 -16.46
CA THR I 19 -11.57 22.69 -17.48
C THR I 19 -12.89 21.96 -17.62
N LEU I 20 -13.97 22.71 -17.78
CA LEU I 20 -15.32 22.19 -17.85
C LEU I 20 -15.91 22.50 -19.21
N TRP I 21 -16.57 21.50 -19.81
CA TRP I 21 -17.06 21.55 -21.18
C TRP I 21 -18.58 21.62 -21.20
N CYS I 22 -19.11 22.47 -22.08
CA CYS I 22 -20.55 22.57 -22.21
C CYS I 22 -20.94 22.73 -23.68
N GLU I 23 -21.85 21.87 -24.16
CA GLU I 23 -22.39 22.03 -25.49
C GLU I 23 -23.84 22.52 -25.35
N PRO I 24 -24.14 23.79 -25.66
CA PRO I 24 -25.50 24.31 -25.68
C PRO I 24 -26.42 23.60 -26.66
N ILE I 25 -27.69 24.03 -26.68
CA ILE I 25 -28.61 23.52 -27.69
C ILE I 25 -28.27 24.20 -29.03
N SER I 26 -28.67 23.56 -30.14
CA SER I 26 -28.71 24.19 -31.45
C SER I 26 -29.59 25.45 -31.47
N GLY I 27 -29.09 26.45 -32.19
CA GLY I 27 -29.81 27.70 -32.40
C GLY I 27 -29.62 28.71 -31.28
N HIS I 28 -28.81 28.36 -30.27
CA HIS I 28 -28.89 29.02 -28.99
C HIS I 28 -27.92 30.20 -28.90
N SER I 29 -28.45 31.42 -29.01
CA SER I 29 -27.67 32.65 -29.05
C SER I 29 -27.06 33.03 -27.68
N ALA I 30 -27.76 32.67 -26.61
CA ALA I 30 -27.35 32.99 -25.25
C ALA I 30 -26.80 31.75 -24.56
N VAL I 31 -25.58 31.86 -24.03
CA VAL I 31 -24.98 30.79 -23.23
C VAL I 31 -24.58 31.35 -21.87
N PHE I 32 -24.88 30.59 -20.81
CA PHE I 32 -24.67 31.05 -19.44
C PHE I 32 -23.92 30.00 -18.65
N TRP I 33 -23.31 30.46 -17.54
CA TRP I 33 -22.72 29.59 -16.55
C TRP I 33 -23.28 29.96 -15.18
N TYR I 34 -23.65 28.95 -14.38
CA TYR I 34 -24.09 29.16 -13.02
C TYR I 34 -23.33 28.24 -12.06
N ARG I 35 -23.13 28.74 -10.84
CA ARG I 35 -22.50 27.95 -9.79
C ARG I 35 -23.59 27.54 -8.83
N GLN I 36 -23.55 26.26 -8.41
CA GLN I 36 -24.59 25.72 -7.55
C GLN I 36 -23.94 25.17 -6.28
N THR I 37 -24.27 25.80 -5.15
CA THR I 37 -23.74 25.45 -3.85
C THR I 37 -24.87 25.42 -2.82
N ILE I 38 -24.51 24.90 -1.64
CA ILE I 38 -25.44 24.68 -0.55
C ILE I 38 -25.92 26.04 -0.04
N VAL I 39 -25.00 27.01 0.01
CA VAL I 39 -25.29 28.32 0.58
C VAL I 39 -26.05 29.19 -0.42
N GLN I 40 -25.59 29.27 -1.68
CA GLN I 40 -26.04 30.31 -2.58
C GLN I 40 -27.03 29.78 -3.61
N GLY I 41 -27.26 28.45 -3.67
CA GLY I 41 -28.17 27.88 -4.66
C GLY I 41 -27.65 28.15 -6.06
N LEU I 42 -28.52 28.54 -7.03
CA LEU I 42 -28.11 28.98 -8.35
C LEU I 42 -27.58 30.40 -8.31
N GLU I 43 -26.33 30.54 -8.75
CA GLU I 43 -25.65 31.83 -8.80
C GLU I 43 -25.13 32.07 -10.21
N PHE I 44 -25.59 33.18 -10.82
CA PHE I 44 -25.08 33.64 -12.10
C PHE I 44 -23.57 33.80 -12.00
N LEU I 45 -22.88 33.39 -13.07
CA LEU I 45 -21.44 33.58 -13.19
C LEU I 45 -21.15 34.46 -14.39
N THR I 46 -21.58 34.02 -15.59
CA THR I 46 -21.21 34.69 -16.82
C THR I 46 -22.25 34.45 -17.92
N TYR I 47 -22.24 35.36 -18.91
CA TYR I 47 -23.20 35.34 -20.01
C TYR I 47 -22.48 35.69 -21.30
N PHE I 48 -22.84 34.97 -22.38
CA PHE I 48 -22.33 35.20 -23.72
C PHE I 48 -23.52 35.37 -24.67
N ARG I 49 -23.43 36.42 -25.53
CA ARG I 49 -24.36 36.58 -26.64
C ARG I 49 -23.59 36.47 -27.95
N ASN I 50 -23.85 35.39 -28.68
CA ASN I 50 -23.15 35.03 -29.91
C ASN I 50 -21.64 35.00 -29.68
N GLN I 51 -21.21 34.22 -28.69
CA GLN I 51 -19.81 33.93 -28.41
C GLN I 51 -19.13 35.12 -27.74
N ALA I 52 -19.86 36.22 -27.54
CA ALA I 52 -19.26 37.45 -27.05
C ALA I 52 -19.50 37.65 -25.54
N PRO I 53 -18.43 37.74 -24.71
CA PRO I 53 -18.57 37.98 -23.26
C PRO I 53 -19.34 39.28 -23.03
N ILE I 54 -20.47 39.20 -22.32
CA ILE I 54 -21.25 40.40 -22.03
C ILE I 54 -21.25 40.72 -20.54
N ASP I 55 -21.58 39.73 -19.70
CA ASP I 55 -21.64 39.95 -18.26
C ASP I 55 -20.90 38.80 -17.57
N ASP I 56 -19.85 39.13 -16.80
CA ASP I 56 -19.09 38.14 -16.05
C ASP I 56 -19.03 38.58 -14.59
N SER I 57 -20.10 39.27 -14.16
CA SER I 57 -20.13 39.92 -12.86
C SER I 57 -20.09 38.89 -11.74
N GLY I 58 -20.57 37.68 -11.99
CA GLY I 58 -20.64 36.66 -10.95
C GLY I 58 -19.35 35.85 -10.83
N MET I 59 -18.49 35.93 -11.86
CA MET I 59 -17.28 35.15 -11.89
C MET I 59 -16.34 35.63 -10.79
N PRO I 60 -15.64 34.70 -10.10
CA PRO I 60 -14.56 35.07 -9.17
C PRO I 60 -13.53 35.94 -9.91
N LYS I 61 -12.96 36.91 -9.19
CA LYS I 61 -12.16 37.93 -9.87
C LYS I 61 -10.77 37.40 -10.23
N GLU I 62 -10.46 36.16 -9.86
CA GLU I 62 -9.18 35.52 -10.16
C GLU I 62 -9.39 34.03 -10.40
N ARG I 63 -8.56 33.47 -11.29
CA ARG I 63 -8.39 32.04 -11.54
C ARG I 63 -9.48 31.46 -12.43
N PHE I 64 -10.60 32.19 -12.57
CA PHE I 64 -11.75 31.67 -13.30
C PHE I 64 -11.86 32.38 -14.63
N SER I 65 -12.10 31.60 -15.69
CA SER I 65 -12.24 32.18 -17.01
C SER I 65 -13.22 31.35 -17.83
N ALA I 66 -13.94 32.02 -18.72
CA ALA I 66 -14.88 31.33 -19.58
C ALA I 66 -14.66 31.79 -21.02
N GLN I 67 -14.78 30.83 -21.95
CA GLN I 67 -14.54 31.09 -23.35
C GLN I 67 -15.61 30.38 -24.16
N MET I 68 -15.81 30.87 -25.38
CA MET I 68 -16.58 30.16 -26.36
C MET I 68 -15.76 30.06 -27.65
N PRO I 69 -14.94 28.98 -27.81
CA PRO I 69 -14.18 28.72 -29.03
C PRO I 69 -14.99 28.88 -30.30
N ASN I 70 -16.06 28.07 -30.43
CA ASN I 70 -16.99 28.23 -31.52
C ASN I 70 -18.35 28.61 -30.93
N GLN I 71 -19.39 28.59 -31.77
CA GLN I 71 -20.72 28.94 -31.31
C GLN I 71 -21.53 27.68 -30.98
N SER I 72 -20.84 26.54 -30.81
CA SER I 72 -21.52 25.29 -30.50
C SER I 72 -21.01 24.67 -29.21
N HIS I 73 -19.95 25.25 -28.62
CA HIS I 73 -19.55 24.80 -27.29
C HIS I 73 -18.91 25.94 -26.50
N SER I 74 -18.77 25.73 -25.17
CA SER I 74 -18.22 26.70 -24.25
C SER I 74 -17.42 25.99 -23.15
N THR I 75 -16.45 26.70 -22.57
CA THR I 75 -15.57 26.08 -21.59
C THR I 75 -15.44 27.00 -20.39
N LEU I 76 -15.33 26.37 -19.21
CA LEU I 76 -14.97 27.08 -18.00
C LEU I 76 -13.65 26.51 -17.50
N LYS I 77 -12.63 27.37 -17.36
CA LYS I 77 -11.32 26.92 -16.94
C LYS I 77 -11.06 27.51 -15.56
N ILE I 78 -10.67 26.63 -14.62
CA ILE I 78 -10.23 27.08 -13.33
C ILE I 78 -8.75 26.73 -13.21
N GLN I 79 -7.96 27.76 -12.89
CA GLN I 79 -6.54 27.61 -12.69
C GLN I 79 -6.27 27.48 -11.20
N SER I 80 -5.36 26.56 -10.85
CA SER I 80 -4.90 26.44 -9.49
C SER I 80 -6.09 26.20 -8.56
N THR I 81 -6.79 25.08 -8.78
CA THR I 81 -8.03 24.76 -8.07
C THR I 81 -7.78 24.80 -6.57
N GLN I 82 -8.75 25.38 -5.85
CA GLN I 82 -8.70 25.51 -4.40
C GLN I 82 -9.96 24.88 -3.83
N PRO I 83 -9.94 24.34 -2.58
CA PRO I 83 -11.14 23.74 -1.98
C PRO I 83 -12.44 24.53 -2.07
N GLN I 84 -12.35 25.86 -1.99
CA GLN I 84 -13.54 26.69 -2.07
C GLN I 84 -14.14 26.70 -3.47
N ASP I 85 -13.42 26.13 -4.45
CA ASP I 85 -13.92 26.07 -5.82
C ASP I 85 -14.95 24.96 -5.95
N SER I 86 -14.98 24.07 -4.93
CA SER I 86 -15.82 22.87 -4.97
C SER I 86 -17.28 23.30 -5.04
N ALA I 87 -17.96 22.81 -6.08
CA ALA I 87 -19.37 23.14 -6.32
C ALA I 87 -19.84 22.39 -7.56
N VAL I 88 -21.11 22.61 -7.90
CA VAL I 88 -21.61 22.13 -9.17
C VAL I 88 -21.67 23.31 -10.12
N TYR I 89 -21.15 23.11 -11.33
CA TYR I 89 -21.10 24.17 -12.33
C TYR I 89 -22.09 23.83 -13.42
N LEU I 90 -23.23 24.52 -13.40
CA LEU I 90 -24.27 24.35 -14.40
C LEU I 90 -23.98 25.25 -15.59
N CYS I 91 -24.42 24.82 -16.76
CA CYS I 91 -24.32 25.61 -17.98
C CYS I 91 -25.70 25.69 -18.62
N ALA I 92 -26.04 26.81 -19.25
CA ALA I 92 -27.38 26.96 -19.75
C ALA I 92 -27.38 27.71 -21.08
N SER I 93 -28.48 27.58 -21.82
CA SER I 93 -28.67 28.24 -23.10
C SER I 93 -30.12 28.68 -23.27
N SER I 94 -30.35 29.74 -24.05
CA SER I 94 -31.70 30.19 -24.40
C SER I 94 -31.66 30.82 -25.78
N ARG I 95 -32.75 30.70 -26.53
CA ARG I 95 -32.79 31.23 -27.89
C ARG I 95 -33.31 32.67 -27.88
N GLN I 96 -33.16 33.35 -29.02
CA GLN I 96 -33.87 34.59 -29.29
C GLN I 96 -35.34 34.24 -29.53
N GLY I 97 -36.26 35.14 -29.17
CA GLY I 97 -37.70 34.92 -29.29
C GLY I 97 -38.21 33.81 -28.39
N GLN I 98 -37.41 33.46 -27.39
CA GLN I 98 -37.67 32.39 -26.44
C GLN I 98 -37.27 32.94 -25.07
N ASN I 99 -38.20 32.80 -24.12
CA ASN I 99 -37.91 33.12 -22.74
C ASN I 99 -37.26 31.92 -22.06
N THR I 100 -37.48 30.70 -22.57
CA THR I 100 -37.12 29.50 -21.83
C THR I 100 -35.60 29.38 -21.74
N LEU I 101 -35.13 29.09 -20.52
CA LEU I 101 -33.71 28.85 -20.28
C LEU I 101 -33.49 27.35 -20.06
N TYR I 102 -32.57 26.73 -20.82
CA TYR I 102 -32.37 25.30 -20.69
C TYR I 102 -31.08 25.06 -19.92
N PHE I 103 -31.11 24.18 -18.91
CA PHE I 103 -29.93 23.93 -18.11
C PHE I 103 -29.33 22.58 -18.47
N GLY I 104 -28.01 22.50 -18.34
CA GLY I 104 -27.28 21.25 -18.32
C GLY I 104 -27.37 20.62 -16.93
N ALA I 105 -26.89 19.39 -16.77
CA ALA I 105 -26.95 18.72 -15.49
C ALA I 105 -25.67 18.99 -14.71
N GLY I 106 -24.71 19.68 -15.36
CA GLY I 106 -23.58 20.30 -14.68
C GLY I 106 -22.41 19.36 -14.43
N THR I 107 -21.30 19.94 -13.97
CA THR I 107 -20.09 19.24 -13.58
C THR I 107 -19.87 19.49 -12.09
N ARG I 108 -19.75 18.42 -11.31
CA ARG I 108 -19.45 18.53 -9.89
C ARG I 108 -17.94 18.55 -9.73
N LEU I 109 -17.43 19.66 -9.19
CA LEU I 109 -16.01 19.76 -8.98
C LEU I 109 -15.71 19.62 -7.50
N SER I 110 -14.82 18.67 -7.16
CA SER I 110 -14.36 18.54 -5.80
C SER I 110 -12.85 18.69 -5.72
N VAL I 111 -12.43 19.76 -5.02
CA VAL I 111 -11.03 20.05 -4.88
C VAL I 111 -10.62 19.63 -3.48
N LEU I 112 -9.68 18.68 -3.43
CA LEU I 112 -9.23 18.09 -2.18
C LEU I 112 -7.88 18.71 -1.82
N GLU I 113 -7.55 18.73 -0.53
CA GLU I 113 -6.25 19.18 -0.08
C GLU I 113 -5.19 18.22 -0.67
N ASP I 114 -5.39 16.93 -0.47
CA ASP I 114 -4.39 15.94 -0.81
C ASP I 114 -5.09 14.79 -1.53
N LEU I 115 -4.51 14.37 -2.67
CA LEU I 115 -5.03 13.22 -3.40
C LEU I 115 -4.49 11.89 -2.84
N LYS I 116 -3.93 11.91 -1.63
CA LYS I 116 -3.41 10.69 -1.03
C LYS I 116 -4.54 10.01 -0.25
N ASN I 117 -5.70 10.69 -0.13
CA ASN I 117 -6.77 10.15 0.71
C ASN I 117 -7.88 9.57 -0.17
N VAL I 118 -7.70 9.62 -1.50
CA VAL I 118 -8.77 9.19 -2.38
C VAL I 118 -8.72 7.68 -2.52
N PHE I 119 -9.84 7.01 -2.19
CA PHE I 119 -9.96 5.57 -2.31
C PHE I 119 -11.27 5.20 -3.02
N PRO I 120 -11.31 4.09 -3.78
CA PRO I 120 -12.53 3.68 -4.48
C PRO I 120 -13.36 2.82 -3.55
N PRO I 121 -14.67 2.61 -3.85
CA PRO I 121 -15.54 1.86 -2.95
C PRO I 121 -15.28 0.37 -3.09
N GLU I 122 -15.49 -0.37 -1.99
CA GLU I 122 -15.69 -1.80 -2.07
C GLU I 122 -17.19 -2.02 -2.05
N VAL I 123 -17.66 -2.85 -2.99
CA VAL I 123 -19.10 -3.05 -3.14
C VAL I 123 -19.44 -4.49 -2.79
N ALA I 124 -20.56 -4.67 -2.09
CA ALA I 124 -21.04 -6.00 -1.75
C ALA I 124 -22.56 -5.98 -1.72
N VAL I 125 -23.17 -7.10 -2.14
CA VAL I 125 -24.63 -7.18 -2.17
C VAL I 125 -25.06 -8.31 -1.24
N PHE I 126 -26.16 -8.11 -0.52
CA PHE I 126 -26.61 -9.03 0.50
C PHE I 126 -27.99 -9.56 0.15
N GLU I 127 -28.14 -10.89 0.22
CA GLU I 127 -29.32 -11.57 -0.30
C GLU I 127 -30.45 -11.45 0.71
N PRO I 128 -31.73 -11.38 0.25
CA PRO I 128 -32.86 -11.11 1.15
C PRO I 128 -32.95 -12.08 2.32
N SER I 129 -33.63 -11.66 3.39
CA SER I 129 -33.79 -12.46 4.60
C SER I 129 -34.85 -13.54 4.39
N GLU I 130 -34.60 -14.75 4.90
CA GLU I 130 -35.58 -15.83 4.85
C GLU I 130 -36.85 -15.39 5.59
N ALA I 131 -36.64 -14.74 6.73
CA ALA I 131 -37.71 -14.23 7.57
C ALA I 131 -38.57 -13.23 6.80
N GLU I 132 -37.91 -12.29 6.10
CA GLU I 132 -38.59 -11.21 5.42
C GLU I 132 -39.57 -11.79 4.40
N ILE I 133 -39.08 -12.81 3.68
CA ILE I 133 -39.84 -13.40 2.58
C ILE I 133 -41.08 -14.06 3.17
N SER I 134 -40.87 -14.80 4.26
CA SER I 134 -41.91 -15.52 4.97
C SER I 134 -43.01 -14.56 5.46
N HIS I 135 -42.59 -13.42 6.01
CA HIS I 135 -43.49 -12.49 6.70
C HIS I 135 -44.23 -11.58 5.72
N THR I 136 -43.57 -11.14 4.64
CA THR I 136 -44.13 -10.07 3.84
C THR I 136 -44.37 -10.53 2.41
N GLN I 137 -43.80 -11.69 2.04
CA GLN I 137 -43.82 -12.15 0.65
C GLN I 137 -43.09 -11.17 -0.28
N LYS I 138 -42.09 -10.50 0.29
CA LYS I 138 -41.23 -9.58 -0.44
C LYS I 138 -39.78 -9.88 -0.09
N ALA I 139 -38.88 -9.58 -1.02
CA ALA I 139 -37.45 -9.80 -0.84
C ALA I 139 -36.71 -8.49 -1.09
N THR I 140 -35.92 -8.07 -0.09
CA THR I 140 -35.14 -6.85 -0.19
C THR I 140 -33.66 -7.21 -0.28
N LEU I 141 -33.05 -6.86 -1.42
CA LEU I 141 -31.60 -6.93 -1.53
C LEU I 141 -31.03 -5.61 -1.02
N VAL I 142 -29.82 -5.70 -0.45
CA VAL I 142 -29.14 -4.52 0.04
C VAL I 142 -27.73 -4.50 -0.55
N CYS I 143 -27.32 -3.31 -1.00
CA CYS I 143 -25.98 -3.07 -1.50
C CYS I 143 -25.23 -2.09 -0.59
N LEU I 144 -23.94 -2.36 -0.38
CA LEU I 144 -23.08 -1.54 0.46
C LEU I 144 -21.84 -1.12 -0.32
N ALA I 145 -21.71 0.19 -0.53
CA ALA I 145 -20.47 0.75 -1.03
C ALA I 145 -19.75 1.33 0.18
N THR I 146 -18.57 0.80 0.52
CA THR I 146 -17.88 1.28 1.70
C THR I 146 -16.46 1.75 1.37
N GLY I 147 -16.00 2.75 2.13
CA GLY I 147 -14.60 3.09 2.23
C GLY I 147 -14.12 3.90 1.03
N PHE I 148 -14.95 4.83 0.55
CA PHE I 148 -14.61 5.59 -0.63
C PHE I 148 -14.48 7.07 -0.28
N TYR I 149 -13.59 7.76 -1.00
CA TYR I 149 -13.36 9.19 -0.85
C TYR I 149 -12.83 9.74 -2.17
N PRO I 150 -13.34 10.88 -2.67
CA PRO I 150 -14.45 11.62 -2.05
C PRO I 150 -15.80 11.02 -2.38
N ASP I 151 -16.89 11.77 -2.14
CA ASP I 151 -18.23 11.19 -2.23
C ASP I 151 -18.90 11.46 -3.58
N HIS I 152 -18.12 11.29 -4.65
CA HIS I 152 -18.69 11.21 -5.98
C HIS I 152 -18.93 9.75 -6.32
N VAL I 153 -20.08 9.20 -5.89
CA VAL I 153 -20.47 7.88 -6.36
C VAL I 153 -21.87 7.94 -6.96
N GLU I 154 -22.11 7.11 -7.97
CA GLU I 154 -23.44 6.89 -8.54
C GLU I 154 -23.76 5.39 -8.50
N LEU I 155 -24.85 5.06 -7.80
CA LEU I 155 -25.19 3.67 -7.54
C LEU I 155 -26.43 3.30 -8.36
N SER I 156 -26.35 2.18 -9.09
CA SER I 156 -27.41 1.73 -9.99
C SER I 156 -27.69 0.24 -9.77
N TRP I 157 -28.94 -0.16 -9.96
CA TRP I 157 -29.31 -1.57 -9.88
C TRP I 157 -29.60 -2.11 -11.28
N TRP I 158 -28.98 -3.25 -11.59
CA TRP I 158 -29.19 -3.91 -12.86
C TRP I 158 -29.81 -5.26 -12.63
N VAL I 159 -30.99 -5.48 -13.22
CA VAL I 159 -31.69 -6.74 -13.14
C VAL I 159 -31.78 -7.35 -14.53
N ASN I 160 -31.07 -8.48 -14.71
CA ASN I 160 -31.02 -9.16 -15.99
C ASN I 160 -30.58 -8.18 -17.09
N GLY I 161 -29.52 -7.41 -16.82
CA GLY I 161 -28.87 -6.69 -17.91
C GLY I 161 -29.53 -5.35 -18.21
N LYS I 162 -30.76 -5.14 -17.68
CA LYS I 162 -31.39 -3.84 -17.79
C LYS I 162 -31.34 -3.12 -16.44
N GLU I 163 -31.00 -1.83 -16.47
CA GLU I 163 -31.01 -1.01 -15.26
C GLU I 163 -32.46 -0.83 -14.85
N VAL I 164 -32.70 -0.80 -13.53
CA VAL I 164 -34.06 -0.65 -13.03
C VAL I 164 -34.08 0.49 -12.03
N HIS I 165 -35.29 1.07 -11.85
CA HIS I 165 -35.48 2.13 -10.88
C HIS I 165 -36.61 1.78 -9.90
N SER I 166 -37.79 1.41 -10.41
CA SER I 166 -38.95 1.14 -9.57
C SER I 166 -38.63 0.03 -8.57
N GLY I 167 -38.77 0.31 -7.26
CA GLY I 167 -38.37 -0.61 -6.20
C GLY I 167 -36.93 -0.41 -5.72
N VAL I 168 -36.27 0.68 -6.15
CA VAL I 168 -34.94 1.03 -5.64
C VAL I 168 -35.07 2.15 -4.63
N CYS I 169 -34.28 2.07 -3.54
CA CYS I 169 -34.15 3.14 -2.58
C CYS I 169 -32.67 3.29 -2.24
N THR I 170 -32.05 4.40 -2.67
CA THR I 170 -30.66 4.69 -2.27
C THR I 170 -30.62 5.85 -1.27
N ASP I 171 -29.81 5.68 -0.23
CA ASP I 171 -29.55 6.71 0.75
C ASP I 171 -29.26 8.03 0.03
N PRO I 172 -29.95 9.14 0.38
CA PRO I 172 -29.69 10.43 -0.26
C PRO I 172 -28.31 11.00 0.10
N GLN I 173 -27.75 10.59 1.24
CA GLN I 173 -26.44 11.08 1.63
C GLN I 173 -25.63 9.91 2.20
N PRO I 174 -24.30 9.86 1.95
CA PRO I 174 -23.48 8.77 2.48
C PRO I 174 -23.13 9.06 3.93
N LEU I 175 -22.67 8.05 4.68
CA LEU I 175 -22.24 8.27 6.06
C LEU I 175 -20.71 8.17 6.16
N LYS I 176 -20.14 9.00 7.05
CA LYS I 176 -18.71 9.03 7.33
C LYS I 176 -18.38 7.81 8.19
N GLU I 177 -17.38 7.04 7.75
CA GLU I 177 -17.05 5.82 8.46
C GLU I 177 -16.37 6.18 9.78
N GLN I 178 -15.56 7.26 9.76
CA GLN I 178 -14.88 7.75 10.95
C GLN I 178 -15.23 9.24 11.11
N PRO I 179 -16.43 9.60 11.63
CA PRO I 179 -16.95 10.98 11.57
C PRO I 179 -16.25 12.03 12.43
N ALA I 180 -15.32 11.57 13.27
CA ALA I 180 -14.46 12.42 14.06
C ALA I 180 -13.46 13.13 13.14
N LEU I 181 -12.91 12.40 12.16
CA LEU I 181 -11.89 12.92 11.26
C LEU I 181 -12.56 13.75 10.15
N ASN I 182 -11.87 14.78 9.66
CA ASN I 182 -12.47 15.71 8.71
C ASN I 182 -12.38 15.12 7.32
N ASP I 183 -11.23 14.49 7.03
CA ASP I 183 -11.02 13.70 5.82
C ASP I 183 -11.29 12.25 6.20
N SER I 184 -12.57 11.84 6.04
CA SER I 184 -13.03 10.51 6.36
C SER I 184 -13.69 9.89 5.14
N ARG I 185 -13.48 8.57 5.00
CA ARG I 185 -14.07 7.77 3.95
C ARG I 185 -15.56 7.64 4.22
N TYR I 186 -16.30 7.27 3.16
CA TYR I 186 -17.74 7.22 3.20
C TYR I 186 -18.26 5.81 2.95
N ALA I 187 -19.49 5.55 3.39
CA ALA I 187 -20.26 4.40 2.98
C ALA I 187 -21.60 4.86 2.44
N LEU I 188 -22.16 4.10 1.49
CA LEU I 188 -23.51 4.35 1.03
C LEU I 188 -24.23 3.01 0.93
N SER I 189 -25.53 3.00 1.26
CA SER I 189 -26.31 1.78 1.11
C SER I 189 -27.48 2.06 0.17
N SER I 190 -27.97 0.97 -0.47
CA SER I 190 -29.13 1.03 -1.33
C SER I 190 -29.94 -0.26 -1.17
N ARG I 191 -31.24 -0.18 -1.46
CA ARG I 191 -32.08 -1.35 -1.34
C ARG I 191 -32.85 -1.56 -2.65
N LEU I 192 -32.96 -2.83 -3.06
CA LEU I 192 -33.83 -3.23 -4.15
C LEU I 192 -34.85 -4.22 -3.59
N ARG I 193 -36.13 -3.86 -3.71
CA ARG I 193 -37.21 -4.69 -3.22
C ARG I 193 -37.99 -5.29 -4.39
N VAL I 194 -38.01 -6.64 -4.44
CA VAL I 194 -38.74 -7.39 -5.44
C VAL I 194 -39.68 -8.36 -4.73
N SER I 195 -40.65 -8.91 -5.47
CA SER I 195 -41.55 -9.94 -4.97
C SER I 195 -40.71 -11.17 -4.59
N ALA I 196 -41.21 -11.96 -3.63
CA ALA I 196 -40.47 -13.13 -3.19
C ALA I 196 -40.37 -14.13 -4.35
N THR I 197 -41.43 -14.16 -5.17
CA THR I 197 -41.47 -14.99 -6.37
C THR I 197 -40.31 -14.61 -7.30
N PHE I 198 -40.09 -13.30 -7.48
CA PHE I 198 -39.08 -12.85 -8.42
C PHE I 198 -37.70 -13.26 -7.94
N TRP I 199 -37.47 -13.15 -6.63
CA TRP I 199 -36.17 -13.49 -6.09
C TRP I 199 -35.95 -15.01 -6.15
N GLN I 200 -37.04 -15.78 -6.06
CA GLN I 200 -36.94 -17.22 -5.97
C GLN I 200 -36.60 -17.87 -7.32
N ASN I 201 -36.58 -17.07 -8.38
CA ASN I 201 -36.34 -17.56 -9.72
C ASN I 201 -34.84 -17.52 -9.99
N PRO I 202 -34.14 -18.66 -10.11
CA PRO I 202 -32.67 -18.69 -10.21
C PRO I 202 -32.09 -18.29 -11.57
N ARG I 203 -32.97 -17.79 -12.43
CA ARG I 203 -32.55 -17.31 -13.74
C ARG I 203 -32.39 -15.78 -13.69
N ASN I 204 -32.89 -15.19 -12.60
CA ASN I 204 -32.85 -13.75 -12.42
C ASN I 204 -31.50 -13.33 -11.86
N HIS I 205 -30.89 -12.35 -12.51
CA HIS I 205 -29.54 -11.87 -12.21
C HIS I 205 -29.63 -10.43 -11.68
N PHE I 206 -29.08 -10.23 -10.48
CA PHE I 206 -29.09 -8.93 -9.84
C PHE I 206 -27.67 -8.42 -9.75
N ARG I 207 -27.47 -7.15 -10.13
CA ARG I 207 -26.16 -6.53 -10.00
C ARG I 207 -26.30 -5.10 -9.51
N CYS I 208 -25.54 -4.81 -8.46
CA CYS I 208 -25.42 -3.49 -7.89
C CYS I 208 -24.12 -2.89 -8.44
N GLN I 209 -24.23 -1.68 -9.00
CA GLN I 209 -23.09 -1.10 -9.69
C GLN I 209 -22.84 0.30 -9.17
N VAL I 210 -21.59 0.59 -8.81
CA VAL I 210 -21.24 1.89 -8.24
C VAL I 210 -20.17 2.55 -9.11
N GLN I 211 -20.53 3.69 -9.73
CA GLN I 211 -19.58 4.47 -10.51
C GLN I 211 -18.85 5.40 -9.56
N PHE I 212 -17.53 5.22 -9.44
CA PHE I 212 -16.74 6.04 -8.56
C PHE I 212 -15.89 7.00 -9.41
N TYR I 213 -15.74 8.25 -8.93
CA TYR I 213 -14.95 9.24 -9.62
C TYR I 213 -13.76 9.61 -8.74
N GLY I 214 -12.55 9.48 -9.31
CA GLY I 214 -11.29 9.77 -8.63
C GLY I 214 -10.27 10.33 -9.62
N LEU I 215 -9.04 9.79 -9.58
CA LEU I 215 -7.92 10.23 -10.42
C LEU I 215 -8.21 9.87 -11.86
N SER I 216 -7.67 10.66 -12.80
CA SER I 216 -7.58 10.25 -14.20
C SER I 216 -6.26 9.55 -14.42
N GLU I 217 -6.10 8.89 -15.57
CA GLU I 217 -4.90 8.11 -15.84
C GLU I 217 -3.70 9.05 -16.03
N ASN I 218 -3.99 10.34 -16.24
CA ASN I 218 -2.96 11.36 -16.42
C ASN I 218 -2.21 11.60 -15.11
N ASP I 219 -2.89 11.45 -13.97
CA ASP I 219 -2.34 11.79 -12.67
C ASP I 219 -1.23 10.85 -12.23
N GLU I 220 -0.37 11.39 -11.35
CA GLU I 220 0.80 10.73 -10.81
C GLU I 220 0.36 9.94 -9.58
N TRP I 221 1.05 8.83 -9.30
CA TRP I 221 0.73 8.04 -8.12
C TRP I 221 1.98 7.53 -7.40
N THR I 222 2.28 8.11 -6.23
CA THR I 222 3.43 7.73 -5.42
C THR I 222 3.13 6.47 -4.60
N GLN I 223 1.98 6.45 -3.93
CA GLN I 223 1.65 5.52 -2.84
C GLN I 223 1.63 4.07 -3.34
N ASP I 224 1.75 3.13 -2.38
CA ASP I 224 2.09 1.74 -2.64
C ASP I 224 0.85 0.87 -2.85
N ARG I 225 -0.34 1.49 -2.92
CA ARG I 225 -1.55 0.78 -3.29
C ARG I 225 -1.80 0.97 -4.79
N ALA I 226 -2.89 0.39 -5.30
CA ALA I 226 -3.28 0.67 -6.68
C ALA I 226 -3.93 2.06 -6.77
N LYS I 227 -3.65 2.75 -7.87
CA LYS I 227 -4.07 4.14 -8.00
C LYS I 227 -5.58 4.19 -8.16
N PRO I 228 -6.29 5.01 -7.36
CA PRO I 228 -7.75 5.05 -7.37
C PRO I 228 -8.34 5.87 -8.51
N VAL I 229 -8.25 5.34 -9.71
CA VAL I 229 -8.84 5.98 -10.88
C VAL I 229 -10.37 5.95 -10.77
N THR I 230 -11.03 6.84 -11.50
CA THR I 230 -12.43 6.70 -11.86
C THR I 230 -12.66 5.30 -12.43
N GLN I 231 -13.61 4.57 -11.83
CA GLN I 231 -13.88 3.20 -12.24
C GLN I 231 -15.28 2.81 -11.76
N ILE I 232 -15.80 1.69 -12.30
CA ILE I 232 -17.05 1.09 -11.85
C ILE I 232 -16.69 -0.07 -10.91
N VAL I 233 -17.40 -0.21 -9.78
CA VAL I 233 -17.23 -1.36 -8.89
C VAL I 233 -18.61 -1.97 -8.68
N SER I 234 -18.71 -3.30 -8.90
CA SER I 234 -20.00 -3.97 -8.94
C SER I 234 -20.01 -5.17 -8.00
N ALA I 235 -21.23 -5.62 -7.64
CA ALA I 235 -21.45 -6.86 -6.94
C ALA I 235 -22.76 -7.48 -7.39
N GLU I 236 -22.78 -8.82 -7.56
CA GLU I 236 -23.92 -9.48 -8.17
C GLU I 236 -24.51 -10.53 -7.25
N ALA I 237 -25.78 -10.86 -7.50
CA ALA I 237 -26.41 -11.99 -6.84
C ALA I 237 -27.36 -12.64 -7.84
N TRP I 238 -27.55 -13.96 -7.71
CA TRP I 238 -28.54 -14.68 -8.52
C TRP I 238 -29.71 -15.10 -7.64
N GLY I 239 -30.90 -15.13 -8.24
CA GLY I 239 -32.09 -15.62 -7.57
C GLY I 239 -31.87 -17.04 -7.05
N ARG I 240 -32.65 -17.38 -6.02
CA ARG I 240 -32.38 -18.60 -5.27
C ARG I 240 -33.72 -19.18 -4.87
N ALA I 241 -33.92 -20.46 -5.20
CA ALA I 241 -35.20 -21.10 -4.85
C ALA I 241 -35.07 -21.65 -3.44
N ASP I 242 -33.87 -22.16 -3.15
CA ASP I 242 -33.51 -22.93 -1.96
C ASP I 242 -31.98 -23.07 -1.94
N GLU J 3 -29.04 43.93 -6.83
CA GLU J 3 -30.42 43.56 -7.25
C GLU J 3 -30.54 42.05 -7.43
N GLN J 4 -31.37 41.46 -6.58
CA GLN J 4 -31.37 40.05 -6.28
C GLN J 4 -32.78 39.59 -5.96
N VAL J 5 -32.90 38.30 -5.68
CA VAL J 5 -34.18 37.64 -5.45
C VAL J 5 -34.11 36.91 -4.11
N GLU J 6 -35.15 37.09 -3.28
CA GLU J 6 -35.19 36.46 -1.96
C GLU J 6 -36.21 35.35 -2.00
N GLN J 7 -35.77 34.13 -1.61
CA GLN J 7 -36.65 32.98 -1.66
C GLN J 7 -36.69 32.34 -0.27
N LEU J 8 -37.94 32.13 0.25
CA LEU J 8 -38.14 31.53 1.54
C LEU J 8 -39.22 30.46 1.47
N PRO J 9 -39.04 29.34 2.20
CA PRO J 9 -37.85 29.07 3.02
C PRO J 9 -36.77 28.29 2.34
N SER J 10 -35.64 28.06 3.04
CA SER J 10 -34.54 27.26 2.51
C SER J 10 -34.89 25.76 2.49
N ILE J 11 -35.55 25.30 3.55
CA ILE J 11 -35.97 23.91 3.74
C ILE J 11 -37.42 23.93 4.19
N LEU J 12 -38.25 23.06 3.60
CA LEU J 12 -39.69 23.04 3.80
C LEU J 12 -40.11 21.58 3.99
N ARG J 13 -40.39 21.22 5.25
CA ARG J 13 -40.89 19.89 5.58
C ARG J 13 -42.43 19.94 5.58
N VAL J 14 -43.05 19.20 4.66
CA VAL J 14 -44.51 19.14 4.56
C VAL J 14 -44.93 17.67 4.67
N GLN J 15 -46.10 17.41 5.23
CA GLN J 15 -46.59 16.04 5.35
C GLN J 15 -47.32 15.70 4.04
N GLU J 16 -47.21 14.44 3.61
CA GLU J 16 -47.91 13.94 2.43
C GLU J 16 -49.35 14.41 2.50
N GLY J 17 -49.88 14.89 1.39
CA GLY J 17 -51.29 15.24 1.32
C GLY J 17 -51.55 16.72 1.64
N SER J 18 -50.65 17.32 2.43
CA SER J 18 -50.74 18.74 2.78
C SER J 18 -50.20 19.60 1.64
N SER J 19 -50.58 20.89 1.62
CA SER J 19 -50.04 21.77 0.60
C SER J 19 -48.75 22.47 1.06
N ALA J 20 -47.92 22.92 0.09
CA ALA J 20 -46.67 23.60 0.38
C ALA J 20 -46.58 24.86 -0.50
N SER J 21 -46.04 25.95 0.07
CA SER J 21 -45.90 27.22 -0.64
C SER J 21 -44.47 27.72 -0.47
N ILE J 22 -43.93 28.29 -1.54
CA ILE J 22 -42.64 28.95 -1.53
C ILE J 22 -42.89 30.41 -1.90
N ASN J 23 -42.25 31.34 -1.17
CA ASN J 23 -42.37 32.75 -1.50
C ASN J 23 -41.05 33.34 -1.97
N CYS J 24 -41.18 34.19 -3.00
CA CYS J 24 -40.05 34.96 -3.50
C CYS J 24 -40.43 36.44 -3.62
N SER J 25 -39.40 37.31 -3.59
CA SER J 25 -39.55 38.72 -3.92
C SER J 25 -38.33 39.18 -4.71
N TYR J 26 -38.55 40.20 -5.58
CA TYR J 26 -37.49 40.67 -6.45
C TYR J 26 -37.35 42.19 -6.34
N GLU J 27 -36.16 42.69 -6.68
CA GLU J 27 -35.85 44.11 -6.58
C GLU J 27 -36.12 44.91 -7.87
N ASP J 28 -35.88 44.34 -9.06
CA ASP J 28 -35.88 45.16 -10.26
C ASP J 28 -37.31 45.36 -10.76
N SER J 29 -37.76 46.63 -10.64
CA SER J 29 -39.12 47.04 -10.98
C SER J 29 -39.49 46.63 -12.40
N ALA J 30 -38.48 46.37 -13.24
CA ALA J 30 -38.70 46.14 -14.67
C ALA J 30 -39.00 44.69 -15.05
N SER J 31 -38.86 43.74 -14.12
CA SER J 31 -38.89 42.33 -14.48
C SER J 31 -40.25 41.93 -15.06
N ASN J 32 -40.25 41.02 -16.04
CA ASN J 32 -41.48 40.65 -16.73
C ASN J 32 -41.55 39.14 -16.95
N TYR J 33 -40.57 38.38 -16.45
CA TYR J 33 -40.69 36.93 -16.57
C TYR J 33 -40.22 36.25 -15.29
N PHE J 34 -41.03 35.30 -14.80
CA PHE J 34 -40.76 34.69 -13.49
C PHE J 34 -40.94 33.19 -13.62
N PRO J 35 -39.85 32.44 -13.88
CA PRO J 35 -39.93 30.98 -14.03
C PRO J 35 -39.62 30.26 -12.72
N TRP J 36 -40.06 29.01 -12.64
CA TRP J 36 -39.82 28.18 -11.48
C TRP J 36 -39.20 26.87 -11.95
N TYR J 37 -38.17 26.42 -11.24
CA TYR J 37 -37.41 25.26 -11.67
C TYR J 37 -37.44 24.21 -10.55
N LYS J 38 -37.63 22.95 -10.98
CA LYS J 38 -37.56 21.82 -10.06
C LYS J 38 -36.27 21.07 -10.37
N GLN J 39 -35.61 20.56 -9.32
CA GLN J 39 -34.31 19.94 -9.56
C GLN J 39 -34.19 18.70 -8.70
N GLU J 40 -34.16 17.54 -9.36
CA GLU J 40 -34.01 16.27 -8.66
C GLU J 40 -32.54 15.98 -8.48
N PRO J 41 -32.14 15.32 -7.38
CA PRO J 41 -30.72 15.13 -7.04
C PRO J 41 -29.98 14.50 -8.20
N GLY J 42 -28.86 15.10 -8.60
CA GLY J 42 -28.04 14.57 -9.67
C GLY J 42 -28.42 15.14 -11.04
N GLU J 43 -29.67 15.59 -11.15
CA GLU J 43 -30.19 15.99 -12.46
C GLU J 43 -30.02 17.49 -12.68
N ASN J 44 -30.55 17.97 -13.82
CA ASN J 44 -30.52 19.37 -14.19
C ASN J 44 -31.80 20.05 -13.74
N PRO J 45 -31.78 21.35 -13.38
CA PRO J 45 -33.03 22.07 -13.10
C PRO J 45 -33.92 21.99 -14.33
N LYS J 46 -35.23 21.84 -14.11
CA LYS J 46 -36.17 21.72 -15.22
C LYS J 46 -37.29 22.70 -14.97
N LEU J 47 -37.63 23.47 -16.01
CA LEU J 47 -38.70 24.47 -15.88
C LEU J 47 -39.99 23.73 -15.59
N ILE J 48 -40.80 24.20 -14.61
CA ILE J 48 -42.02 23.50 -14.22
C ILE J 48 -43.24 24.38 -14.49
N ILE J 49 -43.08 25.71 -14.37
CA ILE J 49 -44.16 26.67 -14.59
C ILE J 49 -43.53 28.06 -14.58
N ASP J 50 -44.20 29.01 -15.25
CA ASP J 50 -43.70 30.37 -15.31
C ASP J 50 -44.89 31.32 -15.33
N ILE J 51 -44.64 32.60 -15.05
CA ILE J 51 -45.67 33.61 -15.18
C ILE J 51 -45.04 34.91 -15.73
N ARG J 52 -45.83 35.63 -16.54
CA ARG J 52 -45.35 36.87 -17.15
C ARG J 52 -46.10 38.04 -16.52
N SER J 53 -45.54 39.25 -16.67
CA SER J 53 -45.99 40.42 -15.92
C SER J 53 -47.32 40.89 -16.53
N ASN J 54 -47.93 40.04 -17.34
CA ASN J 54 -49.23 40.32 -17.92
C ASN J 54 -50.36 39.80 -17.04
N MET J 55 -50.02 38.94 -16.06
CA MET J 55 -50.98 38.09 -15.36
C MET J 55 -50.62 37.99 -13.88
N GLU J 56 -51.62 37.61 -13.04
CA GLU J 56 -51.42 37.67 -11.60
C GLU J 56 -51.50 36.27 -10.98
N ARG J 57 -52.09 35.31 -11.70
CA ARG J 57 -52.12 33.93 -11.23
C ARG J 57 -52.19 32.98 -12.43
N LYS J 58 -51.64 31.78 -12.26
CA LYS J 58 -51.71 30.77 -13.31
C LYS J 58 -51.71 29.38 -12.68
N GLN J 59 -52.59 28.49 -13.18
CA GLN J 59 -52.65 27.14 -12.66
C GLN J 59 -52.55 26.16 -13.83
N THR J 60 -51.42 25.45 -13.88
CA THR J 60 -51.19 24.39 -14.86
C THR J 60 -50.32 23.31 -14.23
N GLN J 61 -50.53 22.07 -14.64
CA GLN J 61 -49.58 21.01 -14.37
C GLN J 61 -49.41 20.81 -12.87
N GLY J 62 -50.53 20.86 -12.14
CA GLY J 62 -50.51 20.56 -10.72
C GLY J 62 -49.86 21.67 -9.90
N LEU J 63 -49.70 22.86 -10.52
CA LEU J 63 -48.96 23.96 -9.93
C LEU J 63 -49.76 25.27 -9.99
N ILE J 64 -49.60 26.10 -8.94
CA ILE J 64 -50.17 27.43 -8.93
C ILE J 64 -49.05 28.45 -8.69
N VAL J 65 -49.07 29.57 -9.44
CA VAL J 65 -48.18 30.69 -9.16
C VAL J 65 -48.99 31.97 -9.04
N LEU J 66 -48.57 32.81 -8.07
CA LEU J 66 -49.11 34.17 -7.96
C LEU J 66 -48.02 35.16 -8.30
N LEU J 67 -48.43 36.33 -8.81
CA LEU J 67 -47.50 37.44 -9.04
C LEU J 67 -48.18 38.75 -8.67
N ASP J 68 -47.55 39.53 -7.78
CA ASP J 68 -47.95 40.91 -7.52
C ASP J 68 -46.83 41.85 -7.96
N LYS J 69 -46.99 42.43 -9.16
CA LYS J 69 -46.00 43.29 -9.78
C LYS J 69 -45.78 44.49 -8.85
N LYS J 70 -46.88 45.06 -8.33
CA LYS J 70 -46.80 46.26 -7.50
C LYS J 70 -46.00 45.96 -6.24
N ALA J 71 -46.28 44.84 -5.58
CA ALA J 71 -45.59 44.43 -4.35
C ALA J 71 -44.22 43.83 -4.63
N LYS J 72 -43.94 43.53 -5.90
CA LYS J 72 -42.70 42.88 -6.30
C LYS J 72 -42.53 41.54 -5.54
N ARG J 73 -43.63 40.78 -5.36
CA ARG J 73 -43.57 39.47 -4.72
C ARG J 73 -44.32 38.43 -5.57
N PHE J 74 -43.78 37.21 -5.64
CA PHE J 74 -44.45 36.14 -6.37
C PHE J 74 -44.17 34.82 -5.64
N SER J 75 -45.05 33.82 -5.84
CA SER J 75 -45.01 32.60 -5.03
C SER J 75 -45.44 31.39 -5.87
N LEU J 76 -45.04 30.20 -5.39
CA LEU J 76 -45.46 28.92 -5.97
C LEU J 76 -46.21 28.12 -4.91
N HIS J 77 -47.27 27.40 -5.32
CA HIS J 77 -48.14 26.67 -4.40
C HIS J 77 -48.48 25.29 -4.95
N ILE J 78 -48.14 24.26 -4.19
CA ILE J 78 -48.31 22.86 -4.60
C ILE J 78 -49.32 22.25 -3.64
N THR J 79 -50.56 21.97 -4.07
CA THR J 79 -51.51 21.24 -3.22
C THR J 79 -51.33 19.73 -3.29
N ASP J 80 -51.70 19.03 -2.21
CA ASP J 80 -51.72 17.58 -2.13
C ASP J 80 -50.35 16.99 -2.46
N THR J 81 -49.33 17.40 -1.70
CA THR J 81 -47.96 16.98 -2.00
C THR J 81 -47.89 15.46 -1.90
N GLN J 82 -47.03 14.86 -2.74
CA GLN J 82 -46.69 13.45 -2.63
C GLN J 82 -45.17 13.31 -2.70
N PRO J 83 -44.59 12.20 -2.18
CA PRO J 83 -43.13 12.11 -2.07
C PRO J 83 -42.38 12.38 -3.39
N GLY J 84 -43.08 12.31 -4.50
CA GLY J 84 -42.44 12.59 -5.76
C GLY J 84 -42.04 14.06 -5.84
N ASP J 85 -42.78 14.90 -5.13
CA ASP J 85 -42.58 16.33 -5.19
C ASP J 85 -41.32 16.70 -4.43
N SER J 86 -40.83 15.78 -3.59
CA SER J 86 -39.60 16.01 -2.85
C SER J 86 -38.49 16.32 -3.85
N ALA J 87 -38.07 17.58 -3.86
CA ALA J 87 -36.99 18.05 -4.70
C ALA J 87 -36.58 19.45 -4.27
N MET J 88 -35.61 20.00 -5.00
CA MET J 88 -35.13 21.35 -4.80
C MET J 88 -35.85 22.24 -5.82
N TYR J 89 -36.51 23.29 -5.32
CA TYR J 89 -37.17 24.25 -6.19
C TYR J 89 -36.46 25.61 -6.16
N PHE J 90 -36.53 26.33 -7.29
CA PHE J 90 -35.86 27.61 -7.46
C PHE J 90 -36.81 28.54 -8.21
N CYS J 91 -36.85 29.80 -7.75
CA CYS J 91 -37.59 30.82 -8.48
C CYS J 91 -36.59 31.79 -9.09
N ALA J 92 -37.02 32.57 -10.09
CA ALA J 92 -36.11 33.50 -10.71
C ALA J 92 -36.89 34.72 -11.21
N ALA J 93 -36.15 35.77 -11.55
CA ALA J 93 -36.72 36.97 -12.15
C ALA J 93 -35.83 37.42 -13.31
N SER J 94 -36.45 37.78 -14.45
CA SER J 94 -35.76 38.44 -15.54
C SER J 94 -35.11 39.71 -15.03
N VAL J 95 -33.94 40.05 -15.59
CA VAL J 95 -33.22 41.29 -15.32
C VAL J 95 -32.57 41.66 -16.64
N ARG J 96 -32.86 42.87 -17.15
CA ARG J 96 -32.21 43.41 -18.34
C ARG J 96 -32.34 42.49 -19.56
N ASN J 97 -33.43 41.70 -19.66
CA ASN J 97 -33.84 41.08 -20.91
C ASN J 97 -32.89 39.95 -21.31
N TYR J 98 -31.88 39.70 -20.49
CA TYR J 98 -30.96 38.59 -20.72
C TYR J 98 -30.77 37.80 -19.43
N LYS J 99 -30.75 38.48 -18.28
CA LYS J 99 -30.27 37.86 -17.05
C LYS J 99 -31.42 37.17 -16.32
N TYR J 100 -31.23 35.89 -15.97
CA TYR J 100 -32.05 35.22 -14.99
C TYR J 100 -31.36 35.24 -13.63
N VAL J 101 -31.99 35.96 -12.67
CA VAL J 101 -31.53 36.00 -11.28
C VAL J 101 -32.38 35.06 -10.44
N PHE J 102 -31.69 34.12 -9.75
CA PHE J 102 -32.38 33.02 -9.08
C PHE J 102 -32.42 33.21 -7.56
N GLY J 103 -33.47 32.66 -6.91
CA GLY J 103 -33.46 32.52 -5.46
C GLY J 103 -32.40 31.53 -5.00
N ALA J 104 -32.18 31.39 -3.70
CA ALA J 104 -31.21 30.42 -3.23
C ALA J 104 -31.80 29.01 -3.26
N GLY J 105 -33.10 28.90 -3.54
CA GLY J 105 -33.73 27.58 -3.62
C GLY J 105 -34.37 27.09 -2.33
N THR J 106 -35.33 26.19 -2.46
CA THR J 106 -36.03 25.56 -1.36
C THR J 106 -35.92 24.05 -1.55
N ARG J 107 -35.38 23.34 -0.55
CA ARG J 107 -35.39 21.90 -0.54
C ARG J 107 -36.70 21.48 0.10
N LEU J 108 -37.62 20.91 -0.69
CA LEU J 108 -38.93 20.48 -0.24
C LEU J 108 -38.84 19.01 0.13
N LYS J 109 -39.11 18.67 1.40
CA LYS J 109 -39.14 17.27 1.81
C LYS J 109 -40.59 16.91 2.14
N VAL J 110 -41.17 15.93 1.41
CA VAL J 110 -42.53 15.48 1.65
C VAL J 110 -42.44 14.21 2.50
N ILE J 111 -42.95 14.27 3.73
CA ILE J 111 -42.91 13.15 4.66
C ILE J 111 -44.11 12.26 4.32
N ALA J 112 -43.87 10.94 4.25
CA ALA J 112 -44.85 10.03 3.65
C ALA J 112 -45.65 9.34 4.76
N ASP J 113 -46.94 9.08 4.46
CA ASP J 113 -47.81 8.43 5.45
C ASP J 113 -47.75 6.93 5.23
N ILE J 114 -46.92 6.24 6.00
CA ILE J 114 -46.96 4.78 6.08
C ILE J 114 -48.35 4.36 6.57
N GLN J 115 -49.08 3.62 5.71
CA GLN J 115 -50.49 3.32 5.95
C GLN J 115 -50.64 2.16 6.92
N ASN J 116 -49.98 1.05 6.59
CA ASN J 116 -49.96 -0.14 7.43
C ASN J 116 -48.51 -0.44 7.77
N PRO J 117 -47.98 0.18 8.85
CA PRO J 117 -46.61 -0.09 9.30
C PRO J 117 -46.50 -1.55 9.67
N ASP J 118 -45.29 -2.12 9.51
CA ASP J 118 -45.02 -3.51 9.81
C ASP J 118 -43.57 -3.61 10.32
N PRO J 119 -43.24 -2.96 11.45
CA PRO J 119 -41.86 -2.84 11.90
C PRO J 119 -41.24 -4.23 12.02
N ALA J 120 -40.06 -4.40 11.41
CA ALA J 120 -39.32 -5.64 11.50
C ALA J 120 -37.83 -5.36 11.33
N VAL J 121 -36.99 -6.23 11.93
CA VAL J 121 -35.56 -6.13 11.71
C VAL J 121 -35.05 -7.48 11.22
N TYR J 122 -34.51 -7.53 9.99
CA TYR J 122 -34.11 -8.77 9.36
C TYR J 122 -32.60 -8.78 9.16
N GLN J 123 -32.05 -10.00 9.04
CA GLN J 123 -30.62 -10.18 8.85
C GLN J 123 -30.35 -10.71 7.45
N LEU J 124 -29.57 -9.96 6.67
CA LEU J 124 -29.21 -10.31 5.31
C LEU J 124 -27.81 -10.89 5.36
N ARG J 125 -27.46 -11.81 4.44
CA ARG J 125 -26.10 -12.36 4.33
C ARG J 125 -25.48 -12.00 2.98
N ASP J 126 -24.14 -12.00 2.89
CA ASP J 126 -23.45 -11.73 1.64
C ASP J 126 -23.81 -12.78 0.60
N SER J 127 -23.72 -12.41 -0.69
CA SER J 127 -23.93 -13.36 -1.77
C SER J 127 -22.65 -14.16 -2.01
N LYS J 128 -21.52 -13.59 -1.58
CA LYS J 128 -20.24 -14.27 -1.73
C LYS J 128 -19.79 -14.88 -0.42
N SER J 129 -19.70 -14.05 0.63
CA SER J 129 -19.40 -14.50 1.99
C SER J 129 -20.66 -14.43 2.85
N LYS J 132 -19.91 -8.77 6.54
CA LYS J 132 -20.49 -10.08 6.10
C LYS J 132 -21.96 -10.13 6.47
N SER J 133 -22.30 -9.52 7.62
CA SER J 133 -23.69 -9.49 8.06
C SER J 133 -24.18 -8.05 8.03
N VAL J 134 -25.38 -7.86 7.47
CA VAL J 134 -26.04 -6.56 7.45
C VAL J 134 -27.42 -6.71 8.07
N CYS J 135 -27.91 -5.68 8.78
CA CYS J 135 -29.24 -5.74 9.39
C CYS J 135 -30.13 -4.70 8.75
N LEU J 136 -31.39 -5.06 8.56
CA LEU J 136 -32.32 -4.18 7.88
C LEU J 136 -33.50 -3.90 8.79
N PHE J 137 -33.69 -2.62 9.10
CA PHE J 137 -34.87 -2.19 9.82
C PHE J 137 -35.82 -1.59 8.80
N THR J 138 -37.02 -2.16 8.69
CA THR J 138 -37.88 -1.83 7.57
C THR J 138 -39.35 -1.80 7.99
N ASP J 139 -40.16 -1.14 7.16
CA ASP J 139 -41.60 -1.04 7.24
C ASP J 139 -42.03 -0.37 8.55
N PHE J 140 -41.18 0.49 9.11
CA PHE J 140 -41.56 1.28 10.28
C PHE J 140 -42.24 2.58 9.83
N ASP J 141 -42.95 3.23 10.76
CA ASP J 141 -43.78 4.40 10.45
C ASP J 141 -42.91 5.66 10.33
N SER J 142 -43.54 6.73 9.85
CA SER J 142 -42.87 7.98 9.49
C SER J 142 -42.16 8.59 10.69
N GLN J 143 -42.79 8.55 11.87
CA GLN J 143 -42.33 9.27 13.05
C GLN J 143 -41.48 8.33 13.89
N THR J 144 -40.44 7.75 13.30
CA THR J 144 -39.48 6.89 13.99
C THR J 144 -38.08 7.36 13.62
N ASN J 145 -37.21 7.47 14.63
CA ASN J 145 -35.98 8.23 14.50
C ASN J 145 -34.82 7.28 14.77
N VAL J 146 -33.80 7.33 13.91
CA VAL J 146 -32.72 6.35 13.93
C VAL J 146 -31.44 7.11 14.26
N SER J 147 -30.71 6.71 15.31
CA SER J 147 -29.50 7.39 15.74
C SER J 147 -28.25 6.57 15.37
N GLN J 148 -27.08 6.93 15.93
CA GLN J 148 -25.80 6.52 15.35
C GLN J 148 -25.41 5.08 15.76
N SER J 152 -18.98 3.99 16.60
CA SER J 152 -18.93 2.89 17.61
C SER J 152 -18.48 1.60 16.92
N ASP J 153 -17.78 1.75 15.78
CA ASP J 153 -17.37 0.65 14.90
C ASP J 153 -18.59 -0.12 14.34
N VAL J 154 -19.76 0.47 14.59
CA VAL J 154 -21.06 0.07 14.05
C VAL J 154 -21.61 1.24 13.27
N TYR J 155 -22.10 0.95 12.05
CA TYR J 155 -22.59 1.97 11.13
C TYR J 155 -24.09 1.76 10.94
N ILE J 156 -24.84 2.86 11.01
CA ILE J 156 -26.27 2.83 10.83
C ILE J 156 -26.63 3.97 9.89
N THR J 157 -27.40 3.63 8.83
CA THR J 157 -27.71 4.63 7.83
C THR J 157 -28.94 5.35 8.32
N ASP J 158 -29.26 6.46 7.66
CA ASP J 158 -30.51 7.14 7.91
C ASP J 158 -31.62 6.37 7.20
N LYS J 159 -32.88 6.71 7.53
CA LYS J 159 -34.03 6.11 6.90
C LYS J 159 -34.09 6.54 5.42
N CYS J 160 -34.71 5.70 4.61
CA CYS J 160 -34.83 5.82 3.16
C CYS J 160 -36.29 5.54 2.84
N VAL J 161 -36.97 6.52 2.23
CA VAL J 161 -38.38 6.39 1.91
C VAL J 161 -38.55 5.93 0.44
N LEU J 162 -39.22 4.79 0.21
CA LEU J 162 -39.54 4.37 -1.15
C LEU J 162 -41.03 4.55 -1.42
N ASP J 163 -41.39 5.09 -2.58
CA ASP J 163 -42.78 5.21 -2.98
C ASP J 163 -42.91 4.68 -4.40
N MET J 164 -43.51 3.50 -4.58
CA MET J 164 -43.70 2.86 -5.86
C MET J 164 -44.84 3.53 -6.64
N ARG J 165 -44.70 3.63 -7.95
CA ARG J 165 -45.78 4.01 -8.85
C ARG J 165 -46.75 2.85 -9.04
N SER J 166 -46.21 1.63 -9.01
CA SER J 166 -46.92 0.39 -9.35
C SER J 166 -48.00 0.03 -8.34
N MET J 167 -47.65 -0.01 -7.03
CA MET J 167 -48.60 -0.25 -5.95
C MET J 167 -48.73 1.01 -5.09
N ASP J 168 -49.75 1.08 -4.21
CA ASP J 168 -49.97 2.30 -3.43
C ASP J 168 -49.22 2.26 -2.10
N PHE J 169 -48.03 1.66 -2.10
CA PHE J 169 -47.32 1.29 -0.88
C PHE J 169 -46.00 2.05 -0.77
N LYS J 170 -45.84 2.74 0.37
CA LYS J 170 -44.59 3.40 0.75
C LYS J 170 -43.92 2.58 1.86
N SER J 171 -42.58 2.57 1.92
CA SER J 171 -41.89 1.96 3.06
C SER J 171 -40.59 2.67 3.42
N ASN J 172 -40.30 2.70 4.73
CA ASN J 172 -39.05 3.19 5.28
C ASN J 172 -38.09 2.03 5.55
N SER J 173 -36.79 2.29 5.45
CA SER J 173 -35.80 1.28 5.72
C SER J 173 -34.52 1.95 6.21
N ALA J 174 -33.79 1.25 7.08
CA ALA J 174 -32.46 1.68 7.42
C ALA J 174 -31.56 0.46 7.55
N VAL J 175 -30.28 0.66 7.29
CA VAL J 175 -29.35 -0.45 7.22
C VAL J 175 -28.30 -0.25 8.30
N ALA J 176 -27.90 -1.36 8.93
CA ALA J 176 -26.86 -1.29 9.94
C ALA J 176 -25.91 -2.46 9.75
N TRP J 177 -24.61 -2.20 9.98
CA TRP J 177 -23.62 -3.24 9.81
C TRP J 177 -22.41 -2.97 10.69
N SER J 178 -21.60 -4.01 10.89
CA SER J 178 -20.45 -3.91 11.78
C SER J 178 -19.50 -5.07 11.55
N ASN J 179 -18.23 -4.85 11.88
CA ASN J 179 -17.18 -5.83 11.70
C ASN J 179 -17.06 -6.70 12.96
N LYS J 180 -17.49 -6.16 14.10
CA LYS J 180 -17.31 -6.71 15.43
C LYS J 180 -17.91 -8.11 15.54
N SER J 181 -17.33 -8.93 16.43
CA SER J 181 -17.84 -10.24 16.80
C SER J 181 -19.08 -10.13 17.69
N ASP J 182 -19.13 -9.05 18.47
CA ASP J 182 -20.12 -8.79 19.49
C ASP J 182 -21.39 -8.16 18.91
N PHE J 183 -21.62 -8.30 17.59
CA PHE J 183 -22.66 -7.56 16.91
C PHE J 183 -23.75 -8.52 16.44
N ALA J 184 -25.01 -8.16 16.72
CA ALA J 184 -26.17 -8.87 16.21
C ALA J 184 -27.34 -7.91 16.06
N CYS J 185 -28.34 -8.37 15.31
CA CYS J 185 -29.49 -7.55 14.93
C CYS J 185 -30.42 -7.35 16.11
N ALA J 186 -30.31 -8.26 17.09
CA ALA J 186 -31.22 -8.22 18.23
C ALA J 186 -31.14 -6.84 18.89
N ASN J 187 -29.92 -6.42 19.20
CA ASN J 187 -29.67 -5.15 19.87
C ASN J 187 -28.72 -4.33 19.01
N ALA J 188 -29.22 -3.87 17.85
CA ALA J 188 -28.48 -3.01 16.96
C ALA J 188 -29.15 -1.64 16.89
N PHE J 189 -30.49 -1.64 16.81
CA PHE J 189 -31.22 -0.41 16.64
C PHE J 189 -31.77 0.14 17.97
N ASN J 190 -30.85 0.52 18.87
CA ASN J 190 -31.19 1.28 20.08
C ASN J 190 -31.57 2.71 19.67
N ASN J 191 -32.56 2.81 18.79
CA ASN J 191 -33.33 4.01 18.51
C ASN J 191 -34.64 3.86 19.30
N SER J 192 -35.62 4.73 19.02
CA SER J 192 -36.97 4.53 19.51
C SER J 192 -37.72 3.57 18.59
N ILE J 193 -37.33 2.28 18.63
CA ILE J 193 -37.98 1.20 17.89
C ILE J 193 -39.46 1.07 18.26
N ILE J 194 -40.32 0.84 17.25
CA ILE J 194 -41.70 0.43 17.48
C ILE J 194 -41.68 -0.87 18.28
N PRO J 195 -42.53 -1.05 19.32
CA PRO J 195 -42.57 -2.29 20.12
C PRO J 195 -43.06 -3.56 19.40
N GLU J 196 -43.85 -3.39 18.34
CA GLU J 196 -44.34 -4.46 17.49
C GLU J 196 -43.30 -4.83 16.42
N ASP J 197 -42.02 -4.62 16.75
CA ASP J 197 -40.86 -5.06 15.98
C ASP J 197 -40.79 -6.61 16.00
N THR J 198 -40.25 -7.17 14.91
CA THR J 198 -40.22 -8.60 14.67
C THR J 198 -38.84 -9.22 14.97
N PHE J 199 -38.62 -10.44 14.47
CA PHE J 199 -37.33 -11.13 14.54
C PHE J 199 -37.56 -12.66 14.59
N VAL K 3 55.36 23.07 11.80
CA VAL K 3 56.68 23.68 12.14
C VAL K 3 57.54 22.59 12.76
N ILE K 4 58.74 22.37 12.19
CA ILE K 4 59.56 21.26 12.60
C ILE K 4 60.81 21.82 13.25
N GLN K 5 61.13 21.35 14.46
CA GLN K 5 62.33 21.79 15.14
C GLN K 5 63.19 20.58 15.52
N THR K 6 64.51 20.76 15.47
CA THR K 6 65.46 19.73 15.86
C THR K 6 66.67 20.40 16.49
N PRO K 7 67.36 19.73 17.44
CA PRO K 7 66.88 18.45 17.97
C PRO K 7 65.78 18.68 19.00
N ARG K 8 65.11 17.58 19.40
CA ARG K 8 64.08 17.72 20.43
C ARG K 8 64.74 17.98 21.79
N HIS K 9 65.88 17.31 22.05
CA HIS K 9 66.63 17.58 23.26
C HIS K 9 68.10 17.79 22.93
N LYS K 10 68.77 18.64 23.73
CA LYS K 10 70.19 18.90 23.62
C LYS K 10 70.77 19.03 25.03
N VAL K 11 71.71 18.13 25.36
CA VAL K 11 72.49 18.30 26.58
C VAL K 11 73.90 18.78 26.22
N THR K 12 74.35 19.87 26.84
CA THR K 12 75.68 20.43 26.64
C THR K 12 76.30 20.70 28.01
N GLY K 13 77.63 20.86 28.03
CA GLY K 13 78.32 21.31 29.22
C GLY K 13 78.58 22.81 29.17
N LYS K 14 79.07 23.35 30.29
CA LYS K 14 79.34 24.78 30.40
C LYS K 14 80.38 25.14 29.34
N GLY K 15 80.01 26.11 28.47
CA GLY K 15 80.98 26.66 27.54
C GLY K 15 80.93 25.99 26.17
N GLN K 16 80.14 24.93 26.00
CA GLN K 16 79.96 24.30 24.71
C GLN K 16 79.04 25.20 23.84
N GLU K 17 79.08 24.97 22.53
CA GLU K 17 78.21 25.69 21.61
C GLU K 17 76.98 24.83 21.38
N ALA K 18 75.83 25.47 21.17
CA ALA K 18 74.65 24.73 20.76
C ALA K 18 73.92 25.50 19.68
N THR K 19 73.47 24.76 18.66
CA THR K 19 72.71 25.41 17.61
C THR K 19 71.37 24.70 17.49
N LEU K 20 70.31 25.48 17.29
CA LEU K 20 68.96 24.98 17.24
C LEU K 20 68.39 25.28 15.86
N TRP K 21 67.72 24.26 15.28
CA TRP K 21 67.25 24.30 13.90
C TRP K 21 65.73 24.36 13.86
N CYS K 22 65.20 25.22 12.99
CA CYS K 22 63.76 25.36 12.88
C CYS K 22 63.35 25.50 11.41
N GLU K 23 62.43 24.65 10.94
CA GLU K 23 61.85 24.84 9.63
C GLU K 23 60.43 25.35 9.78
N PRO K 24 60.17 26.65 9.45
CA PRO K 24 58.79 27.16 9.36
C PRO K 24 58.17 26.56 8.11
N ILE K 25 57.03 25.91 8.23
CA ILE K 25 56.25 25.61 7.03
C ILE K 25 55.04 26.52 7.11
N SER K 26 54.40 26.60 8.29
CA SER K 26 53.05 27.09 8.45
C SER K 26 52.90 28.56 8.10
N GLY K 27 53.73 29.44 8.66
CA GLY K 27 53.70 30.84 8.25
C GLY K 27 54.79 31.06 7.22
N HIS K 28 54.41 31.22 5.95
CA HIS K 28 55.35 31.79 4.99
C HIS K 28 55.29 33.30 5.19
N SER K 29 56.34 33.85 5.82
CA SER K 29 56.58 35.29 5.96
C SER K 29 57.23 35.67 7.29
N ALA K 30 56.50 35.39 8.38
CA ALA K 30 56.93 35.76 9.72
C ALA K 30 57.46 34.52 10.44
N VAL K 31 58.69 34.62 10.97
CA VAL K 31 59.27 33.56 11.78
C VAL K 31 59.68 34.16 13.12
N PHE K 32 59.36 33.43 14.20
CA PHE K 32 59.59 33.92 15.56
C PHE K 32 60.35 32.88 16.36
N TRP K 33 60.98 33.36 17.43
CA TRP K 33 61.59 32.51 18.44
C TRP K 33 61.05 32.91 19.81
N TYR K 34 60.70 31.91 20.62
CA TYR K 34 60.29 32.15 21.99
C TYR K 34 61.08 31.24 22.94
N ARG K 35 61.32 31.74 24.15
CA ARG K 35 61.96 30.96 25.18
C ARG K 35 60.87 30.57 26.18
N GLN K 36 60.90 29.31 26.62
CA GLN K 36 59.86 28.77 27.48
C GLN K 36 60.48 28.23 28.76
N THR K 37 60.16 28.88 29.87
CA THR K 37 60.71 28.55 31.18
C THR K 37 59.59 28.52 32.23
N ILE K 38 59.98 28.03 33.41
CA ILE K 38 59.04 27.80 34.49
C ILE K 38 58.51 29.14 34.98
N VAL K 39 59.38 30.13 35.03
CA VAL K 39 59.03 31.43 35.59
C VAL K 39 58.27 32.27 34.56
N GLN K 40 58.76 32.35 33.31
CA GLN K 40 58.27 33.37 32.40
C GLN K 40 57.31 32.80 31.36
N GLY K 41 57.13 31.48 31.32
CA GLY K 41 56.27 30.88 30.30
C GLY K 41 56.81 31.17 28.89
N LEU K 42 55.95 31.54 27.91
CA LEU K 42 56.40 31.96 26.60
C LEU K 42 56.89 33.40 26.63
N GLU K 43 58.16 33.59 26.26
CA GLU K 43 58.80 34.88 26.20
C GLU K 43 59.34 35.11 24.78
N PHE K 44 58.86 36.21 24.16
CA PHE K 44 59.34 36.65 22.86
C PHE K 44 60.85 36.82 22.93
N LEU K 45 61.53 36.38 21.85
CA LEU K 45 62.97 36.56 21.72
C LEU K 45 63.23 37.44 20.49
N THR K 46 62.76 36.97 19.31
CA THR K 46 63.12 37.61 18.07
C THR K 46 62.06 37.36 17.00
N TYR K 47 62.07 38.24 15.97
CA TYR K 47 61.11 38.19 14.88
C TYR K 47 61.83 38.51 13.58
N PHE K 48 61.46 37.76 12.53
CA PHE K 48 61.95 37.95 11.17
C PHE K 48 60.76 38.11 10.23
N ARG K 49 60.83 39.13 9.36
CA ARG K 49 59.88 39.31 8.27
C ARG K 49 60.61 39.21 6.94
N ASN K 50 60.33 38.12 6.20
CA ASN K 50 61.02 37.74 4.98
C ASN K 50 62.54 37.70 5.20
N GLN K 51 62.96 36.93 6.22
CA GLN K 51 64.34 36.61 6.51
C GLN K 51 65.06 37.81 7.14
N ALA K 52 64.34 38.92 7.34
CA ALA K 52 64.95 40.17 7.80
C ALA K 52 64.74 40.38 9.29
N PRO K 53 65.84 40.52 10.10
CA PRO K 53 65.73 40.82 11.53
C PRO K 53 64.93 42.10 11.73
N ILE K 54 63.83 42.02 12.48
CA ILE K 54 63.02 43.21 12.74
C ILE K 54 63.07 43.56 14.23
N ASP K 55 62.77 42.59 15.09
CA ASP K 55 62.74 42.82 16.53
C ASP K 55 63.49 41.67 17.21
N ASP K 56 64.56 42.00 17.95
CA ASP K 56 65.33 41.02 18.70
C ASP K 56 65.43 41.49 20.15
N SER K 57 64.39 42.21 20.59
CA SER K 57 64.42 42.91 21.86
C SER K 57 64.47 41.92 23.02
N GLY K 58 63.96 40.71 22.81
CA GLY K 58 63.85 39.72 23.87
C GLY K 58 65.13 38.88 24.00
N MET K 59 65.96 38.90 22.96
CA MET K 59 67.15 38.06 22.92
C MET K 59 68.12 38.55 23.99
N PRO K 60 68.83 37.61 24.66
CA PRO K 60 69.91 37.98 25.57
C PRO K 60 70.93 38.84 24.84
N LYS K 61 71.53 39.82 25.54
CA LYS K 61 72.36 40.81 24.87
C LYS K 61 73.71 40.23 24.45
N GLU K 62 74.00 38.99 24.85
CA GLU K 62 75.29 38.35 24.66
C GLU K 62 75.06 36.86 24.46
N ARG K 63 75.87 36.27 23.57
CA ARG K 63 76.04 34.84 23.33
C ARG K 63 74.93 34.25 22.47
N PHE K 64 73.82 34.98 22.32
CA PHE K 64 72.66 34.47 21.59
C PHE K 64 72.55 35.17 20.24
N SER K 65 72.27 34.38 19.20
CA SER K 65 72.10 34.95 17.88
C SER K 65 71.12 34.11 17.10
N ALA K 66 70.38 34.78 16.19
CA ALA K 66 69.43 34.08 15.35
C ALA K 66 69.65 34.51 13.90
N GLN K 67 69.52 33.54 12.99
CA GLN K 67 69.77 33.78 11.58
C GLN K 67 68.70 33.07 10.76
N MET K 68 68.51 33.56 9.54
CA MET K 68 67.71 32.85 8.56
C MET K 68 68.52 32.71 7.27
N PRO K 69 69.31 31.61 7.12
CA PRO K 69 70.06 31.32 5.89
C PRO K 69 69.22 31.44 4.62
N ASN K 70 68.14 30.67 4.54
CA ASN K 70 67.19 30.85 3.44
C ASN K 70 65.86 31.28 4.03
N GLN K 71 64.81 31.27 3.21
CA GLN K 71 63.49 31.67 3.68
C GLN K 71 62.66 30.43 4.04
N SER K 72 63.32 29.28 4.25
CA SER K 72 62.61 28.06 4.59
C SER K 72 63.12 27.46 5.89
N HIS K 73 64.23 27.99 6.44
CA HIS K 73 64.67 27.53 7.75
C HIS K 73 65.37 28.64 8.53
N SER K 74 65.54 28.43 9.84
CA SER K 74 66.07 29.42 10.77
C SER K 74 66.86 28.73 11.87
N THR K 75 67.84 29.43 12.45
CA THR K 75 68.72 28.83 13.43
C THR K 75 68.86 29.76 14.63
N LEU K 76 68.97 29.15 15.81
CA LEU K 76 69.36 29.86 17.01
C LEU K 76 70.68 29.28 17.49
N LYS K 77 71.71 30.12 17.59
CA LYS K 77 73.01 29.67 18.02
C LYS K 77 73.30 30.28 19.38
N ILE K 78 73.67 29.42 20.34
CA ILE K 78 74.13 29.89 21.63
C ILE K 78 75.60 29.54 21.76
N GLN K 79 76.40 30.55 22.06
CA GLN K 79 77.82 30.38 22.26
C GLN K 79 78.07 30.27 23.76
N SER K 80 78.98 29.37 24.12
CA SER K 80 79.45 29.28 25.49
C SER K 80 78.26 29.07 26.43
N THR K 81 77.55 27.94 26.23
CA THR K 81 76.32 27.65 26.96
C THR K 81 76.58 27.73 28.46
N GLN K 82 75.62 28.35 29.17
CA GLN K 82 75.68 28.51 30.61
C GLN K 82 74.41 27.92 31.22
N PRO K 83 74.44 27.40 32.47
CA PRO K 83 73.24 26.81 33.09
C PRO K 83 71.93 27.57 32.95
N GLN K 84 72.01 28.91 33.01
CA GLN K 84 70.81 29.73 32.92
C GLN K 84 70.23 29.69 31.51
N ASP K 85 70.95 29.11 30.55
CA ASP K 85 70.46 29.02 29.18
C ASP K 85 69.41 27.91 29.07
N SER K 86 69.37 27.05 30.10
CA SER K 86 68.52 25.85 30.09
C SER K 86 67.07 26.29 30.00
N ALA K 87 66.37 25.81 28.97
CA ALA K 87 64.98 26.16 28.71
C ALA K 87 64.51 25.39 27.48
N VAL K 88 63.24 25.61 27.14
CA VAL K 88 62.72 25.11 25.89
C VAL K 88 62.67 26.28 24.93
N TYR K 89 63.17 26.07 23.72
CA TYR K 89 63.24 27.13 22.72
C TYR K 89 62.24 26.79 21.62
N LEU K 90 61.11 27.50 21.65
CA LEU K 90 60.05 27.30 20.68
C LEU K 90 60.34 28.20 19.47
N CYS K 91 59.89 27.74 18.31
CA CYS K 91 59.95 28.49 17.08
C CYS K 91 58.55 28.56 16.47
N ALA K 92 58.21 29.67 15.82
CA ALA K 92 56.85 29.82 15.35
C ALA K 92 56.84 30.56 14.02
N SER K 93 55.74 30.39 13.27
CA SER K 93 55.55 31.10 12.02
C SER K 93 54.09 31.51 11.84
N SER K 94 53.88 32.63 11.14
CA SER K 94 52.53 33.09 10.82
C SER K 94 52.52 33.71 9.43
N ARG K 95 51.36 33.58 8.76
CA ARG K 95 51.20 34.06 7.40
C ARG K 95 50.70 35.51 7.43
N GLN K 96 50.85 36.16 6.26
CA GLN K 96 50.18 37.40 5.94
C GLN K 96 48.68 37.12 5.84
N GLY K 97 47.86 38.12 6.22
CA GLY K 97 46.41 38.08 6.06
C GLY K 97 45.75 36.98 6.88
N GLN K 98 46.50 36.42 7.81
CA GLN K 98 46.05 35.37 8.71
C GLN K 98 46.64 35.74 10.09
N ASN K 99 45.79 35.58 11.11
CA ASN K 99 46.21 35.95 12.46
C ASN K 99 46.92 34.77 13.12
N THR K 100 46.63 33.54 12.68
CA THR K 100 47.01 32.39 13.47
C THR K 100 48.54 32.19 13.43
N LEU K 101 49.12 31.95 14.61
CA LEU K 101 50.54 31.71 14.81
C LEU K 101 50.74 30.21 15.06
N TYR K 102 51.64 29.57 14.31
CA TYR K 102 51.84 28.14 14.48
C TYR K 102 53.14 27.90 15.23
N PHE K 103 53.08 27.02 16.26
CA PHE K 103 54.27 26.79 17.05
C PHE K 103 54.91 25.44 16.71
N GLY K 104 56.23 25.39 16.84
CA GLY K 104 56.97 24.13 16.88
C GLY K 104 56.89 23.53 18.30
N ALA K 105 57.37 22.29 18.49
CA ALA K 105 57.32 21.71 19.83
C ALA K 105 58.65 21.96 20.53
N GLY K 106 59.57 22.62 19.82
CA GLY K 106 60.73 23.24 20.46
C GLY K 106 61.90 22.28 20.70
N THR K 107 63.01 22.87 21.16
CA THR K 107 64.20 22.13 21.57
C THR K 107 64.42 22.40 23.05
N ARG K 108 64.55 21.34 23.85
CA ARG K 108 64.84 21.48 25.26
C ARG K 108 66.36 21.49 25.42
N LEU K 109 66.89 22.59 25.93
CA LEU K 109 68.30 22.66 26.18
C LEU K 109 68.57 22.53 27.67
N SER K 110 69.47 21.59 28.03
CA SER K 110 69.95 21.51 29.40
C SER K 110 71.46 21.68 29.44
N VAL K 111 71.89 22.76 30.11
CA VAL K 111 73.29 23.07 30.25
C VAL K 111 73.69 22.67 31.67
N LEU K 112 74.63 21.73 31.74
CA LEU K 112 75.08 21.20 33.01
C LEU K 112 76.41 21.84 33.35
N GLU K 113 76.68 22.00 34.65
CA GLU K 113 77.97 22.50 35.12
C GLU K 113 79.03 21.51 34.68
N ASP K 114 78.83 20.22 34.99
CA ASP K 114 79.82 19.20 34.73
C ASP K 114 79.15 18.02 34.03
N LEU K 115 79.74 17.57 32.91
CA LEU K 115 79.24 16.40 32.21
C LEU K 115 79.73 15.10 32.84
N LYS K 116 80.27 15.15 34.06
CA LYS K 116 80.72 13.94 34.73
C LYS K 116 79.55 13.32 35.51
N ASN K 117 78.42 14.04 35.57
CA ASN K 117 77.31 13.59 36.39
C ASN K 117 76.19 13.02 35.53
N VAL K 118 76.39 13.01 34.20
CA VAL K 118 75.31 12.54 33.33
C VAL K 118 75.35 11.01 33.26
N PHE K 119 74.23 10.37 33.63
CA PHE K 119 74.10 8.92 33.59
C PHE K 119 72.79 8.52 32.90
N PRO K 120 72.75 7.37 32.21
CA PRO K 120 71.53 6.91 31.52
C PRO K 120 70.70 6.10 32.50
N PRO K 121 69.40 5.88 32.22
CA PRO K 121 68.53 5.19 33.17
C PRO K 121 68.76 3.69 33.12
N GLU K 122 68.54 3.03 34.26
CA GLU K 122 68.30 1.59 34.28
C GLU K 122 66.80 1.40 34.29
N VAL K 123 66.31 0.51 33.41
CA VAL K 123 64.88 0.30 33.27
C VAL K 123 64.52 -1.09 33.74
N ALA K 124 63.38 -1.23 34.42
CA ALA K 124 62.89 -2.53 34.85
C ALA K 124 61.37 -2.47 34.88
N VAL K 125 60.72 -3.60 34.54
CA VAL K 125 59.27 -3.69 34.52
C VAL K 125 58.85 -4.76 35.52
N PHE K 126 57.75 -4.49 36.23
CA PHE K 126 57.28 -5.35 37.31
C PHE K 126 55.91 -5.90 36.97
N GLU K 127 55.77 -7.23 37.09
CA GLU K 127 54.61 -7.95 36.57
C GLU K 127 53.46 -7.78 37.54
N PRO K 128 52.19 -7.75 37.07
CA PRO K 128 51.04 -7.44 37.92
C PRO K 128 50.94 -8.36 39.13
N SER K 129 50.25 -7.88 40.18
CA SER K 129 50.08 -8.62 41.42
C SER K 129 49.00 -9.69 41.25
N GLU K 130 49.23 -10.90 41.81
CA GLU K 130 48.22 -11.93 41.77
C GLU K 130 46.97 -11.46 42.52
N ALA K 131 47.20 -10.76 43.64
CA ALA K 131 46.14 -10.20 44.44
C ALA K 131 45.30 -9.22 43.63
N GLU K 132 45.98 -8.33 42.88
CA GLU K 132 45.31 -7.26 42.14
C GLU K 132 44.32 -7.89 41.14
N ILE K 133 44.79 -8.96 40.48
CA ILE K 133 44.03 -9.61 39.44
C ILE K 133 42.77 -10.21 40.05
N SER K 134 42.98 -10.88 41.18
CA SER K 134 41.92 -11.55 41.92
C SER K 134 40.85 -10.54 42.37
N HIS K 135 41.28 -9.36 42.84
CA HIS K 135 40.40 -8.39 43.47
C HIS K 135 39.65 -7.55 42.43
N THR K 136 40.33 -7.16 41.34
CA THR K 136 39.78 -6.14 40.45
C THR K 136 39.55 -6.68 39.06
N GLN K 137 40.10 -7.86 38.76
CA GLN K 137 40.05 -8.41 37.40
C GLN K 137 40.83 -7.52 36.43
N LYS K 138 41.84 -6.83 36.96
CA LYS K 138 42.71 -5.95 36.18
C LYS K 138 44.16 -6.23 36.57
N ALA K 139 45.07 -6.01 35.62
CA ALA K 139 46.49 -6.22 35.83
C ALA K 139 47.24 -4.93 35.50
N THR K 140 48.01 -4.45 36.49
CA THR K 140 48.79 -3.23 36.32
C THR K 140 50.28 -3.60 36.26
N LEU K 141 50.90 -3.32 35.12
CA LEU K 141 52.34 -3.39 35.03
C LEU K 141 52.92 -2.04 35.46
N VAL K 142 54.11 -2.07 36.04
CA VAL K 142 54.78 -0.86 36.47
C VAL K 142 56.20 -0.88 35.92
N CYS K 143 56.64 0.26 35.41
CA CYS K 143 57.98 0.45 34.88
C CYS K 143 58.73 1.47 35.73
N LEU K 144 60.03 1.23 35.94
CA LEU K 144 60.90 2.10 36.72
C LEU K 144 62.13 2.46 35.90
N ALA K 145 62.29 3.76 35.60
CA ALA K 145 63.56 4.27 35.13
C ALA K 145 64.26 4.91 36.30
N THR K 146 65.44 4.37 36.69
CA THR K 146 66.13 4.93 37.84
C THR K 146 67.56 5.35 37.50
N GLY K 147 68.01 6.40 38.20
CA GLY K 147 69.43 6.74 38.28
C GLY K 147 69.92 7.46 37.04
N PHE K 148 69.09 8.37 36.50
CA PHE K 148 69.45 9.05 35.27
C PHE K 148 69.58 10.54 35.54
N TYR K 149 70.47 11.18 34.76
CA TYR K 149 70.70 12.63 34.84
C TYR K 149 71.24 13.08 33.49
N PRO K 150 70.74 14.19 32.91
CA PRO K 150 69.64 14.97 33.50
C PRO K 150 68.28 14.35 33.19
N ASP K 151 67.20 15.12 33.40
CA ASP K 151 65.85 14.57 33.33
C ASP K 151 65.21 14.78 31.95
N HIS K 152 65.98 14.52 30.89
CA HIS K 152 65.41 14.37 29.57
C HIS K 152 65.16 12.89 29.32
N VAL K 153 64.01 12.38 29.80
CA VAL K 153 63.61 11.03 29.40
C VAL K 153 62.21 11.05 28.80
N GLU K 154 61.98 10.17 27.82
CA GLU K 154 60.65 9.90 27.31
C GLU K 154 60.34 8.41 27.45
N LEU K 155 59.27 8.12 28.21
CA LEU K 155 58.91 6.75 28.49
C LEU K 155 57.66 6.37 27.69
N SER K 156 57.72 5.20 27.02
CA SER K 156 56.66 4.68 26.18
C SER K 156 56.36 3.22 26.51
N TRP K 157 55.09 2.82 26.32
CA TRP K 157 54.72 1.43 26.46
C TRP K 157 54.42 0.79 25.11
N TRP K 158 55.04 -0.36 24.86
CA TRP K 158 54.84 -1.08 23.63
C TRP K 158 54.24 -2.44 23.93
N VAL K 159 53.06 -2.68 23.34
CA VAL K 159 52.37 -3.95 23.47
C VAL K 159 52.30 -4.64 22.12
N ASN K 160 53.01 -5.77 22.01
CA ASN K 160 53.08 -6.53 20.77
C ASN K 160 53.51 -5.62 19.61
N GLY K 161 54.57 -4.85 19.81
CA GLY K 161 55.20 -4.18 18.68
C GLY K 161 54.57 -2.82 18.37
N LYS K 162 53.35 -2.58 18.89
CA LYS K 162 52.71 -1.28 18.69
C LYS K 162 52.74 -0.49 20.01
N GLU K 163 53.05 0.80 19.92
CA GLU K 163 53.03 1.68 21.07
C GLU K 163 51.59 1.88 21.48
N VAL K 164 51.33 1.99 22.78
CA VAL K 164 49.98 2.16 23.30
C VAL K 164 49.94 3.36 24.22
N HIS K 165 48.74 3.94 24.34
CA HIS K 165 48.50 5.05 25.25
C HIS K 165 47.36 4.74 26.23
N SER K 166 46.21 4.25 25.73
CA SER K 166 45.06 3.96 26.56
C SER K 166 45.42 2.99 27.70
N GLY K 167 45.21 3.43 28.94
CA GLY K 167 45.61 2.69 30.14
C GLY K 167 47.07 2.95 30.59
N VAL K 168 47.72 3.98 30.05
CA VAL K 168 49.07 4.35 30.49
C VAL K 168 48.95 5.55 31.42
N CYS K 169 49.75 5.53 32.50
CA CYS K 169 49.89 6.65 33.40
C CYS K 169 51.37 6.81 33.74
N THR K 170 51.99 7.89 33.26
CA THR K 170 53.38 8.19 33.61
C THR K 170 53.43 9.40 34.53
N ASP K 171 54.27 9.30 35.57
CA ASP K 171 54.51 10.39 36.49
C ASP K 171 54.79 11.66 35.69
N PRO K 172 54.11 12.79 35.97
CA PRO K 172 54.37 14.03 35.25
C PRO K 172 55.73 14.64 35.57
N GLN K 173 56.31 14.30 36.72
CA GLN K 173 57.65 14.80 37.06
C GLN K 173 58.42 13.66 37.74
N PRO K 174 59.75 13.54 37.53
CA PRO K 174 60.53 12.47 38.14
C PRO K 174 60.87 12.86 39.58
N LEU K 175 61.32 11.90 40.40
CA LEU K 175 61.79 12.23 41.74
C LEU K 175 63.30 12.12 41.85
N LYS K 176 63.89 13.01 42.66
CA LYS K 176 65.31 13.04 42.99
C LYS K 176 65.61 11.86 43.92
N GLU K 177 66.58 11.04 43.54
CA GLU K 177 66.88 9.84 44.31
C GLU K 177 67.55 10.25 45.63
N GLN K 178 68.38 11.29 45.57
CA GLN K 178 69.05 11.80 46.75
C GLN K 178 68.79 13.30 46.83
N PRO K 179 67.59 13.76 47.29
CA PRO K 179 67.20 15.18 47.17
C PRO K 179 67.95 16.18 48.06
N ALA K 180 68.81 15.66 48.94
CA ALA K 180 69.73 16.44 49.73
C ALA K 180 70.80 17.07 48.83
N LEU K 181 71.32 16.28 47.87
CA LEU K 181 72.38 16.71 46.99
C LEU K 181 71.80 17.58 45.86
N ASN K 182 72.58 18.52 45.34
CA ASN K 182 72.10 19.52 44.39
C ASN K 182 72.08 18.88 43.00
N ASP K 183 73.17 18.15 42.70
CA ASP K 183 73.29 17.32 41.51
C ASP K 183 72.86 15.92 41.93
N SER K 184 71.57 15.62 41.72
CA SER K 184 70.99 14.33 42.07
C SER K 184 70.38 13.68 40.84
N ARG K 185 70.56 12.35 40.78
CA ARG K 185 69.98 11.50 39.75
C ARG K 185 68.47 11.41 40.00
N TYR K 186 67.74 11.00 38.95
CA TYR K 186 66.29 10.96 39.00
C TYR K 186 65.76 9.53 38.81
N ALA K 187 64.51 9.34 39.25
CA ALA K 187 63.77 8.14 38.92
C ALA K 187 62.42 8.57 38.35
N LEU K 188 61.86 7.76 37.44
CA LEU K 188 60.53 8.01 36.93
C LEU K 188 59.80 6.67 36.91
N SER K 189 58.50 6.69 37.22
CA SER K 189 57.70 5.48 37.14
C SER K 189 56.54 5.69 36.18
N SER K 190 56.05 4.58 35.60
CA SER K 190 54.89 4.58 34.73
C SER K 190 54.06 3.31 34.98
N ARG K 191 52.76 3.37 34.69
CA ARG K 191 51.91 2.21 34.89
C ARG K 191 51.13 1.93 33.60
N LEU K 192 51.01 0.64 33.27
CA LEU K 192 50.14 0.19 32.20
C LEU K 192 49.13 -0.78 32.81
N ARG K 193 47.84 -0.43 32.68
CA ARG K 193 46.75 -1.27 33.17
C ARG K 193 46.00 -1.93 32.02
N VAL K 194 46.00 -3.28 32.03
CA VAL K 194 45.28 -4.09 31.07
C VAL K 194 44.33 -5.04 31.81
N SER K 195 43.38 -5.64 31.06
CA SER K 195 42.47 -6.64 31.64
C SER K 195 43.28 -7.83 32.13
N ALA K 196 42.76 -8.53 33.15
CA ALA K 196 43.45 -9.68 33.67
C ALA K 196 43.56 -10.75 32.58
N THR K 197 42.53 -10.83 31.75
CA THR K 197 42.48 -11.74 30.62
C THR K 197 43.64 -11.45 29.66
N PHE K 198 43.86 -10.16 29.39
CA PHE K 198 44.89 -9.79 28.43
C PHE K 198 46.27 -10.17 28.95
N TRP K 199 46.48 -9.97 30.25
CA TRP K 199 47.78 -10.28 30.83
C TRP K 199 47.99 -11.79 30.87
N GLN K 200 46.90 -12.54 31.00
CA GLN K 200 46.97 -13.99 31.17
C GLN K 200 47.33 -14.73 29.88
N ASN K 201 47.37 -13.98 28.77
CA ASN K 201 47.68 -14.56 27.47
C ASN K 201 49.18 -14.52 27.25
N PRO K 202 49.89 -15.68 27.24
CA PRO K 202 51.35 -15.70 27.19
C PRO K 202 52.00 -15.38 25.85
N ARG K 203 51.15 -14.96 24.90
CA ARG K 203 51.61 -14.58 23.59
C ARG K 203 51.69 -13.04 23.49
N ASN K 204 51.17 -12.37 24.53
CA ASN K 204 51.20 -10.92 24.61
C ASN K 204 52.54 -10.47 25.17
N HIS K 205 53.16 -9.52 24.45
CA HIS K 205 54.49 -9.02 24.76
C HIS K 205 54.40 -7.55 25.18
N PHE K 206 54.93 -7.27 26.38
CA PHE K 206 54.91 -5.93 26.93
C PHE K 206 56.34 -5.43 27.00
N ARG K 207 56.55 -4.20 26.54
CA ARG K 207 57.86 -3.58 26.61
C ARG K 207 57.72 -2.12 27.02
N CYS K 208 58.50 -1.80 28.05
CA CYS K 208 58.64 -0.45 28.57
C CYS K 208 59.92 0.12 27.98
N GLN K 209 59.81 1.30 27.36
CA GLN K 209 60.96 1.85 26.64
C GLN K 209 61.21 3.28 27.07
N VAL K 210 62.46 3.59 27.41
CA VAL K 210 62.83 4.91 27.90
C VAL K 210 63.91 5.54 27.01
N GLN K 211 63.55 6.63 26.29
CA GLN K 211 64.50 7.35 25.46
C GLN K 211 65.23 8.33 26.36
N PHE K 212 66.55 8.16 26.48
CA PHE K 212 67.36 9.04 27.31
C PHE K 212 68.20 9.93 26.40
N TYR K 213 68.34 11.21 26.79
CA TYR K 213 69.16 12.16 26.05
C TYR K 213 70.35 12.58 26.90
N GLY K 214 71.55 12.39 26.35
CA GLY K 214 72.82 12.72 27.00
C GLY K 214 73.84 13.20 25.97
N LEU K 215 75.07 12.68 26.05
CA LEU K 215 76.19 13.07 25.21
C LEU K 215 75.93 12.61 23.79
N SER K 216 76.46 13.34 22.79
CA SER K 216 76.56 12.85 21.42
C SER K 216 77.89 12.13 21.26
N GLU K 217 78.05 11.41 20.14
CA GLU K 217 79.25 10.61 19.95
C GLU K 217 80.45 11.54 19.70
N ASN K 218 80.15 12.81 19.40
CA ASN K 218 81.19 13.80 19.14
C ASN K 218 81.93 14.15 20.45
N ASP K 219 81.23 14.11 21.58
CA ASP K 219 81.74 14.56 22.87
C ASP K 219 82.86 13.68 23.42
N GLU K 220 83.69 14.31 24.24
CA GLU K 220 84.90 13.75 24.81
C GLU K 220 84.52 13.04 26.10
N TRP K 221 85.22 11.95 26.43
CA TRP K 221 84.88 11.19 27.62
C TRP K 221 86.13 10.69 28.33
N THR K 222 86.44 11.32 29.48
CA THR K 222 87.62 11.00 30.26
C THR K 222 87.37 9.77 31.14
N GLN K 223 86.20 9.75 31.83
CA GLN K 223 85.93 8.83 32.94
C GLN K 223 85.94 7.38 32.46
N ASP K 224 86.16 6.44 33.43
CA ASP K 224 86.53 5.06 33.09
C ASP K 224 85.32 4.16 32.93
N ARG K 225 84.11 4.74 33.02
CA ARG K 225 82.86 4.04 32.77
C ARG K 225 82.45 4.26 31.33
N ALA K 226 81.28 3.72 30.95
CA ALA K 226 80.85 3.87 29.56
C ALA K 226 80.23 5.25 29.34
N LYS K 227 80.51 5.85 28.18
CA LYS K 227 80.10 7.22 27.96
C LYS K 227 78.58 7.27 27.80
N PRO K 228 77.90 8.16 28.52
CA PRO K 228 76.43 8.15 28.56
C PRO K 228 75.78 8.86 27.39
N VAL K 229 75.87 8.25 26.21
CA VAL K 229 75.28 8.79 25.01
C VAL K 229 73.75 8.75 25.14
N THR K 230 73.09 9.60 24.33
CA THR K 230 71.69 9.44 24.02
C THR K 230 71.44 8.01 23.55
N GLN K 231 70.49 7.32 24.18
CA GLN K 231 70.20 5.93 23.89
C GLN K 231 68.80 5.58 24.37
N ILE K 232 68.28 4.43 23.90
CA ILE K 232 67.02 3.87 24.37
C ILE K 232 67.36 2.76 25.37
N VAL K 233 66.64 2.71 26.51
CA VAL K 233 66.79 1.62 27.47
C VAL K 233 65.41 1.02 27.72
N SER K 234 65.30 -0.31 27.57
CA SER K 234 64.02 -1.01 27.55
C SER K 234 64.01 -2.15 28.56
N ALA K 235 62.80 -2.60 28.89
CA ALA K 235 62.58 -3.79 29.71
C ALA K 235 61.26 -4.43 29.29
N GLU K 236 61.20 -5.76 29.28
CA GLU K 236 60.07 -6.46 28.68
C GLU K 236 59.44 -7.40 29.70
N ALA K 237 58.20 -7.75 29.44
CA ALA K 237 57.55 -8.83 30.16
C ALA K 237 56.57 -9.51 29.22
N TRP K 238 56.40 -10.83 29.41
CA TRP K 238 55.44 -11.60 28.64
C TRP K 238 54.26 -11.99 29.51
N GLY K 239 53.08 -12.03 28.91
CA GLY K 239 51.89 -12.50 29.60
C GLY K 239 52.09 -13.87 30.24
N ARG K 240 51.30 -14.15 31.28
CA ARG K 240 51.52 -15.31 32.11
C ARG K 240 50.15 -15.88 32.49
N ALA K 241 50.00 -17.18 32.24
CA ALA K 241 48.74 -17.89 32.44
C ALA K 241 48.55 -18.17 33.93
N ASP K 242 49.66 -18.51 34.61
CA ASP K 242 49.90 -18.45 36.06
C ASP K 242 51.19 -19.26 36.34
N GLN L 4 54.03 43.33 29.56
CA GLN L 4 52.82 43.68 28.78
C GLN L 4 51.59 42.84 29.15
N VAL L 5 51.71 41.51 29.38
CA VAL L 5 50.50 40.72 29.53
C VAL L 5 50.51 39.95 30.86
N GLU L 6 49.46 40.11 31.66
CA GLU L 6 49.46 39.58 33.01
C GLU L 6 48.44 38.47 33.08
N GLN L 7 48.87 37.26 33.49
CA GLN L 7 47.97 36.10 33.44
C GLN L 7 47.90 35.45 34.82
N LEU L 8 46.67 35.23 35.32
CA LEU L 8 46.45 34.75 36.69
C LEU L 8 45.34 33.72 36.69
N PRO L 9 45.48 32.60 37.46
CA PRO L 9 46.68 32.33 38.24
C PRO L 9 47.74 31.50 37.52
N SER L 10 48.89 31.30 38.19
CA SER L 10 49.97 30.50 37.63
C SER L 10 49.65 29.00 37.67
N ILE L 11 49.01 28.56 38.78
CA ILE L 11 48.57 27.19 38.98
C ILE L 11 47.11 27.24 39.42
N LEU L 12 46.28 26.39 38.81
CA LEU L 12 44.85 26.34 39.04
C LEU L 12 44.45 24.89 39.26
N ARG L 13 44.22 24.53 40.53
CA ARG L 13 43.70 23.23 40.93
C ARG L 13 42.18 23.34 40.98
N VAL L 14 41.51 22.60 40.09
CA VAL L 14 40.06 22.61 40.00
C VAL L 14 39.61 21.16 40.16
N GLN L 15 38.42 20.98 40.77
CA GLN L 15 37.88 19.64 40.93
C GLN L 15 37.11 19.29 39.66
N GLU L 16 37.16 18.00 39.26
CA GLU L 16 36.47 17.53 38.08
C GLU L 16 35.04 18.02 38.16
N GLY L 17 34.51 18.50 37.04
CA GLY L 17 33.11 18.86 36.97
C GLY L 17 32.88 20.34 37.24
N SER L 18 33.79 20.96 38.02
CA SER L 18 33.76 22.38 38.31
C SER L 18 34.33 23.15 37.12
N SER L 19 33.98 24.45 37.05
CA SER L 19 34.53 25.28 35.98
C SER L 19 35.84 25.92 36.42
N ALA L 20 36.67 26.29 35.43
CA ALA L 20 37.95 26.93 35.68
C ALA L 20 38.03 28.18 34.80
N SER L 21 38.58 29.27 35.38
CA SER L 21 38.72 30.53 34.68
C SER L 21 40.16 31.01 34.80
N ILE L 22 40.66 31.55 33.71
CA ILE L 22 41.97 32.19 33.68
C ILE L 22 41.76 33.63 33.27
N ASN L 23 42.40 34.56 33.98
CA ASN L 23 42.24 35.99 33.70
C ASN L 23 43.56 36.57 33.24
N CYS L 24 43.45 37.43 32.21
CA CYS L 24 44.57 38.17 31.68
C CYS L 24 44.21 39.66 31.58
N SER L 25 45.26 40.49 31.58
CA SER L 25 45.13 41.91 31.28
C SER L 25 46.31 42.33 30.40
N TYR L 26 46.05 43.34 29.55
CA TYR L 26 47.07 43.83 28.61
C TYR L 26 47.23 45.33 28.73
N GLU L 27 48.36 45.84 28.25
CA GLU L 27 48.74 47.24 28.36
C GLU L 27 48.37 48.06 27.12
N ASP L 28 48.66 47.55 25.91
CA ASP L 28 48.58 48.42 24.72
C ASP L 28 47.14 48.51 24.23
N SER L 29 46.58 49.71 24.37
CA SER L 29 45.16 49.98 24.17
C SER L 29 44.66 49.46 22.82
N ALA L 30 45.59 49.36 21.85
CA ALA L 30 45.20 49.15 20.47
C ALA L 30 45.73 47.78 20.11
N SER L 31 45.14 46.74 20.74
CA SER L 31 45.67 45.38 20.56
C SER L 31 45.04 44.54 19.45
N ASN L 32 43.70 44.45 19.40
CA ASN L 32 43.05 43.85 18.23
C ASN L 32 42.94 42.32 18.20
N TYR L 33 43.91 41.53 18.71
CA TYR L 33 43.74 40.09 18.62
C TYR L 33 44.22 39.43 19.91
N PHE L 34 43.42 38.48 20.43
CA PHE L 34 43.70 37.89 21.73
C PHE L 34 43.49 36.39 21.65
N PRO L 35 44.56 35.62 21.34
CA PRO L 35 44.47 34.17 21.22
C PRO L 35 44.78 33.43 22.51
N TRP L 36 44.31 32.20 22.62
CA TRP L 36 44.58 31.34 23.76
C TRP L 36 45.17 30.03 23.29
N TYR L 37 46.22 29.55 23.98
CA TYR L 37 46.94 28.37 23.55
C TYR L 37 46.91 27.32 24.65
N LYS L 38 46.68 26.06 24.26
CA LYS L 38 46.77 24.92 25.15
C LYS L 38 48.06 24.16 24.84
N GLN L 39 48.73 23.65 25.89
CA GLN L 39 50.02 23.01 25.65
C GLN L 39 50.16 21.75 26.50
N GLU L 40 50.17 20.59 25.81
CA GLU L 40 50.33 19.34 26.51
C GLU L 40 51.80 19.05 26.69
N PRO L 41 52.21 18.38 27.80
CA PRO L 41 53.63 18.15 28.10
C PRO L 41 54.34 17.53 26.91
N GLY L 42 55.46 18.14 26.50
CA GLY L 42 56.26 17.61 25.42
C GLY L 42 55.86 18.18 24.06
N GLU L 43 54.61 18.62 23.96
CA GLU L 43 54.10 19.05 22.66
C GLU L 43 54.27 20.55 22.48
N ASN L 44 53.70 21.04 21.36
CA ASN L 44 53.75 22.44 20.99
C ASN L 44 52.46 23.11 21.48
N PRO L 45 52.49 24.41 21.86
CA PRO L 45 51.25 25.14 22.14
C PRO L 45 50.37 25.07 20.90
N LYS L 46 49.06 24.93 21.11
CA LYS L 46 48.12 24.83 20.00
C LYS L 46 47.00 25.83 20.27
N LEU L 47 46.66 26.64 19.25
CA LEU L 47 45.61 27.65 19.38
C LEU L 47 44.31 26.91 19.67
N ILE L 48 43.51 27.37 20.65
CA ILE L 48 42.28 26.69 21.04
C ILE L 48 41.07 27.59 20.78
N ILE L 49 41.22 28.91 20.93
CA ILE L 49 40.16 29.89 20.74
C ILE L 49 40.81 31.27 20.73
N ASP L 50 40.14 32.24 20.10
CA ASP L 50 40.66 33.60 20.04
C ASP L 50 39.49 34.56 20.03
N ILE L 51 39.76 35.84 20.29
CA ILE L 51 38.74 36.87 20.19
C ILE L 51 39.39 38.15 19.62
N ARG L 52 38.61 38.91 18.85
CA ARG L 52 39.10 40.12 18.20
C ARG L 52 38.42 41.33 18.84
N SER L 53 39.01 42.53 18.61
CA SER L 53 38.68 43.73 19.37
C SER L 53 37.25 44.14 19.04
N ASN L 54 36.62 43.42 18.08
CA ASN L 54 35.28 43.88 17.69
C ASN L 54 34.18 43.24 18.51
N MET L 55 34.54 42.36 19.46
CA MET L 55 33.62 41.37 20.05
C MET L 55 33.95 41.22 21.54
N GLU L 56 32.95 40.89 22.37
CA GLU L 56 33.09 41.01 23.81
C GLU L 56 32.99 39.64 24.49
N ARG L 57 32.40 38.66 23.79
CA ARG L 57 32.36 37.28 24.26
C ARG L 57 32.24 36.34 23.06
N LYS L 58 32.74 35.11 23.21
CA LYS L 58 32.67 34.12 22.14
C LYS L 58 32.70 32.71 22.72
N GLN L 59 31.81 31.85 22.23
CA GLN L 59 31.75 30.47 22.73
C GLN L 59 31.84 29.48 21.56
N THR L 60 32.94 28.72 21.51
CA THR L 60 33.05 27.58 20.61
C THR L 60 33.91 26.50 21.24
N GLN L 61 33.65 25.25 20.88
CA GLN L 61 34.60 24.18 21.14
C GLN L 61 34.78 24.02 22.64
N GLY L 62 33.69 24.09 23.38
CA GLY L 62 33.72 23.83 24.81
C GLY L 62 34.42 24.95 25.59
N LEU L 63 34.59 26.11 24.94
CA LEU L 63 35.38 27.21 25.49
C LEU L 63 34.59 28.53 25.42
N ILE L 64 34.77 29.37 26.46
CA ILE L 64 34.25 30.72 26.47
C ILE L 64 35.39 31.71 26.69
N VAL L 65 35.37 32.83 25.93
CA VAL L 65 36.28 33.93 26.21
C VAL L 65 35.49 35.23 26.36
N LEU L 66 35.95 36.09 27.28
CA LEU L 66 35.42 37.44 27.40
C LEU L 66 36.53 38.42 27.02
N LEU L 67 36.13 39.60 26.53
CA LEU L 67 37.07 40.69 26.30
C LEU L 67 36.42 42.01 26.68
N ASP L 68 37.07 42.78 27.58
CA ASP L 68 36.67 44.16 27.85
C ASP L 68 37.79 45.09 27.40
N LYS L 69 37.62 45.67 26.19
CA LYS L 69 38.64 46.52 25.59
C LYS L 69 38.89 47.72 26.50
N LYS L 70 37.81 48.31 27.04
CA LYS L 70 37.91 49.50 27.89
C LYS L 70 38.73 49.18 29.14
N ALA L 71 38.45 48.05 29.79
CA ALA L 71 39.15 47.63 31.00
C ALA L 71 40.53 47.03 30.69
N LYS L 72 40.76 46.70 29.41
CA LYS L 72 41.96 46.00 28.95
C LYS L 72 42.12 44.69 29.76
N ARG L 73 40.99 43.97 29.99
CA ARG L 73 41.05 42.67 30.64
C ARG L 73 40.26 41.65 29.79
N PHE L 74 40.80 40.41 29.69
CA PHE L 74 40.10 39.37 28.97
C PHE L 74 40.37 38.03 29.67
N SER L 75 39.49 37.04 29.46
CA SER L 75 39.54 35.81 30.25
C SER L 75 39.08 34.62 29.42
N LEU L 76 39.49 33.41 29.88
CA LEU L 76 39.05 32.15 29.32
C LEU L 76 38.31 31.36 30.40
N HIS L 77 37.24 30.65 30.00
CA HIS L 77 36.39 29.92 30.93
C HIS L 77 36.05 28.54 30.38
N ILE L 78 36.42 27.51 31.14
CA ILE L 78 36.26 26.12 30.77
C ILE L 78 35.25 25.49 31.73
N THR L 79 34.03 25.21 31.31
CA THR L 79 33.02 24.61 32.19
C THR L 79 33.12 23.08 32.16
N ASP L 80 32.70 22.43 33.27
CA ASP L 80 32.70 20.98 33.42
C ASP L 80 34.08 20.40 33.09
N THR L 81 35.09 20.82 33.83
CA THR L 81 36.45 20.34 33.56
C THR L 81 36.48 18.82 33.69
N GLN L 82 37.30 18.18 32.85
CA GLN L 82 37.61 16.76 33.00
C GLN L 82 39.12 16.60 32.91
N PRO L 83 39.70 15.50 33.46
CA PRO L 83 41.17 15.36 33.52
C PRO L 83 41.88 15.59 32.20
N GLY L 84 41.15 15.50 31.09
CA GLY L 84 41.78 15.74 29.81
C GLY L 84 42.22 17.19 29.68
N ASP L 85 41.51 18.06 30.39
CA ASP L 85 41.75 19.49 30.29
C ASP L 85 43.05 19.86 31.00
N SER L 86 43.53 18.94 31.86
CA SER L 86 44.79 19.17 32.55
C SER L 86 45.89 19.45 31.54
N ALA L 87 46.31 20.72 31.49
CA ALA L 87 47.40 21.15 30.62
C ALA L 87 47.83 22.57 31.01
N MET L 88 48.77 23.09 30.23
CA MET L 88 49.27 24.43 30.40
C MET L 88 48.54 25.32 29.39
N TYR L 89 47.92 26.41 29.90
CA TYR L 89 47.26 27.36 29.01
C TYR L 89 47.97 28.72 29.00
N PHE L 90 47.87 29.45 27.88
CA PHE L 90 48.58 30.71 27.68
C PHE L 90 47.68 31.67 26.94
N CYS L 91 47.68 32.94 27.37
CA CYS L 91 46.92 33.97 26.67
C CYS L 91 47.90 34.92 26.03
N ALA L 92 47.45 35.71 25.05
CA ALA L 92 48.38 36.62 24.39
C ALA L 92 47.61 37.85 23.92
N ALA L 93 48.39 38.89 23.56
CA ALA L 93 47.81 40.09 22.98
C ALA L 93 48.67 40.53 21.80
N SER L 94 48.02 40.90 20.69
CA SER L 94 48.73 41.51 19.57
C SER L 94 49.41 42.78 20.04
N VAL L 95 50.59 43.07 19.48
CA VAL L 95 51.38 44.26 19.74
C VAL L 95 52.01 44.63 18.41
N ARG L 96 51.78 45.86 17.93
CA ARG L 96 52.43 46.39 16.74
C ARG L 96 52.21 45.50 15.51
N ASN L 97 51.06 44.82 15.43
CA ASN L 97 50.54 44.23 14.21
C ASN L 97 51.36 43.01 13.78
N TYR L 98 52.45 42.71 14.52
CA TYR L 98 53.26 41.53 14.23
C TYR L 98 53.48 40.70 15.50
N LYS L 99 53.61 41.37 16.64
CA LYS L 99 54.13 40.71 17.84
C LYS L 99 52.97 40.10 18.63
N TYR L 100 53.14 38.81 18.99
CA TYR L 100 52.31 38.18 19.99
C TYR L 100 53.03 38.17 21.34
N VAL L 101 52.47 38.93 22.30
CA VAL L 101 53.01 38.97 23.66
C VAL L 101 52.17 38.06 24.55
N PHE L 102 52.84 37.12 25.24
CA PHE L 102 52.14 36.04 25.94
C PHE L 102 52.15 36.24 27.45
N GLY L 103 51.12 35.72 28.12
CA GLY L 103 51.12 35.58 29.57
C GLY L 103 52.17 34.57 30.01
N ALA L 104 52.43 34.44 31.31
CA ALA L 104 53.40 33.44 31.74
C ALA L 104 52.76 32.07 31.78
N GLY L 105 51.44 31.99 31.53
CA GLY L 105 50.78 30.69 31.47
C GLY L 105 50.16 30.23 32.78
N THR L 106 49.18 29.34 32.66
CA THR L 106 48.50 28.72 33.79
C THR L 106 48.61 27.21 33.64
N ARG L 107 49.18 26.54 34.64
CA ARG L 107 49.13 25.07 34.70
C ARG L 107 47.82 24.67 35.35
N LEU L 108 46.90 24.11 34.58
CA LEU L 108 45.58 23.68 35.06
C LEU L 108 45.66 22.21 35.47
N LYS L 109 45.39 21.91 36.74
CA LYS L 109 45.34 20.52 37.20
C LYS L 109 43.88 20.18 37.58
N VAL L 110 43.28 19.20 36.89
CA VAL L 110 41.90 18.80 37.17
C VAL L 110 41.97 17.55 38.05
N ILE L 111 41.47 17.66 39.30
CA ILE L 111 41.45 16.55 40.24
C ILE L 111 40.20 15.73 39.93
N ALA L 112 40.33 14.39 39.90
CA ALA L 112 39.27 13.53 39.39
C ALA L 112 38.43 12.97 40.53
N ASP L 113 37.11 12.80 40.31
CA ASP L 113 36.22 12.25 41.34
C ASP L 113 36.15 10.74 41.13
N ILE L 114 36.99 10.02 41.88
CA ILE L 114 36.92 8.58 41.99
C ILE L 114 35.55 8.23 42.56
N GLN L 115 34.76 7.48 41.79
CA GLN L 115 33.34 7.25 42.07
C GLN L 115 33.19 6.16 43.13
N ASN L 116 33.79 4.99 42.83
CA ASN L 116 33.83 3.87 43.74
C ASN L 116 35.29 3.54 44.00
N PRO L 117 35.88 4.20 45.02
CA PRO L 117 37.27 3.94 45.42
C PRO L 117 37.40 2.49 45.84
N ASP L 118 38.61 1.95 45.68
CA ASP L 118 38.91 0.59 46.09
C ASP L 118 40.34 0.53 46.62
N PRO L 119 40.65 1.27 47.71
CA PRO L 119 42.03 1.44 48.16
C PRO L 119 42.67 0.08 48.39
N ALA L 120 43.85 -0.11 47.79
CA ALA L 120 44.60 -1.34 47.97
C ALA L 120 46.08 -1.06 47.78
N VAL L 121 46.92 -1.88 48.43
CA VAL L 121 48.35 -1.81 48.21
C VAL L 121 48.85 -3.19 47.81
N TYR L 122 49.39 -3.32 46.60
CA TYR L 122 49.78 -4.61 46.04
C TYR L 122 51.28 -4.63 45.84
N GLN L 123 51.82 -5.86 45.79
CA GLN L 123 53.26 -6.06 45.61
C GLN L 123 53.49 -6.69 44.25
N LEU L 124 54.27 -5.99 43.41
CA LEU L 124 54.61 -6.46 42.07
C LEU L 124 55.99 -7.06 42.17
N ARG L 125 56.32 -8.10 41.36
CA ARG L 125 57.68 -8.68 41.37
C ARG L 125 58.40 -8.37 40.05
N ASP L 126 59.72 -8.13 40.11
CA ASP L 126 60.48 -7.81 38.89
C ASP L 126 60.41 -8.98 37.90
N SER L 127 60.50 -8.69 36.59
CA SER L 127 60.52 -9.79 35.62
C SER L 127 61.95 -10.30 35.46
N LYS L 128 62.90 -9.43 35.78
CA LYS L 128 64.32 -9.79 35.85
C LYS L 128 64.62 -9.75 37.34
N SER L 129 65.42 -10.72 37.85
CA SER L 129 65.74 -10.84 39.26
C SER L 129 64.51 -10.44 40.09
N SER L 130 63.55 -11.37 40.22
CA SER L 130 62.28 -11.18 40.91
C SER L 130 62.45 -10.94 42.42
N ASP L 131 63.71 -10.95 42.88
CA ASP L 131 64.15 -10.54 44.21
C ASP L 131 63.80 -9.07 44.45
N LYS L 132 63.75 -8.25 43.39
CA LYS L 132 63.40 -6.84 43.47
C LYS L 132 61.88 -6.63 43.42
N SER L 133 61.40 -5.76 44.30
CA SER L 133 59.97 -5.61 44.56
C SER L 133 59.67 -4.13 44.40
N VAL L 134 58.47 -3.84 43.87
CA VAL L 134 57.86 -2.52 43.93
C VAL L 134 56.47 -2.67 44.57
N CYS L 135 56.01 -1.62 45.26
CA CYS L 135 54.67 -1.62 45.86
C CYS L 135 53.78 -0.61 45.16
N LEU L 136 52.53 -1.00 44.94
CA LEU L 136 51.61 -0.14 44.23
C LEU L 136 50.41 0.20 45.11
N PHE L 137 50.23 1.49 45.38
CA PHE L 137 49.05 1.97 46.07
C PHE L 137 48.11 2.53 45.01
N THR L 138 46.91 1.95 44.92
CA THR L 138 46.06 2.22 43.79
C THR L 138 44.59 2.25 44.20
N ASP L 139 43.78 2.85 43.30
CA ASP L 139 42.33 2.93 43.39
C ASP L 139 41.89 3.67 44.65
N PHE L 140 42.75 4.56 45.16
CA PHE L 140 42.39 5.39 46.30
C PHE L 140 41.68 6.65 45.78
N ASP L 141 40.95 7.31 46.70
CA ASP L 141 40.15 8.49 46.37
C ASP L 141 41.07 9.70 46.26
N SER L 142 40.52 10.80 45.74
CA SER L 142 41.26 12.01 45.43
C SER L 142 41.89 12.61 46.69
N GLN L 143 41.13 12.60 47.80
CA GLN L 143 41.55 13.23 49.05
C GLN L 143 42.54 12.46 49.91
N THR L 144 43.08 11.30 49.48
CA THR L 144 44.22 10.70 50.12
C THR L 144 45.46 11.50 49.71
N ASN L 145 46.43 11.64 50.62
CA ASN L 145 47.63 12.43 50.35
C ASN L 145 48.85 11.49 50.42
N VAL L 146 49.80 11.66 49.48
CA VAL L 146 50.89 10.70 49.35
C VAL L 146 52.18 11.43 49.72
N SER L 147 52.90 10.95 50.75
CA SER L 147 54.13 11.58 51.22
C SER L 147 55.26 10.55 51.37
N GLN L 148 56.50 11.04 51.50
CA GLN L 148 57.66 10.16 51.69
C GLN L 148 57.75 9.73 53.15
N SER L 149 58.97 9.38 53.61
CA SER L 149 59.20 8.96 54.98
C SER L 149 60.43 9.66 55.61
N SER L 152 64.09 7.42 53.78
CA SER L 152 65.17 7.69 52.81
C SER L 152 65.94 6.39 52.56
N ASP L 153 66.34 6.15 51.31
CA ASP L 153 66.58 4.80 50.81
C ASP L 153 65.26 4.07 50.51
N VAL L 154 64.13 4.70 50.83
CA VAL L 154 62.79 4.33 50.41
C VAL L 154 62.23 5.48 49.57
N TYR L 155 61.73 5.13 48.38
CA TYR L 155 61.26 6.13 47.42
C TYR L 155 59.77 5.92 47.20
N ILE L 156 59.04 7.04 47.18
CA ILE L 156 57.62 7.01 46.89
C ILE L 156 57.32 8.08 45.86
N THR L 157 56.59 7.70 44.80
CA THR L 157 56.30 8.64 43.74
C THR L 157 55.06 9.39 44.18
N ASP L 158 54.73 10.46 43.46
CA ASP L 158 53.48 11.16 43.68
C ASP L 158 52.37 10.36 43.00
N LYS L 159 51.10 10.73 43.30
CA LYS L 159 49.95 10.10 42.68
C LYS L 159 49.93 10.43 41.19
N CYS L 160 49.30 9.54 40.42
CA CYS L 160 49.16 9.62 38.98
C CYS L 160 47.69 9.35 38.69
N VAL L 161 47.03 10.32 38.03
CA VAL L 161 45.61 10.17 37.71
C VAL L 161 45.43 9.65 36.28
N LEU L 162 44.75 8.49 36.12
CA LEU L 162 44.48 7.99 34.78
C LEU L 162 42.99 8.15 34.50
N ASP L 163 42.68 8.62 33.28
CA ASP L 163 41.32 8.75 32.80
C ASP L 163 41.21 8.05 31.45
N MET L 164 40.53 6.91 31.41
CA MET L 164 40.39 6.14 30.18
C MET L 164 39.23 6.73 29.37
N ARG L 165 39.37 6.76 28.03
CA ARG L 165 38.22 6.85 27.14
C ARG L 165 37.56 5.47 27.02
N SER L 166 36.33 5.39 26.54
CA SER L 166 35.79 4.03 26.36
C SER L 166 35.13 3.54 27.66
N MET L 167 35.84 3.58 28.81
CA MET L 167 35.17 3.32 30.09
C MET L 167 35.07 4.62 30.91
N ASP L 168 34.10 4.69 31.83
CA ASP L 168 33.95 5.88 32.66
C ASP L 168 34.73 5.71 33.96
N PHE L 169 35.95 5.13 33.87
CA PHE L 169 36.70 4.75 35.06
C PHE L 169 37.99 5.55 35.19
N LYS L 170 38.14 6.26 36.33
CA LYS L 170 39.36 6.97 36.69
C LYS L 170 40.06 6.21 37.82
N SER L 171 41.41 6.25 37.89
CA SER L 171 42.09 5.69 39.06
C SER L 171 43.37 6.46 39.39
N ASN L 172 43.66 6.56 40.70
CA ASN L 172 44.90 7.11 41.22
C ASN L 172 45.86 5.96 41.56
N SER L 173 47.16 6.22 41.44
CA SER L 173 48.15 5.21 41.77
C SER L 173 49.45 5.88 42.21
N ALA L 174 50.17 5.22 43.10
CA ALA L 174 51.49 5.71 43.43
C ALA L 174 52.39 4.50 43.69
N VAL L 175 53.69 4.67 43.44
CA VAL L 175 54.60 3.55 43.44
C VAL L 175 55.64 3.80 44.50
N ALA L 176 56.04 2.71 45.18
CA ALA L 176 57.06 2.82 46.21
C ALA L 176 58.01 1.65 46.10
N TRP L 177 59.29 1.90 46.39
CA TRP L 177 60.29 0.85 46.27
C TRP L 177 61.48 1.16 47.17
N SER L 178 62.30 0.12 47.43
CA SER L 178 63.47 0.28 48.29
C SER L 178 64.42 -0.89 48.09
N ASN L 179 65.70 -0.65 48.41
CA ASN L 179 66.74 -1.65 48.25
C ASN L 179 66.92 -2.42 49.56
N LYS L 180 66.50 -1.80 50.68
CA LYS L 180 66.67 -2.31 52.03
C LYS L 180 65.98 -3.68 52.17
N SER L 181 66.52 -4.50 53.10
CA SER L 181 65.98 -5.80 53.45
C SER L 181 64.76 -5.65 54.34
N ASP L 182 64.72 -4.55 55.12
CA ASP L 182 63.70 -4.29 56.12
C ASP L 182 62.52 -3.52 55.51
N PHE L 183 62.23 -3.80 54.23
CA PHE L 183 61.17 -3.10 53.52
C PHE L 183 60.07 -4.06 53.09
N ALA L 184 58.81 -3.67 53.35
CA ALA L 184 57.62 -4.38 52.90
C ALA L 184 56.46 -3.41 52.75
N CYS L 185 55.38 -3.91 52.12
CA CYS L 185 54.40 -3.07 51.46
C CYS L 185 53.45 -2.43 52.47
N ALA L 186 53.41 -3.00 53.68
CA ALA L 186 52.47 -2.48 54.66
C ALA L 186 53.05 -1.22 55.28
N ASN L 187 54.22 -1.36 55.91
CA ASN L 187 54.92 -0.24 56.49
C ASN L 187 55.64 0.56 55.41
N ALA L 188 54.94 0.88 54.31
CA ALA L 188 55.54 1.60 53.21
C ALA L 188 54.84 2.94 53.05
N PHE L 189 53.50 2.88 53.04
CA PHE L 189 52.69 4.08 52.83
C PHE L 189 52.22 4.69 54.16
N ASN L 190 53.18 5.24 54.89
CA ASN L 190 53.02 5.80 56.22
C ASN L 190 52.07 6.99 56.22
N ASN L 191 52.00 7.76 55.12
CA ASN L 191 51.58 9.14 55.14
C ASN L 191 50.07 9.38 55.33
N SER L 192 49.25 8.68 54.53
CA SER L 192 47.80 8.86 54.63
C SER L 192 47.09 7.51 54.83
N ILE L 193 47.13 6.66 53.81
CA ILE L 193 46.59 5.31 53.82
C ILE L 193 45.09 5.29 54.17
N ILE L 194 44.26 5.94 53.34
CA ILE L 194 42.81 6.12 53.48
C ILE L 194 42.29 5.52 54.80
N GLY M 2 6.22 62.32 -16.82
CA GLY M 2 4.93 62.63 -16.17
C GLY M 2 5.02 62.63 -14.64
N VAL M 3 4.07 61.95 -13.98
CA VAL M 3 3.99 61.77 -12.54
C VAL M 3 5.00 60.69 -12.15
N ILE M 4 5.82 60.98 -11.12
CA ILE M 4 6.88 60.07 -10.72
C ILE M 4 6.52 59.50 -9.35
N GLN M 5 6.57 58.17 -9.23
CA GLN M 5 6.34 57.53 -7.95
C GLN M 5 7.53 56.65 -7.57
N THR M 6 7.84 56.62 -6.28
CA THR M 6 8.90 55.78 -5.75
C THR M 6 8.47 55.25 -4.39
N PRO M 7 8.91 54.04 -4.01
CA PRO M 7 9.67 53.17 -4.92
C PRO M 7 8.72 52.46 -5.87
N ARG M 8 9.27 51.83 -6.92
CA ARG M 8 8.45 51.06 -7.84
C ARG M 8 7.97 49.79 -7.17
N HIS M 9 8.83 49.17 -6.34
CA HIS M 9 8.45 48.00 -5.57
C HIS M 9 8.84 48.21 -4.11
N LYS M 10 7.99 47.71 -3.22
CA LYS M 10 8.24 47.74 -1.78
C LYS M 10 7.83 46.39 -1.20
N VAL M 11 8.81 45.69 -0.64
CA VAL M 11 8.53 44.51 0.14
C VAL M 11 8.72 44.84 1.63
N THR M 12 7.69 44.57 2.45
CA THR M 12 7.77 44.71 3.89
C THR M 12 7.27 43.42 4.54
N GLY M 13 7.62 43.24 5.83
CA GLY M 13 7.03 42.20 6.66
C GLY M 13 5.83 42.74 7.44
N LYS M 14 5.06 41.83 8.05
CA LYS M 14 3.87 42.20 8.80
C LYS M 14 4.32 43.12 9.94
N GLY M 15 3.70 44.31 10.00
CA GLY M 15 3.90 45.21 11.13
C GLY M 15 4.97 46.26 10.86
N GLN M 16 5.68 46.17 9.72
CA GLN M 16 6.63 47.22 9.34
C GLN M 16 5.87 48.46 8.86
N GLU M 17 6.54 49.62 8.87
CA GLU M 17 5.93 50.84 8.34
C GLU M 17 6.38 50.99 6.89
N ALA M 18 5.50 51.53 6.05
CA ALA M 18 5.91 51.79 4.68
C ALA M 18 5.34 53.13 4.23
N THR M 19 6.20 53.91 3.57
CA THR M 19 5.78 55.20 3.09
C THR M 19 6.00 55.25 1.58
N LEU M 20 5.03 55.83 0.87
CA LEU M 20 5.03 55.88 -0.57
C LEU M 20 5.09 57.33 -1.03
N TRP M 21 5.95 57.59 -2.01
CA TRP M 21 6.28 58.93 -2.46
C TRP M 21 5.72 59.19 -3.85
N CYS M 22 5.14 60.38 -4.03
CA CYS M 22 4.59 60.73 -5.33
C CYS M 22 4.90 62.20 -5.65
N GLU M 23 5.53 62.44 -6.81
CA GLU M 23 5.76 63.78 -7.31
C GLU M 23 4.78 64.03 -8.46
N PRO M 24 3.75 64.88 -8.24
CA PRO M 24 2.80 65.26 -9.31
C PRO M 24 3.46 66.00 -10.46
N ILE M 25 2.65 66.35 -11.46
CA ILE M 25 3.14 67.01 -12.66
C ILE M 25 2.72 68.48 -12.67
N SER M 26 3.22 69.28 -11.73
CA SER M 26 2.90 70.68 -11.59
C SER M 26 3.41 71.48 -12.81
N SER M 29 -2.86 71.35 -9.44
CA SER M 29 -3.65 71.73 -8.24
C SER M 29 -4.21 70.49 -7.55
N ALA M 30 -4.60 69.47 -8.33
CA ALA M 30 -5.28 68.29 -7.82
C ALA M 30 -4.32 67.10 -7.75
N VAL M 31 -4.22 66.49 -6.57
CA VAL M 31 -3.44 65.27 -6.38
C VAL M 31 -4.35 64.20 -5.79
N PHE M 32 -4.24 62.98 -6.33
CA PHE M 32 -5.12 61.88 -5.95
C PHE M 32 -4.28 60.64 -5.65
N TRP M 33 -4.89 59.73 -4.88
CA TRP M 33 -4.33 58.42 -4.61
C TRP M 33 -5.38 57.36 -4.95
N TYR M 34 -4.96 56.29 -5.63
CA TYR M 34 -5.83 55.17 -5.91
C TYR M 34 -5.15 53.86 -5.51
N ARG M 35 -5.97 52.89 -5.12
CA ARG M 35 -5.49 51.55 -4.85
C ARG M 35 -5.91 50.66 -6.02
N GLN M 36 -5.00 49.81 -6.50
CA GLN M 36 -5.30 48.93 -7.61
C GLN M 36 -5.05 47.49 -7.21
N THR M 37 -6.11 46.67 -7.22
CA THR M 37 -5.98 45.23 -6.96
C THR M 37 -6.79 44.45 -7.99
N ILE M 38 -6.55 43.14 -8.03
CA ILE M 38 -7.19 42.28 -9.00
C ILE M 38 -8.70 42.22 -8.71
N VAL M 39 -9.03 42.19 -7.43
CA VAL M 39 -10.40 42.02 -6.98
C VAL M 39 -11.18 43.33 -7.08
N GLN M 40 -10.61 44.45 -6.59
CA GLN M 40 -11.40 45.67 -6.43
C GLN M 40 -11.11 46.70 -7.54
N GLY M 41 -10.15 46.42 -8.44
CA GLY M 41 -9.90 47.30 -9.55
C GLY M 41 -9.33 48.63 -9.03
N LEU M 42 -9.65 49.70 -9.79
CA LEU M 42 -9.22 51.07 -9.44
C LEU M 42 -10.16 51.62 -8.38
N GLU M 43 -9.57 51.98 -7.23
CA GLU M 43 -10.34 52.46 -6.10
C GLU M 43 -9.78 53.81 -5.65
N PHE M 44 -10.63 54.84 -5.71
CA PHE M 44 -10.34 56.13 -5.13
C PHE M 44 -9.98 55.94 -3.65
N LEU M 45 -8.97 56.66 -3.18
CA LEU M 45 -8.56 56.66 -1.79
C LEU M 45 -8.72 58.07 -1.22
N THR M 46 -8.02 59.05 -1.82
CA THR M 46 -7.98 60.40 -1.26
C THR M 46 -7.70 61.45 -2.34
N TYR M 47 -8.06 62.70 -2.04
CA TYR M 47 -7.96 63.82 -2.97
C TYR M 47 -7.49 65.06 -2.24
N PHE M 48 -6.57 65.82 -2.85
CA PHE M 48 -6.05 67.08 -2.34
C PHE M 48 -6.23 68.17 -3.40
N ARG M 49 -6.70 69.35 -2.96
CA ARG M 49 -6.71 70.53 -3.81
C ARG M 49 -5.83 71.59 -3.13
N ASN M 50 -4.70 71.91 -3.78
CA ASN M 50 -3.69 72.83 -3.26
C ASN M 50 -3.25 72.44 -1.85
N GLN M 51 -2.83 71.18 -1.69
CA GLN M 51 -2.24 70.65 -0.47
C GLN M 51 -3.28 70.43 0.61
N ALA M 52 -4.56 70.70 0.29
CA ALA M 52 -5.62 70.63 1.28
C ALA M 52 -6.42 69.33 1.14
N PRO M 53 -6.47 68.46 2.20
CA PRO M 53 -7.28 67.24 2.18
C PRO M 53 -8.74 67.62 1.95
N ILE M 54 -9.35 67.08 0.90
CA ILE M 54 -10.75 67.39 0.60
C ILE M 54 -11.63 66.15 0.75
N ASP M 55 -11.23 65.03 0.11
CA ASP M 55 -11.99 63.80 0.18
C ASP M 55 -11.04 62.64 0.51
N ASP M 56 -11.29 61.94 1.64
CA ASP M 56 -10.48 60.79 2.00
C ASP M 56 -11.41 59.59 2.24
N SER M 57 -12.53 59.60 1.51
CA SER M 57 -13.62 58.66 1.77
C SER M 57 -13.18 57.23 1.48
N GLY M 58 -12.21 57.05 0.57
CA GLY M 58 -11.80 55.72 0.17
C GLY M 58 -10.70 55.13 1.05
N MET M 59 -10.07 56.00 1.85
CA MET M 59 -8.93 55.58 2.67
C MET M 59 -9.44 54.62 3.75
N PRO M 60 -8.67 53.55 4.05
CA PRO M 60 -8.98 52.65 5.16
C PRO M 60 -9.07 53.47 6.44
N LYS M 61 -9.99 53.05 7.34
CA LYS M 61 -10.30 53.87 8.50
C LYS M 61 -9.22 53.75 9.57
N GLU M 62 -8.21 52.91 9.33
CA GLU M 62 -7.09 52.74 10.26
C GLU M 62 -5.80 52.52 9.48
N ARG M 63 -4.69 53.03 10.05
CA ARG M 63 -3.31 52.73 9.67
C ARG M 63 -2.87 53.51 8.43
N PHE M 64 -3.83 54.07 7.67
CA PHE M 64 -3.52 54.73 6.41
C PHE M 64 -3.63 56.23 6.55
N SER M 65 -2.66 56.96 6.01
CA SER M 65 -2.68 58.41 6.06
C SER M 65 -2.00 59.00 4.83
N ALA M 66 -2.46 60.18 4.41
CA ALA M 66 -1.88 60.84 3.26
C ALA M 66 -1.59 62.30 3.60
N GLN M 67 -0.46 62.81 3.11
CA GLN M 67 -0.02 64.16 3.41
C GLN M 67 0.53 64.80 2.14
N MET M 68 0.50 66.14 2.12
CA MET M 68 1.23 66.90 1.12
C MET M 68 2.11 67.93 1.81
N PRO M 69 3.37 67.58 2.19
CA PRO M 69 4.31 68.52 2.81
C PRO M 69 4.41 69.86 2.08
N ASN M 70 4.80 69.80 0.80
CA ASN M 70 4.83 70.96 -0.06
C ASN M 70 3.85 70.71 -1.20
N GLN M 71 3.91 71.57 -2.21
CA GLN M 71 3.03 71.45 -3.36
C GLN M 71 3.77 70.79 -4.53
N SER M 72 4.86 70.08 -4.23
CA SER M 72 5.64 69.40 -5.25
C SER M 72 5.75 67.90 -4.96
N HIS M 73 5.29 67.45 -3.77
CA HIS M 73 5.22 66.03 -3.54
C HIS M 73 4.08 65.68 -2.58
N SER M 74 3.74 64.38 -2.54
CA SER M 74 2.73 63.82 -1.66
C SER M 74 3.16 62.44 -1.17
N THR M 75 2.68 62.06 0.01
CA THR M 75 3.11 60.81 0.61
C THR M 75 1.90 60.01 1.09
N LEU M 76 2.00 58.69 0.97
CA LEU M 76 1.05 57.79 1.59
C LEU M 76 1.81 56.94 2.60
N LYS M 77 1.40 57.00 3.87
CA LYS M 77 2.07 56.26 4.92
C LYS M 77 1.13 55.17 5.40
N ILE M 78 1.64 53.93 5.44
CA ILE M 78 0.91 52.84 6.05
C ILE M 78 1.68 52.40 7.28
N GLN M 79 0.97 52.37 8.40
CA GLN M 79 1.54 51.93 9.66
C GLN M 79 1.18 50.46 9.87
N SER M 80 2.15 49.68 10.35
CA SER M 80 1.90 48.30 10.73
C SER M 80 1.31 47.52 9.56
N THR M 81 2.11 47.42 8.48
CA THR M 81 1.67 46.83 7.22
C THR M 81 1.12 45.43 7.47
N GLN M 82 0.01 45.13 6.81
CA GLN M 82 -0.65 43.84 6.90
C GLN M 82 -0.79 43.26 5.51
N PRO M 83 -0.81 41.91 5.33
CA PRO M 83 -0.98 41.31 4.01
C PRO M 83 -2.07 41.88 3.10
N GLN M 84 -3.19 42.27 3.69
CA GLN M 84 -4.29 42.81 2.89
C GLN M 84 -3.94 44.19 2.33
N ASP M 85 -2.83 44.78 2.79
CA ASP M 85 -2.42 46.08 2.29
C ASP M 85 -1.78 45.94 0.91
N SER M 86 -1.42 44.69 0.55
CA SER M 86 -0.67 44.41 -0.66
C SER M 86 -1.52 44.81 -1.86
N ALA M 87 -0.96 45.70 -2.69
CA ALA M 87 -1.63 46.21 -3.89
C ALA M 87 -0.67 47.12 -4.65
N VAL M 88 -1.19 47.66 -5.75
CA VAL M 88 -0.48 48.73 -6.43
C VAL M 88 -1.13 50.04 -6.03
N TYR M 89 -0.29 51.01 -5.64
CA TYR M 89 -0.78 52.29 -5.16
C TYR M 89 -0.43 53.32 -6.22
N LEU M 90 -1.45 53.72 -6.98
CA LEU M 90 -1.29 54.71 -8.03
C LEU M 90 -1.48 56.10 -7.43
N CYS M 91 -0.80 57.07 -8.02
CA CYS M 91 -0.95 58.46 -7.65
C CYS M 91 -1.24 59.26 -8.92
N ALA M 92 -2.09 60.28 -8.81
CA ALA M 92 -2.50 60.99 -10.02
C ALA M 92 -2.58 62.49 -9.75
N SER M 93 -2.49 63.26 -10.85
CA SER M 93 -2.63 64.71 -10.77
C SER M 93 -3.39 65.24 -11.98
N SER M 94 -4.09 66.37 -11.77
CA SER M 94 -4.85 67.02 -12.81
C SER M 94 -4.81 68.53 -12.61
N ARG M 95 -5.00 69.30 -13.69
CA ARG M 95 -5.44 70.69 -13.53
C ARG M 95 -6.93 70.66 -13.21
N GLN M 96 -7.34 71.28 -12.10
CA GLN M 96 -8.72 71.19 -11.67
C GLN M 96 -9.59 71.87 -12.73
N GLY M 97 -8.93 72.68 -13.56
CA GLY M 97 -9.54 73.31 -14.72
C GLY M 97 -8.94 72.76 -16.01
N GLN M 98 -8.61 71.46 -16.00
CA GLN M 98 -8.07 70.79 -17.17
C GLN M 98 -9.01 69.66 -17.61
N ASN M 99 -9.63 68.96 -16.64
CA ASN M 99 -10.56 67.86 -16.90
C ASN M 99 -9.83 66.67 -17.54
N THR M 100 -8.60 66.46 -17.10
CA THR M 100 -7.75 65.39 -17.62
C THR M 100 -6.77 64.94 -16.54
N LEU M 101 -6.72 63.63 -16.28
CA LEU M 101 -6.05 63.09 -15.10
C LEU M 101 -4.82 62.33 -15.53
N TYR M 102 -3.65 62.64 -14.96
CA TYR M 102 -2.44 61.90 -15.33
C TYR M 102 -2.11 60.93 -14.19
N PHE M 103 -1.78 59.68 -14.54
CA PHE M 103 -1.45 58.69 -13.54
C PHE M 103 0.05 58.46 -13.46
N GLY M 104 0.52 58.13 -12.26
CA GLY M 104 1.84 57.56 -12.03
C GLY M 104 1.82 56.07 -12.34
N ALA M 105 3.00 55.44 -12.35
CA ALA M 105 3.08 54.01 -12.64
C ALA M 105 2.93 53.21 -11.35
N GLY M 106 2.91 53.93 -10.22
CA GLY M 106 2.53 53.38 -8.93
C GLY M 106 3.67 52.67 -8.21
N THR M 107 3.37 52.29 -6.95
CA THR M 107 4.25 51.47 -6.13
C THR M 107 3.54 50.16 -5.87
N ARG M 108 4.21 49.04 -6.17
CA ARG M 108 3.66 47.73 -5.84
C ARG M 108 4.12 47.37 -4.45
N LEU M 109 3.15 47.21 -3.53
CA LEU M 109 3.48 46.87 -2.17
C LEU M 109 3.12 45.40 -1.95
N SER M 110 4.08 44.62 -1.47
CA SER M 110 3.81 43.27 -1.04
C SER M 110 4.18 43.11 0.43
N VAL M 111 3.15 42.83 1.24
CA VAL M 111 3.34 42.61 2.66
C VAL M 111 3.29 41.11 2.89
N LEU M 112 4.40 40.57 3.39
CA LEU M 112 4.56 39.14 3.55
C LEU M 112 4.38 38.80 5.03
N GLU M 113 3.92 37.57 5.28
CA GLU M 113 3.77 37.10 6.65
C GLU M 113 5.16 37.06 7.29
N ASP M 114 6.10 36.40 6.60
CA ASP M 114 7.42 36.16 7.13
C ASP M 114 8.44 36.50 6.04
N LEU M 115 9.46 37.30 6.39
CA LEU M 115 10.55 37.61 5.47
C LEU M 115 11.63 36.51 5.49
N LYS M 116 11.32 35.33 6.03
CA LYS M 116 12.27 34.23 6.03
C LYS M 116 12.10 33.42 4.75
N ASN M 117 11.07 33.74 3.96
CA ASN M 117 10.76 32.95 2.77
C ASN M 117 11.18 33.68 1.51
N VAL M 118 11.76 34.87 1.66
CA VAL M 118 12.12 35.64 0.48
C VAL M 118 13.46 35.13 -0.05
N PHE M 119 13.44 34.72 -1.33
CA PHE M 119 14.63 34.24 -2.02
C PHE M 119 14.78 34.96 -3.36
N PRO M 120 16.02 35.20 -3.82
CA PRO M 120 16.25 35.86 -5.11
C PRO M 120 16.24 34.79 -6.20
N PRO M 121 16.07 35.18 -7.49
CA PRO M 121 16.01 34.18 -8.56
C PRO M 121 17.41 33.68 -8.90
N GLU M 122 17.48 32.43 -9.35
CA GLU M 122 18.63 31.92 -10.06
C GLU M 122 18.31 32.05 -11.54
N VAL M 123 19.24 32.62 -12.31
CA VAL M 123 18.98 32.87 -13.72
C VAL M 123 19.91 32.02 -14.55
N ALA M 124 19.37 31.48 -15.66
CA ALA M 124 20.20 30.74 -16.61
C ALA M 124 19.59 30.92 -17.98
N VAL M 125 20.45 30.95 -19.02
CA VAL M 125 20.00 31.09 -20.39
C VAL M 125 20.43 29.84 -21.16
N PHE M 126 19.57 29.39 -22.08
CA PHE M 126 19.80 28.15 -22.80
C PHE M 126 19.89 28.42 -24.30
N GLU M 127 20.94 27.86 -24.92
CA GLU M 127 21.31 28.27 -26.27
C GLU M 127 20.41 27.58 -27.28
N PRO M 128 20.10 28.20 -28.43
CA PRO M 128 19.11 27.66 -29.38
C PRO M 128 19.41 26.23 -29.79
N SER M 129 18.36 25.51 -30.23
CA SER M 129 18.49 24.12 -30.66
C SER M 129 19.10 24.05 -32.05
N GLU M 130 20.00 23.07 -32.27
CA GLU M 130 20.54 22.89 -33.62
C GLU M 130 19.43 22.48 -34.58
N ALA M 131 18.50 21.67 -34.07
CA ALA M 131 17.34 21.25 -34.83
C ALA M 131 16.51 22.44 -35.28
N GLU M 132 16.25 23.36 -34.34
CA GLU M 132 15.38 24.50 -34.60
C GLU M 132 15.94 25.32 -35.76
N ILE M 133 17.26 25.52 -35.72
CA ILE M 133 17.95 26.37 -36.68
C ILE M 133 17.82 25.73 -38.05
N SER M 134 18.05 24.41 -38.09
CA SER M 134 18.00 23.62 -39.31
C SER M 134 16.61 23.67 -39.94
N HIS M 135 15.55 23.59 -39.11
CA HIS M 135 14.19 23.47 -39.59
C HIS M 135 13.61 24.82 -40.01
N THR M 136 13.89 25.88 -39.23
CA THR M 136 13.11 27.11 -39.37
C THR M 136 13.99 28.27 -39.79
N GLN M 137 15.32 28.07 -39.72
CA GLN M 137 16.28 29.15 -39.98
C GLN M 137 16.11 30.27 -38.95
N LYS M 138 15.67 29.89 -37.73
CA LYS M 138 15.50 30.80 -36.62
C LYS M 138 16.10 30.17 -35.36
N ALA M 139 16.56 31.01 -34.42
CA ALA M 139 17.19 30.56 -33.20
C ALA M 139 16.46 31.21 -32.02
N THR M 140 15.98 30.37 -31.09
CA THR M 140 15.27 30.85 -29.92
C THR M 140 16.12 30.59 -28.68
N LEU M 141 16.53 31.68 -28.01
CA LEU M 141 17.14 31.56 -26.70
C LEU M 141 16.03 31.54 -25.66
N VAL M 142 16.26 30.82 -24.56
CA VAL M 142 15.30 30.76 -23.48
C VAL M 142 16.03 31.09 -22.19
N CYS M 143 15.37 31.93 -21.37
CA CYS M 143 15.88 32.29 -20.07
C CYS M 143 14.94 31.80 -18.98
N LEU M 144 15.52 31.35 -17.86
CA LEU M 144 14.78 30.79 -16.73
C LEU M 144 15.19 31.52 -15.46
N ALA M 145 14.24 32.22 -14.84
CA ALA M 145 14.42 32.71 -13.49
C ALA M 145 13.67 31.76 -12.59
N THR M 146 14.38 31.06 -11.69
CA THR M 146 13.70 30.09 -10.84
C THR M 146 13.94 30.36 -9.36
N GLY M 147 12.93 30.03 -8.55
CA GLY M 147 13.07 29.86 -7.12
C GLY M 147 13.07 31.18 -6.38
N PHE M 148 12.21 32.11 -6.82
CA PHE M 148 12.23 33.44 -6.22
C PHE M 148 10.90 33.72 -5.54
N TYR M 149 10.97 34.51 -4.47
CA TYR M 149 9.81 34.93 -3.70
C TYR M 149 10.12 36.27 -3.05
N PRO M 150 9.21 37.27 -3.10
CA PRO M 150 7.93 37.14 -3.82
C PRO M 150 8.10 37.42 -5.30
N ASP M 151 6.99 37.70 -6.01
CA ASP M 151 7.04 37.77 -7.46
C ASP M 151 7.15 39.21 -7.97
N HIS M 152 8.06 39.96 -7.35
CA HIS M 152 8.52 41.21 -7.93
C HIS M 152 9.77 40.93 -8.75
N VAL M 153 9.63 40.44 -10.00
CA VAL M 153 10.81 40.39 -10.87
C VAL M 153 10.54 41.10 -12.19
N GLU M 154 11.57 41.74 -12.74
CA GLU M 154 11.52 42.34 -14.08
C GLU M 154 12.63 41.76 -14.95
N LEU M 155 12.23 41.13 -16.05
CA LEU M 155 13.17 40.39 -16.88
C LEU M 155 13.34 41.16 -18.20
N SER M 156 14.62 41.34 -18.59
CA SER M 156 15.00 42.09 -19.78
C SER M 156 16.03 41.30 -20.59
N TRP M 157 16.00 41.50 -21.92
CA TRP M 157 17.01 40.92 -22.80
C TRP M 157 17.95 41.99 -23.31
N TRP M 158 19.26 41.73 -23.18
CA TRP M 158 20.28 42.67 -23.65
C TRP M 158 21.10 42.00 -24.74
N VAL M 159 21.09 42.62 -25.92
CA VAL M 159 21.88 42.13 -27.04
C VAL M 159 22.94 43.16 -27.39
N ASN M 160 24.21 42.78 -27.18
CA ASN M 160 25.35 43.67 -27.40
C ASN M 160 25.14 44.96 -26.63
N GLY M 161 24.78 44.85 -25.35
CA GLY M 161 24.85 45.99 -24.46
C GLY M 161 23.63 46.90 -24.56
N LYS M 162 22.77 46.69 -25.58
CA LYS M 162 21.54 47.46 -25.70
C LYS M 162 20.37 46.53 -25.39
N GLU M 163 19.40 47.03 -24.61
CA GLU M 163 18.21 46.25 -24.27
C GLU M 163 17.39 46.14 -25.54
N VAL M 164 16.71 44.99 -25.72
CA VAL M 164 15.91 44.78 -26.91
C VAL M 164 14.54 44.32 -26.48
N HIS M 165 13.56 44.52 -27.39
CA HIS M 165 12.19 44.15 -27.18
C HIS M 165 11.69 43.29 -28.34
N SER M 166 11.90 43.75 -29.58
CA SER M 166 11.43 43.05 -30.77
C SER M 166 11.98 41.62 -30.79
N GLY M 167 11.10 40.61 -30.82
CA GLY M 167 11.49 39.21 -30.73
C GLY M 167 11.60 38.66 -29.29
N VAL M 168 11.12 39.42 -28.29
CA VAL M 168 11.06 38.94 -26.91
C VAL M 168 9.64 38.49 -26.59
N CYS M 169 9.52 37.38 -25.84
CA CYS M 169 8.26 36.91 -25.30
C CYS M 169 8.51 36.46 -23.87
N THR M 170 7.97 37.20 -22.88
CA THR M 170 8.06 36.76 -21.49
C THR M 170 6.69 36.31 -20.98
N ASP M 171 6.68 35.21 -20.23
CA ASP M 171 5.49 34.71 -19.57
C ASP M 171 4.79 35.86 -18.85
N PRO M 172 3.47 36.08 -19.06
CA PRO M 172 2.77 37.17 -18.42
C PRO M 172 2.59 36.99 -16.92
N GLN M 173 2.64 35.73 -16.46
CA GLN M 173 2.57 35.43 -15.03
C GLN M 173 3.58 34.33 -14.73
N PRO M 174 4.17 34.32 -13.52
CA PRO M 174 5.13 33.27 -13.16
C PRO M 174 4.38 32.02 -12.75
N LEU M 175 5.07 30.87 -12.71
CA LEU M 175 4.46 29.66 -12.17
C LEU M 175 5.03 29.33 -10.79
N LYS M 176 4.15 28.77 -9.93
CA LYS M 176 4.50 28.26 -8.63
C LYS M 176 5.29 26.96 -8.80
N GLU M 177 6.45 26.91 -8.16
CA GLU M 177 7.31 25.73 -8.28
C GLU M 177 6.67 24.57 -7.54
N GLN M 178 5.98 24.87 -6.42
CA GLN M 178 5.26 23.89 -5.65
C GLN M 178 3.80 24.37 -5.54
N PRO M 179 2.94 24.12 -6.56
CA PRO M 179 1.63 24.77 -6.65
C PRO M 179 0.55 24.31 -5.69
N ALA M 180 0.87 23.24 -4.96
CA ALA M 180 0.03 22.71 -3.90
C ALA M 180 0.04 23.68 -2.72
N LEU M 181 1.23 24.21 -2.40
CA LEU M 181 1.42 25.06 -1.24
C LEU M 181 1.00 26.49 -1.59
N ASN M 182 0.58 27.26 -0.60
CA ASN M 182 0.01 28.59 -0.88
C ASN M 182 1.18 29.58 -1.00
N ASP M 183 2.13 29.43 -0.08
CA ASP M 183 3.34 30.24 -0.03
C ASP M 183 4.42 29.41 -0.71
N SER M 184 4.56 29.62 -2.03
CA SER M 184 5.45 28.85 -2.89
C SER M 184 6.36 29.80 -3.66
N ARG M 185 7.59 29.36 -3.95
CA ARG M 185 8.54 30.09 -4.80
C ARG M 185 8.05 30.05 -6.26
N TYR M 186 8.57 30.97 -7.07
CA TYR M 186 8.10 31.15 -8.43
C TYR M 186 9.22 30.87 -9.44
N ALA M 187 8.83 30.55 -10.67
CA ALA M 187 9.71 30.56 -11.82
C ALA M 187 9.09 31.42 -12.90
N LEU M 188 9.94 32.04 -13.72
CA LEU M 188 9.48 32.75 -14.90
C LEU M 188 10.38 32.37 -16.06
N SER M 189 9.80 32.23 -17.26
CA SER M 189 10.59 31.96 -18.45
C SER M 189 10.35 33.08 -19.46
N SER M 190 11.36 33.30 -20.33
CA SER M 190 11.27 34.27 -21.41
C SER M 190 11.99 33.72 -22.63
N ARG M 191 11.60 34.20 -23.82
CA ARG M 191 12.24 33.73 -25.05
C ARG M 191 12.69 34.93 -25.87
N LEU M 192 13.89 34.80 -26.46
CA LEU M 192 14.39 35.74 -27.44
C LEU M 192 14.64 34.98 -28.74
N ARG M 193 13.94 35.38 -29.80
CA ARG M 193 14.03 34.71 -31.09
C ARG M 193 14.74 35.63 -32.09
N VAL M 194 15.87 35.16 -32.62
CA VAL M 194 16.66 35.87 -33.61
C VAL M 194 16.87 34.98 -34.83
N SER M 195 17.31 35.58 -35.95
CA SER M 195 17.64 34.83 -37.16
C SER M 195 18.79 33.86 -36.86
N ALA M 196 18.85 32.74 -37.58
CA ALA M 196 19.90 31.77 -37.35
C ALA M 196 21.25 32.41 -37.67
N THR M 197 21.26 33.28 -38.69
CA THR M 197 22.44 34.03 -39.09
C THR M 197 22.95 34.87 -37.91
N PHE M 198 22.01 35.55 -37.22
CA PHE M 198 22.40 36.44 -36.15
C PHE M 198 23.03 35.65 -35.01
N TRP M 199 22.45 34.47 -34.71
CA TRP M 199 22.95 33.68 -33.61
C TRP M 199 24.32 33.09 -33.96
N GLN M 200 24.53 32.85 -35.25
CA GLN M 200 25.74 32.17 -35.71
C GLN M 200 26.98 33.07 -35.67
N ASN M 201 26.76 34.35 -35.37
CA ASN M 201 27.84 35.32 -35.35
C ASN M 201 28.44 35.36 -33.94
N PRO M 202 29.69 34.90 -33.72
CA PRO M 202 30.25 34.75 -32.37
C PRO M 202 30.68 36.03 -31.68
N ARG M 203 30.36 37.16 -32.34
CA ARG M 203 30.68 38.47 -31.78
C ARG M 203 29.44 39.06 -31.14
N ASN M 204 28.29 38.41 -31.35
CA ASN M 204 27.02 38.81 -30.77
C ASN M 204 26.92 38.29 -29.34
N HIS M 205 26.59 39.20 -28.40
CA HIS M 205 26.53 38.93 -26.99
C HIS M 205 25.08 39.05 -26.51
N PHE M 206 24.57 37.95 -25.91
CA PHE M 206 23.22 37.90 -25.40
C PHE M 206 23.25 37.82 -23.88
N ARG M 207 22.41 38.61 -23.24
CA ARG M 207 22.35 38.59 -21.79
C ARG M 207 20.89 38.74 -21.35
N CYS M 208 20.49 37.80 -20.50
CA CYS M 208 19.19 37.80 -19.86
C CYS M 208 19.38 38.37 -18.46
N GLN M 209 18.55 39.37 -18.11
CA GLN M 209 18.78 40.07 -16.86
C GLN M 209 17.48 40.15 -16.08
N VAL M 210 17.53 39.80 -14.78
CA VAL M 210 16.33 39.78 -13.94
C VAL M 210 16.52 40.68 -12.73
N GLN M 211 15.73 41.76 -12.65
CA GLN M 211 15.75 42.64 -11.49
C GLN M 211 14.83 42.06 -10.43
N PHE M 212 15.39 41.70 -9.28
CA PHE M 212 14.61 41.14 -8.19
C PHE M 212 14.49 42.18 -7.08
N TYR M 213 13.30 42.24 -6.45
CA TYR M 213 13.05 43.14 -5.34
C TYR M 213 12.78 42.32 -4.09
N GLY M 214 13.57 42.60 -3.04
CA GLY M 214 13.47 41.93 -1.75
C GLY M 214 13.77 42.92 -0.62
N LEU M 215 14.63 42.49 0.32
CA LEU M 215 14.98 43.27 1.50
C LEU M 215 15.80 44.49 1.08
N SER M 216 15.70 45.58 1.86
CA SER M 216 16.66 46.67 1.80
C SER M 216 17.79 46.37 2.79
N GLU M 217 18.89 47.14 2.70
CA GLU M 217 20.05 46.87 3.53
C GLU M 217 19.73 47.23 4.99
N ASN M 218 18.64 47.98 5.18
CA ASN M 218 18.20 48.40 6.51
C ASN M 218 17.69 47.19 7.31
N ASP M 219 17.09 46.20 6.62
CA ASP M 219 16.43 45.07 7.24
C ASP M 219 17.39 44.10 7.89
N GLU M 220 16.89 43.36 8.88
CA GLU M 220 17.65 42.46 9.72
C GLU M 220 17.69 41.10 9.05
N TRP M 221 18.78 40.34 9.25
CA TRP M 221 18.85 39.00 8.69
C TRP M 221 19.47 38.00 9.67
N THR M 222 18.63 37.11 10.22
CA THR M 222 19.04 36.10 11.17
C THR M 222 19.66 34.90 10.44
N GLN M 223 18.97 34.42 9.39
CA GLN M 223 19.21 33.11 8.77
C GLN M 223 20.61 33.01 8.16
N ASP M 224 21.09 31.77 7.96
CA ASP M 224 22.51 31.48 7.77
C ASP M 224 22.89 31.48 6.28
N ARG M 225 21.94 31.85 5.41
CA ARG M 225 22.23 32.04 3.99
C ARG M 225 22.48 33.51 3.75
N ALA M 226 22.74 33.89 2.49
CA ALA M 226 22.96 35.30 2.18
C ALA M 226 21.63 36.05 2.14
N LYS M 227 21.63 37.28 2.63
CA LYS M 227 20.38 38.01 2.77
C LYS M 227 19.87 38.39 1.39
N PRO M 228 18.59 38.10 1.07
CA PRO M 228 18.04 38.35 -0.25
C PRO M 228 17.64 39.81 -0.47
N VAL M 229 18.65 40.67 -0.63
CA VAL M 229 18.42 42.07 -0.94
C VAL M 229 17.87 42.18 -2.36
N THR M 230 17.23 43.31 -2.66
CA THR M 230 17.01 43.74 -4.03
C THR M 230 18.34 43.69 -4.79
N GLN M 231 18.35 43.00 -5.94
CA GLN M 231 19.56 42.83 -6.74
C GLN M 231 19.20 42.46 -8.18
N ILE M 232 20.17 42.56 -9.09
CA ILE M 232 20.02 42.13 -10.47
C ILE M 232 20.72 40.77 -10.59
N VAL M 233 20.09 39.80 -11.28
CA VAL M 233 20.72 38.49 -11.52
C VAL M 233 20.66 38.22 -13.02
N SER M 234 21.82 37.91 -13.61
CA SER M 234 21.99 37.87 -15.06
C SER M 234 22.61 36.55 -15.51
N ALA M 235 22.42 36.22 -16.79
CA ALA M 235 23.07 35.08 -17.42
C ALA M 235 23.28 35.41 -18.90
N GLU M 236 24.40 34.95 -19.48
CA GLU M 236 24.82 35.42 -20.79
C GLU M 236 25.03 34.23 -21.72
N ALA M 237 25.00 34.52 -23.03
CA ALA M 237 25.44 33.57 -24.02
C ALA M 237 26.08 34.35 -25.17
N TRP M 238 27.05 33.72 -25.83
CA TRP M 238 27.66 34.28 -27.04
C TRP M 238 27.22 33.49 -28.25
N GLY M 239 27.06 34.20 -29.37
CA GLY M 239 26.78 33.55 -30.65
C GLY M 239 27.81 32.46 -30.97
N ARG M 240 27.38 31.51 -31.80
CA ARG M 240 28.13 30.27 -32.00
C ARG M 240 28.00 29.89 -33.47
N ALA M 241 29.17 29.64 -34.09
CA ALA M 241 29.31 29.56 -35.52
C ALA M 241 28.80 28.24 -36.06
N ASP M 242 29.07 27.17 -35.30
CA ASP M 242 28.57 25.82 -35.54
C ASP M 242 28.93 24.91 -34.37
N GLN N 4 -20.93 55.81 -8.69
CA GLN N 4 -20.15 54.54 -8.72
C GLN N 4 -20.40 53.85 -10.06
N VAL N 5 -19.39 53.16 -10.63
CA VAL N 5 -19.40 52.86 -12.05
C VAL N 5 -19.23 51.36 -12.29
N GLU N 6 -20.08 50.78 -13.15
CA GLU N 6 -20.03 49.36 -13.42
C GLU N 6 -19.48 49.17 -14.83
N GLN N 7 -18.44 48.33 -14.93
CA GLN N 7 -17.80 48.08 -16.21
C GLN N 7 -17.83 46.57 -16.51
N LEU N 8 -18.33 46.24 -17.72
CA LEU N 8 -18.50 44.86 -18.13
C LEU N 8 -18.00 44.68 -19.55
N PRO N 9 -17.28 43.58 -19.85
CA PRO N 9 -16.93 42.56 -18.85
C PRO N 9 -15.58 42.77 -18.16
N SER N 10 -15.28 41.90 -17.19
CA SER N 10 -13.99 41.92 -16.50
C SER N 10 -12.86 41.39 -17.36
N ILE N 11 -13.14 40.36 -18.16
CA ILE N 11 -12.21 39.71 -19.07
C ILE N 11 -12.92 39.59 -20.40
N LEU N 12 -12.22 39.97 -21.49
CA LEU N 12 -12.76 40.00 -22.85
C LEU N 12 -11.77 39.31 -23.78
N ARG N 13 -12.09 38.07 -24.15
CA ARG N 13 -11.32 37.31 -25.13
C ARG N 13 -11.94 37.55 -26.50
N VAL N 14 -11.19 38.20 -27.38
CA VAL N 14 -11.63 38.48 -28.74
C VAL N 14 -10.60 37.88 -29.70
N GLN N 15 -11.06 37.43 -30.87
CA GLN N 15 -10.16 36.87 -31.86
C GLN N 15 -9.61 38.02 -32.70
N GLU N 16 -8.34 37.90 -33.12
CA GLU N 16 -7.68 38.92 -33.93
C GLU N 16 -8.61 39.24 -35.08
N GLY N 17 -8.74 40.53 -35.40
CA GLY N 17 -9.49 40.93 -36.58
C GLY N 17 -10.93 41.28 -36.24
N SER N 18 -11.47 40.63 -35.19
CA SER N 18 -12.84 40.90 -34.73
C SER N 18 -12.87 42.16 -33.89
N SER N 19 -14.05 42.76 -33.72
CA SER N 19 -14.17 43.96 -32.88
C SER N 19 -14.48 43.59 -31.42
N ALA N 20 -14.19 44.51 -30.49
CA ALA N 20 -14.41 44.30 -29.07
C ALA N 20 -15.06 45.53 -28.48
N SER N 21 -16.00 45.33 -27.53
CA SER N 21 -16.74 46.42 -26.91
C SER N 21 -16.71 46.28 -25.41
N ILE N 22 -16.54 47.38 -24.70
CA ILE N 22 -16.65 47.41 -23.25
C ILE N 22 -17.79 48.36 -22.91
N ASN N 23 -18.67 47.91 -21.99
CA ASN N 23 -19.78 48.74 -21.57
C ASN N 23 -19.63 49.15 -20.11
N CYS N 24 -19.99 50.41 -19.86
CA CYS N 24 -20.00 50.99 -18.52
C CYS N 24 -21.31 51.71 -18.27
N SER N 25 -21.69 51.80 -16.99
CA SER N 25 -22.84 52.59 -16.55
C SER N 25 -22.50 53.30 -15.25
N TYR N 26 -23.09 54.48 -15.05
CA TYR N 26 -22.78 55.33 -13.91
C TYR N 26 -24.06 55.77 -13.20
N GLU N 27 -23.91 56.09 -11.91
CA GLU N 27 -25.04 56.44 -11.05
C GLU N 27 -25.02 57.91 -10.61
N ASP N 28 -24.72 58.89 -11.47
CA ASP N 28 -24.99 60.30 -11.16
C ASP N 28 -25.01 61.15 -12.44
N SER N 29 -26.17 61.73 -12.79
CA SER N 29 -26.35 62.43 -14.07
C SER N 29 -25.93 63.91 -13.98
N ASN N 32 -21.36 65.28 -18.42
CA ASN N 32 -20.19 65.17 -17.49
C ASN N 32 -18.93 64.98 -18.34
N TYR N 33 -18.02 64.15 -17.83
CA TYR N 33 -16.83 63.76 -18.57
C TYR N 33 -16.59 62.26 -18.38
N PHE N 34 -16.24 61.58 -19.48
CA PHE N 34 -16.10 60.13 -19.49
C PHE N 34 -14.81 59.77 -20.21
N PRO N 35 -13.69 59.60 -19.47
CA PRO N 35 -12.42 59.21 -20.09
C PRO N 35 -12.21 57.69 -20.08
N TRP N 36 -11.36 57.22 -20.98
CA TRP N 36 -11.02 55.81 -21.07
C TRP N 36 -9.51 55.65 -21.00
N TYR N 37 -9.04 54.67 -20.23
CA TYR N 37 -7.63 54.51 -19.98
C TYR N 37 -7.19 53.12 -20.41
N LYS N 38 -6.02 53.06 -21.08
CA LYS N 38 -5.39 51.80 -21.42
C LYS N 38 -4.18 51.61 -20.53
N GLN N 39 -3.95 50.36 -20.08
CA GLN N 39 -2.89 50.17 -19.10
C GLN N 39 -2.12 48.90 -19.44
N GLU N 40 -0.87 49.10 -19.88
CA GLU N 40 -0.02 48.00 -20.27
C GLU N 40 0.69 47.50 -19.02
N PRO N 41 0.97 46.17 -18.94
CA PRO N 41 1.50 45.55 -17.72
C PRO N 41 2.73 46.29 -17.23
N GLY N 42 2.76 46.69 -15.96
CA GLY N 42 3.92 47.35 -15.36
C GLY N 42 3.85 48.87 -15.51
N GLU N 43 3.07 49.35 -16.48
CA GLU N 43 3.07 50.76 -16.80
C GLU N 43 1.93 51.47 -16.06
N ASN N 44 1.78 52.76 -16.37
CA ASN N 44 0.76 53.63 -15.82
C ASN N 44 -0.44 53.64 -16.77
N PRO N 45 -1.69 53.81 -16.27
CA PRO N 45 -2.83 53.98 -17.16
C PRO N 45 -2.59 55.22 -18.00
N LYS N 46 -3.01 55.17 -19.26
CA LYS N 46 -2.79 56.28 -20.18
C LYS N 46 -4.12 56.58 -20.85
N LEU N 47 -4.51 57.86 -20.84
CA LEU N 47 -5.76 58.28 -21.47
C LEU N 47 -5.69 57.93 -22.95
N ILE N 48 -6.74 57.33 -23.52
CA ILE N 48 -6.75 56.90 -24.91
C ILE N 48 -7.81 57.66 -25.72
N ILE N 49 -8.93 58.02 -25.06
CA ILE N 49 -10.03 58.74 -25.68
C ILE N 49 -10.98 59.15 -24.56
N ASP N 50 -11.74 60.23 -24.81
CA ASP N 50 -12.70 60.71 -23.83
C ASP N 50 -13.89 61.31 -24.56
N ILE N 51 -14.99 61.49 -23.83
CA ILE N 51 -16.17 62.14 -24.39
C ILE N 51 -16.86 62.94 -23.30
N ARG N 52 -17.39 64.10 -23.69
CA ARG N 52 -18.04 65.03 -22.77
C ARG N 52 -19.51 65.09 -23.17
N SER N 53 -20.39 65.63 -22.31
CA SER N 53 -21.70 66.20 -22.74
C SER N 53 -22.32 65.66 -24.07
N GLU N 56 -22.25 62.50 -29.35
CA GLU N 56 -22.37 61.33 -28.43
C GLU N 56 -21.81 60.07 -29.13
N ARG N 57 -20.84 60.31 -30.03
CA ARG N 57 -20.09 59.26 -30.67
C ARG N 57 -18.81 59.79 -31.30
N LYS N 58 -17.75 59.89 -30.49
CA LYS N 58 -16.45 60.37 -30.97
C LYS N 58 -15.70 59.18 -31.59
N GLN N 59 -15.14 59.40 -32.79
CA GLN N 59 -14.25 58.41 -33.38
C GLN N 59 -12.94 59.07 -33.75
N THR N 60 -11.85 58.70 -33.06
CA THR N 60 -10.49 59.07 -33.43
C THR N 60 -9.54 57.99 -32.97
N GLN N 61 -8.41 57.89 -33.67
CA GLN N 61 -7.30 57.10 -33.19
C GLN N 61 -7.71 55.65 -33.04
N GLY N 62 -8.47 55.15 -34.02
CA GLY N 62 -8.85 53.74 -34.06
C GLY N 62 -9.85 53.37 -32.96
N LEU N 63 -10.47 54.39 -32.36
CA LEU N 63 -11.34 54.19 -31.19
C LEU N 63 -12.70 54.88 -31.38
N ILE N 64 -13.76 54.21 -30.90
CA ILE N 64 -15.10 54.79 -30.88
C ILE N 64 -15.63 54.76 -29.45
N VAL N 65 -16.27 55.87 -29.02
CA VAL N 65 -16.99 55.90 -27.75
C VAL N 65 -18.42 56.39 -27.97
N LEU N 66 -19.37 55.77 -27.26
CA LEU N 66 -20.76 56.22 -27.30
C LEU N 66 -21.13 56.68 -25.89
N LEU N 67 -22.11 57.60 -25.80
CA LEU N 67 -22.66 58.02 -24.51
C LEU N 67 -24.17 58.20 -24.61
N ASP N 68 -24.91 57.54 -23.71
CA ASP N 68 -26.35 57.79 -23.55
C ASP N 68 -26.61 58.35 -22.16
N LYS N 69 -26.73 59.69 -22.09
CA LYS N 69 -26.96 60.40 -20.83
C LYS N 69 -28.26 59.89 -20.22
N LYS N 70 -29.31 59.67 -21.05
CA LYS N 70 -30.61 59.24 -20.58
C LYS N 70 -30.49 57.90 -19.85
N ALA N 71 -29.80 56.94 -20.49
CA ALA N 71 -29.63 55.59 -19.98
C ALA N 71 -28.54 55.54 -18.90
N LYS N 72 -27.74 56.61 -18.80
CA LYS N 72 -26.57 56.65 -17.92
C LYS N 72 -25.64 55.46 -18.26
N ARG N 73 -25.46 55.19 -19.56
CA ARG N 73 -24.55 54.15 -20.03
C ARG N 73 -23.64 54.72 -21.11
N PHE N 74 -22.37 54.30 -21.11
CA PHE N 74 -21.43 54.67 -22.17
C PHE N 74 -20.50 53.50 -22.43
N SER N 75 -19.90 53.48 -23.64
CA SER N 75 -19.17 52.31 -24.10
C SER N 75 -17.97 52.71 -24.96
N LEU N 76 -17.00 51.78 -25.05
CA LEU N 76 -15.85 51.88 -25.92
C LEU N 76 -15.87 50.74 -26.93
N HIS N 77 -15.49 51.02 -28.18
CA HIS N 77 -15.54 50.03 -29.25
C HIS N 77 -14.28 50.08 -30.09
N ILE N 78 -13.58 48.93 -30.16
CA ILE N 78 -12.31 48.81 -30.86
C ILE N 78 -12.54 47.87 -32.03
N THR N 79 -12.54 48.38 -33.28
CA THR N 79 -12.67 47.50 -34.44
C THR N 79 -11.32 46.92 -34.89
N ASP N 80 -11.34 45.73 -35.51
CA ASP N 80 -10.16 45.09 -36.09
C ASP N 80 -9.04 44.95 -35.04
N THR N 81 -9.34 44.25 -33.95
CA THR N 81 -8.38 44.11 -32.86
C THR N 81 -7.12 43.45 -33.40
N GLN N 82 -5.97 43.86 -32.84
CA GLN N 82 -4.71 43.17 -33.08
C GLN N 82 -4.03 42.96 -31.74
N PRO N 83 -3.12 41.96 -31.61
CA PRO N 83 -2.56 41.60 -30.30
C PRO N 83 -1.99 42.79 -29.52
N GLY N 84 -1.74 43.90 -30.21
CA GLY N 84 -1.21 45.06 -29.51
C GLY N 84 -2.27 45.62 -28.58
N ASP N 85 -3.55 45.39 -28.92
CA ASP N 85 -4.65 45.94 -28.17
C ASP N 85 -4.79 45.22 -26.83
N SER N 86 -4.16 44.04 -26.74
CA SER N 86 -4.16 43.30 -25.48
C SER N 86 -3.62 44.17 -24.37
N ALA N 87 -4.52 44.61 -23.48
CA ALA N 87 -4.17 45.37 -22.30
C ALA N 87 -5.37 45.45 -21.36
N MET N 88 -5.19 46.17 -20.25
CA MET N 88 -6.24 46.45 -19.29
C MET N 88 -6.83 47.82 -19.63
N TYR N 89 -8.16 47.86 -19.82
CA TYR N 89 -8.86 49.12 -20.06
C TYR N 89 -9.75 49.50 -18.89
N PHE N 90 -9.94 50.81 -18.69
CA PHE N 90 -10.71 51.35 -17.58
C PHE N 90 -11.54 52.51 -18.09
N CYS N 91 -12.80 52.56 -17.66
CA CYS N 91 -13.67 53.71 -17.95
C CYS N 91 -13.88 54.48 -16.66
N ALA N 92 -14.31 55.73 -16.78
CA ALA N 92 -14.56 56.54 -15.60
C ALA N 92 -15.67 57.54 -15.89
N ALA N 93 -16.25 58.09 -14.82
CA ALA N 93 -17.27 59.12 -14.92
C ALA N 93 -16.96 60.22 -13.91
N SER N 94 -17.12 61.49 -14.34
CA SER N 94 -16.82 62.62 -13.48
C SER N 94 -18.08 63.43 -13.17
N VAL N 95 -17.88 64.69 -12.80
CA VAL N 95 -18.91 65.72 -12.79
C VAL N 95 -18.41 66.94 -13.60
N ASN N 97 -16.72 69.06 -11.21
CA ASN N 97 -16.61 68.59 -9.79
C ASN N 97 -15.30 67.84 -9.58
N TYR N 98 -14.58 67.54 -10.68
CA TYR N 98 -13.27 66.91 -10.63
C TYR N 98 -13.25 65.72 -9.66
N LYS N 99 -14.32 64.92 -9.71
CA LYS N 99 -14.32 63.61 -9.05
C LYS N 99 -14.35 62.49 -10.08
N TYR N 100 -13.32 61.64 -10.09
CA TYR N 100 -13.22 60.58 -11.08
C TYR N 100 -13.56 59.24 -10.43
N VAL N 101 -14.71 58.66 -10.79
CA VAL N 101 -15.08 57.31 -10.40
C VAL N 101 -14.78 56.36 -11.55
N PHE N 102 -13.99 55.31 -11.27
CA PHE N 102 -13.53 54.38 -12.29
C PHE N 102 -14.28 53.05 -12.24
N GLY N 103 -14.43 52.40 -13.40
CA GLY N 103 -14.80 50.99 -13.45
C GLY N 103 -13.74 50.09 -12.82
N ALA N 104 -14.03 48.80 -12.62
CA ALA N 104 -12.98 47.95 -12.08
C ALA N 104 -12.07 47.47 -13.21
N GLY N 105 -12.36 47.84 -14.46
CA GLY N 105 -11.45 47.51 -15.55
C GLY N 105 -11.78 46.23 -16.31
N THR N 106 -11.29 46.17 -17.56
CA THR N 106 -11.46 45.01 -18.43
C THR N 106 -10.09 44.60 -18.92
N ARG N 107 -9.70 43.34 -18.67
CA ARG N 107 -8.49 42.78 -19.25
C ARG N 107 -8.86 42.22 -20.63
N LEU N 108 -8.41 42.88 -21.69
CA LEU N 108 -8.72 42.52 -23.08
C LEU N 108 -7.60 41.61 -23.59
N LYS N 109 -7.93 40.37 -23.98
CA LYS N 109 -6.96 39.46 -24.57
C LYS N 109 -7.33 39.24 -26.04
N VAL N 110 -6.40 39.60 -26.96
CA VAL N 110 -6.63 39.41 -28.38
C VAL N 110 -5.91 38.14 -28.81
N ILE N 111 -6.66 37.12 -29.24
CA ILE N 111 -6.09 35.84 -29.66
C ILE N 111 -5.66 35.99 -31.11
N ALA N 112 -4.46 35.48 -31.44
CA ALA N 112 -3.85 35.76 -32.73
C ALA N 112 -4.08 34.60 -33.70
N ASP N 113 -4.19 34.94 -35.00
CA ASP N 113 -4.29 33.90 -36.04
C ASP N 113 -2.89 33.52 -36.52
N ILE N 114 -2.33 32.44 -35.96
CA ILE N 114 -1.16 31.79 -36.55
C ILE N 114 -1.52 31.34 -37.97
N GLN N 115 -0.81 31.90 -38.97
CA GLN N 115 -1.18 31.75 -40.38
C GLN N 115 -0.71 30.40 -40.91
N ASN N 116 0.59 30.14 -40.76
CA ASN N 116 1.20 28.89 -41.17
C ASN N 116 1.86 28.28 -39.94
N PRO N 117 1.09 27.51 -39.15
CA PRO N 117 1.62 26.84 -37.96
C PRO N 117 2.73 25.89 -38.40
N ASP N 118 3.67 25.63 -37.49
CA ASP N 118 4.74 24.68 -37.73
C ASP N 118 5.07 23.97 -36.41
N PRO N 119 4.11 23.22 -35.83
CA PRO N 119 4.29 22.67 -34.48
C PRO N 119 5.55 21.83 -34.42
N ALA N 120 6.40 22.12 -33.41
CA ALA N 120 7.60 21.35 -33.20
C ALA N 120 8.00 21.45 -31.73
N VAL N 121 8.73 20.43 -31.23
CA VAL N 121 9.27 20.49 -29.88
C VAL N 121 10.79 20.26 -29.96
N TYR N 122 11.56 21.29 -29.57
CA TYR N 122 13.00 21.27 -29.72
C TYR N 122 13.65 21.26 -28.34
N GLN N 123 14.90 20.77 -28.30
CA GLN N 123 15.66 20.67 -27.06
C GLN N 123 16.81 21.65 -27.11
N LEU N 124 16.85 22.55 -26.10
CA LEU N 124 17.86 23.58 -26.08
C LEU N 124 19.07 23.12 -25.28
N ARG N 125 20.26 23.48 -25.78
CA ARG N 125 21.49 22.91 -25.25
C ARG N 125 21.59 23.25 -23.77
N ASP N 126 22.19 22.31 -23.01
CA ASP N 126 22.30 22.46 -21.56
C ASP N 126 23.06 23.75 -21.20
N SER N 127 22.89 24.25 -19.99
CA SER N 127 23.84 25.19 -19.41
C SER N 127 25.03 24.45 -18.79
N LYS N 128 26.22 25.02 -18.94
CA LYS N 128 27.43 24.52 -18.31
C LYS N 128 27.28 24.71 -16.80
N SER N 129 26.32 25.58 -16.41
CA SER N 129 26.13 25.98 -15.02
C SER N 129 24.67 25.83 -14.56
N SER N 130 24.03 24.72 -14.97
CA SER N 130 22.66 24.38 -14.61
C SER N 130 22.37 22.90 -14.87
N ASP N 131 21.60 22.32 -13.93
CA ASP N 131 21.24 20.90 -13.88
C ASP N 131 19.87 20.71 -14.55
N LYS N 132 19.68 21.37 -15.69
CA LYS N 132 18.40 21.31 -16.39
C LYS N 132 18.61 21.03 -17.88
N SER N 133 17.63 20.33 -18.45
CA SER N 133 17.39 20.34 -19.89
C SER N 133 16.12 21.13 -20.15
N VAL N 134 16.13 21.94 -21.21
CA VAL N 134 14.97 22.77 -21.47
C VAL N 134 14.35 22.41 -22.80
N CYS N 135 13.01 22.25 -22.82
CA CYS N 135 12.32 21.88 -24.04
C CYS N 135 11.43 23.02 -24.48
N LEU N 136 11.36 23.22 -25.79
CA LEU N 136 10.58 24.32 -26.30
C LEU N 136 9.52 23.80 -27.26
N PHE N 137 8.26 24.05 -26.92
CA PHE N 137 7.16 23.73 -27.82
C PHE N 137 6.75 25.04 -28.50
N THR N 138 6.85 25.07 -29.84
CA THR N 138 6.80 26.34 -30.53
C THR N 138 6.09 26.20 -31.87
N ASP N 139 5.66 27.35 -32.40
CA ASP N 139 5.07 27.53 -33.72
C ASP N 139 3.75 26.75 -33.81
N PHE N 140 3.08 26.48 -32.68
CA PHE N 140 1.80 25.80 -32.71
C PHE N 140 0.66 26.81 -32.87
N ASP N 141 -0.53 26.34 -33.23
CA ASP N 141 -1.66 27.23 -33.55
C ASP N 141 -2.34 27.69 -32.25
N SER N 142 -3.25 28.66 -32.39
CA SER N 142 -3.88 29.33 -31.26
C SER N 142 -4.65 28.36 -30.37
N GLN N 143 -5.35 27.40 -30.98
CA GLN N 143 -6.22 26.48 -30.24
C GLN N 143 -5.45 25.23 -29.83
N THR N 144 -4.40 25.40 -29.04
CA THR N 144 -3.69 24.32 -28.36
C THR N 144 -3.50 24.73 -26.90
N ASN N 145 -3.65 23.77 -25.98
CA ASN N 145 -3.53 24.04 -24.56
C ASN N 145 -2.42 23.17 -23.97
N VAL N 146 -1.93 23.52 -22.78
CA VAL N 146 -0.77 22.90 -22.18
C VAL N 146 -1.05 22.72 -20.69
N SER N 147 -0.73 21.58 -20.03
CA SER N 147 -0.29 21.66 -18.62
C SER N 147 0.69 20.58 -18.23
N GLN N 148 0.95 20.41 -16.92
CA GLN N 148 2.03 19.54 -16.41
C GLN N 148 1.48 18.56 -15.38
N SER N 149 2.14 17.39 -15.20
CA SER N 149 1.69 16.44 -14.19
C SER N 149 2.77 15.84 -13.27
N LYS N 150 4.08 16.08 -13.51
CA LYS N 150 5.07 15.31 -12.77
C LYS N 150 5.54 16.10 -11.53
N ASP N 153 7.82 17.34 -10.41
CA ASP N 153 9.25 17.75 -10.55
C ASP N 153 9.55 18.20 -12.00
N VAL N 154 8.49 18.31 -12.81
CA VAL N 154 8.52 18.83 -14.17
C VAL N 154 7.65 20.10 -14.23
N TYR N 155 8.21 21.16 -14.82
CA TYR N 155 7.54 22.46 -14.87
C TYR N 155 7.28 22.81 -16.33
N ILE N 156 6.07 23.32 -16.58
CA ILE N 156 5.68 23.71 -17.92
C ILE N 156 5.04 25.09 -17.85
N THR N 157 5.50 26.02 -18.69
CA THR N 157 4.99 27.38 -18.65
C THR N 157 3.74 27.38 -19.50
N ASP N 158 2.97 28.47 -19.42
CA ASP N 158 1.85 28.64 -20.32
C ASP N 158 2.38 29.13 -21.66
N LYS N 159 1.51 29.11 -22.69
CA LYS N 159 1.84 29.62 -24.01
C LYS N 159 2.08 31.13 -23.93
N CYS N 160 2.90 31.63 -24.87
CA CYS N 160 3.39 33.00 -24.94
C CYS N 160 3.25 33.41 -26.39
N VAL N 161 2.50 34.49 -26.68
CA VAL N 161 2.32 34.92 -28.06
C VAL N 161 3.31 36.05 -28.41
N LEU N 162 4.17 35.85 -29.43
CA LEU N 162 5.07 36.91 -29.88
C LEU N 162 4.58 37.46 -31.21
N ASP N 163 4.57 38.78 -31.32
CA ASP N 163 3.95 39.44 -32.46
C ASP N 163 4.88 40.56 -32.92
N MET N 164 5.57 40.37 -34.05
CA MET N 164 6.58 41.31 -34.50
C MET N 164 5.96 42.57 -35.10
N ARG N 165 6.59 43.73 -34.83
CA ARG N 165 6.26 44.98 -35.50
C ARG N 165 6.86 44.98 -36.91
N SER N 166 8.02 44.32 -37.06
CA SER N 166 8.78 44.27 -38.29
C SER N 166 8.05 43.40 -39.33
N MET N 167 7.67 42.17 -38.97
CA MET N 167 7.17 41.19 -39.92
C MET N 167 5.73 40.83 -39.56
N ASP N 168 5.01 40.18 -40.48
CA ASP N 168 3.63 39.77 -40.25
C ASP N 168 3.57 38.38 -39.63
N PHE N 169 4.56 38.04 -38.78
CA PHE N 169 4.68 36.68 -38.27
C PHE N 169 4.47 36.65 -36.75
N LYS N 170 3.46 35.87 -36.32
CA LYS N 170 3.19 35.61 -34.92
C LYS N 170 3.61 34.18 -34.60
N SER N 171 4.08 33.90 -33.37
CA SER N 171 4.28 32.51 -32.96
C SER N 171 3.96 32.32 -31.47
N ASN N 172 3.46 31.11 -31.15
CA ASN N 172 3.24 30.64 -29.79
C ASN N 172 4.42 29.79 -29.33
N SER N 173 4.72 29.82 -28.02
CA SER N 173 5.79 29.01 -27.49
C SER N 173 5.47 28.66 -26.04
N ALA N 174 5.94 27.49 -25.60
CA ALA N 174 5.88 27.16 -24.20
C ALA N 174 7.13 26.40 -23.82
N VAL N 175 7.54 26.55 -22.56
CA VAL N 175 8.84 26.06 -22.16
C VAL N 175 8.61 25.02 -21.06
N ALA N 176 9.41 23.95 -21.10
CA ALA N 176 9.28 22.92 -20.10
C ALA N 176 10.66 22.46 -19.67
N TRP N 177 10.80 22.17 -18.38
CA TRP N 177 12.10 21.78 -17.87
C TRP N 177 11.95 20.90 -16.62
N SER N 178 13.04 20.20 -16.30
CA SER N 178 13.02 19.30 -15.16
C SER N 178 14.45 18.96 -14.75
N ASN N 179 14.61 18.61 -13.48
CA ASN N 179 15.92 18.28 -12.94
C ASN N 179 16.17 16.78 -13.03
N LYS N 180 15.08 16.00 -13.14
CA LYS N 180 15.09 14.55 -13.14
C LYS N 180 15.92 14.02 -14.33
N SER N 181 16.48 12.81 -14.14
CA SER N 181 17.32 12.14 -15.13
C SER N 181 16.46 11.54 -16.23
N ASP N 182 15.21 11.18 -15.89
CA ASP N 182 14.32 10.42 -16.74
C ASP N 182 13.50 11.35 -17.64
N PHE N 183 14.00 12.57 -17.90
CA PHE N 183 13.22 13.60 -18.59
C PHE N 183 13.75 13.83 -20.01
N ALA N 184 12.81 13.86 -20.98
CA ALA N 184 13.14 14.12 -22.38
C ALA N 184 11.98 14.80 -23.08
N CYS N 185 12.28 15.34 -24.26
CA CYS N 185 11.35 16.15 -25.05
C CYS N 185 10.25 15.26 -25.63
N ALA N 186 10.56 13.98 -25.80
CA ALA N 186 9.70 13.12 -26.58
C ALA N 186 8.30 13.12 -25.95
N ASN N 187 8.28 12.84 -24.65
CA ASN N 187 7.06 12.79 -23.86
C ASN N 187 7.27 13.76 -22.70
N ALA N 188 7.18 15.05 -23.01
CA ALA N 188 7.14 16.11 -22.01
C ALA N 188 5.79 16.79 -22.05
N PHE N 189 5.30 17.06 -23.26
CA PHE N 189 4.05 17.79 -23.45
C PHE N 189 2.83 16.87 -23.61
N ASN N 190 2.48 16.18 -22.52
CA ASN N 190 1.37 15.22 -22.45
C ASN N 190 0.05 15.99 -22.46
N ASN N 191 -0.29 16.41 -23.70
CA ASN N 191 -1.50 17.17 -23.97
C ASN N 191 -1.77 17.12 -25.48
N SER N 192 -2.64 18.04 -25.95
CA SER N 192 -3.20 17.98 -27.27
C SER N 192 -2.25 18.55 -28.32
N ILE N 193 -1.07 17.92 -28.46
CA ILE N 193 -0.05 18.33 -29.43
C ILE N 193 -0.64 18.27 -30.85
N ILE N 194 -0.62 19.39 -31.56
CA ILE N 194 -0.83 19.42 -33.00
C ILE N 194 0.07 18.37 -33.66
N PRO N 195 -0.42 17.58 -34.65
CA PRO N 195 0.16 16.27 -35.02
C PRO N 195 1.62 16.23 -35.43
N GLU N 196 2.08 17.27 -36.13
CA GLU N 196 3.51 17.51 -36.37
C GLU N 196 4.24 17.96 -35.09
N ASP N 197 5.46 17.44 -34.98
CA ASP N 197 6.54 17.84 -34.07
C ASP N 197 7.82 17.22 -34.63
N THR N 198 8.94 17.94 -34.66
CA THR N 198 10.10 17.24 -35.23
C THR N 198 10.88 16.44 -34.17
N PHE N 199 12.03 15.88 -34.55
CA PHE N 199 12.89 15.06 -33.71
C PHE N 199 12.70 15.31 -32.20
N GLY O 2 -2.82 -31.49 4.56
CA GLY O 2 -4.15 -31.52 5.22
C GLY O 2 -4.04 -31.55 6.74
N VAL O 3 -5.02 -32.22 7.37
CA VAL O 3 -5.13 -32.40 8.82
C VAL O 3 -4.14 -33.48 9.23
N ILE O 4 -3.33 -33.19 10.26
CA ILE O 4 -2.29 -34.12 10.68
C ILE O 4 -2.66 -34.65 12.05
N GLN O 5 -2.64 -35.99 12.19
CA GLN O 5 -2.91 -36.61 13.48
C GLN O 5 -1.74 -37.50 13.89
N THR O 6 -1.46 -37.53 15.20
CA THR O 6 -0.41 -38.36 15.75
C THR O 6 -0.86 -38.86 17.11
N PRO O 7 -0.43 -40.07 17.51
CA PRO O 7 0.33 -40.96 16.63
C PRO O 7 -0.60 -41.68 15.66
N ARG O 8 -0.04 -42.33 14.64
CA ARG O 8 -0.84 -43.12 13.73
C ARG O 8 -1.33 -44.38 14.43
N HIS O 9 -0.47 -44.97 15.28
CA HIS O 9 -0.87 -46.15 16.05
C HIS O 9 -0.50 -45.95 17.51
N LYS O 10 -1.37 -46.46 18.40
CA LYS O 10 -1.08 -46.49 19.82
C LYS O 10 -1.56 -47.83 20.37
N VAL O 11 -0.61 -48.59 20.94
CA VAL O 11 -0.97 -49.76 21.72
C VAL O 11 -0.78 -49.42 23.21
N THR O 12 -1.81 -49.67 24.02
CA THR O 12 -1.75 -49.50 25.47
C THR O 12 -2.29 -50.77 26.13
N GLY O 13 -1.95 -50.95 27.42
CA GLY O 13 -2.62 -51.95 28.24
C GLY O 13 -3.80 -51.32 29.01
N LYS O 14 -4.61 -52.21 29.63
CA LYS O 14 -5.77 -51.77 30.38
C LYS O 14 -5.31 -50.84 31.49
N GLY O 15 -5.90 -49.65 31.53
CA GLY O 15 -5.69 -48.73 32.64
C GLY O 15 -4.59 -47.70 32.37
N GLN O 16 -3.88 -47.82 31.24
CA GLN O 16 -2.92 -46.79 30.85
C GLN O 16 -3.66 -45.54 30.35
N GLU O 17 -2.99 -44.39 30.37
CA GLU O 17 -3.58 -43.15 29.86
C GLU O 17 -3.13 -42.98 28.43
N ALA O 18 -3.98 -42.43 27.57
CA ALA O 18 -3.56 -42.17 26.20
C ALA O 18 -4.10 -40.84 25.73
N THR O 19 -3.25 -40.05 25.08
CA THR O 19 -3.66 -38.76 24.56
C THR O 19 -3.41 -38.75 23.05
N LEU O 20 -4.37 -38.19 22.32
CA LEU O 20 -4.35 -38.16 20.87
C LEU O 20 -4.29 -36.72 20.38
N TRP O 21 -3.41 -36.48 19.40
CA TRP O 21 -3.09 -35.16 18.91
C TRP O 21 -3.64 -34.92 17.52
N CYS O 22 -4.21 -33.73 17.31
CA CYS O 22 -4.70 -33.36 16.01
C CYS O 22 -4.35 -31.91 15.69
N GLU O 23 -3.69 -31.68 14.55
CA GLU O 23 -3.46 -30.33 14.05
C GLU O 23 -4.40 -30.10 12.86
N PRO O 24 -5.46 -29.27 13.05
CA PRO O 24 -6.38 -28.89 11.98
C PRO O 24 -5.71 -28.18 10.82
N ILE O 25 -6.54 -27.85 9.81
CA ILE O 25 -6.02 -27.23 8.60
C ILE O 25 -6.11 -25.71 8.74
N SER O 26 -4.94 -25.05 8.65
CA SER O 26 -4.74 -23.60 8.54
C SER O 26 -5.75 -22.74 9.27
N GLY O 27 -6.44 -21.84 8.55
CA GLY O 27 -7.46 -21.01 9.18
C GLY O 27 -8.81 -21.71 9.25
N HIS O 28 -8.92 -22.68 10.18
CA HIS O 28 -10.17 -23.40 10.38
C HIS O 28 -10.75 -23.09 11.76
N SER O 29 -12.02 -22.66 11.77
CA SER O 29 -12.73 -22.36 13.01
C SER O 29 -13.34 -23.61 13.63
N ALA O 30 -13.73 -24.59 12.81
CA ALA O 30 -14.46 -25.75 13.29
C ALA O 30 -13.56 -26.98 13.42
N VAL O 31 -13.50 -27.57 14.61
CA VAL O 31 -12.73 -28.79 14.82
C VAL O 31 -13.64 -29.87 15.41
N PHE O 32 -13.52 -31.09 14.87
CA PHE O 32 -14.40 -32.19 15.26
C PHE O 32 -13.56 -33.42 15.59
N TRP O 33 -14.18 -34.33 16.35
CA TRP O 33 -13.62 -35.63 16.62
C TRP O 33 -14.67 -36.69 16.30
N TYR O 34 -14.24 -37.76 15.63
CA TYR O 34 -15.12 -38.88 15.35
C TYR O 34 -14.44 -40.19 15.76
N ARG O 35 -15.27 -41.16 16.17
CA ARG O 35 -14.80 -42.48 16.46
C ARG O 35 -15.23 -43.39 15.31
N GLN O 36 -14.31 -44.26 14.86
CA GLN O 36 -14.59 -45.12 13.73
C GLN O 36 -14.34 -46.57 14.11
N THR O 37 -15.41 -47.39 14.11
CA THR O 37 -15.29 -48.81 14.40
C THR O 37 -16.02 -49.64 13.34
N ILE O 38 -15.77 -50.94 13.39
CA ILE O 38 -16.34 -51.89 12.47
C ILE O 38 -17.85 -51.94 12.67
N VAL O 39 -18.29 -51.88 13.93
CA VAL O 39 -19.69 -52.02 14.26
C VAL O 39 -20.45 -50.71 14.03
N GLN O 40 -19.92 -49.57 14.48
CA GLN O 40 -20.73 -48.36 14.54
C GLN O 40 -20.39 -47.37 13.43
N GLY O 41 -19.35 -47.65 12.64
CA GLY O 41 -18.96 -46.74 11.57
C GLY O 41 -18.51 -45.40 12.14
N LEU O 42 -18.86 -44.29 11.44
CA LEU O 42 -18.48 -42.95 11.86
C LEU O 42 -19.46 -42.47 12.93
N GLU O 43 -18.89 -42.12 14.10
CA GLU O 43 -19.65 -41.61 15.21
C GLU O 43 -19.08 -40.25 15.62
N PHE O 44 -19.92 -39.20 15.53
CA PHE O 44 -19.62 -37.91 16.11
C PHE O 44 -19.29 -38.09 17.59
N LEU O 45 -18.26 -37.36 18.06
CA LEU O 45 -17.88 -37.36 19.47
C LEU O 45 -18.05 -35.95 20.03
N THR O 46 -17.33 -34.98 19.43
CA THR O 46 -17.28 -33.63 19.98
C THR O 46 -16.99 -32.59 18.90
N TYR O 47 -17.35 -31.33 19.19
CA TYR O 47 -17.25 -30.23 18.24
C TYR O 47 -16.83 -28.98 18.97
N PHE O 48 -15.91 -28.22 18.34
CA PHE O 48 -15.40 -26.95 18.84
C PHE O 48 -15.60 -25.89 17.77
N ARG O 49 -16.13 -24.72 18.20
CA ARG O 49 -16.58 -23.71 17.27
C ARG O 49 -15.44 -22.74 17.03
N ASN O 50 -14.79 -22.27 18.11
CA ASN O 50 -13.57 -21.48 18.00
C ASN O 50 -12.73 -21.69 19.25
N GLN O 51 -12.28 -22.94 19.43
CA GLN O 51 -11.66 -23.43 20.66
C GLN O 51 -12.70 -23.58 21.78
N ALA O 52 -13.97 -23.31 21.44
CA ALA O 52 -15.04 -23.36 22.43
C ALA O 52 -15.83 -24.67 22.31
N PRO O 53 -15.88 -25.52 23.38
CA PRO O 53 -16.69 -26.75 23.38
C PRO O 53 -18.14 -26.36 23.12
N ILE O 54 -18.74 -26.92 22.06
CA ILE O 54 -20.13 -26.65 21.77
C ILE O 54 -20.99 -27.91 21.94
N ASP O 55 -20.57 -29.01 21.33
CA ASP O 55 -21.31 -30.25 21.39
C ASP O 55 -20.36 -31.39 21.72
N ASP O 56 -20.60 -32.08 22.85
CA ASP O 56 -19.82 -33.24 23.22
C ASP O 56 -20.76 -34.41 23.49
N SER O 57 -21.88 -34.40 22.76
CA SER O 57 -22.98 -35.33 23.01
C SER O 57 -22.55 -36.77 22.71
N GLY O 58 -21.56 -36.94 21.80
CA GLY O 58 -21.15 -38.27 21.38
C GLY O 58 -20.07 -38.86 22.29
N MET O 59 -19.44 -38.00 23.10
CA MET O 59 -18.33 -38.43 23.95
C MET O 59 -18.88 -39.38 25.01
N PRO O 60 -18.14 -40.46 25.34
CA PRO O 60 -18.47 -41.33 26.47
C PRO O 60 -18.58 -40.50 27.74
N LYS O 61 -19.51 -40.91 28.62
CA LYS O 61 -19.85 -40.09 29.77
C LYS O 61 -18.79 -40.19 30.86
N GLU O 62 -17.76 -41.02 30.66
CA GLU O 62 -16.65 -41.14 31.59
C GLU O 62 -15.35 -41.36 30.84
N ARG O 63 -14.25 -40.83 31.40
CA ARG O 63 -12.86 -41.13 31.05
C ARG O 63 -12.39 -40.39 29.78
N PHE O 64 -13.34 -39.84 29.03
CA PHE O 64 -13.00 -39.20 27.76
C PHE O 64 -13.10 -37.68 27.88
N SER O 65 -12.12 -36.97 27.34
CA SER O 65 -12.14 -35.52 27.37
C SER O 65 -11.44 -34.95 26.13
N ALA O 66 -11.89 -33.78 25.69
CA ALA O 66 -11.27 -33.13 24.54
C ALA O 66 -10.99 -31.67 24.85
N GLN O 67 -9.84 -31.17 24.37
CA GLN O 67 -9.41 -29.82 24.67
C GLN O 67 -8.83 -29.19 23.40
N MET O 68 -8.87 -27.85 23.36
CA MET O 68 -8.12 -27.11 22.34
C MET O 68 -7.29 -26.04 23.03
N PRO O 69 -6.03 -26.35 23.44
CA PRO O 69 -5.12 -25.37 24.04
C PRO O 69 -5.04 -24.06 23.25
N ASN O 70 -4.60 -24.17 21.99
CA ASN O 70 -4.61 -23.03 21.09
C ASN O 70 -5.54 -23.34 19.92
N GLN O 71 -5.48 -22.54 18.86
CA GLN O 71 -6.30 -22.79 17.69
C GLN O 71 -5.46 -23.46 16.59
N SER O 72 -4.37 -24.10 16.97
CA SER O 72 -3.53 -24.82 16.03
C SER O 72 -3.34 -26.29 16.46
N HIS O 73 -3.86 -26.67 17.63
CA HIS O 73 -3.92 -28.09 17.94
C HIS O 73 -5.18 -28.40 18.75
N SER O 74 -5.56 -29.69 18.75
CA SER O 74 -6.58 -30.23 19.64
C SER O 74 -6.17 -31.62 20.14
N THR O 75 -6.65 -31.97 21.33
CA THR O 75 -6.24 -33.23 21.95
C THR O 75 -7.47 -34.00 22.42
N LEU O 76 -7.38 -35.32 22.32
CA LEU O 76 -8.35 -36.22 22.93
C LEU O 76 -7.62 -37.07 23.96
N LYS O 77 -8.05 -36.98 25.22
CA LYS O 77 -7.38 -37.70 26.30
C LYS O 77 -8.33 -38.78 26.80
N ILE O 78 -7.82 -40.00 26.87
CA ILE O 78 -8.56 -41.08 27.50
C ILE O 78 -7.81 -41.50 28.75
N GLN O 79 -8.53 -41.51 29.87
CA GLN O 79 -7.99 -41.97 31.14
C GLN O 79 -8.34 -43.44 31.32
N SER O 80 -7.36 -44.23 31.81
CA SER O 80 -7.64 -45.60 32.21
C SER O 80 -8.22 -46.39 31.04
N THR O 81 -7.43 -46.52 29.98
CA THR O 81 -7.88 -47.12 28.72
C THR O 81 -8.43 -48.51 28.98
N GLN O 82 -9.56 -48.79 28.32
CA GLN O 82 -10.24 -50.07 28.43
C GLN O 82 -10.38 -50.65 27.02
N PRO O 83 -10.43 -52.00 26.87
CA PRO O 83 -10.56 -52.61 25.55
C PRO O 83 -11.63 -52.02 24.62
N GLN O 84 -12.77 -51.60 25.19
CA GLN O 84 -13.84 -51.05 24.37
C GLN O 84 -13.47 -49.69 23.80
N ASP O 85 -12.34 -49.12 24.26
CA ASP O 85 -11.89 -47.83 23.75
C ASP O 85 -11.26 -48.01 22.36
N SER O 86 -10.91 -49.26 22.03
CA SER O 86 -10.15 -49.57 20.83
C SER O 86 -10.99 -49.17 19.62
N ALA O 87 -10.40 -48.31 18.77
CA ALA O 87 -11.03 -47.85 17.55
C ALA O 87 -10.05 -46.95 16.79
N VAL O 88 -10.53 -46.41 15.68
CA VAL O 88 -9.79 -45.37 14.99
C VAL O 88 -10.45 -44.04 15.36
N TYR O 89 -9.62 -43.07 15.74
CA TYR O 89 -10.11 -41.78 16.18
C TYR O 89 -9.74 -40.77 15.12
N LEU O 90 -10.74 -40.38 14.33
CA LEU O 90 -10.55 -39.39 13.28
C LEU O 90 -10.75 -38.00 13.87
N CYS O 91 -10.05 -37.03 13.28
CA CYS O 91 -10.20 -35.64 13.64
C CYS O 91 -10.46 -34.85 12.36
N ALA O 92 -11.31 -33.83 12.45
CA ALA O 92 -11.71 -33.14 11.24
C ALA O 92 -11.83 -31.65 11.48
N SER O 93 -11.75 -30.88 10.39
CA SER O 93 -11.83 -29.43 10.47
C SER O 93 -12.56 -28.89 9.24
N SER O 94 -13.23 -27.74 9.40
CA SER O 94 -13.91 -27.06 8.31
C SER O 94 -13.80 -25.56 8.48
N ARG O 95 -13.83 -24.86 7.34
CA ARG O 95 -13.70 -23.41 7.30
C ARG O 95 -15.06 -22.77 7.12
N GLN O 96 -15.00 -21.50 6.71
CA GLN O 96 -16.20 -20.72 6.38
C GLN O 96 -16.29 -20.59 4.85
N ASN O 99 -18.74 -25.49 3.53
CA ASN O 99 -19.47 -26.72 3.92
C ASN O 99 -18.47 -27.89 4.05
N THR O 100 -17.33 -27.81 3.36
CA THR O 100 -16.48 -28.98 3.23
C THR O 100 -15.82 -29.29 4.57
N LEU O 101 -15.86 -30.59 4.94
CA LEU O 101 -15.21 -31.08 6.14
C LEU O 101 -13.98 -31.89 5.74
N TYR O 102 -12.81 -31.56 6.30
CA TYR O 102 -11.59 -32.28 5.94
C TYR O 102 -11.24 -33.23 7.08
N PHE O 103 -10.89 -34.47 6.73
CA PHE O 103 -10.59 -35.47 7.74
C PHE O 103 -9.08 -35.72 7.84
N GLY O 104 -8.63 -36.03 9.05
CA GLY O 104 -7.32 -36.60 9.29
C GLY O 104 -7.32 -38.10 9.00
N ALA O 105 -6.16 -38.74 9.04
CA ALA O 105 -6.07 -40.17 8.79
C ALA O 105 -6.27 -40.95 10.08
N GLY O 106 -6.33 -40.23 11.20
CA GLY O 106 -6.72 -40.76 12.48
C GLY O 106 -5.60 -41.47 13.24
N THR O 107 -5.92 -41.82 14.50
CA THR O 107 -5.06 -42.63 15.36
C THR O 107 -5.77 -43.94 15.64
N ARG O 108 -5.12 -45.06 15.37
CA ARG O 108 -5.68 -46.37 15.69
C ARG O 108 -5.24 -46.71 17.10
N LEU O 109 -6.24 -46.85 17.99
CA LEU O 109 -5.94 -47.20 19.35
C LEU O 109 -6.32 -48.66 19.58
N SER O 110 -5.36 -49.45 20.08
CA SER O 110 -5.68 -50.80 20.51
C SER O 110 -5.34 -50.96 21.99
N VAL O 111 -6.38 -51.19 22.79
CA VAL O 111 -6.23 -51.42 24.21
C VAL O 111 -6.34 -52.92 24.44
N LEU O 112 -5.26 -53.51 24.94
CA LEU O 112 -5.17 -54.95 25.12
C LEU O 112 -5.38 -55.25 26.60
N GLU O 113 -5.88 -56.46 26.86
CA GLU O 113 -6.02 -56.91 28.24
C GLU O 113 -4.62 -56.99 28.85
N ASP O 114 -3.74 -57.70 28.17
CA ASP O 114 -2.44 -58.03 28.70
C ASP O 114 -1.38 -57.75 27.64
N LEU O 115 -0.34 -57.00 28.04
CA LEU O 115 0.78 -56.71 27.13
C LEU O 115 1.80 -57.86 27.16
N LYS O 116 1.42 -59.04 27.67
CA LYS O 116 2.33 -60.18 27.67
C LYS O 116 2.16 -60.96 26.37
N ASN O 117 1.16 -60.57 25.56
CA ASN O 117 0.84 -61.33 24.36
C ASN O 117 1.33 -60.59 23.11
N VAL O 118 1.96 -59.44 23.30
CA VAL O 118 2.38 -58.65 22.16
C VAL O 118 3.70 -59.21 21.63
N PHE O 119 3.74 -59.61 20.37
CA PHE O 119 4.94 -60.11 19.72
C PHE O 119 5.14 -59.41 18.37
N PRO O 120 6.39 -59.20 17.93
CA PRO O 120 6.66 -58.54 16.65
C PRO O 120 6.67 -59.60 15.56
N PRO O 121 6.54 -59.21 14.27
CA PRO O 121 6.46 -60.19 13.20
C PRO O 121 7.87 -60.73 12.88
N GLU O 122 7.90 -61.99 12.43
CA GLU O 122 9.06 -62.50 11.74
C GLU O 122 8.75 -62.37 10.24
N VAL O 123 9.72 -61.80 9.48
CA VAL O 123 9.47 -61.53 8.09
C VAL O 123 10.40 -62.39 7.25
N ALA O 124 9.87 -62.89 6.13
CA ALA O 124 10.67 -63.69 5.20
C ALA O 124 10.11 -63.49 3.82
N VAL O 125 11.01 -63.50 2.81
CA VAL O 125 10.62 -63.30 1.43
C VAL O 125 11.01 -64.55 0.65
N PHE O 126 10.15 -64.96 -0.30
CA PHE O 126 10.32 -66.21 -1.00
C PHE O 126 10.48 -65.92 -2.50
N GLU O 127 11.52 -66.53 -3.10
CA GLU O 127 11.93 -66.16 -4.44
C GLU O 127 11.02 -66.83 -5.46
N PRO O 128 10.75 -66.20 -6.63
CA PRO O 128 9.76 -66.72 -7.58
C PRO O 128 10.01 -68.17 -7.97
N SER O 129 8.94 -68.87 -8.41
CA SER O 129 9.02 -70.24 -8.86
C SER O 129 9.66 -70.34 -10.24
N GLU O 130 10.52 -71.35 -10.44
CA GLU O 130 11.12 -71.53 -11.76
C GLU O 130 10.04 -71.87 -12.77
N ALA O 131 9.06 -72.67 -12.32
CA ALA O 131 7.92 -73.04 -13.15
C ALA O 131 7.13 -71.81 -13.59
N GLU O 132 6.88 -70.89 -12.65
CA GLU O 132 6.05 -69.71 -12.90
C GLU O 132 6.67 -68.89 -14.02
N ILE O 133 8.01 -68.75 -13.95
CA ILE O 133 8.76 -67.91 -14.87
C ILE O 133 8.63 -68.51 -16.27
N SER O 134 8.83 -69.83 -16.31
CA SER O 134 8.78 -70.61 -17.55
C SER O 134 7.41 -70.50 -18.21
N HIS O 135 6.33 -70.56 -17.41
CA HIS O 135 4.97 -70.64 -17.91
C HIS O 135 4.44 -69.27 -18.31
N THR O 136 4.73 -68.23 -17.53
CA THR O 136 3.99 -66.97 -17.65
C THR O 136 4.92 -65.84 -18.05
N GLN O 137 6.25 -66.07 -17.95
CA GLN O 137 7.22 -65.01 -18.20
C GLN O 137 7.07 -63.89 -17.17
N LYS O 138 6.59 -64.28 -15.97
CA LYS O 138 6.44 -63.37 -14.86
C LYS O 138 7.00 -64.04 -13.60
N ALA O 139 7.47 -63.20 -12.65
CA ALA O 139 8.04 -63.68 -11.42
C ALA O 139 7.33 -63.02 -10.26
N THR O 140 6.79 -63.85 -9.35
CA THR O 140 6.07 -63.36 -8.18
C THR O 140 6.88 -63.66 -6.94
N LEU O 141 7.31 -62.59 -6.25
CA LEU O 141 7.88 -62.72 -4.94
C LEU O 141 6.75 -62.71 -3.91
N VAL O 142 6.95 -63.43 -2.81
CA VAL O 142 5.96 -63.47 -1.75
C VAL O 142 6.65 -63.16 -0.44
N CYS O 143 6.00 -62.31 0.36
CA CYS O 143 6.49 -61.94 1.68
C CYS O 143 5.52 -62.42 2.74
N LEU O 144 6.06 -62.92 3.87
CA LEU O 144 5.28 -63.46 4.97
C LEU O 144 5.69 -62.77 6.26
N ALA O 145 4.76 -62.02 6.86
CA ALA O 145 4.93 -61.55 8.23
C ALA O 145 4.12 -62.49 9.11
N THR O 146 4.80 -63.21 10.02
CA THR O 146 4.09 -64.19 10.83
C THR O 146 4.31 -63.94 12.33
N GLY O 147 3.26 -64.26 13.10
CA GLY O 147 3.39 -64.43 14.54
C GLY O 147 3.40 -63.11 15.28
N PHE O 148 2.57 -62.16 14.84
CA PHE O 148 2.61 -60.83 15.44
C PHE O 148 1.26 -60.52 16.10
N TYR O 149 1.33 -59.72 17.17
CA TYR O 149 0.16 -59.27 17.90
C TYR O 149 0.51 -57.96 18.59
N PRO O 150 -0.36 -56.91 18.55
CA PRO O 150 -1.63 -56.98 17.80
C PRO O 150 -1.43 -56.71 16.31
N ASP O 151 -2.51 -56.45 15.58
CA ASP O 151 -2.43 -56.38 14.12
C ASP O 151 -2.28 -54.93 13.62
N HIS O 152 -1.39 -54.18 14.28
CA HIS O 152 -0.91 -52.94 13.71
C HIS O 152 0.37 -53.23 12.91
N VAL O 153 0.25 -53.70 11.65
CA VAL O 153 1.44 -53.80 10.80
C VAL O 153 1.20 -53.08 9.48
N GLU O 154 2.27 -52.48 8.95
CA GLU O 154 2.26 -51.86 7.63
C GLU O 154 3.38 -52.48 6.79
N LEU O 155 2.98 -53.07 5.67
CA LEU O 155 3.88 -53.84 4.83
C LEU O 155 4.12 -53.05 3.53
N SER O 156 5.41 -52.91 3.17
CA SER O 156 5.83 -52.17 1.98
C SER O 156 6.86 -52.97 1.18
N TRP O 157 6.85 -52.79 -0.14
CA TRP O 157 7.86 -53.38 -1.00
C TRP O 157 8.85 -52.34 -1.51
N TRP O 158 10.14 -52.63 -1.34
CA TRP O 158 11.18 -51.72 -1.78
C TRP O 158 12.03 -52.40 -2.87
N VAL O 159 12.07 -51.78 -4.04
CA VAL O 159 12.89 -52.28 -5.13
C VAL O 159 13.99 -51.27 -5.46
N ASN O 160 15.23 -51.68 -5.20
CA ASN O 160 16.41 -50.83 -5.37
C ASN O 160 16.21 -49.52 -4.62
N GLY O 161 15.79 -49.62 -3.35
CA GLY O 161 15.87 -48.46 -2.47
C GLY O 161 14.66 -47.53 -2.61
N LYS O 162 13.84 -47.74 -3.65
CA LYS O 162 12.61 -46.97 -3.79
C LYS O 162 11.41 -47.88 -3.50
N GLU O 163 10.43 -47.36 -2.75
CA GLU O 163 9.22 -48.10 -2.45
C GLU O 163 8.42 -48.19 -3.73
N VAL O 164 7.73 -49.32 -3.95
CA VAL O 164 6.94 -49.51 -5.16
C VAL O 164 5.54 -49.94 -4.79
N HIS O 165 4.58 -49.73 -5.69
CA HIS O 165 3.20 -50.10 -5.49
C HIS O 165 2.66 -50.94 -6.64
N SER O 166 2.86 -50.49 -7.88
CA SER O 166 2.31 -51.17 -9.07
C SER O 166 2.86 -52.60 -9.13
N GLY O 167 1.95 -53.60 -9.15
CA GLY O 167 2.36 -55.00 -9.06
C GLY O 167 2.51 -55.53 -7.62
N VAL O 168 2.01 -54.79 -6.62
CA VAL O 168 1.90 -55.27 -5.25
C VAL O 168 0.46 -55.73 -5.00
N CYS O 169 0.30 -56.84 -4.26
CA CYS O 169 -0.97 -57.26 -3.72
C CYS O 169 -0.73 -57.69 -2.27
N THR O 170 -1.27 -56.93 -1.29
CA THR O 170 -1.22 -57.34 0.10
C THR O 170 -2.62 -57.76 0.58
N ASP O 171 -2.66 -58.85 1.33
CA ASP O 171 -3.87 -59.32 1.97
C ASP O 171 -4.56 -58.15 2.68
N PRO O 172 -5.87 -57.92 2.44
CA PRO O 172 -6.59 -56.82 3.10
C PRO O 172 -6.78 -57.04 4.58
N GLN O 173 -6.75 -58.31 5.02
CA GLN O 173 -6.93 -58.65 6.44
C GLN O 173 -5.95 -59.77 6.77
N PRO O 174 -5.39 -59.81 8.00
CA PRO O 174 -4.42 -60.84 8.36
C PRO O 174 -5.17 -62.11 8.74
N LEU O 175 -4.48 -63.26 8.78
CA LEU O 175 -5.10 -64.48 9.30
C LEU O 175 -4.58 -64.81 10.68
N LYS O 176 -5.49 -65.33 11.53
CA LYS O 176 -5.20 -65.83 12.86
C LYS O 176 -4.45 -67.15 12.71
N GLU O 177 -3.29 -67.25 13.37
CA GLU O 177 -2.48 -68.44 13.25
C GLU O 177 -3.14 -69.59 13.99
N GLN O 178 -3.81 -69.26 15.11
CA GLN O 178 -4.60 -70.21 15.86
C GLN O 178 -6.02 -69.65 15.96
N PRO O 179 -6.91 -69.88 14.94
CA PRO O 179 -8.20 -69.19 14.86
C PRO O 179 -9.27 -69.60 15.84
N ALA O 180 -8.98 -70.67 16.57
CA ALA O 180 -9.82 -71.16 17.66
C ALA O 180 -9.76 -70.18 18.82
N LEU O 181 -8.55 -69.69 19.13
CA LEU O 181 -8.32 -68.81 20.27
C LEU O 181 -8.72 -67.37 19.90
N ASN O 182 -9.18 -66.57 20.87
CA ASN O 182 -9.65 -65.23 20.56
C ASN O 182 -8.44 -64.30 20.48
N ASP O 183 -7.52 -64.50 21.43
CA ASP O 183 -6.26 -63.79 21.52
C ASP O 183 -5.22 -64.67 20.83
N SER O 184 -5.06 -64.45 19.53
CA SER O 184 -4.24 -65.25 18.64
C SER O 184 -3.32 -64.31 17.87
N ARG O 185 -2.12 -64.80 17.56
CA ARG O 185 -1.14 -64.10 16.74
C ARG O 185 -1.63 -64.13 15.29
N TYR O 186 -1.07 -63.22 14.49
CA TYR O 186 -1.52 -63.03 13.12
C TYR O 186 -0.38 -63.32 12.13
N ALA O 187 -0.78 -63.62 10.88
CA ALA O 187 0.13 -63.61 9.76
C ALA O 187 -0.46 -62.71 8.67
N LEU O 188 0.44 -62.09 7.90
CA LEU O 188 0.02 -61.35 6.73
C LEU O 188 0.93 -61.76 5.58
N SER O 189 0.35 -61.86 4.38
CA SER O 189 1.16 -62.15 3.20
C SER O 189 0.96 -61.03 2.19
N SER O 190 1.98 -60.85 1.34
CA SER O 190 1.96 -59.89 0.25
C SER O 190 2.68 -60.47 -0.96
N ARG O 191 2.32 -59.99 -2.16
CA ARG O 191 2.97 -60.48 -3.36
C ARG O 191 3.47 -59.29 -4.19
N LEU O 192 4.67 -59.44 -4.76
CA LEU O 192 5.22 -58.51 -5.71
C LEU O 192 5.48 -59.26 -7.01
N ARG O 193 4.82 -58.83 -8.09
CA ARG O 193 4.96 -59.45 -9.38
C ARG O 193 5.72 -58.53 -10.33
N VAL O 194 6.86 -59.03 -10.82
CA VAL O 194 7.69 -58.34 -11.80
C VAL O 194 7.89 -59.24 -13.03
N SER O 195 8.38 -58.62 -14.13
CA SER O 195 8.69 -59.37 -15.34
C SER O 195 9.80 -60.37 -15.05
N ALA O 196 9.83 -61.48 -15.81
CA ALA O 196 10.86 -62.48 -15.57
C ALA O 196 12.24 -61.88 -15.84
N THR O 197 12.29 -61.00 -16.84
CA THR O 197 13.51 -60.29 -17.19
C THR O 197 14.00 -59.49 -15.98
N PHE O 198 13.08 -58.79 -15.30
CA PHE O 198 13.47 -57.92 -14.22
C PHE O 198 14.04 -58.74 -13.06
N TRP O 199 13.42 -59.90 -12.80
CA TRP O 199 13.88 -60.74 -11.70
C TRP O 199 15.23 -61.36 -12.04
N GLN O 200 15.48 -61.58 -13.33
CA GLN O 200 16.68 -62.29 -13.77
C GLN O 200 17.92 -61.42 -13.70
N ASN O 201 17.73 -60.12 -13.40
CA ASN O 201 18.82 -59.17 -13.35
C ASN O 201 19.39 -59.15 -11.93
N PRO O 202 20.63 -59.64 -11.71
CA PRO O 202 21.16 -59.81 -10.35
C PRO O 202 21.63 -58.55 -9.65
N ARG O 203 21.35 -57.41 -10.29
CA ARG O 203 21.68 -56.12 -9.72
C ARG O 203 20.45 -55.50 -9.07
N ASN O 204 19.29 -56.13 -9.29
CA ASN O 204 18.02 -55.69 -8.73
C ASN O 204 17.87 -56.23 -7.31
N HIS O 205 17.57 -55.31 -6.38
CA HIS O 205 17.44 -55.59 -4.97
C HIS O 205 16.00 -55.44 -4.53
N PHE O 206 15.44 -56.52 -3.95
CA PHE O 206 14.07 -56.54 -3.48
C PHE O 206 14.07 -56.63 -1.97
N ARG O 207 13.24 -55.81 -1.33
CA ARG O 207 13.13 -55.82 0.11
C ARG O 207 11.67 -55.65 0.52
N CYS O 208 11.23 -56.58 1.36
CA CYS O 208 9.93 -56.57 1.98
C CYS O 208 10.09 -56.00 3.38
N GLN O 209 9.30 -54.96 3.70
CA GLN O 209 9.49 -54.29 4.97
C GLN O 209 8.18 -54.19 5.72
N VAL O 210 8.19 -54.57 7.01
CA VAL O 210 6.99 -54.56 7.84
C VAL O 210 7.17 -53.66 9.06
N GLN O 211 6.43 -52.55 9.14
CA GLN O 211 6.45 -51.69 10.31
C GLN O 211 5.50 -52.25 11.33
N PHE O 212 6.03 -52.64 12.49
CA PHE O 212 5.20 -53.19 13.57
C PHE O 212 5.07 -52.16 14.68
N TYR O 213 3.88 -52.07 15.28
CA TYR O 213 3.63 -51.17 16.39
C TYR O 213 3.32 -51.99 17.63
N GLY O 214 4.11 -51.75 18.69
CA GLY O 214 3.99 -52.44 19.96
C GLY O 214 4.28 -51.50 21.13
N LEU O 215 5.12 -51.97 22.05
CA LEU O 215 5.47 -51.27 23.27
C LEU O 215 6.34 -50.06 22.91
N SER O 216 6.19 -48.98 23.71
CA SER O 216 7.13 -47.87 23.70
C SER O 216 8.21 -48.18 24.74
N GLU O 217 9.30 -47.39 24.75
CA GLU O 217 10.41 -47.67 25.64
C GLU O 217 10.00 -47.33 27.09
N ASN O 218 8.87 -46.60 27.23
CA ASN O 218 8.34 -46.22 28.54
C ASN O 218 7.81 -47.45 29.28
N ASP O 219 7.29 -48.44 28.52
CA ASP O 219 6.60 -49.60 29.08
C ASP O 219 7.58 -50.55 29.75
N GLU O 220 7.07 -51.32 30.73
CA GLU O 220 7.87 -52.20 31.56
C GLU O 220 7.90 -53.56 30.89
N TRP O 221 8.98 -54.33 31.08
CA TRP O 221 9.02 -55.68 30.54
C TRP O 221 9.67 -56.67 31.52
N THR O 222 8.83 -57.55 32.09
CA THR O 222 9.29 -58.57 33.03
C THR O 222 9.87 -59.77 32.27
N GLN O 223 9.13 -60.24 31.25
CA GLN O 223 9.30 -61.54 30.61
C GLN O 223 10.70 -61.70 29.99
N ASP O 224 11.10 -62.95 29.75
CA ASP O 224 12.46 -63.39 29.54
C ASP O 224 12.91 -63.30 28.08
N ARG O 225 11.96 -62.90 27.21
CA ARG O 225 12.26 -62.71 25.79
C ARG O 225 12.54 -61.22 25.57
N ALA O 226 12.81 -60.83 24.31
CA ALA O 226 13.11 -59.44 24.02
C ALA O 226 11.82 -58.63 23.99
N LYS O 227 11.89 -57.39 24.52
CA LYS O 227 10.66 -56.63 24.66
C LYS O 227 10.19 -56.18 23.28
N PRO O 228 8.90 -56.43 22.93
CA PRO O 228 8.42 -56.20 21.57
C PRO O 228 8.07 -54.75 21.29
N VAL O 229 9.12 -53.91 21.17
CA VAL O 229 8.92 -52.50 20.88
C VAL O 229 8.42 -52.34 19.45
N THR O 230 7.81 -51.18 19.18
CA THR O 230 7.61 -50.72 17.81
C THR O 230 8.95 -50.78 17.06
N GLN O 231 8.95 -51.46 15.91
CA GLN O 231 10.17 -51.62 15.13
C GLN O 231 9.82 -51.98 13.68
N ILE O 232 10.81 -51.89 12.78
CA ILE O 232 10.67 -52.33 11.39
C ILE O 232 11.34 -53.70 11.28
N VAL O 233 10.71 -54.64 10.57
CA VAL O 233 11.28 -55.97 10.34
C VAL O 233 11.25 -56.22 8.83
N SER O 234 12.43 -56.55 8.26
CA SER O 234 12.63 -56.58 6.81
C SER O 234 13.22 -57.92 6.38
N ALA O 235 13.05 -58.22 5.09
CA ALA O 235 13.68 -59.38 4.47
C ALA O 235 13.94 -59.05 2.99
N GLU O 236 15.07 -59.53 2.46
CA GLU O 236 15.52 -59.07 1.15
C GLU O 236 15.71 -60.27 0.22
N ALA O 237 15.69 -59.99 -1.09
CA ALA O 237 16.15 -60.93 -2.08
C ALA O 237 16.82 -60.18 -3.22
N TRP O 238 17.81 -60.82 -3.86
CA TRP O 238 18.44 -60.27 -5.04
C TRP O 238 18.00 -61.04 -6.28
N GLY O 239 17.88 -60.33 -7.39
CA GLY O 239 17.63 -60.95 -8.68
C GLY O 239 18.64 -62.06 -8.99
N ARG O 240 18.22 -62.99 -9.83
CA ARG O 240 18.97 -64.23 -10.02
C ARG O 240 18.86 -64.61 -11.49
N ALA O 241 20.03 -64.82 -12.09
CA ALA O 241 20.14 -65.13 -13.51
C ALA O 241 19.76 -66.58 -13.76
N ASP O 242 20.14 -67.47 -12.83
CA ASP O 242 19.63 -68.83 -12.70
C ASP O 242 19.68 -69.55 -14.05
N GLN P 4 -30.74 -38.94 12.73
CA GLN P 4 -29.70 -39.89 12.28
C GLN P 4 -29.84 -40.10 10.77
N VAL P 5 -28.84 -40.79 10.21
CA VAL P 5 -28.78 -41.06 8.79
C VAL P 5 -28.66 -42.57 8.58
N GLU P 6 -29.50 -43.12 7.69
CA GLU P 6 -29.48 -44.53 7.40
C GLU P 6 -28.86 -44.75 6.03
N GLN P 7 -27.83 -45.60 5.99
CA GLN P 7 -27.12 -45.90 4.75
C GLN P 7 -27.21 -47.39 4.44
N LEU P 8 -27.65 -47.72 3.23
CA LEU P 8 -27.87 -49.10 2.82
C LEU P 8 -27.34 -49.31 1.40
N PRO P 9 -26.66 -50.45 1.14
CA PRO P 9 -26.34 -51.45 2.16
C PRO P 9 -25.01 -51.24 2.88
N SER P 10 -24.78 -52.07 3.91
CA SER P 10 -23.53 -52.03 4.66
C SER P 10 -22.37 -52.63 3.87
N ILE P 11 -22.66 -53.70 3.09
CA ILE P 11 -21.70 -54.38 2.25
C ILE P 11 -22.35 -54.56 0.89
N LEU P 12 -21.61 -54.23 -0.19
CA LEU P 12 -22.11 -54.22 -1.55
C LEU P 12 -21.10 -54.94 -2.44
N ARG P 13 -21.43 -56.18 -2.80
CA ARG P 13 -20.66 -56.96 -3.75
C ARG P 13 -21.24 -56.71 -5.14
N VAL P 14 -20.45 -56.08 -6.02
CA VAL P 14 -20.85 -55.81 -7.39
C VAL P 14 -19.83 -56.45 -8.32
N GLN P 15 -20.27 -56.89 -9.49
CA GLN P 15 -19.39 -57.46 -10.49
C GLN P 15 -18.81 -56.32 -11.32
N GLU P 16 -17.53 -56.46 -11.70
CA GLU P 16 -16.85 -55.47 -12.51
C GLU P 16 -17.76 -55.14 -13.69
N GLY P 17 -17.84 -53.84 -14.01
CA GLY P 17 -18.55 -53.43 -15.20
C GLY P 17 -20.00 -53.06 -14.91
N SER P 18 -20.57 -53.68 -13.85
CA SER P 18 -21.92 -53.36 -13.41
C SER P 18 -21.92 -52.08 -12.59
N SER P 19 -23.10 -51.45 -12.47
CA SER P 19 -23.21 -50.27 -11.63
C SER P 19 -23.53 -50.62 -10.17
N ALA P 20 -23.19 -49.71 -9.25
CA ALA P 20 -23.41 -49.90 -7.82
C ALA P 20 -24.02 -48.63 -7.25
N SER P 21 -25.01 -48.79 -6.37
CA SER P 21 -25.77 -47.69 -5.82
C SER P 21 -25.80 -47.81 -4.31
N ILE P 22 -25.61 -46.69 -3.64
CA ILE P 22 -25.75 -46.62 -2.20
C ILE P 22 -26.88 -45.64 -1.91
N ASN P 23 -27.81 -46.04 -1.02
CA ASN P 23 -28.93 -45.20 -0.68
C ASN P 23 -28.84 -44.80 0.79
N CYS P 24 -29.17 -43.52 1.02
CA CYS P 24 -29.20 -42.93 2.33
C CYS P 24 -30.50 -42.16 2.53
N SER P 25 -30.90 -42.03 3.80
CA SER P 25 -32.03 -41.21 4.18
C SER P 25 -31.71 -40.50 5.48
N TYR P 26 -32.27 -39.28 5.63
CA TYR P 26 -31.97 -38.44 6.77
C TYR P 26 -33.28 -37.98 7.42
N GLU P 27 -33.18 -37.67 8.72
CA GLU P 27 -34.32 -37.37 9.57
C GLU P 27 -34.12 -35.89 9.93
N ASP P 28 -33.06 -35.30 9.37
CA ASP P 28 -32.74 -33.88 9.48
C ASP P 28 -33.79 -33.07 8.72
N SER P 29 -34.10 -31.86 9.22
CA SER P 29 -35.08 -30.97 8.60
C SER P 29 -34.39 -29.91 7.76
N ALA P 30 -34.87 -29.70 6.53
CA ALA P 30 -34.29 -28.70 5.63
C ALA P 30 -32.74 -28.70 5.68
N SER P 31 -32.21 -29.93 5.59
CA SER P 31 -30.77 -30.08 5.42
C SER P 31 -30.31 -29.51 4.08
N ASN P 32 -29.13 -28.89 4.09
CA ASN P 32 -28.65 -28.13 2.95
C ASN P 32 -27.60 -28.88 2.13
N TYR P 33 -26.82 -29.75 2.77
CA TYR P 33 -25.60 -30.23 2.13
C TYR P 33 -25.45 -31.72 2.39
N PHE P 34 -25.10 -32.46 1.33
CA PHE P 34 -24.99 -33.90 1.38
C PHE P 34 -23.71 -34.30 0.70
N PRO P 35 -22.62 -34.49 1.48
CA PRO P 35 -21.34 -34.92 0.90
C PRO P 35 -21.18 -36.45 0.94
N TRP P 36 -20.32 -36.96 0.08
CA TRP P 36 -20.00 -38.36 0.02
C TRP P 36 -18.50 -38.56 0.14
N TYR P 37 -18.08 -39.52 0.98
CA TYR P 37 -16.68 -39.71 1.27
C TYR P 37 -16.26 -41.12 0.87
N LYS P 38 -15.08 -41.23 0.26
CA LYS P 38 -14.48 -42.51 -0.05
C LYS P 38 -13.30 -42.71 0.90
N GLN P 39 -13.12 -43.94 1.38
CA GLN P 39 -12.06 -44.17 2.36
C GLN P 39 -11.32 -45.46 2.03
N GLU P 40 -10.05 -45.30 1.64
CA GLU P 40 -9.21 -46.44 1.34
C GLU P 40 -8.57 -46.90 2.64
N PRO P 41 -8.36 -48.24 2.80
CA PRO P 41 -7.85 -48.81 4.05
C PRO P 41 -6.56 -48.11 4.46
N GLY P 42 -6.52 -47.66 5.72
CA GLY P 42 -5.33 -47.02 6.27
C GLY P 42 -5.39 -45.50 6.11
N GLU P 43 -6.15 -45.04 5.11
CA GLU P 43 -6.12 -43.62 4.80
C GLU P 43 -7.26 -42.89 5.51
N ASN P 44 -7.41 -41.61 5.18
CA ASN P 44 -8.45 -40.73 5.70
C ASN P 44 -9.61 -40.73 4.70
N PRO P 45 -10.88 -40.57 5.15
CA PRO P 45 -11.98 -40.35 4.23
C PRO P 45 -11.69 -39.13 3.39
N LYS P 46 -12.06 -39.18 2.11
CA LYS P 46 -11.79 -38.08 1.19
C LYS P 46 -13.09 -37.77 0.47
N LEU P 47 -13.46 -36.47 0.42
CA LEU P 47 -14.67 -36.03 -0.25
C LEU P 47 -14.57 -36.42 -1.71
N ILE P 48 -15.62 -37.00 -2.30
CA ILE P 48 -15.59 -37.46 -3.69
C ILE P 48 -16.62 -36.68 -4.52
N ILE P 49 -17.76 -36.30 -3.92
CA ILE P 49 -18.83 -35.57 -4.59
C ILE P 49 -19.80 -35.12 -3.52
N ASP P 50 -20.54 -34.04 -3.82
CA ASP P 50 -21.50 -33.50 -2.88
C ASP P 50 -22.65 -32.88 -3.65
N ILE P 51 -23.78 -32.68 -2.97
CA ILE P 51 -24.96 -32.10 -3.61
C ILE P 51 -25.70 -31.24 -2.58
N ARG P 52 -26.25 -30.11 -3.08
CA ARG P 52 -26.87 -29.12 -2.24
C ARG P 52 -28.39 -29.14 -2.48
N SER P 53 -29.15 -28.50 -1.57
CA SER P 53 -30.60 -28.53 -1.57
C SER P 53 -31.12 -27.85 -2.84
N ASN P 54 -30.21 -27.28 -3.61
CA ASN P 54 -30.47 -26.46 -4.79
C ASN P 54 -30.81 -27.34 -5.99
N MET P 55 -30.44 -28.64 -5.93
CA MET P 55 -30.48 -29.52 -7.09
C MET P 55 -30.91 -30.92 -6.70
N GLU P 56 -31.32 -31.69 -7.72
CA GLU P 56 -31.88 -33.01 -7.49
C GLU P 56 -30.96 -34.10 -8.06
N ARG P 57 -30.05 -33.73 -8.97
CA ARG P 57 -29.07 -34.67 -9.49
C ARG P 57 -27.80 -33.93 -9.93
N LYS P 58 -26.67 -34.64 -9.94
CA LYS P 58 -25.39 -34.04 -10.30
C LYS P 58 -24.41 -35.12 -10.74
N GLN P 59 -23.71 -34.89 -11.85
CA GLN P 59 -22.78 -35.87 -12.38
C GLN P 59 -21.44 -35.20 -12.63
N THR P 60 -20.42 -35.58 -11.83
CA THR P 60 -19.02 -35.25 -12.15
C THR P 60 -18.10 -36.34 -11.66
N GLN P 61 -16.95 -36.46 -12.32
CA GLN P 61 -15.85 -37.23 -11.77
C GLN P 61 -16.27 -38.69 -11.62
N GLY P 62 -16.96 -39.21 -12.63
CA GLY P 62 -17.32 -40.61 -12.68
C GLY P 62 -18.41 -40.96 -11.67
N LEU P 63 -19.09 -39.95 -11.12
CA LEU P 63 -20.04 -40.12 -10.03
C LEU P 63 -21.38 -39.44 -10.32
N ILE P 64 -22.47 -40.09 -9.90
CA ILE P 64 -23.80 -39.47 -9.92
C ILE P 64 -24.38 -39.46 -8.51
N VAL P 65 -25.02 -38.35 -8.14
CA VAL P 65 -25.79 -38.27 -6.89
C VAL P 65 -27.19 -37.78 -7.18
N LEU P 66 -28.17 -38.36 -6.48
CA LEU P 66 -29.53 -37.90 -6.51
C LEU P 66 -29.90 -37.35 -5.13
N LEU P 67 -30.86 -36.42 -5.11
CA LEU P 67 -31.42 -35.91 -3.86
C LEU P 67 -32.93 -35.72 -4.05
N ASP P 68 -33.71 -36.34 -3.15
CA ASP P 68 -35.16 -36.12 -3.09
C ASP P 68 -35.50 -35.50 -1.73
N LYS P 69 -35.64 -34.16 -1.73
CA LYS P 69 -35.83 -33.40 -0.51
C LYS P 69 -37.14 -33.85 0.12
N LYS P 70 -38.19 -34.07 -0.71
CA LYS P 70 -39.51 -34.43 -0.21
C LYS P 70 -39.43 -35.76 0.52
N ALA P 71 -38.76 -36.75 -0.09
CA ALA P 71 -38.63 -38.09 0.48
C ALA P 71 -37.58 -38.14 1.59
N LYS P 72 -36.75 -37.09 1.69
CA LYS P 72 -35.61 -37.05 2.61
C LYS P 72 -34.70 -38.25 2.34
N ARG P 73 -34.49 -38.57 1.04
CA ARG P 73 -33.58 -39.63 0.63
C ARG P 73 -32.60 -39.09 -0.41
N PHE P 74 -31.35 -39.54 -0.35
CA PHE P 74 -30.36 -39.23 -1.37
C PHE P 74 -29.46 -40.45 -1.60
N SER P 75 -28.84 -40.51 -2.79
CA SER P 75 -28.13 -41.70 -3.20
C SER P 75 -26.90 -41.35 -4.03
N LEU P 76 -25.95 -42.30 -4.07
CA LEU P 76 -24.77 -42.23 -4.92
C LEU P 76 -24.80 -43.41 -5.89
N HIS P 77 -24.35 -43.17 -7.13
CA HIS P 77 -24.39 -44.18 -8.18
C HIS P 77 -23.06 -44.16 -8.94
N ILE P 78 -22.39 -45.31 -8.98
CA ILE P 78 -21.14 -45.49 -9.68
C ILE P 78 -21.41 -46.45 -10.83
N THR P 79 -21.41 -45.96 -12.09
CA THR P 79 -21.54 -46.85 -13.23
C THR P 79 -20.19 -47.43 -13.66
N ASP P 80 -20.21 -48.61 -14.27
CA ASP P 80 -19.04 -49.30 -14.80
C ASP P 80 -17.96 -49.46 -13.73
N THR P 81 -18.32 -50.13 -12.62
CA THR P 81 -17.39 -50.27 -11.50
C THR P 81 -16.13 -50.97 -11.99
N GLN P 82 -14.98 -50.59 -11.41
CA GLN P 82 -13.74 -51.30 -11.61
C GLN P 82 -13.09 -51.54 -10.25
N PRO P 83 -12.23 -52.59 -10.11
CA PRO P 83 -11.70 -52.96 -8.80
C PRO P 83 -11.01 -51.62 -8.48
N GLY P 84 -10.85 -51.30 -7.21
CA GLY P 84 -10.16 -50.03 -7.06
C GLY P 84 -11.20 -48.93 -6.95
N ASP P 85 -12.46 -49.11 -7.44
CA ASP P 85 -13.57 -48.43 -6.74
C ASP P 85 -13.81 -49.14 -5.39
N SER P 86 -13.27 -50.35 -5.27
CA SER P 86 -13.34 -51.08 -4.02
C SER P 86 -12.80 -50.23 -2.90
N ALA P 87 -13.71 -49.75 -2.05
CA ALA P 87 -13.37 -48.99 -0.85
C ALA P 87 -14.59 -48.86 0.05
N MET P 88 -14.43 -48.11 1.14
CA MET P 88 -15.50 -47.80 2.07
C MET P 88 -16.06 -46.44 1.70
N TYR P 89 -17.37 -46.37 1.46
CA TYR P 89 -18.03 -45.09 1.17
C TYR P 89 -18.96 -44.67 2.32
N PHE P 90 -19.13 -43.35 2.49
CA PHE P 90 -19.90 -42.77 3.58
C PHE P 90 -20.69 -41.59 3.05
N CYS P 91 -21.97 -41.51 3.47
CA CYS P 91 -22.78 -40.35 3.12
C CYS P 91 -23.02 -39.54 4.38
N ALA P 92 -23.40 -38.28 4.23
CA ALA P 92 -23.66 -37.43 5.38
C ALA P 92 -24.73 -36.40 5.04
N ALA P 93 -25.31 -35.81 6.08
CA ALA P 93 -26.28 -34.74 5.95
C ALA P 93 -25.94 -33.63 6.94
N SER P 94 -26.00 -32.38 6.46
CA SER P 94 -25.62 -31.20 7.23
C SER P 94 -26.64 -30.11 7.01
N VAL P 95 -26.87 -29.30 8.06
CA VAL P 95 -27.69 -28.10 7.99
C VAL P 95 -26.94 -26.94 8.64
N ARG P 96 -26.90 -25.81 7.93
CA ARG P 96 -26.51 -24.51 8.52
C ARG P 96 -25.08 -24.59 9.06
N ASN P 97 -24.18 -25.13 8.24
CA ASN P 97 -22.85 -25.56 8.67
C ASN P 97 -22.99 -26.62 9.76
N TYR P 98 -22.91 -26.15 11.02
CA TYR P 98 -23.31 -26.90 12.21
C TYR P 98 -22.62 -28.28 12.22
N LYS P 99 -23.33 -29.34 12.63
CA LYS P 99 -22.76 -30.67 12.64
C LYS P 99 -23.00 -31.40 11.30
N TYR P 100 -22.19 -32.42 11.12
CA TYR P 100 -22.25 -33.35 9.99
C TYR P 100 -22.65 -34.70 10.57
N VAL P 101 -23.80 -35.24 10.13
CA VAL P 101 -24.28 -36.54 10.54
C VAL P 101 -24.00 -37.55 9.42
N PHE P 102 -23.28 -38.62 9.75
CA PHE P 102 -22.81 -39.57 8.75
C PHE P 102 -23.60 -40.89 8.79
N GLY P 103 -23.73 -41.56 7.64
CA GLY P 103 -24.12 -42.96 7.58
C GLY P 103 -23.07 -43.86 8.22
N ALA P 104 -23.39 -45.14 8.44
CA ALA P 104 -22.37 -46.00 9.02
C ALA P 104 -21.43 -46.51 7.92
N GLY P 105 -21.68 -46.17 6.67
CA GLY P 105 -20.76 -46.54 5.61
C GLY P 105 -21.13 -47.83 4.86
N THR P 106 -20.63 -47.93 3.64
CA THR P 106 -20.82 -49.09 2.77
C THR P 106 -19.44 -49.56 2.33
N ARG P 107 -19.11 -50.82 2.63
CA ARG P 107 -17.90 -51.42 2.10
C ARG P 107 -18.23 -52.01 0.73
N LEU P 108 -17.68 -51.39 -0.32
CA LEU P 108 -17.96 -51.76 -1.71
C LEU P 108 -16.86 -52.72 -2.17
N LYS P 109 -17.23 -53.95 -2.55
CA LYS P 109 -16.26 -54.88 -3.12
C LYS P 109 -16.59 -55.11 -4.60
N VAL P 110 -15.65 -54.77 -5.50
CA VAL P 110 -15.87 -54.97 -6.93
C VAL P 110 -15.15 -56.24 -7.35
N ILE P 111 -15.91 -57.26 -7.80
CA ILE P 111 -15.35 -58.54 -8.23
C ILE P 111 -14.89 -58.39 -9.66
N ALA P 112 -13.69 -58.90 -9.99
CA ALA P 112 -13.04 -58.61 -11.25
C ALA P 112 -13.26 -59.76 -12.24
N ASP P 113 -13.38 -59.42 -13.53
CA ASP P 113 -13.50 -60.40 -14.60
C ASP P 113 -12.09 -60.73 -15.09
N ILE P 114 -11.53 -61.82 -14.56
CA ILE P 114 -10.33 -62.42 -15.14
C ILE P 114 -10.63 -62.82 -16.58
N GLN P 115 -9.91 -62.23 -17.55
CA GLN P 115 -10.20 -62.35 -18.97
C GLN P 115 -9.69 -63.68 -19.51
N ASN P 116 -8.38 -63.94 -19.32
CA ASN P 116 -7.76 -65.18 -19.72
C ASN P 116 -7.15 -65.81 -18.48
N PRO P 117 -7.93 -66.59 -17.72
CA PRO P 117 -7.44 -67.28 -16.53
C PRO P 117 -6.32 -68.23 -16.94
N ASP P 118 -5.39 -68.47 -16.00
CA ASP P 118 -4.31 -69.41 -16.21
C ASP P 118 -4.00 -70.13 -14.89
N PRO P 119 -4.96 -70.90 -14.34
CA PRO P 119 -4.82 -71.45 -12.99
C PRO P 119 -3.54 -72.27 -12.90
N ALA P 120 -2.72 -71.97 -11.88
CA ALA P 120 -1.51 -72.72 -11.63
C ALA P 120 -1.16 -72.64 -10.15
N VAL P 121 -0.45 -73.68 -9.66
CA VAL P 121 0.03 -73.65 -8.29
C VAL P 121 1.53 -73.90 -8.32
N TYR P 122 2.30 -72.89 -7.86
CA TYR P 122 3.75 -72.91 -7.96
C TYR P 122 4.35 -72.98 -6.57
N GLN P 123 5.61 -73.44 -6.53
CA GLN P 123 6.33 -73.57 -5.27
C GLN P 123 7.46 -72.54 -5.22
N LEU P 124 7.43 -71.69 -4.19
CA LEU P 124 8.41 -70.65 -4.02
C LEU P 124 9.60 -71.13 -3.20
N ARG P 125 10.78 -70.69 -3.63
CA ARG P 125 12.04 -71.13 -3.10
C ARG P 125 12.07 -70.82 -1.60
N ASP P 126 12.90 -71.58 -0.90
CA ASP P 126 13.19 -71.38 0.51
C ASP P 126 13.64 -69.94 0.79
N SER P 127 13.45 -69.50 2.04
CA SER P 127 14.00 -68.22 2.47
C SER P 127 15.36 -68.47 3.13
N LYS P 128 16.00 -69.60 2.81
CA LYS P 128 17.41 -69.81 3.07
C LYS P 128 17.53 -70.31 4.50
N SER P 129 16.81 -69.68 5.40
CA SER P 129 16.89 -69.91 6.84
C SER P 129 15.50 -70.03 7.48
N SER P 130 14.41 -69.71 6.77
CA SER P 130 13.04 -70.01 7.21
C SER P 130 12.74 -71.51 7.06
N ASP P 131 11.94 -72.03 8.01
CA ASP P 131 11.59 -73.43 8.16
C ASP P 131 10.36 -73.79 7.31
N LYS P 132 10.05 -73.02 6.25
CA LYS P 132 8.79 -73.13 5.55
C LYS P 132 9.00 -73.35 4.04
N SER P 133 8.02 -74.04 3.45
CA SER P 133 7.83 -74.03 2.01
C SER P 133 6.56 -73.26 1.69
N VAL P 134 6.58 -72.45 0.63
CA VAL P 134 5.43 -71.61 0.33
C VAL P 134 4.83 -71.97 -1.02
N CYS P 135 3.49 -72.08 -1.08
CA CYS P 135 2.83 -72.41 -2.34
C CYS P 135 1.99 -71.24 -2.78
N LEU P 136 1.98 -71.02 -4.10
CA LEU P 136 1.25 -69.89 -4.64
C LEU P 136 0.21 -70.38 -5.63
N PHE P 137 -1.05 -70.09 -5.33
CA PHE P 137 -2.13 -70.41 -6.26
C PHE P 137 -2.50 -69.10 -6.93
N THR P 138 -2.38 -69.05 -8.26
CA THR P 138 -2.44 -67.78 -8.95
C THR P 138 -3.12 -67.92 -10.31
N ASP P 139 -3.55 -66.77 -10.84
CA ASP P 139 -4.12 -66.60 -12.16
C ASP P 139 -5.41 -67.41 -12.31
N PHE P 140 -6.10 -67.69 -11.19
CA PHE P 140 -7.37 -68.40 -11.25
C PHE P 140 -8.51 -67.41 -11.44
N ASP P 141 -9.70 -67.92 -11.82
CA ASP P 141 -10.88 -67.13 -12.11
C ASP P 141 -11.53 -66.65 -10.81
N SER P 142 -12.45 -65.67 -10.94
CA SER P 142 -13.04 -65.02 -9.77
C SER P 142 -13.86 -66.01 -8.95
N GLN P 143 -14.65 -66.83 -9.67
CA GLN P 143 -15.58 -67.78 -9.08
C GLN P 143 -14.91 -68.79 -8.16
N THR P 144 -13.72 -69.27 -8.52
CA THR P 144 -12.94 -70.11 -7.63
C THR P 144 -12.80 -69.39 -6.29
N ASN P 145 -13.06 -70.13 -5.21
CA ASN P 145 -12.92 -69.60 -3.87
C ASN P 145 -11.92 -70.50 -3.15
N VAL P 146 -11.23 -69.92 -2.16
CA VAL P 146 -10.20 -70.61 -1.41
C VAL P 146 -10.75 -70.85 0.00
N SER P 147 -10.73 -72.14 0.40
CA SER P 147 -11.12 -72.48 1.75
C SER P 147 -9.89 -72.44 2.66
N GLN P 148 -10.13 -72.30 3.98
CA GLN P 148 -9.05 -72.28 4.96
C GLN P 148 -8.51 -73.70 5.15
N SER P 149 -7.25 -73.80 5.56
CA SER P 149 -6.62 -75.05 5.90
C SER P 149 -7.56 -75.80 6.85
N LYS P 150 -7.83 -77.08 6.54
CA LYS P 150 -8.55 -77.92 7.50
C LYS P 150 -7.53 -78.47 8.52
N ASP P 151 -6.24 -78.30 8.23
CA ASP P 151 -5.18 -78.84 9.06
C ASP P 151 -4.51 -77.69 9.77
N SER P 152 -4.43 -77.81 11.10
CA SER P 152 -3.65 -76.86 11.86
C SER P 152 -2.20 -77.09 11.47
N ASP P 153 -1.40 -76.02 11.48
CA ASP P 153 -0.02 -76.12 11.03
C ASP P 153 0.05 -75.97 9.50
N VAL P 154 -1.09 -75.91 8.79
CA VAL P 154 -1.15 -75.41 7.43
C VAL P 154 -2.00 -74.13 7.38
N TYR P 155 -1.44 -73.06 6.80
CA TYR P 155 -2.08 -71.75 6.74
C TYR P 155 -2.33 -71.41 5.28
N ILE P 156 -3.51 -70.85 5.01
CA ILE P 156 -3.86 -70.43 3.67
C ILE P 156 -4.46 -69.03 3.75
N THR P 157 -3.98 -68.13 2.90
CA THR P 157 -4.48 -66.76 2.92
C THR P 157 -5.73 -66.76 2.04
N ASP P 158 -6.49 -65.67 2.11
CA ASP P 158 -7.61 -65.51 1.19
C ASP P 158 -7.04 -65.02 -0.14
N LYS P 159 -7.90 -65.03 -1.18
CA LYS P 159 -7.53 -64.54 -2.49
C LYS P 159 -7.30 -63.03 -2.43
N CYS P 160 -6.46 -62.53 -3.34
CA CYS P 160 -5.98 -61.15 -3.39
C CYS P 160 -6.05 -60.76 -4.86
N VAL P 161 -6.81 -59.69 -5.17
CA VAL P 161 -6.94 -59.24 -6.55
C VAL P 161 -5.94 -58.11 -6.82
N LEU P 162 -5.07 -58.28 -7.83
CA LEU P 162 -4.21 -57.18 -8.28
C LEU P 162 -4.72 -56.64 -9.61
N ASP P 163 -4.74 -55.30 -9.70
CA ASP P 163 -5.17 -54.65 -10.93
C ASP P 163 -4.16 -53.59 -11.32
N MET P 164 -3.39 -53.85 -12.39
CA MET P 164 -2.30 -52.98 -12.79
C MET P 164 -2.84 -51.75 -13.51
N ARG P 165 -2.17 -50.61 -13.34
CA ARG P 165 -2.43 -49.41 -14.14
C ARG P 165 -1.82 -49.55 -15.53
N SER P 166 -0.67 -50.23 -15.56
CA SER P 166 0.21 -50.28 -16.73
C SER P 166 -0.38 -51.16 -17.82
N MET P 167 -0.79 -52.39 -17.47
CA MET P 167 -1.44 -53.31 -18.39
C MET P 167 -2.89 -53.52 -17.98
N ASP P 168 -3.70 -54.07 -18.90
CA ASP P 168 -5.12 -54.31 -18.62
C ASP P 168 -5.32 -55.70 -18.03
N PHE P 169 -4.35 -56.17 -17.22
CA PHE P 169 -4.35 -57.53 -16.70
C PHE P 169 -4.56 -57.53 -15.18
N LYS P 170 -5.63 -58.24 -14.77
CA LYS P 170 -5.95 -58.47 -13.36
C LYS P 170 -5.60 -59.93 -13.03
N SER P 171 -5.16 -60.20 -11.78
CA SER P 171 -4.92 -61.57 -11.37
C SER P 171 -5.23 -61.81 -9.90
N ASN P 172 -5.74 -63.01 -9.61
CA ASN P 172 -6.01 -63.50 -8.27
C ASN P 172 -4.85 -64.36 -7.77
N SER P 173 -4.60 -64.33 -6.46
CA SER P 173 -3.54 -65.15 -5.90
C SER P 173 -3.89 -65.50 -4.46
N ALA P 174 -3.44 -66.68 -4.03
CA ALA P 174 -3.50 -67.00 -2.62
C ALA P 174 -2.25 -67.76 -2.23
N VAL P 175 -1.86 -67.61 -0.96
CA VAL P 175 -0.59 -68.15 -0.52
C VAL P 175 -0.88 -69.20 0.56
N ALA P 176 -0.12 -70.28 0.53
CA ALA P 176 -0.30 -71.32 1.54
C ALA P 176 1.07 -71.82 1.98
N TRP P 177 1.21 -72.09 3.27
CA TRP P 177 2.49 -72.51 3.79
C TRP P 177 2.31 -73.38 5.04
N SER P 178 3.39 -74.10 5.38
CA SER P 178 3.29 -75.07 6.45
C SER P 178 4.69 -75.44 6.95
N ASN P 179 4.73 -75.87 8.21
CA ASN P 179 5.96 -76.24 8.88
C ASN P 179 6.21 -77.74 8.69
N LYS P 180 5.13 -78.49 8.45
CA LYS P 180 5.12 -79.95 8.43
C LYS P 180 6.07 -80.49 7.36
N SER P 181 6.55 -81.72 7.60
CA SER P 181 7.41 -82.47 6.69
C SER P 181 6.61 -83.01 5.50
N ASP P 182 5.32 -83.28 5.76
CA ASP P 182 4.45 -84.01 4.84
C ASP P 182 3.78 -83.05 3.85
N PHE P 183 4.37 -81.86 3.60
CA PHE P 183 3.62 -80.79 2.94
C PHE P 183 4.16 -80.53 1.53
N ALA P 184 3.24 -80.48 0.56
CA ALA P 184 3.55 -80.19 -0.83
C ALA P 184 2.36 -79.51 -1.50
N CYS P 185 2.59 -79.03 -2.74
CA CYS P 185 1.74 -78.08 -3.43
C CYS P 185 0.71 -78.83 -4.29
N ALA P 186 0.39 -80.05 -3.90
CA ALA P 186 -0.74 -80.76 -4.49
C ALA P 186 -1.82 -80.96 -3.41
N ASN P 187 -1.40 -81.53 -2.29
CA ASN P 187 -2.22 -81.66 -1.10
C ASN P 187 -2.26 -80.33 -0.34
N ALA P 188 -2.41 -79.17 -1.04
CA ALA P 188 -2.33 -77.89 -0.33
C ALA P 188 -3.67 -77.18 -0.48
N PHE P 189 -4.13 -77.08 -1.73
CA PHE P 189 -5.37 -76.36 -2.01
C PHE P 189 -6.44 -77.43 -2.26
N ASN P 190 -6.28 -78.58 -1.58
CA ASN P 190 -7.11 -79.77 -1.69
C ASN P 190 -8.56 -79.47 -1.35
N ASN P 191 -8.80 -78.56 -0.40
CA ASN P 191 -10.15 -78.29 0.06
C ASN P 191 -10.76 -77.13 -0.71
N SER P 192 -10.41 -76.98 -2.00
CA SER P 192 -10.99 -75.93 -2.82
C SER P 192 -11.47 -76.49 -4.16
N ILE P 193 -12.24 -75.69 -4.91
CA ILE P 193 -12.53 -75.97 -6.32
C ILE P 193 -11.40 -75.44 -7.22
N ILE P 194 -10.26 -76.14 -7.24
CA ILE P 194 -9.23 -75.89 -8.26
C ILE P 194 -9.84 -76.22 -9.62
N PRO P 195 -9.65 -75.37 -10.67
CA PRO P 195 -9.83 -75.80 -12.07
C PRO P 195 -8.81 -76.78 -12.66
N GLU P 196 -7.51 -76.38 -12.69
CA GLU P 196 -6.46 -77.11 -13.40
C GLU P 196 -5.06 -76.57 -13.08
N ASP P 197 -4.08 -77.16 -13.77
CA ASP P 197 -2.64 -76.88 -13.77
C ASP P 197 -1.98 -76.99 -12.40
N THR P 198 -1.13 -78.01 -12.26
CA THR P 198 -0.30 -78.27 -11.09
C THR P 198 1.11 -78.58 -11.62
N PHE P 199 1.61 -77.69 -12.48
CA PHE P 199 2.91 -77.81 -13.15
C PHE P 199 4.07 -78.00 -12.18
N PHE P 200 4.67 -79.21 -12.12
CA PHE P 200 5.87 -79.49 -11.32
C PHE P 200 6.50 -80.85 -11.75
P PO4 Q . -14.31 -11.23 -29.79
O1 PO4 Q . -14.46 -12.68 -29.33
O2 PO4 Q . -15.55 -10.81 -30.57
O3 PO4 Q . -14.15 -10.33 -28.55
O4 PO4 Q . -13.09 -11.10 -30.67
P PO4 R . 45.37 3.76 22.20
O1 PO4 R . 46.46 3.05 23.07
O2 PO4 R . 45.85 3.84 20.75
O3 PO4 R . 44.10 2.94 22.24
O4 PO4 R . 45.03 5.21 22.69
P PO4 S . 31.49 -14.50 9.70
O1 PO4 S . 30.94 -15.44 10.80
O2 PO4 S . 30.79 -14.81 8.37
O3 PO4 S . 31.23 -13.02 10.10
O4 PO4 S . 32.99 -14.70 9.58
P PO4 T . -38.63 0.29 -13.86
O1 PO4 T . -37.16 0.59 -13.53
O2 PO4 T . -38.95 -1.04 -13.23
O3 PO4 T . -39.55 1.46 -13.32
O4 PO4 T . -38.84 0.18 -15.36
P PO4 U . -46.72 32.25 -20.77
O1 PO4 U . -45.51 31.28 -20.83
O2 PO4 U . -47.54 32.16 -22.07
O3 PO4 U . -47.62 31.89 -19.58
O4 PO4 U . -46.23 33.68 -20.56
P PO4 V . 13.83 46.74 -30.76
O1 PO4 V . 13.84 46.57 -29.24
O2 PO4 V . 15.31 46.53 -31.30
O3 PO4 V . 12.87 45.72 -31.36
O4 PO4 V . 13.28 48.13 -31.13
P PO4 W . 4.82 -47.45 -8.73
O1 PO4 W . 4.72 -46.79 -7.37
O2 PO4 W . 4.60 -48.93 -8.51
O3 PO4 W . 3.70 -46.89 -9.67
O4 PO4 W . 6.26 -47.29 -9.34
P PO4 X . 1.65 -40.49 22.32
O1 PO4 X . 1.99 -41.72 21.48
O2 PO4 X . 0.31 -39.90 21.85
O3 PO4 X . 1.53 -40.90 23.79
O4 PO4 X . 2.73 -39.44 22.17
C1 EDO Y . 3.22 -47.79 23.09
O1 EDO Y . 3.22 -47.58 21.68
C2 EDO Y . 2.10 -47.21 23.93
O2 EDO Y . 1.70 -45.86 23.71
#